data_9BJ7
#
_entry.id   9BJ7
#
_cell.length_a   74.444
_cell.length_b   106.901
_cell.length_c   146.228
_cell.angle_alpha   90.96
_cell.angle_beta   89.95
_cell.angle_gamma   95.02
#
_symmetry.space_group_name_H-M   'P 1'
#
loop_
_entity.id
_entity.type
_entity.pdbx_description
1 polymer 'AbiV family abortive infection protein'
2 non-polymer 'SULFATE ION'
3 water water
#
_entity_poly.entity_id   1
_entity_poly.type   'polypeptide(L)'
_entity_poly.pdbx_seq_one_letter_code
;SLKSTDDLNKCIDHISVLIKDAYLLYTNESFATSTFISITIIEEVGKTHIGMFISENKDIKRGKDPLRNHKSKHAFGSLP
TIKMGGRLNKAIGDEMIDKIVEDAETGELISIRESSLYADIIDDILEVPSEKISKEQSRALLLYAIECFDDSLVGYTHHS
FEVSETTDELFEKLANNKHHHHHH
;
_entity_poly.pdbx_strand_id   A,B,C,D,E,F,G,H,I,J,K,L,M,N,O,P,Q,R,S,T,U,V,W,X
#
loop_
_chem_comp.id
_chem_comp.type
_chem_comp.name
_chem_comp.formula
SO4 non-polymer 'SULFATE ION' 'O4 S -2'
#
# COMPACT_ATOMS: atom_id res chain seq x y z
N LEU A 2 41.93 1.63 1.07
CA LEU A 2 42.86 2.27 0.09
C LEU A 2 44.02 2.99 0.78
N LYS A 3 45.23 2.54 0.46
CA LYS A 3 46.47 2.81 1.21
C LYS A 3 47.47 3.56 0.33
N SER A 4 47.24 3.69 -0.98
CA SER A 4 48.20 4.35 -1.90
C SER A 4 47.44 4.95 -3.08
N THR A 5 48.05 5.85 -3.86
CA THR A 5 47.35 6.47 -5.01
C THR A 5 47.18 5.37 -6.08
N ASP A 6 48.03 4.34 -6.07
CA ASP A 6 47.90 3.19 -7.01
C ASP A 6 46.55 2.49 -6.75
N ASP A 7 46.29 2.14 -5.49
CA ASP A 7 45.03 1.49 -5.06
C ASP A 7 43.82 2.40 -5.37
N LEU A 8 43.93 3.69 -5.14
CA LEU A 8 42.80 4.61 -5.42
C LEU A 8 42.51 4.58 -6.93
N ASN A 9 43.52 4.56 -7.77
CA ASN A 9 43.30 4.57 -9.24
C ASN A 9 42.73 3.23 -9.71
N LYS A 10 43.05 2.14 -9.01
CA LYS A 10 42.54 0.80 -9.39
C LYS A 10 41.04 0.76 -9.05
N CYS A 11 40.66 1.23 -7.87
CA CYS A 11 39.26 1.30 -7.38
C CYS A 11 38.41 2.26 -8.27
N ILE A 12 38.97 3.40 -8.68
CA ILE A 12 38.31 4.34 -9.64
C ILE A 12 38.05 3.63 -10.97
N ASP A 13 38.98 2.78 -11.45
CA ASP A 13 38.83 2.12 -12.78
C ASP A 13 37.70 1.10 -12.67
N HIS A 14 37.76 0.28 -11.64
CA HIS A 14 36.74 -0.72 -11.27
C HIS A 14 35.36 -0.09 -11.28
N ILE A 15 35.17 1.00 -10.52
CA ILE A 15 33.84 1.65 -10.36
C ILE A 15 33.45 2.36 -11.66
N SER A 16 34.42 2.89 -12.38
CA SER A 16 34.13 3.47 -13.70
C SER A 16 33.53 2.40 -14.64
N VAL A 17 34.01 1.14 -14.56
CA VAL A 17 33.53 -0.02 -15.38
C VAL A 17 32.07 -0.32 -15.04
N LEU A 18 31.77 -0.42 -13.73
CA LEU A 18 30.40 -0.71 -13.22
C LEU A 18 29.39 0.38 -13.62
N ILE A 19 29.83 1.64 -13.64
CA ILE A 19 28.97 2.81 -14.00
C ILE A 19 28.60 2.64 -15.46
N LYS A 20 29.60 2.48 -16.32
CA LYS A 20 29.39 2.23 -17.78
C LYS A 20 28.50 1.01 -18.03
N ASP A 21 28.55 -0.02 -17.17
CA ASP A 21 27.74 -1.28 -17.25
C ASP A 21 26.27 -1.01 -16.85
N ALA A 22 26.03 -0.25 -15.76
CA ALA A 22 24.71 0.23 -15.30
C ALA A 22 24.08 1.15 -16.36
N TYR A 23 24.87 2.00 -16.96
CA TYR A 23 24.38 2.94 -17.98
C TYR A 23 24.01 2.14 -19.24
N LEU A 24 24.80 1.11 -19.55
CA LEU A 24 24.63 0.30 -20.78
C LEU A 24 23.31 -0.45 -20.66
N LEU A 25 23.08 -1.09 -19.51
CA LEU A 25 21.80 -1.78 -19.20
C LEU A 25 20.65 -0.76 -19.20
N TYR A 26 20.88 0.42 -18.65
CA TYR A 26 19.79 1.38 -18.42
C TYR A 26 19.25 1.79 -19.78
N THR A 27 20.14 1.97 -20.75
CA THR A 27 19.75 2.35 -22.14
C THR A 27 19.11 1.16 -22.86
N ASN A 28 19.50 -0.07 -22.61
CA ASN A 28 18.85 -1.25 -23.25
C ASN A 28 17.59 -1.65 -22.47
N GLU A 29 17.19 -0.82 -21.51
CA GLU A 29 15.88 -0.94 -20.81
C GLU A 29 15.87 -2.22 -19.97
N SER A 30 17.04 -2.66 -19.47
CA SER A 30 17.11 -3.57 -18.29
C SER A 30 17.21 -2.72 -17.01
N PHE A 31 16.13 -2.05 -16.65
CA PHE A 31 16.08 -1.15 -15.48
C PHE A 31 16.38 -1.96 -14.23
N ALA A 32 15.85 -3.17 -14.15
CA ALA A 32 16.03 -4.03 -12.98
C ALA A 32 17.50 -4.35 -12.79
N THR A 33 18.17 -4.83 -13.83
CA THR A 33 19.58 -5.28 -13.71
C THR A 33 20.45 -4.05 -13.45
N SER A 34 20.27 -2.97 -14.21
CA SER A 34 20.90 -1.64 -14.03
C SER A 34 20.91 -1.25 -12.56
N THR A 35 19.72 -1.26 -11.95
CA THR A 35 19.52 -0.85 -10.54
C THR A 35 20.37 -1.74 -9.62
N PHE A 36 20.55 -3.01 -9.95
CA PHE A 36 21.33 -4.00 -9.13
C PHE A 36 22.79 -3.51 -9.10
N ILE A 37 23.28 -3.09 -10.26
CA ILE A 37 24.67 -2.58 -10.39
C ILE A 37 24.76 -1.22 -9.68
N SER A 38 23.82 -0.31 -9.93
CA SER A 38 23.74 1.03 -9.27
C SER A 38 23.91 0.90 -7.76
N ILE A 39 23.11 0.06 -7.11
CA ILE A 39 23.22 -0.17 -5.64
C ILE A 39 24.57 -0.82 -5.29
N THR A 40 25.08 -1.68 -6.14
CA THR A 40 26.41 -2.32 -5.89
C THR A 40 27.54 -1.29 -5.93
N ILE A 41 27.46 -0.29 -6.84
CA ILE A 41 28.37 0.90 -6.93
C ILE A 41 28.35 1.65 -5.61
N ILE A 42 27.15 1.93 -5.08
CA ILE A 42 26.94 2.69 -3.82
C ILE A 42 27.61 1.95 -2.67
N GLU A 43 27.44 0.62 -2.60
CA GLU A 43 28.10 -0.23 -1.58
C GLU A 43 29.60 0.02 -1.70
N GLU A 44 30.21 -0.22 -2.86
CA GLU A 44 31.69 -0.23 -3.06
C GLU A 44 32.22 1.12 -2.57
N VAL A 45 31.61 2.21 -3.02
CA VAL A 45 31.99 3.60 -2.62
C VAL A 45 31.95 3.70 -1.09
N GLY A 46 30.86 3.20 -0.50
CA GLY A 46 30.66 3.10 0.95
C GLY A 46 31.75 2.32 1.64
N LYS A 47 32.21 1.19 1.07
CA LYS A 47 33.30 0.33 1.65
C LYS A 47 34.60 1.15 1.83
N THR A 48 34.92 2.07 0.93
CA THR A 48 36.15 2.89 1.02
C THR A 48 36.13 3.70 2.33
N HIS A 49 34.95 4.06 2.84
CA HIS A 49 34.78 4.93 4.04
C HIS A 49 34.88 4.13 5.34
N ILE A 50 34.48 2.87 5.37
CA ILE A 50 34.63 1.99 6.58
C ILE A 50 36.10 1.67 6.81
N GLY A 51 36.80 1.17 5.76
CA GLY A 51 38.25 0.88 5.69
C GLY A 51 38.64 -0.55 6.07
N MET A 52 38.45 -1.51 5.16
CA MET A 52 38.90 -2.94 5.25
C MET A 52 40.31 -3.06 5.86
N GLY A 63 34.21 -15.18 -0.75
CA GLY A 63 33.20 -14.26 -0.14
C GLY A 63 32.62 -14.83 1.14
N LYS A 64 33.49 -15.16 2.11
CA LYS A 64 33.15 -15.86 3.38
C LYS A 64 33.71 -15.10 4.59
N ASP A 65 33.55 -13.77 4.65
CA ASP A 65 33.99 -12.95 5.81
C ASP A 65 32.96 -13.12 6.94
N PRO A 66 33.39 -13.49 8.19
CA PRO A 66 32.49 -13.54 9.34
C PRO A 66 31.66 -12.27 9.66
N LEU A 67 32.10 -11.08 9.23
CA LEU A 67 31.33 -9.83 9.45
C LEU A 67 30.81 -9.25 8.13
N ARG A 68 30.45 -10.09 7.18
CA ARG A 68 30.25 -9.65 5.78
C ARG A 68 29.02 -8.73 5.70
N ASN A 69 28.00 -8.95 6.54
CA ASN A 69 26.72 -8.18 6.47
C ASN A 69 26.76 -6.95 7.40
N HIS A 70 27.72 -6.92 8.34
CA HIS A 70 28.03 -5.72 9.19
C HIS A 70 28.87 -4.70 8.41
N LYS A 71 29.87 -5.17 7.65
CA LYS A 71 30.64 -4.37 6.67
C LYS A 71 29.68 -3.83 5.60
N SER A 72 28.75 -4.65 5.12
CA SER A 72 27.74 -4.27 4.10
C SER A 72 26.75 -3.25 4.66
N LYS A 73 26.30 -3.43 5.90
CA LYS A 73 25.36 -2.49 6.55
C LYS A 73 26.07 -1.15 6.78
N HIS A 74 27.26 -1.19 7.37
CA HIS A 74 28.08 0.01 7.66
C HIS A 74 28.47 0.71 6.37
N ALA A 75 28.73 -0.01 5.29
CA ALA A 75 29.12 0.56 4.00
C ALA A 75 28.05 1.55 3.54
N PHE A 76 26.77 1.21 3.71
CA PHE A 76 25.62 2.07 3.32
C PHE A 76 25.44 3.24 4.30
N GLY A 77 25.85 3.06 5.58
CA GLY A 77 25.69 4.09 6.64
C GLY A 77 26.69 5.21 6.49
N SER A 78 27.85 4.95 5.93
CA SER A 78 28.98 5.91 5.99
C SER A 78 29.09 6.69 4.67
N LEU A 79 28.02 6.70 3.86
CA LEU A 79 27.95 7.56 2.64
C LEU A 79 27.95 9.03 3.07
N PRO A 80 28.82 9.86 2.47
CA PRO A 80 28.80 11.31 2.70
C PRO A 80 27.53 12.02 2.23
N THR A 81 26.96 12.86 3.07
CA THR A 81 25.85 13.76 2.73
C THR A 81 26.19 14.54 1.47
N ILE A 82 25.25 14.61 0.55
CA ILE A 82 25.37 15.39 -0.69
C ILE A 82 25.05 16.84 -0.33
N LYS A 83 25.87 17.77 -0.78
CA LYS A 83 25.61 19.21 -0.55
C LYS A 83 24.46 19.65 -1.44
N MET A 84 23.64 20.57 -0.93
CA MET A 84 22.53 21.21 -1.67
C MET A 84 23.07 22.00 -2.87
N GLY A 85 22.20 22.31 -3.84
CA GLY A 85 22.50 23.18 -5.01
C GLY A 85 23.45 22.55 -6.02
N GLY A 86 23.89 21.31 -5.83
CA GLY A 86 24.66 20.53 -6.82
C GLY A 86 23.81 20.01 -7.97
N ARG A 87 24.48 19.37 -8.96
CA ARG A 87 23.85 18.83 -10.19
C ARG A 87 22.83 17.72 -9.85
N LEU A 88 22.97 17.06 -8.70
CA LEU A 88 22.13 15.89 -8.32
C LEU A 88 20.81 16.39 -7.81
N ASN A 89 20.84 17.53 -7.11
CA ASN A 89 19.64 18.20 -6.53
C ASN A 89 18.78 18.77 -7.66
N LYS A 90 19.39 19.24 -8.76
CA LYS A 90 18.69 19.69 -9.99
C LYS A 90 18.13 18.50 -10.78
N ALA A 91 18.78 17.33 -10.74
CA ALA A 91 18.43 16.22 -11.64
C ALA A 91 17.30 15.33 -11.07
N ILE A 92 17.23 15.09 -9.76
CA ILE A 92 16.22 14.19 -9.12
C ILE A 92 15.52 14.89 -7.92
N GLY A 93 15.94 16.08 -7.50
CA GLY A 93 15.25 16.83 -6.44
C GLY A 93 15.52 16.30 -5.04
N ASP A 94 15.38 17.19 -4.07
CA ASP A 94 15.78 17.00 -2.64
C ASP A 94 14.92 15.89 -1.99
N GLU A 95 13.68 15.65 -2.40
CA GLU A 95 12.93 14.62 -1.63
C GLU A 95 13.37 13.22 -2.06
N MET A 96 13.65 13.01 -3.34
CA MET A 96 14.23 11.73 -3.85
C MET A 96 15.52 11.46 -3.08
N ILE A 97 16.48 12.37 -3.12
CA ILE A 97 17.75 12.18 -2.37
C ILE A 97 17.43 11.72 -0.95
N ASP A 98 16.50 12.34 -0.23
CA ASP A 98 16.27 11.98 1.20
C ASP A 98 15.69 10.55 1.25
N LYS A 99 14.94 10.14 0.23
CA LYS A 99 14.31 8.80 0.19
C LYS A 99 15.38 7.72 -0.07
N ILE A 100 16.34 7.99 -0.95
CA ILE A 100 17.50 7.07 -1.19
C ILE A 100 18.36 7.01 0.08
N VAL A 101 18.64 8.15 0.68
CA VAL A 101 19.49 8.18 1.90
C VAL A 101 18.78 7.45 3.04
N GLU A 102 17.49 7.67 3.24
CA GLU A 102 16.77 6.99 4.35
C GLU A 102 16.81 5.48 4.09
N ASP A 103 16.71 5.08 2.81
CA ASP A 103 16.70 3.66 2.37
C ASP A 103 18.08 3.03 2.60
N ALA A 104 19.18 3.80 2.48
CA ALA A 104 20.56 3.33 2.73
C ALA A 104 20.83 3.14 4.22
N GLU A 105 20.36 4.04 5.06
CA GLU A 105 20.54 3.95 6.55
C GLU A 105 19.58 2.93 7.18
N THR A 106 18.42 2.66 6.57
CA THR A 106 17.47 1.57 6.97
C THR A 106 18.00 0.20 6.51
N GLY A 107 18.65 0.14 5.33
CA GLY A 107 18.97 -1.11 4.63
C GLY A 107 17.83 -1.58 3.75
N GLU A 108 16.86 -0.72 3.40
CA GLU A 108 15.82 -0.98 2.36
C GLU A 108 16.50 -1.06 0.98
N LEU A 109 17.65 -0.40 0.83
CA LEU A 109 18.51 -0.55 -0.38
C LEU A 109 18.91 -2.01 -0.58
N ILE A 110 19.23 -2.74 0.49
CA ILE A 110 19.61 -4.18 0.42
C ILE A 110 18.39 -4.98 -0.08
N SER A 111 17.20 -4.74 0.46
CA SER A 111 15.97 -5.36 -0.08
C SER A 111 15.82 -4.98 -1.57
N ILE A 112 15.85 -3.69 -1.90
CA ILE A 112 15.59 -3.26 -3.30
C ILE A 112 16.55 -4.00 -4.21
N ARG A 113 17.83 -4.07 -3.83
CA ARG A 113 18.88 -4.77 -4.62
C ARG A 113 18.51 -6.24 -4.79
N GLU A 114 17.96 -6.88 -3.74
CA GLU A 114 17.58 -8.32 -3.79
C GLU A 114 16.43 -8.51 -4.77
N SER A 115 15.47 -7.60 -4.76
CA SER A 115 14.25 -7.69 -5.61
C SER A 115 14.56 -7.24 -7.04
N SER A 116 15.73 -6.69 -7.30
CA SER A 116 16.04 -6.20 -8.66
C SER A 116 16.71 -7.32 -9.49
N LEU A 117 17.08 -8.47 -8.90
CA LEU A 117 17.84 -9.54 -9.62
C LEU A 117 17.24 -10.94 -9.47
N TYR A 118 16.62 -11.21 -8.32
CA TYR A 118 16.06 -12.53 -7.96
C TYR A 118 14.53 -12.40 -7.92
N ALA A 119 13.83 -13.24 -8.68
CA ALA A 119 12.40 -13.57 -8.42
C ALA A 119 12.26 -14.05 -6.97
N ASP A 120 11.12 -13.79 -6.37
CA ASP A 120 10.76 -14.32 -5.03
C ASP A 120 9.29 -14.72 -5.05
N ILE A 121 8.88 -15.54 -4.09
CA ILE A 121 7.44 -15.73 -3.74
C ILE A 121 7.22 -15.01 -2.41
N ILE A 122 6.44 -13.93 -2.45
CA ILE A 122 6.10 -13.03 -1.30
C ILE A 122 4.57 -13.02 -1.16
N ASP A 123 4.06 -13.21 0.06
CA ASP A 123 2.69 -13.74 0.33
C ASP A 123 2.65 -15.15 -0.29
N ASP A 124 1.89 -15.33 -1.37
CA ASP A 124 2.08 -16.51 -2.24
C ASP A 124 1.76 -16.12 -3.69
N ILE A 125 2.18 -14.91 -4.04
CA ILE A 125 2.27 -14.43 -5.45
C ILE A 125 3.76 -14.45 -5.82
N LEU A 126 4.07 -14.81 -7.07
CA LEU A 126 5.43 -14.73 -7.62
C LEU A 126 5.69 -13.29 -8.09
N GLU A 127 6.79 -12.71 -7.60
CA GLU A 127 7.24 -11.33 -7.89
C GLU A 127 8.59 -11.35 -8.62
N VAL A 128 8.66 -10.63 -9.73
CA VAL A 128 9.76 -10.73 -10.73
C VAL A 128 10.44 -9.37 -10.81
N PRO A 129 11.78 -9.27 -10.84
CA PRO A 129 12.37 -7.94 -10.84
C PRO A 129 11.68 -6.99 -11.83
N SER A 130 11.41 -7.48 -13.05
CA SER A 130 10.92 -6.68 -14.20
C SER A 130 9.78 -5.75 -13.78
N GLU A 131 8.98 -6.11 -12.77
CA GLU A 131 7.75 -5.39 -12.38
C GLU A 131 7.90 -4.67 -11.02
N LYS A 132 9.02 -4.83 -10.29
CA LYS A 132 9.26 -4.15 -8.98
C LYS A 132 10.22 -2.95 -9.10
N ILE A 133 10.90 -2.79 -10.25
CA ILE A 133 11.89 -1.70 -10.48
C ILE A 133 11.44 -0.91 -11.71
N SER A 134 11.16 0.39 -11.51
CA SER A 134 10.66 1.36 -12.51
C SER A 134 11.82 2.14 -13.10
N LYS A 135 11.69 2.57 -14.36
CA LYS A 135 12.69 3.42 -15.06
C LYS A 135 13.12 4.57 -14.15
N GLU A 136 12.17 5.28 -13.54
CA GLU A 136 12.34 6.52 -12.73
C GLU A 136 13.29 6.26 -11.52
N GLN A 137 13.18 5.06 -10.91
CA GLN A 137 13.98 4.58 -9.75
C GLN A 137 15.37 4.06 -10.22
N SER A 138 15.44 3.46 -11.41
CA SER A 138 16.69 3.04 -12.05
C SER A 138 17.53 4.28 -12.35
N ARG A 139 16.96 5.31 -12.94
CA ARG A 139 17.68 6.57 -13.29
C ARG A 139 18.14 7.27 -12.00
N ALA A 140 17.29 7.37 -11.01
CA ALA A 140 17.61 8.10 -9.77
C ALA A 140 18.79 7.41 -9.11
N LEU A 141 18.74 6.11 -8.92
CA LEU A 141 19.82 5.36 -8.23
C LEU A 141 21.12 5.44 -9.03
N LEU A 142 21.09 5.44 -10.35
CA LEU A 142 22.35 5.54 -11.14
C LEU A 142 22.95 6.94 -10.99
N LEU A 143 22.13 7.98 -11.00
CA LEU A 143 22.60 9.35 -10.82
C LEU A 143 23.13 9.54 -9.40
N TYR A 144 22.54 8.90 -8.41
CA TYR A 144 23.04 9.03 -7.02
C TYR A 144 24.39 8.32 -6.95
N ALA A 145 24.45 7.16 -7.60
CA ALA A 145 25.66 6.31 -7.65
C ALA A 145 26.78 7.15 -8.25
N ILE A 146 26.58 7.76 -9.40
CA ILE A 146 27.63 8.58 -10.05
C ILE A 146 28.09 9.67 -9.10
N GLU A 147 27.15 10.37 -8.48
CA GLU A 147 27.42 11.61 -7.73
C GLU A 147 28.15 11.27 -6.45
N CYS A 148 27.84 10.16 -5.79
CA CYS A 148 28.56 9.84 -4.54
C CYS A 148 29.93 9.18 -4.81
N PHE A 149 30.17 8.64 -6.02
CA PHE A 149 31.49 8.26 -6.57
C PHE A 149 32.31 9.49 -6.91
N ASP A 150 31.77 10.45 -7.66
CA ASP A 150 32.46 11.71 -8.01
C ASP A 150 32.84 12.48 -6.73
N ASP A 151 31.99 12.50 -5.71
CA ASP A 151 32.24 13.22 -4.43
C ASP A 151 33.33 12.52 -3.61
N SER A 152 33.44 11.21 -3.66
CA SER A 152 34.23 10.42 -2.69
C SER A 152 35.63 10.11 -3.22
N LEU A 153 35.80 9.93 -4.53
CA LEU A 153 37.06 9.33 -5.08
C LEU A 153 37.68 10.20 -6.17
N VAL A 154 36.86 10.99 -6.86
CA VAL A 154 37.38 11.86 -7.95
C VAL A 154 38.02 13.11 -7.33
N GLY A 155 39.14 13.56 -7.93
CA GLY A 155 39.82 14.84 -7.66
C GLY A 155 41.17 14.72 -6.94
N TYR A 156 41.56 13.55 -6.45
CA TYR A 156 42.74 13.36 -5.58
C TYR A 156 43.95 12.88 -6.40
N THR A 157 43.72 12.47 -7.66
CA THR A 157 44.75 12.04 -8.62
C THR A 157 44.49 12.73 -9.98
N HIS A 158 45.50 12.76 -10.84
CA HIS A 158 45.44 13.19 -12.27
C HIS A 158 44.64 12.17 -13.09
N HIS A 159 44.80 10.88 -12.85
CA HIS A 159 44.05 9.83 -13.56
C HIS A 159 42.56 10.12 -13.44
N SER A 160 42.10 10.42 -12.24
CA SER A 160 40.67 10.61 -11.87
C SER A 160 40.02 11.66 -12.79
N PHE A 161 40.77 12.57 -13.36
CA PHE A 161 40.16 13.61 -14.22
C PHE A 161 39.75 13.03 -15.57
N GLU A 162 40.56 12.15 -16.18
CA GLU A 162 40.18 11.57 -17.49
C GLU A 162 38.93 10.72 -17.26
N VAL A 163 38.93 9.93 -16.19
CA VAL A 163 37.78 9.05 -15.84
C VAL A 163 36.54 9.93 -15.59
N SER A 164 36.68 11.01 -14.82
CA SER A 164 35.53 11.88 -14.45
C SER A 164 35.01 12.63 -15.68
N GLU A 165 35.81 12.81 -16.73
CA GLU A 165 35.35 13.57 -17.93
C GLU A 165 34.24 12.75 -18.61
N THR A 166 34.45 11.43 -18.72
CA THR A 166 33.48 10.44 -19.30
C THR A 166 32.30 10.26 -18.31
N THR A 167 32.55 10.07 -17.02
CA THR A 167 31.53 9.94 -15.96
C THR A 167 30.57 11.13 -16.00
N ASP A 168 31.08 12.32 -16.28
CA ASP A 168 30.33 13.60 -16.27
C ASP A 168 29.39 13.59 -17.46
N GLU A 169 29.84 13.12 -18.63
CA GLU A 169 29.00 13.03 -19.85
C GLU A 169 27.83 12.09 -19.61
N LEU A 170 28.10 10.89 -19.07
CA LEU A 170 27.01 9.96 -18.66
C LEU A 170 26.06 10.72 -17.75
N PHE A 171 26.56 11.43 -16.75
CA PHE A 171 25.67 12.12 -15.78
C PHE A 171 24.74 13.06 -16.53
N GLU A 172 25.26 13.92 -17.40
CA GLU A 172 24.42 14.93 -18.09
C GLU A 172 23.52 14.24 -19.13
N LYS A 173 23.95 13.20 -19.84
CA LYS A 173 23.06 12.47 -20.79
C LYS A 173 21.82 11.99 -20.03
N LEU A 174 22.04 11.44 -18.84
CA LEU A 174 21.06 10.67 -18.03
C LEU A 174 20.15 11.65 -17.31
N ALA A 175 20.67 12.81 -16.91
CA ALA A 175 19.94 13.85 -16.14
C ALA A 175 19.00 14.64 -17.06
N ASN A 176 19.29 14.72 -18.37
CA ASN A 176 18.45 15.43 -19.35
C ASN A 176 18.18 14.52 -20.56
N SER B 4 1.16 -22.77 -11.40
CA SER B 4 0.51 -22.35 -12.66
C SER B 4 1.58 -22.26 -13.75
N THR B 5 1.21 -22.43 -15.01
CA THR B 5 2.17 -22.29 -16.14
C THR B 5 2.34 -20.80 -16.49
N ASP B 6 1.56 -19.91 -15.90
CA ASP B 6 1.71 -18.44 -16.05
C ASP B 6 2.84 -17.92 -15.15
N ASP B 7 3.09 -18.60 -14.04
CA ASP B 7 4.18 -18.26 -13.09
C ASP B 7 5.50 -18.84 -13.60
N LEU B 8 5.50 -20.05 -14.11
CA LEU B 8 6.67 -20.67 -14.77
C LEU B 8 7.03 -19.82 -15.99
N ASN B 9 6.06 -19.30 -16.75
CA ASN B 9 6.35 -18.45 -17.92
C ASN B 9 7.03 -17.17 -17.45
N LYS B 10 6.61 -16.59 -16.32
CA LYS B 10 7.14 -15.31 -15.77
C LYS B 10 8.58 -15.48 -15.32
N CYS B 11 8.88 -16.62 -14.67
CA CYS B 11 10.26 -17.10 -14.39
C CYS B 11 11.13 -17.33 -15.65
N ILE B 12 10.59 -17.88 -16.72
CA ILE B 12 11.37 -18.08 -17.98
C ILE B 12 11.62 -16.73 -18.61
N ASP B 13 10.72 -15.76 -18.45
CA ASP B 13 10.90 -14.39 -19.03
C ASP B 13 11.96 -13.61 -18.26
N HIS B 14 11.97 -13.72 -16.95
CA HIS B 14 13.05 -13.22 -16.08
C HIS B 14 14.40 -13.75 -16.61
N ILE B 15 14.58 -15.07 -16.69
CA ILE B 15 15.89 -15.69 -17.03
C ILE B 15 16.26 -15.27 -18.44
N SER B 16 15.31 -15.18 -19.32
CA SER B 16 15.56 -14.65 -20.68
C SER B 16 16.17 -13.23 -20.56
N VAL B 17 15.64 -12.38 -19.66
CA VAL B 17 16.15 -10.98 -19.46
C VAL B 17 17.64 -11.03 -19.07
N LEU B 18 17.96 -11.70 -17.95
CA LEU B 18 19.35 -11.92 -17.46
C LEU B 18 20.30 -12.40 -18.56
N ILE B 19 19.89 -13.33 -19.40
CA ILE B 19 20.73 -13.87 -20.50
C ILE B 19 20.95 -12.76 -21.53
N LYS B 20 19.91 -12.03 -21.91
CA LYS B 20 20.12 -10.93 -22.88
C LYS B 20 21.06 -9.89 -22.27
N ASP B 21 21.11 -9.74 -20.94
CA ASP B 21 21.93 -8.73 -20.21
C ASP B 21 23.38 -9.23 -20.13
N ALA B 22 23.61 -10.47 -19.71
CA ALA B 22 24.95 -11.08 -19.77
C ALA B 22 25.50 -10.95 -21.18
N TYR B 23 24.66 -11.16 -22.18
CA TYR B 23 25.14 -11.14 -23.60
C TYR B 23 25.53 -9.71 -23.93
N LEU B 24 24.68 -8.78 -23.52
CA LEU B 24 24.86 -7.35 -23.82
C LEU B 24 26.15 -6.87 -23.18
N LEU B 25 26.37 -7.20 -21.92
CA LEU B 25 27.63 -6.90 -21.20
C LEU B 25 28.80 -7.63 -21.86
N TYR B 26 28.71 -8.94 -22.15
CA TYR B 26 29.84 -9.67 -22.78
C TYR B 26 30.27 -9.03 -24.10
N THR B 27 29.35 -8.57 -24.94
CA THR B 27 29.68 -7.97 -26.26
C THR B 27 30.11 -6.51 -26.11
N ASN B 28 30.08 -5.94 -24.90
CA ASN B 28 30.66 -4.59 -24.60
C ASN B 28 31.93 -4.77 -23.77
N GLU B 29 32.47 -5.98 -23.70
CA GLU B 29 33.78 -6.30 -23.07
C GLU B 29 33.74 -6.16 -21.54
N SER B 30 32.58 -6.03 -20.91
CA SER B 30 32.48 -6.13 -19.43
C SER B 30 32.43 -7.62 -19.05
N PHE B 31 33.55 -8.33 -19.10
CA PHE B 31 33.59 -9.80 -18.96
C PHE B 31 33.24 -10.17 -17.51
N ALA B 32 33.81 -9.42 -16.58
CA ALA B 32 33.63 -9.68 -15.14
C ALA B 32 32.15 -9.55 -14.79
N THR B 33 31.49 -8.51 -15.26
CA THR B 33 30.09 -8.25 -14.86
C THR B 33 29.22 -9.29 -15.53
N SER B 34 29.44 -9.50 -16.82
CA SER B 34 28.77 -10.58 -17.58
C SER B 34 28.79 -11.84 -16.70
N THR B 35 29.98 -12.20 -16.23
CA THR B 35 30.18 -13.53 -15.58
C THR B 35 29.35 -13.64 -14.30
N PHE B 36 29.26 -12.55 -13.55
CA PHE B 36 28.40 -12.45 -12.35
C PHE B 36 26.96 -12.82 -12.74
N ILE B 37 26.41 -12.17 -13.77
CA ILE B 37 25.04 -12.44 -14.28
C ILE B 37 24.97 -13.92 -14.72
N SER B 38 25.95 -14.40 -15.49
CA SER B 38 25.97 -15.79 -16.00
C SER B 38 25.86 -16.77 -14.84
N ILE B 39 26.68 -16.63 -13.81
CA ILE B 39 26.61 -17.55 -12.64
C ILE B 39 25.23 -17.40 -11.99
N THR B 40 24.68 -16.20 -11.95
CA THR B 40 23.36 -15.90 -11.32
C THR B 40 22.27 -16.67 -12.07
N ILE B 41 22.32 -16.72 -13.40
CA ILE B 41 21.34 -17.51 -14.22
C ILE B 41 21.39 -18.99 -13.86
N ILE B 42 22.56 -19.54 -13.57
CA ILE B 42 22.73 -20.99 -13.24
C ILE B 42 22.10 -21.26 -11.87
N GLU B 43 22.23 -20.37 -10.90
CA GLU B 43 21.60 -20.51 -9.57
C GLU B 43 20.06 -20.37 -9.68
N GLU B 44 19.58 -19.39 -10.46
CA GLU B 44 18.15 -19.10 -10.67
C GLU B 44 17.56 -20.27 -11.44
N VAL B 45 18.29 -20.87 -12.37
CA VAL B 45 17.70 -21.99 -13.15
C VAL B 45 17.49 -23.18 -12.22
N GLY B 46 18.48 -23.52 -11.39
CA GLY B 46 18.40 -24.58 -10.37
C GLY B 46 17.35 -24.29 -9.32
N LYS B 47 17.10 -23.03 -8.98
CA LYS B 47 16.09 -22.64 -7.96
C LYS B 47 14.68 -22.73 -8.53
N THR B 48 14.49 -22.31 -9.78
CA THR B 48 13.20 -22.34 -10.51
C THR B 48 12.72 -23.78 -10.68
N HIS B 49 13.57 -24.63 -11.25
CA HIS B 49 13.29 -26.05 -11.60
C HIS B 49 12.77 -26.76 -10.33
N ILE B 50 13.57 -26.76 -9.26
CA ILE B 50 13.20 -27.31 -7.91
C ILE B 50 11.86 -26.69 -7.43
N GLY B 51 11.57 -25.43 -7.77
CA GLY B 51 10.32 -24.75 -7.37
C GLY B 51 9.11 -25.19 -8.18
N MET B 52 9.17 -26.34 -8.87
CA MET B 52 8.02 -27.06 -9.50
C MET B 52 7.66 -28.26 -8.62
N ALA B 75 24.18 -26.72 -4.23
CA ALA B 75 24.20 -25.24 -4.36
C ALA B 75 23.70 -24.79 -5.76
N PHE B 76 24.04 -25.57 -6.79
CA PHE B 76 23.39 -25.56 -8.12
C PHE B 76 22.81 -26.95 -8.33
N GLY B 77 21.48 -27.06 -8.26
CA GLY B 77 20.81 -28.36 -8.17
C GLY B 77 20.46 -28.90 -9.54
N SER B 78 20.67 -28.10 -10.59
CA SER B 78 20.31 -28.45 -11.98
C SER B 78 21.46 -29.27 -12.57
N LEU B 79 22.41 -28.56 -13.17
CA LEU B 79 23.57 -29.07 -13.97
C LEU B 79 23.04 -29.91 -15.11
N PRO B 80 23.11 -29.37 -16.34
CA PRO B 80 22.64 -30.06 -17.54
C PRO B 80 23.50 -31.30 -17.81
N THR B 81 22.85 -32.44 -18.12
CA THR B 81 23.53 -33.65 -18.64
C THR B 81 24.21 -33.27 -19.96
N ILE B 82 25.50 -33.54 -20.07
CA ILE B 82 26.30 -33.08 -21.23
C ILE B 82 26.33 -34.23 -22.25
N LYS B 83 25.86 -33.99 -23.48
CA LYS B 83 25.85 -35.00 -24.58
C LYS B 83 27.06 -34.75 -25.49
N MET B 84 27.84 -35.81 -25.70
CA MET B 84 29.11 -35.80 -26.47
C MET B 84 28.91 -35.20 -27.87
N GLY B 85 29.87 -34.40 -28.32
CA GLY B 85 29.85 -33.75 -29.65
C GLY B 85 28.56 -33.02 -29.87
N GLY B 86 27.89 -32.60 -28.78
CA GLY B 86 26.75 -31.65 -28.77
C GLY B 86 27.26 -30.23 -28.65
N ARG B 87 26.51 -29.29 -29.22
CA ARG B 87 26.61 -27.80 -29.12
C ARG B 87 27.62 -27.24 -28.11
N LEU B 88 27.46 -27.51 -26.82
CA LEU B 88 28.33 -26.93 -25.76
C LEU B 88 29.76 -27.49 -25.83
N ASN B 89 29.90 -28.81 -25.93
CA ASN B 89 31.18 -29.52 -26.20
C ASN B 89 31.92 -28.83 -27.33
N LYS B 90 31.24 -28.50 -28.43
CA LYS B 90 31.87 -27.92 -29.64
C LYS B 90 32.29 -26.48 -29.39
N ALA B 91 31.61 -25.78 -28.50
CA ALA B 91 31.81 -24.33 -28.35
C ALA B 91 32.89 -24.04 -27.29
N ILE B 92 32.96 -24.83 -26.22
CA ILE B 92 33.91 -24.51 -25.10
C ILE B 92 34.85 -25.67 -24.82
N GLY B 93 34.54 -26.87 -25.29
CA GLY B 93 35.41 -28.04 -25.13
C GLY B 93 35.06 -28.85 -23.90
N ASP B 94 35.39 -30.13 -23.96
CA ASP B 94 35.17 -31.12 -22.88
C ASP B 94 35.85 -30.64 -21.59
N GLU B 95 37.07 -30.11 -21.66
CA GLU B 95 37.88 -29.83 -20.44
C GLU B 95 37.23 -28.72 -19.61
N MET B 96 36.68 -27.69 -20.29
CA MET B 96 36.09 -26.49 -19.67
C MET B 96 34.78 -26.85 -19.01
N ILE B 97 34.03 -27.79 -19.57
CA ILE B 97 32.80 -28.32 -18.94
C ILE B 97 33.14 -29.08 -17.65
N ASP B 98 34.19 -29.91 -17.66
CA ASP B 98 34.59 -30.62 -16.41
C ASP B 98 35.01 -29.61 -15.34
N LYS B 99 35.73 -28.54 -15.70
CA LYS B 99 36.19 -27.47 -14.77
C LYS B 99 34.98 -26.70 -14.18
N ILE B 100 34.03 -26.28 -15.02
CA ILE B 100 32.78 -25.58 -14.60
C ILE B 100 31.93 -26.48 -13.67
N VAL B 101 31.76 -27.76 -14.02
CA VAL B 101 31.00 -28.75 -13.20
C VAL B 101 31.71 -28.97 -11.86
N GLU B 102 33.03 -29.17 -11.89
CA GLU B 102 33.86 -29.34 -10.68
C GLU B 102 33.77 -28.06 -9.82
N ASP B 103 33.84 -26.88 -10.44
CA ASP B 103 33.71 -25.61 -9.68
C ASP B 103 32.31 -25.49 -9.06
N ALA B 104 31.26 -26.02 -9.71
CA ALA B 104 29.86 -25.98 -9.23
C ALA B 104 29.64 -26.89 -8.00
N GLU B 105 30.31 -28.05 -7.92
CA GLU B 105 30.19 -29.03 -6.80
C GLU B 105 31.13 -28.65 -5.65
N THR B 106 32.25 -27.98 -5.94
CA THR B 106 33.24 -27.55 -4.92
C THR B 106 32.62 -26.42 -4.11
N GLY B 107 31.93 -25.50 -4.78
CA GLY B 107 31.57 -24.17 -4.24
C GLY B 107 32.59 -23.13 -4.62
N GLU B 108 33.39 -23.39 -5.66
CA GLU B 108 34.39 -22.43 -6.25
C GLU B 108 33.62 -21.40 -7.09
N LEU B 109 32.52 -21.82 -7.72
CA LEU B 109 31.67 -20.94 -8.56
C LEU B 109 31.11 -19.78 -7.73
N ILE B 110 30.68 -20.02 -6.49
CA ILE B 110 30.25 -18.94 -5.56
C ILE B 110 31.39 -17.93 -5.40
N SER B 111 32.62 -18.41 -5.18
CA SER B 111 33.83 -17.57 -5.03
C SER B 111 34.07 -16.79 -6.32
N ILE B 112 33.99 -17.44 -7.47
CA ILE B 112 34.24 -16.76 -8.77
C ILE B 112 33.18 -15.67 -8.97
N ARG B 113 31.95 -15.91 -8.59
CA ARG B 113 30.89 -14.87 -8.61
C ARG B 113 31.32 -13.68 -7.73
N GLU B 114 31.68 -13.89 -6.48
CA GLU B 114 32.12 -12.77 -5.63
C GLU B 114 33.21 -12.00 -6.39
N SER B 115 34.29 -12.66 -6.78
CA SER B 115 35.48 -11.98 -7.37
C SER B 115 35.09 -11.21 -8.65
N SER B 116 33.95 -11.50 -9.23
CA SER B 116 33.59 -10.97 -10.56
C SER B 116 32.85 -9.64 -10.44
N LEU B 117 32.45 -9.24 -9.23
CA LEU B 117 31.72 -7.97 -9.05
C LEU B 117 32.41 -7.06 -8.02
N TYR B 118 33.02 -7.62 -6.96
CA TYR B 118 33.46 -6.89 -5.75
C TYR B 118 34.97 -6.87 -5.77
N ALA B 119 35.55 -5.68 -5.55
CA ALA B 119 36.99 -5.54 -5.26
C ALA B 119 37.22 -6.23 -3.92
N ASP B 120 38.42 -6.74 -3.71
CA ASP B 120 38.82 -7.30 -2.39
C ASP B 120 40.27 -6.92 -2.15
N ILE B 121 40.63 -6.77 -0.88
CA ILE B 121 42.03 -6.78 -0.42
C ILE B 121 42.30 -8.21 0.08
N ILE B 122 43.19 -8.96 -0.59
CA ILE B 122 43.59 -10.36 -0.24
C ILE B 122 45.12 -10.39 -0.11
N ASP B 123 45.61 -10.77 1.07
CA ASP B 123 47.03 -10.67 1.48
C ASP B 123 47.58 -9.29 1.09
N ASP B 124 46.90 -8.23 1.55
CA ASP B 124 47.37 -6.82 1.56
C ASP B 124 47.41 -6.19 0.16
N ILE B 125 47.12 -6.92 -0.91
CA ILE B 125 47.10 -6.34 -2.28
C ILE B 125 45.64 -6.21 -2.73
N LEU B 126 45.26 -5.09 -3.35
CA LEU B 126 43.86 -4.82 -3.80
C LEU B 126 43.59 -5.51 -5.14
N GLU B 127 42.57 -6.36 -5.17
CA GLU B 127 42.21 -7.19 -6.35
C GLU B 127 40.87 -6.73 -6.90
N VAL B 128 40.80 -6.60 -8.21
CA VAL B 128 39.64 -6.04 -8.93
C VAL B 128 39.10 -7.07 -9.91
N PRO B 129 37.80 -7.08 -10.26
CA PRO B 129 37.28 -8.13 -11.11
C PRO B 129 37.99 -8.25 -12.46
N SER B 130 38.40 -7.13 -13.06
CA SER B 130 39.04 -7.18 -14.41
C SER B 130 40.35 -7.99 -14.39
N GLU B 131 40.91 -8.32 -13.23
CA GLU B 131 42.18 -9.08 -13.11
C GLU B 131 41.90 -10.55 -12.71
N LYS B 132 40.65 -10.94 -12.48
CA LYS B 132 40.29 -12.29 -11.97
C LYS B 132 39.46 -13.09 -12.98
N ILE B 133 38.95 -12.41 -14.01
CA ILE B 133 37.94 -13.00 -14.92
C ILE B 133 38.39 -12.75 -16.36
N SER B 134 38.62 -13.82 -17.12
CA SER B 134 39.12 -13.80 -18.51
C SER B 134 37.93 -13.82 -19.46
N LYS B 135 38.11 -13.35 -20.69
CA LYS B 135 37.09 -13.39 -21.76
C LYS B 135 36.75 -14.86 -22.05
N GLU B 136 37.74 -15.73 -22.07
CA GLU B 136 37.49 -17.16 -22.35
C GLU B 136 36.46 -17.70 -21.34
N GLN B 137 36.72 -17.48 -20.06
CA GLN B 137 35.88 -17.94 -18.93
C GLN B 137 34.51 -17.27 -18.98
N SER B 138 34.43 -16.01 -19.39
CA SER B 138 33.18 -15.24 -19.49
C SER B 138 32.29 -15.90 -20.53
N ARG B 139 32.89 -16.22 -21.66
CA ARG B 139 32.20 -16.88 -22.81
C ARG B 139 31.71 -18.26 -22.37
N ALA B 140 32.61 -19.08 -21.86
CA ALA B 140 32.24 -20.42 -21.36
C ALA B 140 31.04 -20.34 -20.40
N LEU B 141 31.12 -19.52 -19.36
CA LEU B 141 30.05 -19.51 -18.32
C LEU B 141 28.70 -19.10 -18.97
N LEU B 142 28.69 -18.11 -19.88
CA LEU B 142 27.43 -17.71 -20.54
C LEU B 142 26.91 -18.86 -21.41
N LEU B 143 27.77 -19.48 -22.22
CA LEU B 143 27.32 -20.61 -23.05
C LEU B 143 26.74 -21.67 -22.11
N TYR B 144 27.38 -21.92 -20.97
CA TYR B 144 26.98 -23.02 -20.06
C TYR B 144 25.66 -22.62 -19.44
N ALA B 145 25.49 -21.36 -19.14
CA ALA B 145 24.28 -20.86 -18.48
C ALA B 145 23.12 -20.99 -19.45
N ILE B 146 23.33 -20.73 -20.74
CA ILE B 146 22.21 -20.87 -21.74
C ILE B 146 21.83 -22.36 -21.90
N GLU B 147 22.78 -23.27 -21.97
CA GLU B 147 22.56 -24.74 -22.02
C GLU B 147 21.90 -25.26 -20.72
N CYS B 148 22.20 -24.69 -19.57
CA CYS B 148 21.49 -25.01 -18.31
C CYS B 148 20.01 -24.70 -18.46
N PHE B 149 19.76 -23.52 -18.97
CA PHE B 149 18.39 -23.01 -19.18
C PHE B 149 17.67 -23.95 -20.16
N ASP B 150 18.27 -24.20 -21.31
CA ASP B 150 17.70 -25.04 -22.41
C ASP B 150 17.40 -26.45 -21.89
N ASP B 151 18.30 -27.05 -21.13
CA ASP B 151 18.15 -28.45 -20.61
C ASP B 151 17.11 -28.54 -19.47
N SER B 152 16.82 -27.48 -18.71
CA SER B 152 16.04 -27.57 -17.45
C SER B 152 14.59 -27.09 -17.65
N LEU B 153 14.35 -26.04 -18.45
CA LEU B 153 13.05 -25.32 -18.48
C LEU B 153 12.42 -25.35 -19.88
N VAL B 154 13.18 -25.47 -20.96
CA VAL B 154 12.54 -25.50 -22.31
C VAL B 154 11.67 -26.77 -22.43
N GLY B 155 10.41 -26.60 -22.86
CA GLY B 155 9.51 -27.71 -23.22
C GLY B 155 8.49 -28.00 -22.15
N TYR B 156 8.44 -27.26 -21.05
CA TYR B 156 7.36 -27.43 -20.04
C TYR B 156 6.12 -26.67 -20.49
N THR B 157 6.30 -25.57 -21.22
CA THR B 157 5.25 -24.65 -21.68
C THR B 157 5.53 -24.23 -23.12
N HIS B 158 4.47 -23.89 -23.87
CA HIS B 158 4.57 -23.59 -25.31
C HIS B 158 5.46 -22.38 -25.49
N HIS B 159 5.36 -21.42 -24.56
CA HIS B 159 6.10 -20.15 -24.59
C HIS B 159 7.59 -20.46 -24.49
N SER B 160 7.92 -21.47 -23.70
CA SER B 160 9.34 -21.85 -23.52
C SER B 160 9.97 -22.01 -24.91
N PHE B 161 9.26 -22.43 -25.94
CA PHE B 161 9.93 -22.79 -27.19
C PHE B 161 10.27 -21.52 -27.96
N GLU B 162 9.41 -20.51 -27.85
CA GLU B 162 9.64 -19.18 -28.42
C GLU B 162 10.96 -18.67 -27.83
N VAL B 163 11.00 -18.57 -26.50
CA VAL B 163 12.16 -18.03 -25.72
C VAL B 163 13.41 -18.81 -26.12
N SER B 164 13.33 -20.13 -26.18
CA SER B 164 14.49 -20.98 -26.57
C SER B 164 14.98 -20.59 -27.97
N GLU B 165 14.08 -20.25 -28.90
CA GLU B 165 14.49 -19.85 -30.28
C GLU B 165 15.47 -18.68 -30.17
N THR B 166 15.12 -17.66 -29.37
CA THR B 166 15.91 -16.44 -29.12
C THR B 166 17.26 -16.85 -28.52
N THR B 167 17.24 -17.61 -27.42
CA THR B 167 18.50 -18.00 -26.74
C THR B 167 19.36 -18.86 -27.68
N ASP B 168 18.81 -19.46 -28.75
CA ASP B 168 19.55 -20.35 -29.69
C ASP B 168 20.34 -19.50 -30.68
N GLU B 169 19.80 -18.35 -31.10
CA GLU B 169 20.59 -17.39 -31.93
C GLU B 169 21.65 -16.72 -31.03
N LEU B 170 21.35 -16.32 -29.80
CA LEU B 170 22.42 -15.77 -28.94
C LEU B 170 23.53 -16.79 -28.87
N PHE B 171 23.21 -18.06 -28.63
CA PHE B 171 24.19 -19.14 -28.43
C PHE B 171 25.08 -19.25 -29.66
N GLU B 172 24.50 -19.18 -30.84
CA GLU B 172 25.26 -19.35 -32.10
C GLU B 172 26.12 -18.11 -32.34
N LYS B 173 25.61 -16.89 -32.12
CA LYS B 173 26.40 -15.62 -32.23
C LYS B 173 27.57 -15.54 -31.26
N LEU B 174 27.41 -16.11 -30.08
CA LEU B 174 28.43 -16.12 -29.00
C LEU B 174 29.40 -17.29 -29.19
N ALA B 175 29.03 -18.36 -29.90
CA ALA B 175 29.90 -19.55 -30.00
C ALA B 175 31.00 -19.34 -31.05
N ASN B 176 30.70 -18.65 -32.17
CA ASN B 176 31.62 -18.60 -33.34
C ASN B 176 32.71 -17.53 -33.13
N SER C 1 21.25 59.24 3.94
CA SER C 1 22.67 59.65 4.31
C SER C 1 23.48 59.91 3.04
N LEU C 2 23.66 61.19 2.67
CA LEU C 2 24.60 61.60 1.59
C LEU C 2 25.86 62.16 2.24
N LYS C 3 26.93 61.40 2.17
CA LYS C 3 28.20 61.66 2.88
C LYS C 3 29.12 62.48 1.97
N SER C 4 28.83 62.57 0.68
CA SER C 4 29.78 63.18 -0.28
C SER C 4 29.00 63.86 -1.40
N THR C 5 29.64 64.69 -2.21
CA THR C 5 28.97 65.39 -3.32
C THR C 5 28.78 64.37 -4.43
N ASP C 6 29.58 63.30 -4.48
CA ASP C 6 29.37 62.22 -5.47
C ASP C 6 28.05 61.49 -5.15
N ASP C 7 27.80 61.18 -3.88
CA ASP C 7 26.55 60.48 -3.47
C ASP C 7 25.34 61.36 -3.80
N LEU C 8 25.44 62.67 -3.64
CA LEU C 8 24.32 63.61 -3.91
C LEU C 8 24.01 63.61 -5.41
N ASN C 9 25.01 63.43 -6.26
CA ASN C 9 24.78 63.52 -7.72
C ASN C 9 24.16 62.19 -8.22
N LYS C 10 24.44 61.08 -7.52
CA LYS C 10 23.90 59.75 -7.87
C LYS C 10 22.40 59.72 -7.55
N CYS C 11 22.06 60.24 -6.37
CA CYS C 11 20.70 60.27 -5.78
C CYS C 11 19.83 61.15 -6.67
N ILE C 12 20.33 62.34 -7.02
CA ILE C 12 19.70 63.26 -8.00
C ILE C 12 19.50 62.54 -9.34
N ASP C 13 20.47 61.73 -9.79
CA ASP C 13 20.35 61.06 -11.11
C ASP C 13 19.19 60.08 -11.01
N HIS C 14 19.23 59.27 -9.96
CA HIS C 14 18.21 58.26 -9.66
C HIS C 14 16.81 58.89 -9.73
N ILE C 15 16.56 59.87 -8.85
CA ILE C 15 15.23 60.55 -8.69
C ILE C 15 14.83 61.22 -10.00
N SER C 16 15.80 61.73 -10.75
CA SER C 16 15.51 62.30 -12.08
C SER C 16 14.94 61.21 -13.01
N VAL C 17 15.50 60.00 -12.99
CA VAL C 17 14.98 58.86 -13.79
C VAL C 17 13.50 58.63 -13.44
N LEU C 18 13.20 58.43 -12.14
CA LEU C 18 11.83 58.14 -11.62
C LEU C 18 10.83 59.24 -12.04
N ILE C 19 11.22 60.51 -12.01
CA ILE C 19 10.34 61.68 -12.36
C ILE C 19 10.03 61.58 -13.85
N LYS C 20 11.03 61.32 -14.68
CA LYS C 20 10.78 61.11 -16.13
C LYS C 20 9.90 59.87 -16.34
N ASP C 21 9.95 58.87 -15.45
CA ASP C 21 9.16 57.60 -15.58
C ASP C 21 7.70 57.87 -15.20
N ALA C 22 7.46 58.67 -14.14
CA ALA C 22 6.14 59.05 -13.60
C ALA C 22 5.45 59.98 -14.60
N TYR C 23 6.19 60.91 -15.21
CA TYR C 23 5.68 61.80 -16.28
C TYR C 23 5.31 60.99 -17.53
N LEU C 24 6.26 60.26 -18.10
CA LEU C 24 5.98 59.30 -19.20
C LEU C 24 4.68 58.55 -18.90
N LEU C 25 4.59 57.84 -17.76
CA LEU C 25 3.36 57.09 -17.39
C LEU C 25 2.16 58.03 -17.40
N TYR C 26 2.28 59.19 -16.79
CA TYR C 26 1.15 60.15 -16.66
C TYR C 26 0.66 60.60 -18.04
N THR C 27 1.56 60.74 -18.99
CA THR C 27 1.21 61.16 -20.38
C THR C 27 0.63 59.96 -21.12
N ASN C 28 0.95 58.73 -20.76
CA ASN C 28 0.33 57.55 -21.42
C ASN C 28 -0.92 57.10 -20.64
N GLU C 29 -1.51 57.99 -19.85
CA GLU C 29 -2.81 57.78 -19.14
C GLU C 29 -2.77 56.55 -18.20
N SER C 30 -1.60 56.13 -17.68
CA SER C 30 -1.48 55.21 -16.51
C SER C 30 -1.38 56.06 -15.23
N PHE C 31 -2.52 56.57 -14.76
CA PHE C 31 -2.58 57.53 -13.64
C PHE C 31 -2.22 56.81 -12.35
N ALA C 32 -2.76 55.60 -12.14
CA ALA C 32 -2.49 54.76 -10.95
C ALA C 32 -0.99 54.41 -10.87
N THR C 33 -0.37 53.96 -11.95
CA THR C 33 1.04 53.54 -11.94
C THR C 33 1.87 54.80 -11.66
N SER C 34 1.64 55.84 -12.46
CA SER C 34 2.29 57.17 -12.30
C SER C 34 2.28 57.57 -10.84
N THR C 35 1.10 57.57 -10.20
CA THR C 35 0.94 57.92 -8.76
C THR C 35 1.86 57.08 -7.85
N PHE C 36 2.05 55.80 -8.18
CA PHE C 36 2.88 54.84 -7.40
C PHE C 36 4.34 55.32 -7.40
N ILE C 37 4.80 55.75 -8.57
CA ILE C 37 6.17 56.31 -8.73
C ILE C 37 6.20 57.64 -7.95
N SER C 38 5.19 58.48 -8.12
CA SER C 38 5.19 59.87 -7.58
C SER C 38 5.29 59.86 -6.06
N ILE C 39 4.56 58.96 -5.41
CA ILE C 39 4.73 58.72 -3.92
C ILE C 39 6.07 58.03 -3.57
N THR C 40 6.65 57.24 -4.46
CA THR C 40 7.98 56.65 -4.18
C THR C 40 9.06 57.74 -4.16
N ILE C 41 9.04 58.64 -5.14
CA ILE C 41 9.93 59.82 -5.28
C ILE C 41 9.87 60.52 -3.95
N ILE C 42 8.66 60.81 -3.45
CA ILE C 42 8.44 61.63 -2.21
C ILE C 42 9.11 60.89 -1.04
N GLU C 43 8.93 59.57 -0.93
CA GLU C 43 9.61 58.76 0.11
C GLU C 43 11.10 59.04 -0.02
N GLU C 44 11.71 58.91 -1.22
CA GLU C 44 13.19 58.82 -1.40
C GLU C 44 13.80 60.17 -0.96
N VAL C 45 13.24 61.27 -1.46
CA VAL C 45 13.56 62.67 -1.01
C VAL C 45 13.50 62.71 0.53
N GLY C 46 12.40 62.22 1.10
CA GLY C 46 12.22 62.08 2.56
C GLY C 46 13.36 61.33 3.22
N LYS C 47 13.82 60.22 2.64
CA LYS C 47 14.91 59.37 3.18
C LYS C 47 16.21 60.18 3.32
N THR C 48 16.48 61.14 2.41
CA THR C 48 17.72 61.95 2.45
C THR C 48 17.75 62.72 3.78
N HIS C 49 16.58 63.09 4.32
CA HIS C 49 16.43 63.94 5.53
C HIS C 49 16.55 63.10 6.81
N ILE C 50 16.25 61.81 6.77
CA ILE C 50 16.19 60.92 7.97
C ILE C 50 17.59 60.39 8.32
N GLY C 51 18.39 60.02 7.31
CA GLY C 51 19.83 59.71 7.45
C GLY C 51 20.15 58.21 7.45
N MET C 52 19.41 57.40 6.68
CA MET C 52 19.83 56.00 6.33
C MET C 52 19.11 55.56 5.04
N ARG C 62 17.89 43.24 1.78
CA ARG C 62 16.98 44.14 1.01
C ARG C 62 15.53 43.81 1.39
N GLY C 63 14.74 44.81 1.85
CA GLY C 63 13.41 44.63 2.46
C GLY C 63 13.44 43.57 3.56
N LYS C 64 14.55 43.47 4.28
CA LYS C 64 14.73 42.62 5.48
C LYS C 64 15.36 43.47 6.58
N ASP C 65 15.03 44.76 6.61
CA ASP C 65 15.48 45.70 7.68
C ASP C 65 14.39 45.71 8.78
N PRO C 66 14.72 45.40 10.06
CA PRO C 66 13.78 45.52 11.17
C PRO C 66 13.07 46.87 11.40
N LEU C 67 13.61 47.97 10.86
CA LEU C 67 13.01 49.34 10.93
C LEU C 67 12.41 49.73 9.56
N ARG C 68 11.93 48.75 8.79
CA ARG C 68 11.47 48.91 7.39
C ARG C 68 10.46 50.07 7.33
N ASN C 69 9.31 49.85 8.00
CA ASN C 69 8.06 50.67 7.91
C ASN C 69 8.16 51.91 8.81
N HIS C 70 9.09 51.87 9.77
CA HIS C 70 9.39 52.93 10.76
C HIS C 70 10.27 54.05 10.15
N LYS C 71 11.27 53.66 9.36
CA LYS C 71 12.15 54.54 8.53
C LYS C 71 11.35 55.13 7.38
N SER C 72 10.37 54.39 6.86
CA SER C 72 9.43 54.83 5.80
C SER C 72 8.44 55.86 6.39
N LYS C 73 7.82 55.53 7.51
CA LYS C 73 6.89 56.46 8.20
C LYS C 73 7.64 57.78 8.43
N HIS C 74 8.83 57.72 9.05
CA HIS C 74 9.66 58.89 9.43
C HIS C 74 10.10 59.68 8.20
N ALA C 75 10.38 59.00 7.08
CA ALA C 75 10.78 59.62 5.79
C ALA C 75 9.66 60.56 5.32
N PHE C 76 8.38 60.15 5.41
CA PHE C 76 7.22 61.01 5.02
C PHE C 76 6.91 62.13 6.01
N GLY C 77 7.41 62.04 7.26
CA GLY C 77 7.19 63.02 8.33
C GLY C 77 8.28 64.09 8.37
N SER C 78 9.35 63.95 7.58
CA SER C 78 10.51 64.87 7.63
C SER C 78 10.66 65.64 6.30
N LEU C 79 9.57 65.71 5.53
CA LEU C 79 9.45 66.53 4.29
C LEU C 79 9.43 68.01 4.66
N PRO C 80 10.33 68.83 4.09
CA PRO C 80 10.31 70.27 4.35
C PRO C 80 9.04 71.00 3.90
N THR C 81 8.52 71.86 4.77
CA THR C 81 7.37 72.72 4.42
C THR C 81 7.71 73.43 3.13
N ILE C 82 6.76 73.50 2.22
CA ILE C 82 6.88 74.28 0.98
C ILE C 82 6.50 75.72 1.31
N LYS C 83 7.24 76.68 0.75
CA LYS C 83 6.98 78.11 1.00
C LYS C 83 5.76 78.53 0.16
N MET C 84 5.01 79.47 0.71
CA MET C 84 3.87 80.15 0.04
C MET C 84 4.40 81.00 -1.12
N GLY C 85 3.54 81.30 -2.10
CA GLY C 85 3.83 82.12 -3.29
C GLY C 85 4.72 81.45 -4.33
N GLY C 86 5.13 80.18 -4.17
CA GLY C 86 5.97 79.47 -5.16
C GLY C 86 5.17 78.98 -6.38
N ARG C 87 5.87 78.31 -7.33
CA ARG C 87 5.25 77.75 -8.57
C ARG C 87 4.29 76.61 -8.18
N LEU C 88 4.46 75.97 -7.02
CA LEU C 88 3.60 74.81 -6.66
C LEU C 88 2.23 75.33 -6.29
N ASN C 89 2.23 76.39 -5.47
CA ASN C 89 1.03 77.09 -4.92
C ASN C 89 0.18 77.64 -6.07
N LYS C 90 0.79 78.09 -7.17
CA LYS C 90 0.06 78.57 -8.37
C LYS C 90 -0.57 77.38 -9.08
N ALA C 91 0.17 76.27 -9.20
CA ALA C 91 -0.20 75.10 -10.03
C ALA C 91 -1.31 74.23 -9.39
N ILE C 92 -1.35 74.04 -8.06
CA ILE C 92 -2.33 73.12 -7.41
C ILE C 92 -3.09 73.80 -6.27
N GLY C 93 -2.67 74.98 -5.78
CA GLY C 93 -3.42 75.71 -4.74
C GLY C 93 -3.06 75.25 -3.35
N ASP C 94 -3.39 76.07 -2.35
CA ASP C 94 -2.91 75.93 -0.95
C ASP C 94 -3.71 74.83 -0.21
N GLU C 95 -4.94 74.53 -0.60
CA GLU C 95 -5.72 73.47 0.08
C GLU C 95 -5.17 72.07 -0.26
N MET C 96 -4.86 71.83 -1.54
CA MET C 96 -4.30 70.55 -2.05
C MET C 96 -3.00 70.27 -1.27
N ILE C 97 -2.05 71.21 -1.31
CA ILE C 97 -0.75 71.01 -0.60
C ILE C 97 -1.03 70.55 0.83
N ASP C 98 -1.99 71.17 1.53
CA ASP C 98 -2.25 70.90 2.97
C ASP C 98 -2.85 69.49 3.09
N LYS C 99 -3.54 69.03 2.06
CA LYS C 99 -4.11 67.65 2.06
C LYS C 99 -2.98 66.65 1.84
N ILE C 100 -2.06 66.91 0.91
CA ILE C 100 -0.99 65.92 0.59
C ILE C 100 -0.05 65.83 1.79
N VAL C 101 0.21 66.96 2.45
CA VAL C 101 1.07 67.02 3.67
C VAL C 101 0.38 66.35 4.86
N GLU C 102 -0.93 66.51 5.07
CA GLU C 102 -1.64 65.80 6.17
C GLU C 102 -1.58 64.30 5.87
N ASP C 103 -1.69 63.94 4.57
CA ASP C 103 -1.66 62.54 4.09
C ASP C 103 -0.27 61.93 4.36
N ALA C 104 0.81 62.71 4.23
CA ALA C 104 2.20 62.24 4.47
C ALA C 104 2.42 62.01 5.97
N GLU C 105 1.99 62.93 6.81
CA GLU C 105 2.19 62.83 8.28
C GLU C 105 1.31 61.73 8.88
N THR C 106 0.10 61.51 8.36
CA THR C 106 -0.85 60.43 8.77
C THR C 106 -0.36 59.04 8.33
N GLY C 107 0.36 58.95 7.22
CA GLY C 107 0.65 57.69 6.52
C GLY C 107 -0.50 57.25 5.64
N GLU C 108 -1.44 58.13 5.30
CA GLU C 108 -2.48 57.88 4.28
C GLU C 108 -1.81 57.83 2.89
N LEU C 109 -0.61 58.38 2.76
CA LEU C 109 0.16 58.30 1.50
C LEU C 109 0.55 56.83 1.28
N ILE C 110 0.99 56.14 2.33
CA ILE C 110 1.35 54.69 2.26
C ILE C 110 0.15 53.87 1.75
N SER C 111 -1.07 54.14 2.22
CA SER C 111 -2.32 53.46 1.75
C SER C 111 -2.60 53.80 0.29
N ILE C 112 -2.54 55.09 -0.09
CA ILE C 112 -2.83 55.53 -1.47
C ILE C 112 -1.84 54.86 -2.42
N ARG C 113 -0.56 54.74 -2.00
CA ARG C 113 0.49 54.02 -2.77
C ARG C 113 0.11 52.55 -2.93
N GLU C 114 -0.39 51.89 -1.87
CA GLU C 114 -0.78 50.46 -1.94
C GLU C 114 -1.95 50.34 -2.94
N SER C 115 -2.96 51.15 -2.81
CA SER C 115 -4.17 51.09 -3.68
C SER C 115 -3.91 51.56 -5.14
N SER C 116 -2.75 52.12 -5.45
CA SER C 116 -2.46 52.59 -6.82
C SER C 116 -1.76 51.50 -7.64
N LEU C 117 -1.37 50.35 -7.02
CA LEU C 117 -0.59 49.27 -7.71
C LEU C 117 -1.12 47.85 -7.46
N TYR C 118 -1.76 47.60 -6.33
CA TYR C 118 -2.26 46.25 -5.97
C TYR C 118 -3.80 46.32 -5.96
N ALA C 119 -4.46 45.33 -6.55
CA ALA C 119 -5.89 45.05 -6.35
C ALA C 119 -6.10 44.54 -4.93
N ASP C 120 -7.15 44.99 -4.26
CA ASP C 120 -7.56 44.45 -2.94
C ASP C 120 -9.05 44.06 -2.96
N ILE C 121 -9.48 43.29 -1.96
CA ILE C 121 -10.91 43.06 -1.64
C ILE C 121 -11.21 43.77 -0.30
N ILE C 122 -11.89 44.92 -0.37
CA ILE C 122 -12.28 45.77 0.81
C ILE C 122 -13.81 45.76 0.93
N ASP C 123 -14.33 45.53 2.16
CA ASP C 123 -15.71 45.07 2.50
C ASP C 123 -15.83 43.59 2.09
N ASP C 124 -16.37 43.31 0.90
CA ASP C 124 -16.07 42.07 0.15
C ASP C 124 -16.39 42.33 -1.33
N ILE C 125 -15.97 43.51 -1.80
CA ILE C 125 -15.99 43.95 -3.22
C ILE C 125 -14.54 44.15 -3.66
N LEU C 126 -14.23 43.77 -4.91
CA LEU C 126 -12.86 43.90 -5.48
C LEU C 126 -12.65 45.32 -5.99
N GLU C 127 -11.61 45.98 -5.47
CA GLU C 127 -11.19 47.35 -5.86
C GLU C 127 -9.88 47.28 -6.65
N VAL C 128 -9.81 48.07 -7.72
CA VAL C 128 -8.68 47.98 -8.67
C VAL C 128 -8.04 49.37 -8.74
N PRO C 129 -6.71 49.48 -8.85
CA PRO C 129 -6.08 50.80 -8.89
C PRO C 129 -6.71 51.75 -9.89
N SER C 130 -7.08 51.25 -11.08
CA SER C 130 -7.66 52.02 -12.21
C SER C 130 -8.83 52.91 -11.76
N GLU C 131 -9.62 52.51 -10.76
CA GLU C 131 -10.83 53.28 -10.35
C GLU C 131 -10.59 54.12 -9.08
N LYS C 132 -9.50 53.90 -8.33
CA LYS C 132 -9.21 54.57 -7.02
C LYS C 132 -8.30 55.81 -7.16
N ILE C 133 -7.64 55.98 -8.31
CA ILE C 133 -6.63 57.06 -8.58
C ILE C 133 -7.06 57.87 -9.79
N SER C 134 -7.35 59.15 -9.59
CA SER C 134 -7.89 60.03 -10.64
C SER C 134 -6.70 60.70 -11.31
N LYS C 135 -6.95 61.32 -12.47
CA LYS C 135 -5.97 62.14 -13.21
C LYS C 135 -5.51 63.29 -12.33
N GLU C 136 -6.42 63.92 -11.58
CA GLU C 136 -6.24 65.22 -10.85
C GLU C 136 -5.26 65.02 -9.68
N GLN C 137 -5.42 63.88 -8.99
CA GLN C 137 -4.56 63.41 -7.88
C GLN C 137 -3.21 62.90 -8.42
N SER C 138 -3.20 62.30 -9.62
CA SER C 138 -1.94 61.85 -10.26
C SER C 138 -1.08 63.09 -10.52
N ARG C 139 -1.66 64.13 -11.07
CA ARG C 139 -0.92 65.36 -11.49
C ARG C 139 -0.42 66.03 -10.23
N ALA C 140 -1.30 66.26 -9.27
CA ALA C 140 -0.95 66.91 -8.00
C ALA C 140 0.22 66.17 -7.35
N LEU C 141 0.12 64.87 -7.14
CA LEU C 141 1.22 64.11 -6.50
C LEU C 141 2.50 64.18 -7.36
N LEU C 142 2.44 64.30 -8.69
CA LEU C 142 3.67 64.40 -9.50
C LEU C 142 4.31 65.81 -9.32
N LEU C 143 3.51 66.87 -9.29
CA LEU C 143 3.98 68.27 -9.17
C LEU C 143 4.54 68.51 -7.77
N TYR C 144 3.92 67.95 -6.74
CA TYR C 144 4.49 67.98 -5.36
C TYR C 144 5.87 67.30 -5.33
N ALA C 145 5.96 66.13 -5.95
CA ALA C 145 7.17 65.28 -5.93
C ALA C 145 8.29 66.06 -6.57
N ILE C 146 8.08 66.61 -7.77
CA ILE C 146 9.07 67.49 -8.45
C ILE C 146 9.49 68.66 -7.54
N GLU C 147 8.52 69.42 -7.04
CA GLU C 147 8.79 70.59 -6.20
C GLU C 147 9.60 70.17 -4.99
N CYS C 148 9.22 69.14 -4.23
CA CYS C 148 9.97 68.89 -2.97
C CYS C 148 11.35 68.23 -3.27
N PHE C 149 11.54 67.60 -4.45
CA PHE C 149 12.86 67.23 -4.99
C PHE C 149 13.70 68.48 -5.24
N ASP C 150 13.20 69.41 -6.07
CA ASP C 150 13.89 70.68 -6.41
C ASP C 150 14.33 71.39 -5.13
N ASP C 151 13.44 71.48 -4.13
CA ASP C 151 13.66 72.20 -2.84
C ASP C 151 14.73 71.50 -2.01
N SER C 152 14.84 70.16 -2.07
CA SER C 152 15.65 69.38 -1.10
C SER C 152 17.04 69.07 -1.64
N LEU C 153 17.21 68.84 -2.95
CA LEU C 153 18.47 68.27 -3.50
C LEU C 153 19.10 69.15 -4.58
N VAL C 154 18.29 69.94 -5.28
CA VAL C 154 18.82 70.75 -6.39
C VAL C 154 19.44 72.04 -5.83
N GLY C 155 20.54 72.48 -6.44
CA GLY C 155 21.14 73.79 -6.20
C GLY C 155 22.42 73.71 -5.39
N TYR C 156 22.88 72.53 -4.99
CA TYR C 156 24.09 72.37 -4.14
C TYR C 156 25.31 71.94 -4.97
N THR C 157 25.08 71.41 -6.18
CA THR C 157 26.12 70.98 -7.15
C THR C 157 25.82 71.62 -8.50
N HIS C 158 26.85 71.71 -9.34
CA HIS C 158 26.76 72.19 -10.74
C HIS C 158 25.93 71.19 -11.54
N HIS C 159 26.13 69.90 -11.32
CA HIS C 159 25.39 68.81 -12.03
C HIS C 159 23.90 69.08 -11.86
N SER C 160 23.48 69.39 -10.64
CA SER C 160 22.06 69.52 -10.26
C SER C 160 21.31 70.53 -11.18
N PHE C 161 22.00 71.47 -11.80
CA PHE C 161 21.35 72.51 -12.65
C PHE C 161 21.02 71.96 -14.04
N GLU C 162 21.84 71.06 -14.61
CA GLU C 162 21.52 70.40 -15.90
C GLU C 162 20.23 69.60 -15.70
N VAL C 163 20.20 68.79 -14.64
CA VAL C 163 19.08 67.87 -14.30
C VAL C 163 17.82 68.71 -14.02
N SER C 164 17.92 69.82 -13.29
CA SER C 164 16.74 70.61 -12.88
C SER C 164 16.23 71.43 -14.08
N GLU C 165 17.02 71.59 -15.14
CA GLU C 165 16.57 72.27 -16.37
C GLU C 165 15.46 71.43 -17.03
N THR C 166 15.68 70.12 -17.13
CA THR C 166 14.73 69.14 -17.72
C THR C 166 13.53 68.97 -16.77
N THR C 167 13.77 68.84 -15.47
CA THR C 167 12.74 68.71 -14.41
C THR C 167 11.79 69.91 -14.48
N ASP C 168 12.34 71.11 -14.70
CA ASP C 168 11.60 72.39 -14.72
C ASP C 168 10.65 72.39 -15.92
N GLU C 169 11.12 71.97 -17.10
CA GLU C 169 10.25 71.86 -18.31
C GLU C 169 9.07 70.96 -17.99
N LEU C 170 9.30 69.77 -17.42
CA LEU C 170 8.21 68.82 -17.13
C LEU C 170 7.24 69.54 -16.21
N PHE C 171 7.77 70.23 -15.18
CA PHE C 171 6.90 70.92 -14.21
C PHE C 171 5.99 71.87 -14.96
N GLU C 172 6.55 72.79 -15.74
CA GLU C 172 5.75 73.85 -16.43
C GLU C 172 4.77 73.18 -17.41
N LYS C 173 5.17 72.16 -18.17
CA LYS C 173 4.22 71.41 -19.05
C LYS C 173 3.07 70.86 -18.19
N LEU C 174 3.41 70.19 -17.09
CA LEU C 174 2.46 69.42 -16.25
C LEU C 174 1.43 70.38 -15.68
N ALA C 175 1.88 71.54 -15.22
CA ALA C 175 1.07 72.67 -14.70
C ALA C 175 0.36 73.35 -15.88
N ASN C 176 1.13 74.06 -16.73
CA ASN C 176 0.62 75.05 -17.71
C ASN C 176 1.45 75.01 -19.01
N SER D 4 -17.36 35.81 -8.84
CA SER D 4 -17.93 36.19 -10.17
C SER D 4 -16.78 36.21 -11.18
N THR D 5 -17.11 36.05 -12.46
CA THR D 5 -16.17 36.11 -13.61
C THR D 5 -16.08 37.56 -14.11
N ASP D 6 -16.71 38.51 -13.43
CA ASP D 6 -16.57 39.96 -13.74
C ASP D 6 -15.45 40.54 -12.86
N ASP D 7 -15.17 39.89 -11.73
CA ASP D 7 -14.10 40.30 -10.79
C ASP D 7 -12.78 39.73 -11.33
N LEU D 8 -12.86 38.56 -11.94
CA LEU D 8 -11.70 37.90 -12.60
C LEU D 8 -11.32 38.76 -13.80
N ASN D 9 -12.30 39.32 -14.51
CA ASN D 9 -12.06 40.15 -15.71
C ASN D 9 -11.56 41.54 -15.33
N LYS D 10 -11.78 41.98 -14.09
CA LYS D 10 -11.23 43.26 -13.58
C LYS D 10 -9.77 43.03 -13.17
N CYS D 11 -9.49 41.90 -12.53
CA CYS D 11 -8.10 41.47 -12.22
C CYS D 11 -7.27 41.25 -13.48
N ILE D 12 -7.85 40.75 -14.57
CA ILE D 12 -7.10 40.52 -15.83
C ILE D 12 -6.83 41.87 -16.50
N ASP D 13 -7.73 42.85 -16.33
CA ASP D 13 -7.58 44.19 -16.96
C ASP D 13 -6.54 45.04 -16.19
N HIS D 14 -6.48 44.87 -14.88
CA HIS D 14 -5.42 45.41 -14.01
C HIS D 14 -4.03 44.94 -14.48
N ILE D 15 -3.83 43.62 -14.65
CA ILE D 15 -2.51 43.02 -15.04
C ILE D 15 -2.17 43.44 -16.47
N SER D 16 -3.17 43.48 -17.34
CA SER D 16 -2.97 44.00 -18.70
C SER D 16 -2.40 45.44 -18.63
N VAL D 17 -2.91 46.28 -17.71
CA VAL D 17 -2.42 47.68 -17.50
C VAL D 17 -0.93 47.62 -17.09
N LEU D 18 -0.60 46.88 -16.02
CA LEU D 18 0.81 46.70 -15.58
C LEU D 18 1.73 46.22 -16.72
N ILE D 19 1.28 45.26 -17.53
CA ILE D 19 2.15 44.73 -18.59
C ILE D 19 2.44 45.86 -19.58
N LYS D 20 1.42 46.56 -20.04
CA LYS D 20 1.62 47.68 -20.99
C LYS D 20 2.52 48.75 -20.35
N ASP D 21 2.54 48.91 -19.02
CA ASP D 21 3.33 49.97 -18.32
C ASP D 21 4.81 49.56 -18.27
N ALA D 22 5.11 48.36 -17.79
CA ALA D 22 6.44 47.71 -17.87
C ALA D 22 7.01 47.76 -19.29
N TYR D 23 6.17 47.55 -20.31
CA TYR D 23 6.60 47.55 -21.73
C TYR D 23 6.95 48.98 -22.15
N LEU D 24 6.12 49.92 -21.72
CA LEU D 24 6.29 51.36 -22.05
C LEU D 24 7.60 51.86 -21.43
N LEU D 25 7.83 51.45 -20.19
CA LEU D 25 9.05 51.81 -19.45
C LEU D 25 10.24 51.12 -20.09
N TYR D 26 10.09 49.85 -20.48
CA TYR D 26 11.22 49.08 -21.07
C TYR D 26 11.64 49.71 -22.39
N THR D 27 10.69 50.09 -23.25
CA THR D 27 10.97 50.76 -24.56
C THR D 27 11.59 52.15 -24.31
N ASN D 28 11.35 52.84 -23.19
CA ASN D 28 11.91 54.19 -22.98
C ASN D 28 13.18 54.13 -22.15
N GLU D 29 13.71 52.93 -21.99
CA GLU D 29 15.04 52.58 -21.45
C GLU D 29 15.08 52.75 -19.94
N SER D 30 13.94 52.74 -19.24
CA SER D 30 13.90 52.63 -17.75
C SER D 30 13.85 51.13 -17.39
N PHE D 31 14.99 50.46 -17.48
CA PHE D 31 15.11 48.99 -17.28
C PHE D 31 14.78 48.66 -15.81
N ALA D 32 15.30 49.42 -14.86
CA ALA D 32 15.15 49.13 -13.41
C ALA D 32 13.68 49.37 -12.97
N THR D 33 12.99 50.39 -13.48
CA THR D 33 11.58 50.63 -13.11
C THR D 33 10.70 49.57 -13.78
N SER D 34 10.90 49.38 -15.09
CA SER D 34 10.26 48.28 -15.85
C SER D 34 10.31 47.01 -15.01
N THR D 35 11.50 46.62 -14.54
CA THR D 35 11.73 45.34 -13.83
C THR D 35 10.87 45.30 -12.57
N PHE D 36 10.78 46.42 -11.85
CA PHE D 36 9.96 46.51 -10.63
C PHE D 36 8.50 46.11 -10.93
N ILE D 37 7.91 46.68 -12.00
CA ILE D 37 6.51 46.39 -12.42
C ILE D 37 6.39 44.94 -12.91
N SER D 38 7.37 44.48 -13.72
CA SER D 38 7.48 43.07 -14.20
C SER D 38 7.39 42.11 -13.00
N ILE D 39 8.26 42.23 -12.01
CA ILE D 39 8.23 41.34 -10.84
C ILE D 39 6.90 41.51 -10.10
N THR D 40 6.33 42.72 -10.10
CA THR D 40 5.03 42.96 -9.42
C THR D 40 3.94 42.20 -10.16
N ILE D 41 3.97 42.11 -11.50
CA ILE D 41 2.97 41.33 -12.28
C ILE D 41 3.06 39.84 -11.89
N ILE D 42 4.24 39.30 -11.64
CA ILE D 42 4.42 37.83 -11.36
C ILE D 42 3.75 37.55 -10.02
N GLU D 43 3.86 38.48 -9.07
CA GLU D 43 3.28 38.37 -7.70
C GLU D 43 1.76 38.54 -7.73
N GLU D 44 1.26 39.47 -8.55
CA GLU D 44 -0.18 39.72 -8.68
C GLU D 44 -0.78 38.52 -9.39
N VAL D 45 -0.15 37.98 -10.44
CA VAL D 45 -0.69 36.81 -11.19
C VAL D 45 -0.85 35.64 -10.21
N GLY D 46 0.16 35.38 -9.39
CA GLY D 46 0.16 34.33 -8.35
C GLY D 46 -0.89 34.54 -7.27
N LYS D 47 -1.17 35.79 -6.92
CA LYS D 47 -2.18 36.17 -5.91
C LYS D 47 -3.59 36.02 -6.47
N THR D 48 -3.75 36.31 -7.76
CA THR D 48 -5.07 36.32 -8.45
C THR D 48 -5.54 34.88 -8.68
N HIS D 49 -4.61 34.00 -9.07
CA HIS D 49 -4.86 32.56 -9.37
C HIS D 49 -5.37 31.88 -8.09
N ILE D 50 -4.55 31.91 -7.03
CA ILE D 50 -4.82 31.37 -5.67
C ILE D 50 -6.11 31.98 -5.09
N GLY D 51 -6.53 33.17 -5.55
CA GLY D 51 -7.78 33.85 -5.14
C GLY D 51 -9.03 33.34 -5.85
N MET D 52 -9.00 32.08 -6.35
CA MET D 52 -10.15 31.31 -6.90
C MET D 52 -10.41 30.08 -5.99
N ALA D 75 5.65 32.77 -2.18
CA ALA D 75 5.38 34.21 -2.48
C ALA D 75 4.98 34.40 -3.95
N PHE D 76 5.64 33.65 -4.84
CA PHE D 76 5.23 33.39 -6.24
C PHE D 76 4.89 31.91 -6.29
N GLY D 77 3.60 31.60 -6.40
CA GLY D 77 3.10 30.22 -6.36
C GLY D 77 2.71 29.76 -7.74
N SER D 78 2.56 30.68 -8.68
CA SER D 78 1.85 30.44 -9.96
C SER D 78 2.85 30.33 -11.11
N LEU D 79 3.97 29.62 -10.89
CA LEU D 79 5.12 29.64 -11.82
C LEU D 79 4.79 28.81 -13.06
N PRO D 80 4.79 29.42 -14.28
CA PRO D 80 4.39 28.72 -15.50
C PRO D 80 5.30 27.51 -15.71
N THR D 81 4.71 26.33 -15.95
CA THR D 81 5.43 25.17 -16.47
C THR D 81 6.02 25.59 -17.82
N ILE D 82 7.33 25.36 -17.98
CA ILE D 82 8.11 25.82 -19.15
C ILE D 82 8.19 24.62 -20.10
N LYS D 83 7.72 24.79 -21.34
CA LYS D 83 7.77 23.73 -22.36
C LYS D 83 8.95 24.00 -23.30
N MET D 84 9.74 22.94 -23.52
CA MET D 84 10.88 22.88 -24.45
C MET D 84 10.46 23.45 -25.80
N GLY D 85 11.33 24.25 -26.44
CA GLY D 85 11.12 24.78 -27.80
C GLY D 85 10.02 25.82 -27.84
N GLY D 86 9.39 26.04 -26.67
CA GLY D 86 8.30 27.00 -26.48
C GLY D 86 8.80 28.43 -26.62
N ARG D 87 7.86 29.32 -26.83
CA ARG D 87 8.01 30.80 -26.96
C ARG D 87 9.17 31.33 -26.11
N LEU D 88 9.18 30.99 -24.82
CA LEU D 88 10.02 31.62 -23.77
C LEU D 88 11.44 31.06 -23.82
N ASN D 89 11.59 29.76 -24.08
CA ASN D 89 12.92 29.13 -24.28
C ASN D 89 13.60 29.79 -25.48
N LYS D 90 12.89 30.01 -26.59
CA LYS D 90 13.47 30.69 -27.78
C LYS D 90 13.82 32.15 -27.47
N ALA D 91 13.12 32.80 -26.53
CA ALA D 91 13.24 34.27 -26.35
C ALA D 91 14.33 34.60 -25.37
N ILE D 92 14.52 33.81 -24.32
CA ILE D 92 15.48 34.22 -23.25
C ILE D 92 16.49 33.10 -22.94
N GLY D 93 16.21 31.90 -23.43
CA GLY D 93 17.13 30.78 -23.20
C GLY D 93 16.82 30.02 -21.91
N ASP D 94 17.15 28.73 -21.97
CA ASP D 94 17.07 27.68 -20.91
C ASP D 94 17.70 28.16 -19.60
N GLU D 95 18.93 28.68 -19.63
CA GLU D 95 19.68 29.00 -18.39
C GLU D 95 18.90 30.10 -17.64
N MET D 96 18.53 31.18 -18.33
CA MET D 96 17.85 32.37 -17.77
C MET D 96 16.53 31.94 -17.12
N ILE D 97 15.78 31.02 -17.71
CA ILE D 97 14.55 30.50 -17.04
C ILE D 97 14.93 29.83 -15.71
N ASP D 98 16.04 29.10 -15.65
CA ASP D 98 16.42 28.35 -14.42
C ASP D 98 16.86 29.32 -13.32
N LYS D 99 17.50 30.43 -13.70
CA LYS D 99 17.94 31.50 -12.76
C LYS D 99 16.69 32.20 -12.18
N ILE D 100 15.75 32.64 -13.05
CA ILE D 100 14.48 33.29 -12.62
C ILE D 100 13.70 32.37 -11.67
N VAL D 101 13.58 31.08 -11.99
CA VAL D 101 12.78 30.11 -11.19
C VAL D 101 13.49 29.88 -9.86
N GLU D 102 14.82 29.69 -9.90
CA GLU D 102 15.67 29.55 -8.68
C GLU D 102 15.49 30.81 -7.83
N ASP D 103 15.63 32.01 -8.41
CA ASP D 103 15.41 33.33 -7.73
C ASP D 103 13.98 33.43 -7.13
N ALA D 104 12.97 32.84 -7.78
CA ALA D 104 11.55 32.83 -7.32
C ALA D 104 11.34 31.92 -6.10
N GLU D 105 12.07 30.80 -6.00
CA GLU D 105 11.98 29.87 -4.85
C GLU D 105 12.88 30.35 -3.71
N THR D 106 13.99 31.03 -3.99
CA THR D 106 14.97 31.49 -2.96
C THR D 106 14.48 32.75 -2.24
N GLY D 107 13.58 33.52 -2.83
CA GLY D 107 13.22 34.86 -2.33
C GLY D 107 14.28 35.89 -2.68
N GLU D 108 15.12 35.60 -3.69
CA GLU D 108 16.08 36.54 -4.34
C GLU D 108 15.28 37.54 -5.21
N LEU D 109 14.16 37.11 -5.82
CA LEU D 109 13.31 37.98 -6.67
C LEU D 109 12.78 39.17 -5.86
N ILE D 110 12.38 38.96 -4.61
CA ILE D 110 11.91 40.07 -3.72
C ILE D 110 13.03 41.10 -3.59
N SER D 111 14.27 40.63 -3.37
CA SER D 111 15.50 41.45 -3.23
C SER D 111 15.79 42.22 -4.52
N ILE D 112 15.63 41.58 -5.67
CA ILE D 112 15.83 42.19 -7.01
C ILE D 112 14.78 43.27 -7.22
N ARG D 113 13.55 42.99 -6.83
CA ARG D 113 12.49 44.01 -6.87
C ARG D 113 12.89 45.20 -6.00
N GLU D 114 13.37 44.98 -4.78
CA GLU D 114 13.79 46.10 -3.89
C GLU D 114 14.85 46.96 -4.63
N SER D 115 15.90 46.33 -5.14
CA SER D 115 17.11 47.01 -5.68
C SER D 115 16.75 47.78 -6.95
N SER D 116 15.61 47.45 -7.55
CA SER D 116 15.20 47.98 -8.88
C SER D 116 14.50 49.32 -8.73
N LEU D 117 14.02 49.67 -7.53
CA LEU D 117 13.31 50.95 -7.32
C LEU D 117 13.96 51.85 -6.26
N TYR D 118 14.63 51.31 -5.24
CA TYR D 118 15.11 52.05 -4.04
C TYR D 118 16.63 52.03 -4.05
N ALA D 119 17.20 53.24 -3.95
CA ALA D 119 18.62 53.42 -3.61
C ALA D 119 18.83 52.73 -2.26
N ASP D 120 20.05 52.30 -1.98
CA ASP D 120 20.41 51.73 -0.66
C ASP D 120 21.89 52.01 -0.43
N ILE D 121 22.26 52.22 0.82
CA ILE D 121 23.68 52.21 1.27
C ILE D 121 23.99 50.76 1.69
N ILE D 122 24.92 50.10 0.99
CA ILE D 122 25.33 48.68 1.17
C ILE D 122 26.84 48.63 1.42
N ASP D 123 27.24 48.29 2.65
CA ASP D 123 28.60 48.50 3.18
C ASP D 123 29.12 49.85 2.65
N ASP D 124 28.56 50.92 3.22
CA ASP D 124 29.06 52.32 3.18
C ASP D 124 28.95 52.95 1.78
N ILE D 125 28.78 52.19 0.69
CA ILE D 125 28.72 52.77 -0.68
C ILE D 125 27.26 52.91 -1.13
N LEU D 126 26.88 54.02 -1.78
CA LEU D 126 25.47 54.27 -2.22
C LEU D 126 25.16 53.55 -3.54
N GLU D 127 24.24 52.59 -3.51
CA GLU D 127 23.81 51.75 -4.66
C GLU D 127 22.45 52.22 -5.20
N VAL D 128 22.36 52.32 -6.51
CA VAL D 128 21.21 52.95 -7.23
C VAL D 128 20.70 51.95 -8.27
N PRO D 129 19.39 51.91 -8.56
CA PRO D 129 18.88 50.85 -9.44
C PRO D 129 19.47 50.78 -10.84
N SER D 130 20.02 51.85 -11.40
CA SER D 130 20.64 51.81 -12.75
C SER D 130 21.95 51.00 -12.73
N GLU D 131 22.56 50.75 -11.58
CA GLU D 131 23.81 49.94 -11.48
C GLU D 131 23.52 48.48 -11.06
N LYS D 132 22.24 48.10 -10.92
CA LYS D 132 21.85 46.77 -10.37
C LYS D 132 21.13 45.96 -11.43
N ILE D 133 20.51 46.61 -12.41
CA ILE D 133 19.54 45.96 -13.33
C ILE D 133 19.96 46.20 -14.78
N SER D 134 20.24 45.12 -15.52
CA SER D 134 20.68 45.12 -16.94
C SER D 134 19.48 44.98 -17.86
N LYS D 135 19.62 45.45 -19.10
CA LYS D 135 18.54 45.49 -20.11
C LYS D 135 18.17 44.04 -20.45
N GLU D 136 19.15 43.14 -20.37
CA GLU D 136 18.97 41.69 -20.65
C GLU D 136 17.96 41.14 -19.63
N GLN D 137 18.22 41.37 -18.35
CA GLN D 137 17.39 40.94 -17.19
C GLN D 137 16.00 41.61 -17.22
N SER D 138 15.95 42.87 -17.62
CA SER D 138 14.67 43.62 -17.72
C SER D 138 13.79 42.93 -18.77
N ARG D 139 14.35 42.66 -19.93
CA ARG D 139 13.65 41.97 -21.04
C ARG D 139 13.14 40.62 -20.54
N ALA D 140 14.07 39.83 -20.03
CA ALA D 140 13.79 38.46 -19.53
C ALA D 140 12.55 38.55 -18.64
N LEU D 141 12.60 39.38 -17.61
CA LEU D 141 11.60 39.33 -16.52
C LEU D 141 10.24 39.74 -17.10
N LEU D 142 10.23 40.62 -18.09
CA LEU D 142 8.95 41.08 -18.67
C LEU D 142 8.36 39.95 -19.53
N LEU D 143 9.18 39.30 -20.37
CA LEU D 143 8.74 38.11 -21.18
C LEU D 143 8.26 37.00 -20.26
N TYR D 144 8.91 36.80 -19.11
CA TYR D 144 8.57 35.72 -18.15
C TYR D 144 7.26 36.12 -17.49
N ALA D 145 7.03 37.40 -17.28
CA ALA D 145 5.83 37.87 -16.55
C ALA D 145 4.62 37.76 -17.49
N ILE D 146 4.80 37.99 -18.78
CA ILE D 146 3.69 37.79 -19.76
C ILE D 146 3.34 36.29 -19.88
N GLU D 147 4.32 35.40 -20.03
CA GLU D 147 4.11 33.93 -20.10
C GLU D 147 3.44 33.43 -18.81
N CYS D 148 3.88 33.89 -17.66
CA CYS D 148 3.27 33.63 -16.34
C CYS D 148 1.79 33.94 -16.40
N PHE D 149 1.46 35.08 -16.98
CA PHE D 149 0.05 35.59 -17.10
C PHE D 149 -0.72 34.66 -18.05
N ASP D 150 -0.14 34.32 -19.21
CA ASP D 150 -0.77 33.53 -20.30
C ASP D 150 -1.00 32.10 -19.82
N ASP D 151 -0.12 31.56 -18.99
CA ASP D 151 -0.21 30.16 -18.48
C ASP D 151 -1.20 30.07 -17.29
N SER D 152 -1.56 31.17 -16.63
CA SER D 152 -2.32 31.13 -15.34
C SER D 152 -3.79 31.57 -15.51
N LEU D 153 -4.07 32.59 -16.34
CA LEU D 153 -5.36 33.31 -16.37
C LEU D 153 -6.01 33.27 -17.75
N VAL D 154 -5.26 33.13 -18.83
CA VAL D 154 -5.90 33.06 -20.16
C VAL D 154 -6.73 31.77 -20.19
N GLY D 155 -8.00 31.91 -20.56
CA GLY D 155 -8.86 30.76 -20.88
C GLY D 155 -9.89 30.47 -19.83
N TYR D 156 -9.90 31.17 -18.72
CA TYR D 156 -11.01 31.08 -17.75
C TYR D 156 -12.24 31.86 -18.24
N THR D 157 -12.04 32.98 -18.94
CA THR D 157 -13.11 33.87 -19.40
C THR D 157 -12.88 34.19 -20.86
N HIS D 158 -13.92 34.53 -21.62
CA HIS D 158 -13.78 34.87 -23.06
C HIS D 158 -12.87 36.07 -23.18
N HIS D 159 -13.08 37.06 -22.33
CA HIS D 159 -12.36 38.35 -22.40
C HIS D 159 -10.87 38.07 -22.34
N SER D 160 -10.46 37.10 -21.51
CA SER D 160 -9.06 36.69 -21.32
C SER D 160 -8.37 36.45 -22.67
N PHE D 161 -9.07 35.93 -23.67
CA PHE D 161 -8.46 35.68 -24.99
C PHE D 161 -8.15 36.99 -25.73
N GLU D 162 -9.05 37.96 -25.72
CA GLU D 162 -8.83 39.32 -26.30
C GLU D 162 -7.52 39.90 -25.70
N VAL D 163 -7.44 39.91 -24.37
CA VAL D 163 -6.29 40.45 -23.59
C VAL D 163 -5.02 39.67 -24.01
N SER D 164 -5.11 38.36 -24.16
CA SER D 164 -3.98 37.52 -24.56
C SER D 164 -3.52 37.90 -25.96
N GLU D 165 -4.44 38.34 -26.82
CA GLU D 165 -4.07 38.69 -28.23
C GLU D 165 -3.11 39.88 -28.23
N THR D 166 -3.43 40.91 -27.43
CA THR D 166 -2.60 42.11 -27.18
C THR D 166 -1.27 41.70 -26.55
N THR D 167 -1.29 40.92 -25.46
CA THR D 167 -0.02 40.55 -24.76
C THR D 167 0.87 39.72 -25.67
N ASP D 168 0.31 39.02 -26.68
CA ASP D 168 1.06 38.16 -27.64
C ASP D 168 1.84 39.06 -28.60
N GLU D 169 1.21 40.12 -29.14
CA GLU D 169 1.89 41.17 -29.96
C GLU D 169 3.04 41.81 -29.15
N LEU D 170 2.79 42.28 -27.93
CA LEU D 170 3.86 42.82 -27.04
C LEU D 170 4.98 41.77 -26.94
N PHE D 171 4.68 40.53 -26.63
CA PHE D 171 5.70 39.46 -26.48
C PHE D 171 6.58 39.35 -27.72
N GLU D 172 5.98 39.38 -28.91
CA GLU D 172 6.73 39.16 -30.18
C GLU D 172 7.59 40.40 -30.45
N LYS D 173 7.08 41.60 -30.24
CA LYS D 173 7.84 42.89 -30.41
C LYS D 173 9.07 42.92 -29.50
N LEU D 174 8.91 42.46 -28.27
CA LEU D 174 9.93 42.49 -27.20
C LEU D 174 10.90 41.33 -27.40
N ALA D 175 10.47 40.20 -27.95
CA ALA D 175 11.34 39.02 -28.14
C ALA D 175 12.32 39.28 -29.30
N ASN D 176 11.90 40.09 -30.29
CA ASN D 176 12.76 40.61 -31.40
C ASN D 176 12.75 42.14 -31.41
N SER E 1 18.54 -37.78 -46.26
CA SER E 1 17.95 -36.46 -45.83
C SER E 1 18.83 -35.76 -44.77
N LEU E 2 19.81 -36.47 -44.20
CA LEU E 2 20.68 -36.00 -43.09
C LEU E 2 21.97 -35.45 -43.69
N LYS E 3 22.46 -34.35 -43.12
CA LYS E 3 23.41 -33.43 -43.78
C LYS E 3 24.59 -33.06 -42.88
N SER E 4 24.58 -33.36 -41.58
CA SER E 4 25.69 -32.96 -40.66
C SER E 4 25.68 -33.91 -39.47
N THR E 5 26.68 -33.88 -38.60
CA THR E 5 26.70 -34.85 -37.47
C THR E 5 25.66 -34.35 -36.44
N ASP E 6 25.39 -33.04 -36.37
CA ASP E 6 24.36 -32.50 -35.43
C ASP E 6 23.01 -33.10 -35.84
N ASP E 7 22.68 -33.12 -37.13
CA ASP E 7 21.40 -33.66 -37.67
C ASP E 7 21.34 -35.17 -37.39
N LEU E 8 22.39 -35.92 -37.66
CA LEU E 8 22.39 -37.37 -37.37
C LEU E 8 22.18 -37.63 -35.87
N ASN E 9 22.66 -36.76 -34.97
CA ASN E 9 22.54 -36.99 -33.51
C ASN E 9 21.14 -36.62 -33.03
N LYS E 10 20.45 -35.74 -33.75
CA LYS E 10 19.07 -35.34 -33.47
C LYS E 10 18.19 -36.54 -33.81
N CYS E 11 18.37 -37.04 -35.03
CA CYS E 11 17.62 -38.19 -35.59
C CYS E 11 17.80 -39.43 -34.69
N ILE E 12 19.00 -39.68 -34.20
CA ILE E 12 19.25 -40.82 -33.28
C ILE E 12 18.49 -40.57 -31.99
N ASP E 13 18.43 -39.32 -31.49
CA ASP E 13 17.79 -39.05 -30.17
C ASP E 13 16.30 -39.30 -30.33
N HIS E 14 15.77 -38.86 -31.45
CA HIS E 14 14.35 -39.00 -31.80
C HIS E 14 13.99 -40.49 -31.80
N ILE E 15 14.71 -41.28 -32.59
CA ILE E 15 14.41 -42.72 -32.75
C ILE E 15 14.68 -43.43 -31.43
N SER E 16 15.66 -43.00 -30.68
CA SER E 16 15.88 -43.55 -29.33
C SER E 16 14.61 -43.36 -28.49
N VAL E 17 13.94 -42.20 -28.58
CA VAL E 17 12.72 -41.91 -27.80
C VAL E 17 11.63 -42.93 -28.16
N LEU E 18 11.30 -42.99 -29.46
CA LEU E 18 10.30 -43.95 -30.01
C LEU E 18 10.61 -45.39 -29.56
N ILE E 19 11.87 -45.82 -29.51
CA ILE E 19 12.23 -47.24 -29.14
C ILE E 19 11.91 -47.47 -27.67
N LYS E 20 12.28 -46.55 -26.80
CA LYS E 20 11.91 -46.64 -25.38
C LYS E 20 10.40 -46.59 -25.23
N ASP E 21 9.66 -45.91 -26.11
CA ASP E 21 8.18 -45.77 -26.06
C ASP E 21 7.53 -47.10 -26.48
N ALA E 22 8.00 -47.70 -27.58
CA ALA E 22 7.55 -49.02 -28.07
C ALA E 22 7.84 -50.09 -27.04
N TYR E 23 8.98 -50.03 -26.37
CA TYR E 23 9.35 -51.06 -25.37
C TYR E 23 8.45 -50.89 -24.15
N LEU E 24 8.39 -49.70 -23.59
CA LEU E 24 7.43 -49.34 -22.51
C LEU E 24 6.05 -49.94 -22.86
N LEU E 25 5.48 -49.59 -24.01
CA LEU E 25 4.13 -50.05 -24.38
C LEU E 25 4.12 -51.57 -24.39
N TYR E 26 5.10 -52.18 -25.01
CA TYR E 26 5.17 -53.66 -25.17
C TYR E 26 5.17 -54.36 -23.81
N THR E 27 5.84 -53.79 -22.83
CA THR E 27 5.91 -54.44 -21.51
C THR E 27 4.72 -54.05 -20.63
N ASN E 28 3.79 -53.21 -21.09
CA ASN E 28 2.54 -52.94 -20.35
C ASN E 28 1.40 -53.62 -21.12
N GLU E 29 1.77 -54.51 -22.04
CA GLU E 29 0.86 -55.37 -22.84
C GLU E 29 -0.03 -54.59 -23.82
N SER E 30 0.33 -53.38 -24.25
CA SER E 30 -0.28 -52.72 -25.44
C SER E 30 0.52 -53.14 -26.68
N PHE E 31 0.33 -54.37 -27.11
CA PHE E 31 1.09 -54.95 -28.23
C PHE E 31 0.74 -54.17 -29.50
N ALA E 32 -0.53 -53.84 -29.66
CA ALA E 32 -1.03 -53.22 -30.90
C ALA E 32 -0.37 -51.87 -31.04
N THR E 33 -0.43 -51.05 -29.97
CA THR E 33 0.14 -49.67 -30.00
C THR E 33 1.65 -49.79 -30.23
N SER E 34 2.31 -50.67 -29.48
CA SER E 34 3.76 -50.95 -29.55
C SER E 34 4.13 -51.19 -31.00
N THR E 35 3.34 -52.03 -31.66
CA THR E 35 3.57 -52.37 -33.09
C THR E 35 3.47 -51.12 -33.98
N PHE E 36 2.55 -50.22 -33.64
CA PHE E 36 2.35 -48.97 -34.42
C PHE E 36 3.69 -48.20 -34.37
N ILE E 37 4.29 -48.13 -33.20
CA ILE E 37 5.51 -47.31 -33.04
C ILE E 37 6.67 -48.06 -33.71
N SER E 38 6.76 -49.36 -33.52
CA SER E 38 7.80 -50.21 -34.16
C SER E 38 7.85 -49.99 -35.66
N ILE E 39 6.71 -50.09 -36.35
CA ILE E 39 6.63 -49.84 -37.81
C ILE E 39 6.93 -48.37 -38.15
N THR E 40 6.62 -47.44 -37.25
CA THR E 40 6.96 -46.02 -37.50
C THR E 40 8.48 -45.88 -37.53
N ILE E 41 9.17 -46.48 -36.56
CA ILE E 41 10.64 -46.45 -36.41
C ILE E 41 11.24 -46.92 -37.73
N ILE E 42 10.70 -48.01 -38.31
CA ILE E 42 11.21 -48.61 -39.57
C ILE E 42 11.04 -47.61 -40.70
N GLU E 43 9.94 -46.83 -40.75
CA GLU E 43 9.76 -45.76 -41.77
C GLU E 43 10.87 -44.73 -41.58
N GLU E 44 11.06 -44.21 -40.36
CA GLU E 44 11.99 -43.07 -40.08
C GLU E 44 13.42 -43.49 -40.48
N VAL E 45 13.86 -44.68 -40.09
CA VAL E 45 15.17 -45.23 -40.51
C VAL E 45 15.22 -45.31 -42.05
N GLY E 46 14.19 -45.88 -42.67
CA GLY E 46 14.01 -45.92 -44.13
C GLY E 46 14.07 -44.54 -44.79
N LYS E 47 13.42 -43.55 -44.23
CA LYS E 47 13.44 -42.17 -44.80
C LYS E 47 14.91 -41.71 -45.05
N THR E 48 15.87 -42.07 -44.20
CA THR E 48 17.26 -41.55 -44.24
C THR E 48 17.91 -42.04 -45.54
N HIS E 49 17.39 -43.14 -46.08
CA HIS E 49 17.96 -43.85 -47.26
C HIS E 49 17.32 -43.42 -48.60
N ILE E 50 16.27 -42.62 -48.60
CA ILE E 50 15.46 -42.42 -49.84
C ILE E 50 16.25 -41.75 -50.96
N GLY E 51 16.97 -40.66 -50.72
CA GLY E 51 17.63 -39.87 -51.78
C GLY E 51 18.75 -40.62 -52.50
N MET E 52 19.25 -41.67 -51.84
CA MET E 52 20.36 -42.58 -52.25
C MET E 52 19.82 -43.67 -53.17
N PHE E 53 18.67 -44.25 -52.77
CA PHE E 53 17.86 -45.24 -53.53
C PHE E 53 17.38 -44.61 -54.85
N ILE E 54 17.13 -43.29 -54.85
CA ILE E 54 16.63 -42.44 -55.97
C ILE E 54 17.76 -42.00 -56.91
N SER E 55 19.02 -42.32 -56.61
CA SER E 55 20.23 -41.94 -57.39
C SER E 55 20.92 -43.21 -57.93
N GLU E 56 20.14 -44.28 -58.22
CA GLU E 56 20.65 -45.60 -58.68
C GLU E 56 20.39 -45.74 -60.19
N SER E 72 4.88 -42.89 -48.64
CA SER E 72 5.62 -43.57 -47.54
C SER E 72 5.99 -45.02 -47.91
N LYS E 73 6.07 -45.31 -49.20
CA LYS E 73 6.29 -46.67 -49.77
C LYS E 73 7.80 -46.81 -50.08
N HIS E 74 8.44 -45.79 -50.66
CA HIS E 74 9.88 -45.83 -50.99
C HIS E 74 10.77 -45.99 -49.76
N ALA E 75 10.35 -45.45 -48.62
CA ALA E 75 11.06 -45.55 -47.35
C ALA E 75 11.20 -47.01 -46.90
N PHE E 76 10.16 -47.81 -47.09
CA PHE E 76 10.18 -49.27 -46.82
C PHE E 76 11.06 -49.99 -47.84
N GLY E 77 11.10 -49.53 -49.07
CA GLY E 77 11.85 -50.24 -50.14
C GLY E 77 13.36 -50.02 -50.04
N SER E 78 13.84 -49.15 -49.15
CA SER E 78 15.27 -48.73 -49.12
C SER E 78 15.96 -49.18 -47.83
N LEU E 79 15.30 -50.05 -47.07
CA LEU E 79 15.88 -50.66 -45.85
C LEU E 79 17.01 -51.56 -46.29
N PRO E 80 18.23 -51.42 -45.72
CA PRO E 80 19.33 -52.34 -46.02
C PRO E 80 19.00 -53.78 -45.56
N THR E 81 19.37 -54.76 -46.39
CA THR E 81 19.33 -56.20 -46.03
C THR E 81 20.07 -56.45 -44.70
N ILE E 82 19.46 -57.22 -43.83
CA ILE E 82 20.08 -57.67 -42.55
C ILE E 82 21.03 -58.82 -42.88
N LYS E 83 22.25 -58.75 -42.35
CA LYS E 83 23.26 -59.81 -42.56
C LYS E 83 22.87 -61.01 -41.72
N MET E 84 23.12 -62.20 -42.26
CA MET E 84 23.06 -63.51 -41.55
C MET E 84 24.04 -63.55 -40.37
N GLY E 85 23.77 -64.43 -39.39
CA GLY E 85 24.60 -64.67 -38.19
C GLY E 85 24.59 -63.55 -37.15
N GLY E 86 23.77 -62.51 -37.29
CA GLY E 86 23.67 -61.42 -36.31
C GLY E 86 22.80 -61.79 -35.11
N ARG E 87 22.66 -60.87 -34.15
CA ARG E 87 21.83 -61.09 -32.94
C ARG E 87 20.35 -61.19 -33.34
N LEU E 88 19.94 -60.60 -34.47
CA LEU E 88 18.52 -60.65 -34.92
C LEU E 88 18.17 -62.06 -35.37
N ASN E 89 19.04 -62.66 -36.18
CA ASN E 89 18.80 -64.00 -36.79
C ASN E 89 18.65 -64.99 -35.63
N LYS E 90 19.44 -64.85 -34.56
CA LYS E 90 19.36 -65.73 -33.37
C LYS E 90 18.03 -65.48 -32.65
N ALA E 91 17.52 -64.25 -32.61
CA ALA E 91 16.39 -63.86 -31.73
C ALA E 91 15.02 -64.21 -32.33
N ILE E 92 14.86 -64.15 -33.65
CA ILE E 92 13.54 -64.40 -34.32
C ILE E 92 13.68 -65.44 -35.45
N GLY E 93 14.90 -65.76 -35.90
CA GLY E 93 15.12 -66.74 -36.98
C GLY E 93 15.08 -66.10 -38.36
N ASP E 94 15.57 -66.82 -39.37
CA ASP E 94 15.71 -66.31 -40.76
C ASP E 94 14.32 -66.15 -41.39
N GLU E 95 13.36 -67.06 -41.11
CA GLU E 95 12.03 -67.08 -41.79
C GLU E 95 11.21 -65.83 -41.41
N MET E 96 11.21 -65.41 -40.14
CA MET E 96 10.48 -64.20 -39.66
C MET E 96 11.09 -62.96 -40.32
N ILE E 97 12.42 -62.87 -40.41
CA ILE E 97 13.05 -61.72 -41.10
C ILE E 97 12.58 -61.69 -42.55
N ASP E 98 12.53 -62.82 -43.25
CA ASP E 98 12.13 -62.83 -44.69
C ASP E 98 10.64 -62.44 -44.77
N LYS E 99 9.82 -62.75 -43.76
CA LYS E 99 8.37 -62.37 -43.78
C LYS E 99 8.21 -60.86 -43.53
N ILE E 100 8.97 -60.30 -42.59
CA ILE E 100 8.86 -58.86 -42.30
C ILE E 100 9.36 -58.08 -43.52
N VAL E 101 10.40 -58.56 -44.19
CA VAL E 101 11.02 -57.85 -45.35
C VAL E 101 10.04 -57.98 -46.51
N GLU E 102 9.47 -59.16 -46.76
CA GLU E 102 8.57 -59.28 -47.93
C GLU E 102 7.31 -58.47 -47.66
N ASP E 103 6.88 -58.36 -46.40
CA ASP E 103 5.74 -57.51 -45.97
C ASP E 103 6.10 -56.05 -46.19
N ALA E 104 7.35 -55.65 -45.99
CA ALA E 104 7.81 -54.26 -46.19
C ALA E 104 7.72 -53.90 -47.68
N GLU E 105 8.00 -54.87 -48.54
CA GLU E 105 8.14 -54.60 -49.99
C GLU E 105 6.82 -54.78 -50.72
N THR E 106 5.80 -55.45 -50.15
CA THR E 106 4.45 -55.58 -50.77
C THR E 106 3.41 -54.71 -50.05
N GLY E 107 3.86 -53.79 -49.19
CA GLY E 107 3.04 -52.84 -48.42
C GLY E 107 2.04 -53.55 -47.49
N GLU E 108 2.33 -54.78 -47.07
CA GLU E 108 1.55 -55.45 -46.00
C GLU E 108 1.88 -54.76 -44.66
N LEU E 109 3.08 -54.20 -44.54
CA LEU E 109 3.50 -53.49 -43.30
C LEU E 109 2.57 -52.28 -43.07
N ILE E 110 2.35 -51.48 -44.11
CA ILE E 110 1.48 -50.28 -44.05
C ILE E 110 0.09 -50.71 -43.57
N SER E 111 -0.46 -51.81 -44.08
CA SER E 111 -1.73 -52.39 -43.58
C SER E 111 -1.59 -52.73 -42.08
N ILE E 112 -0.58 -53.50 -41.71
CA ILE E 112 -0.47 -53.97 -40.31
C ILE E 112 -0.44 -52.74 -39.41
N ARG E 113 0.23 -51.66 -39.87
CA ARG E 113 0.36 -50.39 -39.10
C ARG E 113 -1.02 -49.79 -38.92
N GLU E 114 -1.82 -49.75 -39.99
CA GLU E 114 -3.20 -49.22 -39.93
C GLU E 114 -3.98 -50.06 -38.93
N SER E 115 -3.93 -51.38 -39.04
CA SER E 115 -4.81 -52.28 -38.27
C SER E 115 -4.42 -52.31 -36.80
N SER E 116 -3.23 -51.81 -36.45
CA SER E 116 -2.69 -51.82 -35.08
C SER E 116 -3.14 -50.58 -34.29
N LEU E 117 -3.79 -49.57 -34.91
CA LEU E 117 -4.16 -48.31 -34.17
C LEU E 117 -5.62 -47.91 -34.39
N TYR E 118 -6.15 -48.20 -35.58
CA TYR E 118 -7.52 -47.84 -36.01
C TYR E 118 -8.34 -49.13 -36.11
N ALA E 119 -9.47 -49.19 -35.40
CA ALA E 119 -10.61 -50.08 -35.67
C ALA E 119 -11.06 -49.90 -37.13
N ASP E 120 -11.55 -50.97 -37.74
CA ASP E 120 -12.00 -50.99 -39.15
C ASP E 120 -13.19 -51.96 -39.30
N ILE E 121 -13.99 -51.77 -40.36
CA ILE E 121 -15.03 -52.73 -40.82
C ILE E 121 -14.55 -53.40 -42.12
N ILE E 122 -14.01 -54.60 -41.97
CA ILE E 122 -13.39 -55.41 -43.06
C ILE E 122 -14.32 -56.60 -43.34
N ASP E 123 -14.78 -56.69 -44.60
CA ASP E 123 -16.02 -57.39 -45.02
C ASP E 123 -17.19 -56.57 -44.45
N ASP E 124 -17.86 -57.07 -43.41
CA ASP E 124 -18.88 -56.29 -42.65
C ASP E 124 -18.82 -56.62 -41.15
N ILE E 125 -17.70 -57.18 -40.68
CA ILE E 125 -17.35 -57.42 -39.24
C ILE E 125 -16.48 -56.24 -38.76
N LEU E 126 -16.64 -55.84 -37.50
CA LEU E 126 -15.75 -54.84 -36.84
C LEU E 126 -14.48 -55.57 -36.39
N GLU E 127 -13.32 -55.00 -36.75
CA GLU E 127 -11.98 -55.51 -36.36
C GLU E 127 -11.30 -54.48 -35.47
N VAL E 128 -10.74 -54.94 -34.36
CA VAL E 128 -10.14 -54.03 -33.35
C VAL E 128 -8.65 -54.34 -33.26
N PRO E 129 -7.77 -53.34 -33.12
CA PRO E 129 -6.34 -53.61 -33.07
C PRO E 129 -5.97 -54.71 -32.08
N SER E 130 -6.54 -54.65 -30.88
CA SER E 130 -6.31 -55.58 -29.73
C SER E 130 -6.31 -57.04 -30.19
N GLU E 131 -7.14 -57.45 -31.13
CA GLU E 131 -7.25 -58.88 -31.54
C GLU E 131 -6.66 -59.13 -32.94
N LYS E 132 -5.95 -58.20 -33.55
CA LYS E 132 -5.24 -58.41 -34.84
C LYS E 132 -3.71 -58.45 -34.66
N ILE E 133 -3.21 -57.98 -33.53
CA ILE E 133 -1.75 -57.89 -33.28
C ILE E 133 -1.40 -58.74 -32.05
N SER E 134 -0.57 -59.77 -32.24
CA SER E 134 -0.19 -60.76 -31.20
C SER E 134 1.10 -60.30 -30.54
N LYS E 135 1.35 -60.75 -29.33
CA LYS E 135 2.60 -60.47 -28.60
C LYS E 135 3.78 -60.82 -29.51
N GLU E 136 3.73 -61.97 -30.19
CA GLU E 136 4.90 -62.53 -30.90
C GLU E 136 5.27 -61.65 -32.08
N GLN E 137 4.28 -61.04 -32.71
CA GLN E 137 4.51 -60.19 -33.92
C GLN E 137 4.93 -58.80 -33.44
N SER E 138 4.47 -58.39 -32.26
CA SER E 138 4.86 -57.14 -31.59
C SER E 138 6.35 -57.17 -31.27
N ARG E 139 6.84 -58.24 -30.66
CA ARG E 139 8.26 -58.44 -30.23
C ARG E 139 9.11 -58.48 -31.49
N ALA E 140 8.70 -59.31 -32.44
CA ALA E 140 9.41 -59.45 -33.74
C ALA E 140 9.64 -58.08 -34.33
N LEU E 141 8.59 -57.33 -34.56
CA LEU E 141 8.68 -56.03 -35.26
C LEU E 141 9.49 -55.03 -34.44
N LEU E 142 9.49 -55.09 -33.09
CA LEU E 142 10.31 -54.19 -32.24
C LEU E 142 11.78 -54.56 -32.41
N LEU E 143 12.13 -55.85 -32.32
CA LEU E 143 13.54 -56.32 -32.50
C LEU E 143 14.08 -55.95 -33.87
N TYR E 144 13.29 -56.12 -34.93
CA TYR E 144 13.71 -55.75 -36.30
C TYR E 144 13.98 -54.24 -36.40
N ALA E 145 13.15 -53.45 -35.72
CA ALA E 145 13.18 -51.97 -35.72
C ALA E 145 14.45 -51.49 -35.01
N ILE E 146 14.79 -52.11 -33.89
CA ILE E 146 16.03 -51.83 -33.14
C ILE E 146 17.20 -52.23 -34.02
N GLU E 147 17.12 -53.38 -34.66
CA GLU E 147 18.29 -53.92 -35.39
C GLU E 147 18.54 -53.09 -36.63
N CYS E 148 17.52 -52.58 -37.32
CA CYS E 148 17.80 -51.81 -38.57
C CYS E 148 18.08 -50.32 -38.25
N PHE E 149 17.67 -49.81 -37.07
CA PHE E 149 18.22 -48.57 -36.45
C PHE E 149 19.70 -48.72 -36.12
N ASP E 150 20.11 -49.80 -35.44
CA ASP E 150 21.52 -49.96 -35.00
C ASP E 150 22.39 -49.97 -36.27
N ASP E 151 22.00 -50.78 -37.24
CA ASP E 151 22.72 -51.06 -38.51
C ASP E 151 22.82 -49.77 -39.33
N SER E 152 21.84 -48.87 -39.27
CA SER E 152 21.75 -47.73 -40.23
C SER E 152 22.36 -46.44 -39.67
N LEU E 153 22.30 -46.21 -38.34
CA LEU E 153 22.57 -44.86 -37.75
C LEU E 153 23.54 -44.90 -36.57
N VAL E 154 23.71 -46.04 -35.92
CA VAL E 154 24.66 -46.12 -34.78
C VAL E 154 26.05 -46.44 -35.28
N GLY E 155 27.06 -45.81 -34.68
CA GLY E 155 28.48 -46.11 -34.86
C GLY E 155 29.20 -45.10 -35.72
N TYR E 156 28.58 -43.99 -36.11
CA TYR E 156 29.25 -42.93 -36.93
C TYR E 156 29.56 -41.69 -36.06
N THR E 157 29.04 -41.64 -34.82
CA THR E 157 29.26 -40.54 -33.86
C THR E 157 29.54 -41.12 -32.47
N HIS E 158 30.26 -40.36 -31.65
CA HIS E 158 30.52 -40.67 -30.23
C HIS E 158 29.18 -40.76 -29.53
N HIS E 159 28.27 -39.83 -29.82
CA HIS E 159 26.99 -39.73 -29.09
C HIS E 159 26.28 -41.07 -29.26
N SER E 160 26.34 -41.59 -30.48
CA SER E 160 25.61 -42.80 -30.89
C SER E 160 25.96 -43.99 -30.00
N PHE E 161 27.07 -43.95 -29.28
CA PHE E 161 27.46 -45.12 -28.43
C PHE E 161 26.81 -45.02 -27.07
N GLU E 162 26.66 -43.82 -26.50
CA GLU E 162 25.85 -43.61 -25.27
C GLU E 162 24.47 -44.25 -25.51
N VAL E 163 23.82 -43.83 -26.59
CA VAL E 163 22.43 -44.20 -26.98
C VAL E 163 22.34 -45.70 -27.24
N SER E 164 23.21 -46.26 -28.06
CA SER E 164 23.19 -47.70 -28.38
C SER E 164 23.49 -48.58 -27.15
N GLU E 165 24.13 -48.08 -26.08
CA GLU E 165 24.37 -48.87 -24.82
C GLU E 165 23.02 -49.27 -24.26
N THR E 166 22.10 -48.31 -24.13
CA THR E 166 20.74 -48.49 -23.57
C THR E 166 19.91 -49.36 -24.52
N THR E 167 19.96 -49.05 -25.82
CA THR E 167 19.30 -49.80 -26.94
C THR E 167 19.74 -51.28 -26.95
N ASP E 168 21.00 -51.56 -26.64
CA ASP E 168 21.51 -52.96 -26.59
C ASP E 168 20.88 -53.69 -25.39
N GLU E 169 20.75 -53.08 -24.22
CA GLU E 169 20.09 -53.73 -23.06
C GLU E 169 18.62 -54.07 -23.37
N LEU E 170 17.88 -53.13 -23.99
CA LEU E 170 16.49 -53.38 -24.38
C LEU E 170 16.55 -54.62 -25.26
N PHE E 171 17.37 -54.58 -26.31
CA PHE E 171 17.32 -55.64 -27.34
C PHE E 171 17.49 -57.00 -26.65
N GLU E 172 18.53 -57.14 -25.84
CA GLU E 172 18.82 -58.43 -25.15
C GLU E 172 17.61 -58.77 -24.26
N LYS E 173 17.12 -57.86 -23.38
CA LYS E 173 15.94 -58.13 -22.51
C LYS E 173 14.80 -58.72 -23.36
N LEU E 174 14.59 -58.16 -24.55
CA LEU E 174 13.43 -58.47 -25.41
C LEU E 174 13.62 -59.84 -26.03
N ALA E 175 14.85 -60.33 -26.20
CA ALA E 175 15.11 -61.75 -26.57
C ALA E 175 15.34 -62.60 -25.30
N ASN E 176 16.54 -62.52 -24.70
CA ASN E 176 16.89 -63.23 -23.44
C ASN E 176 16.94 -62.24 -22.28
N LYS F 3 -24.54 -57.98 -30.26
CA LYS F 3 -25.56 -57.23 -31.06
C LYS F 3 -24.87 -56.02 -31.72
N SER F 4 -25.58 -54.94 -31.98
CA SER F 4 -24.97 -53.65 -32.41
C SER F 4 -24.28 -52.98 -31.22
N THR F 5 -24.69 -53.33 -30.00
CA THR F 5 -24.13 -52.78 -28.75
C THR F 5 -22.85 -53.54 -28.39
N ASP F 6 -22.58 -54.69 -28.99
CA ASP F 6 -21.33 -55.43 -28.72
C ASP F 6 -20.19 -54.84 -29.55
N ASP F 7 -20.51 -54.26 -30.71
CA ASP F 7 -19.53 -53.51 -31.56
C ASP F 7 -19.18 -52.18 -30.91
N LEU F 8 -20.19 -51.46 -30.46
CA LEU F 8 -19.98 -50.20 -29.71
C LEU F 8 -19.14 -50.51 -28.48
N ASN F 9 -19.32 -51.67 -27.87
CA ASN F 9 -18.55 -52.00 -26.63
C ASN F 9 -17.08 -52.23 -26.99
N LYS F 10 -16.81 -52.91 -28.09
CA LYS F 10 -15.44 -53.17 -28.61
C LYS F 10 -14.75 -51.88 -29.03
N CYS F 11 -15.47 -50.93 -29.63
CA CYS F 11 -14.94 -49.57 -29.94
C CYS F 11 -14.61 -48.75 -28.69
N ILE F 12 -15.44 -48.84 -27.66
CA ILE F 12 -15.20 -48.15 -26.38
C ILE F 12 -13.98 -48.79 -25.70
N ASP F 13 -13.80 -50.10 -25.82
CA ASP F 13 -12.65 -50.81 -25.17
C ASP F 13 -11.35 -50.44 -25.88
N HIS F 14 -11.40 -50.24 -27.18
CA HIS F 14 -10.25 -49.82 -28.00
C HIS F 14 -9.79 -48.42 -27.52
N ILE F 15 -10.73 -47.50 -27.36
CA ILE F 15 -10.44 -46.07 -27.02
C ILE F 15 -9.94 -46.01 -25.58
N SER F 16 -10.51 -46.84 -24.73
CA SER F 16 -10.00 -47.01 -23.35
C SER F 16 -8.52 -47.44 -23.41
N VAL F 17 -8.16 -48.39 -24.27
CA VAL F 17 -6.75 -48.85 -24.44
C VAL F 17 -5.86 -47.65 -24.83
N LEU F 18 -6.21 -46.92 -25.91
CA LEU F 18 -5.44 -45.74 -26.38
C LEU F 18 -5.28 -44.71 -25.26
N ILE F 19 -6.31 -44.48 -24.46
CA ILE F 19 -6.23 -43.45 -23.38
C ILE F 19 -5.20 -43.96 -22.37
N LYS F 20 -5.23 -45.23 -22.01
CA LYS F 20 -4.31 -45.78 -20.99
C LYS F 20 -2.88 -45.80 -21.53
N ASP F 21 -2.68 -45.70 -22.86
CA ASP F 21 -1.36 -45.65 -23.56
C ASP F 21 -0.84 -44.21 -23.64
N ALA F 22 -1.68 -43.27 -24.01
CA ALA F 22 -1.34 -41.83 -23.91
C ALA F 22 -0.97 -41.51 -22.47
N TYR F 23 -1.68 -42.05 -21.48
CA TYR F 23 -1.45 -41.66 -20.06
C TYR F 23 -0.09 -42.24 -19.65
N LEU F 24 0.14 -43.50 -20.01
CA LEU F 24 1.41 -44.25 -19.75
C LEU F 24 2.58 -43.47 -20.34
N LEU F 25 2.50 -43.13 -21.61
CA LEU F 25 3.52 -42.31 -22.29
C LEU F 25 3.68 -40.96 -21.59
N TYR F 26 2.60 -40.25 -21.26
CA TYR F 26 2.71 -38.92 -20.59
C TYR F 26 3.40 -39.05 -19.23
N THR F 27 3.07 -40.05 -18.42
CA THR F 27 3.74 -40.27 -17.11
C THR F 27 5.19 -40.72 -17.29
N ASN F 28 5.62 -41.30 -18.42
CA ASN F 28 7.06 -41.60 -18.67
C ASN F 28 7.72 -40.55 -19.56
N GLU F 29 7.15 -39.35 -19.61
CA GLU F 29 7.76 -38.11 -20.13
C GLU F 29 7.92 -38.11 -21.64
N SER F 30 7.28 -39.01 -22.38
CA SER F 30 7.20 -38.96 -23.87
C SER F 30 6.01 -38.09 -24.27
N PHE F 31 6.12 -36.76 -24.13
CA PHE F 31 5.02 -35.80 -24.36
C PHE F 31 4.59 -35.82 -25.83
N ALA F 32 5.53 -35.89 -26.75
CA ALA F 32 5.27 -35.81 -28.21
C ALA F 32 4.58 -37.08 -28.73
N THR F 33 4.91 -38.27 -28.20
CA THR F 33 4.26 -39.53 -28.61
C THR F 33 2.88 -39.63 -27.95
N SER F 34 2.77 -39.25 -26.69
CA SER F 34 1.49 -39.15 -25.96
C SER F 34 0.53 -38.31 -26.78
N THR F 35 0.98 -37.13 -27.20
CA THR F 35 0.11 -36.17 -27.95
C THR F 35 -0.40 -36.82 -29.24
N PHE F 36 0.43 -37.65 -29.87
CA PHE F 36 0.06 -38.33 -31.12
C PHE F 36 -1.21 -39.14 -30.82
N ILE F 37 -1.09 -40.01 -29.81
CA ILE F 37 -2.20 -40.89 -29.39
C ILE F 37 -3.42 -40.02 -29.06
N SER F 38 -3.21 -38.95 -28.27
CA SER F 38 -4.29 -38.08 -27.75
C SER F 38 -5.17 -37.63 -28.94
N ILE F 39 -4.58 -36.91 -29.88
CA ILE F 39 -5.28 -36.44 -31.11
C ILE F 39 -5.86 -37.65 -31.87
N THR F 40 -5.19 -38.81 -31.88
CA THR F 40 -5.76 -40.02 -32.52
C THR F 40 -7.07 -40.37 -31.79
N ILE F 41 -7.09 -40.39 -30.46
CA ILE F 41 -8.34 -40.62 -29.67
C ILE F 41 -9.43 -39.66 -30.12
N ILE F 42 -9.12 -38.40 -30.31
CA ILE F 42 -10.13 -37.37 -30.66
C ILE F 42 -10.70 -37.75 -32.03
N GLU F 43 -9.89 -38.22 -32.96
CA GLU F 43 -10.36 -38.67 -34.31
C GLU F 43 -11.22 -39.94 -34.24
N GLU F 44 -10.83 -40.92 -33.40
CA GLU F 44 -11.51 -42.22 -33.25
C GLU F 44 -12.81 -42.03 -32.46
N VAL F 45 -12.83 -41.13 -31.50
CA VAL F 45 -14.13 -40.85 -30.82
C VAL F 45 -15.12 -40.28 -31.87
N GLY F 46 -14.71 -39.28 -32.66
CA GLY F 46 -15.54 -38.66 -33.71
C GLY F 46 -15.97 -39.66 -34.75
N LYS F 47 -15.14 -40.62 -35.12
CA LYS F 47 -15.48 -41.66 -36.11
C LYS F 47 -16.43 -42.72 -35.51
N THR F 48 -16.27 -43.08 -34.25
CA THR F 48 -17.08 -44.13 -33.61
C THR F 48 -18.49 -43.66 -33.37
N HIS F 49 -18.63 -42.41 -32.96
CA HIS F 49 -19.91 -41.69 -32.69
C HIS F 49 -20.74 -41.61 -34.00
N ILE F 50 -20.21 -40.91 -34.99
CA ILE F 50 -20.86 -40.74 -36.33
C ILE F 50 -21.21 -42.11 -36.93
N GLY F 51 -20.39 -43.15 -36.69
CA GLY F 51 -20.68 -44.54 -37.10
C GLY F 51 -21.76 -45.20 -36.24
N MET F 52 -22.86 -44.47 -35.92
CA MET F 52 -24.09 -45.03 -35.27
C MET F 52 -25.35 -44.60 -36.06
N ALA F 75 -12.78 -33.13 -40.02
CA ALA F 75 -11.97 -34.32 -39.67
C ALA F 75 -12.20 -34.72 -38.18
N PHE F 76 -12.47 -33.74 -37.31
CA PHE F 76 -12.93 -33.96 -35.92
C PHE F 76 -14.42 -33.60 -35.85
N GLY F 77 -15.26 -34.63 -35.72
CA GLY F 77 -16.70 -34.50 -35.98
C GLY F 77 -17.53 -34.64 -34.72
N SER F 78 -16.88 -34.60 -33.56
CA SER F 78 -17.57 -34.75 -32.25
C SER F 78 -17.44 -33.44 -31.49
N LEU F 79 -16.23 -33.17 -30.99
CA LEU F 79 -15.82 -32.02 -30.14
C LEU F 79 -16.85 -31.79 -29.03
N PRO F 80 -16.46 -31.89 -27.75
CA PRO F 80 -17.38 -31.65 -26.64
C PRO F 80 -17.90 -30.21 -26.61
N THR F 81 -19.23 -30.04 -26.50
CA THR F 81 -19.85 -28.80 -25.96
C THR F 81 -19.20 -28.55 -24.60
N ILE F 82 -18.72 -27.32 -24.38
CA ILE F 82 -17.88 -26.95 -23.20
C ILE F 82 -18.74 -26.17 -22.20
N LYS F 83 -18.99 -26.76 -21.03
CA LYS F 83 -19.81 -26.15 -19.96
C LYS F 83 -18.88 -25.42 -18.98
N MET F 84 -19.20 -24.15 -18.69
CA MET F 84 -18.46 -23.25 -17.78
C MET F 84 -18.34 -23.86 -16.38
N GLY F 85 -17.15 -23.69 -15.78
CA GLY F 85 -16.89 -24.05 -14.38
C GLY F 85 -16.64 -25.52 -14.19
N GLY F 86 -16.70 -26.30 -15.28
CA GLY F 86 -16.63 -27.77 -15.26
C GLY F 86 -15.21 -28.30 -15.13
N ARG F 87 -15.14 -29.60 -14.92
CA ARG F 87 -13.92 -30.45 -14.87
C ARG F 87 -12.81 -29.92 -15.78
N LEU F 88 -13.12 -29.68 -17.06
CA LEU F 88 -12.09 -29.43 -18.09
C LEU F 88 -11.55 -28.01 -17.98
N ASN F 89 -12.45 -27.04 -17.78
CA ASN F 89 -12.10 -25.60 -17.61
C ASN F 89 -11.18 -25.45 -16.40
N LYS F 90 -11.49 -26.05 -15.26
CA LYS F 90 -10.59 -25.96 -14.07
C LYS F 90 -9.27 -26.67 -14.31
N ALA F 91 -9.12 -27.58 -15.26
CA ALA F 91 -7.88 -28.35 -15.38
C ALA F 91 -6.94 -27.69 -16.38
N ILE F 92 -7.45 -27.02 -17.41
CA ILE F 92 -6.58 -26.56 -18.52
C ILE F 92 -6.88 -25.11 -18.87
N GLY F 93 -8.00 -24.59 -18.39
CA GLY F 93 -8.42 -23.19 -18.63
C GLY F 93 -9.29 -23.03 -19.87
N ASP F 94 -10.19 -22.06 -19.82
CA ASP F 94 -11.01 -21.56 -20.95
C ASP F 94 -10.12 -21.24 -22.18
N GLU F 95 -8.94 -20.61 -22.00
CA GLU F 95 -8.12 -20.09 -23.14
C GLU F 95 -7.60 -21.24 -24.00
N MET F 96 -7.08 -22.29 -23.33
CA MET F 96 -6.52 -23.50 -23.94
C MET F 96 -7.64 -24.28 -24.64
N ILE F 97 -8.83 -24.40 -24.05
CA ILE F 97 -10.00 -25.03 -24.74
C ILE F 97 -10.27 -24.30 -26.06
N ASP F 98 -10.23 -22.97 -26.07
CA ASP F 98 -10.55 -22.16 -27.27
C ASP F 98 -9.43 -22.32 -28.30
N LYS F 99 -8.20 -22.57 -27.86
CA LYS F 99 -7.01 -22.82 -28.74
C LYS F 99 -7.10 -24.20 -29.39
N ILE F 100 -7.54 -25.21 -28.65
CA ILE F 100 -7.71 -26.61 -29.14
C ILE F 100 -8.90 -26.65 -30.10
N VAL F 101 -9.97 -25.92 -29.80
CA VAL F 101 -11.20 -25.96 -30.64
C VAL F 101 -10.90 -25.26 -31.97
N GLU F 102 -10.18 -24.12 -31.93
CA GLU F 102 -9.76 -23.34 -33.12
C GLU F 102 -8.80 -24.19 -33.96
N ASP F 103 -7.80 -24.83 -33.34
CA ASP F 103 -6.84 -25.78 -33.98
C ASP F 103 -7.58 -26.93 -34.68
N ALA F 104 -8.66 -27.47 -34.08
CA ALA F 104 -9.49 -28.57 -34.64
C ALA F 104 -10.24 -28.10 -35.90
N GLU F 105 -10.77 -26.86 -35.89
CA GLU F 105 -11.56 -26.29 -37.02
C GLU F 105 -10.60 -25.83 -38.15
N THR F 106 -9.42 -25.32 -37.79
CA THR F 106 -8.37 -24.89 -38.76
C THR F 106 -7.80 -26.10 -39.51
N GLY F 107 -7.81 -27.27 -38.87
CA GLY F 107 -6.99 -28.43 -39.27
C GLY F 107 -5.56 -28.29 -38.80
N GLU F 108 -5.28 -27.37 -37.87
CA GLU F 108 -3.93 -27.17 -37.29
C GLU F 108 -3.62 -28.38 -36.38
N LEU F 109 -4.66 -29.07 -35.87
CA LEU F 109 -4.53 -30.31 -35.04
C LEU F 109 -3.94 -31.45 -35.85
N ILE F 110 -4.25 -31.53 -37.13
CA ILE F 110 -3.67 -32.57 -38.01
C ILE F 110 -2.18 -32.30 -38.14
N SER F 111 -1.79 -31.03 -38.32
CA SER F 111 -0.37 -30.60 -38.45
C SER F 111 0.39 -30.91 -37.15
N ILE F 112 -0.18 -30.61 -36.00
CA ILE F 112 0.40 -30.91 -34.67
C ILE F 112 0.56 -32.41 -34.51
N ARG F 113 -0.39 -33.22 -34.94
CA ARG F 113 -0.25 -34.69 -34.94
C ARG F 113 0.99 -35.05 -35.77
N GLU F 114 1.06 -34.66 -37.04
CA GLU F 114 2.26 -34.91 -37.89
C GLU F 114 3.53 -34.53 -37.09
N SER F 115 3.61 -33.31 -36.58
CA SER F 115 4.86 -32.81 -35.97
C SER F 115 5.23 -33.67 -34.74
N SER F 116 4.28 -34.42 -34.18
CA SER F 116 4.40 -35.05 -32.82
C SER F 116 5.01 -36.44 -32.93
N LEU F 117 5.16 -36.94 -34.16
CA LEU F 117 5.66 -38.30 -34.36
C LEU F 117 6.78 -38.34 -35.40
N TYR F 118 6.68 -37.53 -36.47
CA TYR F 118 7.63 -37.55 -37.62
C TYR F 118 8.56 -36.34 -37.56
N ALA F 119 9.86 -36.59 -37.69
CA ALA F 119 10.86 -35.54 -37.98
C ALA F 119 10.45 -34.83 -39.28
N ASP F 120 10.72 -33.53 -39.41
CA ASP F 120 10.58 -32.83 -40.73
C ASP F 120 11.80 -31.94 -40.91
N ILE F 121 12.18 -31.75 -42.17
CA ILE F 121 13.12 -30.71 -42.65
C ILE F 121 12.24 -29.55 -43.09
N ILE F 122 12.30 -28.46 -42.35
CA ILE F 122 11.49 -27.23 -42.54
C ILE F 122 12.50 -26.12 -42.75
N ASP F 123 12.58 -25.59 -43.98
CA ASP F 123 13.54 -24.51 -44.35
C ASP F 123 14.94 -24.98 -43.90
N ASP F 124 15.36 -26.13 -44.44
CA ASP F 124 16.77 -26.60 -44.49
C ASP F 124 17.21 -27.15 -43.12
N ILE F 125 16.52 -26.82 -42.02
CA ILE F 125 16.89 -27.30 -40.65
C ILE F 125 15.99 -28.49 -40.22
N LEU F 126 16.60 -29.59 -39.75
CA LEU F 126 15.87 -30.78 -39.25
C LEU F 126 15.18 -30.46 -37.93
N GLU F 127 13.85 -30.64 -37.86
CA GLU F 127 13.02 -30.47 -36.64
C GLU F 127 12.50 -31.83 -36.18
N VAL F 128 12.42 -32.00 -34.90
CA VAL F 128 12.17 -33.30 -34.24
C VAL F 128 11.03 -33.12 -33.25
N PRO F 129 10.18 -34.13 -32.99
CA PRO F 129 9.00 -33.92 -32.15
C PRO F 129 9.30 -33.25 -30.80
N SER F 130 10.33 -33.69 -30.08
CA SER F 130 10.59 -33.20 -28.71
C SER F 130 10.73 -31.67 -28.68
N GLU F 131 10.87 -30.98 -29.82
CA GLU F 131 11.09 -29.51 -29.90
C GLU F 131 9.81 -28.77 -30.28
N LYS F 132 8.78 -29.49 -30.73
CA LYS F 132 7.49 -28.92 -31.20
C LYS F 132 6.38 -29.09 -30.13
N ILE F 133 6.52 -30.01 -29.19
CA ILE F 133 5.38 -30.37 -28.31
C ILE F 133 5.83 -30.19 -26.87
N SER F 134 5.08 -29.40 -26.10
CA SER F 134 5.36 -29.10 -24.67
C SER F 134 4.52 -29.98 -23.76
N LYS F 135 4.96 -30.17 -22.54
CA LYS F 135 4.23 -30.96 -21.55
C LYS F 135 2.86 -30.31 -21.41
N GLU F 136 2.80 -28.99 -21.38
CA GLU F 136 1.54 -28.24 -21.12
C GLU F 136 0.49 -28.71 -22.16
N GLN F 137 0.88 -28.74 -23.42
CA GLN F 137 0.07 -29.08 -24.60
C GLN F 137 -0.27 -30.58 -24.58
N SER F 138 0.67 -31.42 -24.17
CA SER F 138 0.45 -32.88 -24.04
C SER F 138 -0.69 -33.14 -23.03
N ARG F 139 -0.58 -32.56 -21.86
CA ARG F 139 -1.56 -32.70 -20.75
C ARG F 139 -2.93 -32.17 -21.23
N ALA F 140 -2.94 -30.99 -21.83
CA ALA F 140 -4.20 -30.40 -22.29
C ALA F 140 -4.88 -31.35 -23.25
N LEU F 141 -4.18 -31.79 -24.28
CA LEU F 141 -4.74 -32.63 -25.37
C LEU F 141 -5.23 -33.98 -24.81
N LEU F 142 -4.53 -34.57 -23.86
CA LEU F 142 -5.04 -35.83 -23.25
C LEU F 142 -6.32 -35.58 -22.42
N LEU F 143 -6.38 -34.53 -21.60
CA LEU F 143 -7.59 -34.21 -20.80
C LEU F 143 -8.72 -33.97 -21.81
N TYR F 144 -8.46 -33.22 -22.88
CA TYR F 144 -9.50 -32.82 -23.86
C TYR F 144 -10.03 -34.10 -24.49
N ALA F 145 -9.17 -35.07 -24.75
CA ALA F 145 -9.50 -36.35 -25.43
C ALA F 145 -10.33 -37.18 -24.46
N ILE F 146 -9.99 -37.19 -23.17
CA ILE F 146 -10.84 -37.92 -22.18
C ILE F 146 -12.22 -37.25 -22.09
N GLU F 147 -12.31 -35.93 -22.03
CA GLU F 147 -13.61 -35.24 -22.02
C GLU F 147 -14.38 -35.53 -23.32
N CYS F 148 -13.77 -35.49 -24.49
CA CYS F 148 -14.39 -35.91 -25.77
C CYS F 148 -15.09 -37.26 -25.63
N PHE F 149 -14.31 -38.21 -25.14
CA PHE F 149 -14.75 -39.61 -24.96
C PHE F 149 -15.99 -39.56 -24.06
N ASP F 150 -15.88 -38.94 -22.87
CA ASP F 150 -16.92 -38.90 -21.81
C ASP F 150 -18.18 -38.15 -22.29
N ASP F 151 -18.06 -37.22 -23.21
CA ASP F 151 -19.19 -36.41 -23.71
C ASP F 151 -19.93 -37.16 -24.83
N SER F 152 -19.25 -38.00 -25.62
CA SER F 152 -19.74 -38.58 -26.90
C SER F 152 -20.27 -40.03 -26.76
N LEU F 153 -19.62 -40.91 -25.98
CA LEU F 153 -19.92 -42.35 -25.97
C LEU F 153 -20.41 -42.84 -24.61
N VAL F 154 -20.04 -42.19 -23.49
CA VAL F 154 -20.56 -42.64 -22.17
C VAL F 154 -22.09 -42.53 -22.19
N GLY F 155 -22.79 -43.61 -21.88
CA GLY F 155 -24.23 -43.62 -21.57
C GLY F 155 -25.03 -44.22 -22.69
N TYR F 156 -24.37 -44.79 -23.69
CA TYR F 156 -25.05 -45.57 -24.74
C TYR F 156 -25.18 -47.00 -24.26
N THR F 157 -24.26 -47.50 -23.47
CA THR F 157 -24.28 -48.92 -23.06
C THR F 157 -23.99 -49.02 -21.57
N HIS F 158 -24.46 -50.05 -20.89
CA HIS F 158 -24.10 -50.28 -19.46
C HIS F 158 -22.57 -50.32 -19.26
N HIS F 159 -21.84 -50.91 -20.19
CA HIS F 159 -20.38 -51.10 -20.03
C HIS F 159 -19.68 -49.73 -20.07
N SER F 160 -20.16 -48.83 -20.91
CA SER F 160 -19.58 -47.48 -21.06
C SER F 160 -19.45 -46.79 -19.69
N PHE F 161 -20.31 -47.09 -18.70
CA PHE F 161 -20.22 -46.41 -17.39
C PHE F 161 -19.02 -46.94 -16.59
N GLU F 162 -18.75 -48.24 -16.69
CA GLU F 162 -17.58 -48.89 -16.06
C GLU F 162 -16.33 -48.18 -16.59
N VAL F 163 -16.19 -48.18 -17.90
CA VAL F 163 -14.99 -47.62 -18.57
C VAL F 163 -14.85 -46.15 -18.17
N SER F 164 -15.95 -45.40 -18.07
CA SER F 164 -15.86 -43.97 -17.69
C SER F 164 -15.40 -43.87 -16.23
N GLU F 165 -15.69 -44.84 -15.38
CA GLU F 165 -15.25 -44.81 -13.95
C GLU F 165 -13.73 -44.87 -13.88
N THR F 166 -13.11 -45.69 -14.75
CA THR F 166 -11.64 -45.82 -14.95
C THR F 166 -11.03 -44.53 -15.53
N THR F 167 -11.61 -44.02 -16.63
CA THR F 167 -11.08 -42.79 -17.28
C THR F 167 -11.27 -41.60 -16.36
N ASP F 168 -12.23 -41.62 -15.42
CA ASP F 168 -12.49 -40.52 -14.44
C ASP F 168 -11.30 -40.42 -13.47
N GLU F 169 -10.76 -41.57 -13.03
CA GLU F 169 -9.53 -41.67 -12.19
C GLU F 169 -8.34 -41.05 -12.95
N LEU F 170 -8.13 -41.45 -14.21
CA LEU F 170 -6.98 -40.98 -15.02
C LEU F 170 -7.10 -39.48 -15.15
N PHE F 171 -8.30 -38.97 -15.42
CA PHE F 171 -8.58 -37.51 -15.52
C PHE F 171 -8.20 -36.79 -14.22
N GLU F 172 -8.54 -37.36 -13.07
CA GLU F 172 -8.30 -36.66 -11.78
C GLU F 172 -6.79 -36.69 -11.48
N LYS F 173 -6.12 -37.83 -11.66
CA LYS F 173 -4.65 -38.02 -11.51
C LYS F 173 -3.84 -37.11 -12.44
N LEU F 174 -4.36 -36.83 -13.64
CA LEU F 174 -3.64 -36.03 -14.65
C LEU F 174 -3.95 -34.55 -14.45
N ALA F 175 -5.11 -34.18 -13.95
CA ALA F 175 -5.47 -32.75 -13.72
C ALA F 175 -4.67 -32.17 -12.54
N ASN F 176 -4.30 -32.97 -11.54
CA ASN F 176 -3.39 -32.58 -10.42
C ASN F 176 -1.98 -33.13 -10.69
N LEU G 2 1.81 22.33 -41.60
CA LEU G 2 2.78 22.65 -40.50
C LEU G 2 4.09 23.15 -41.11
N LYS G 3 4.49 24.35 -40.70
CA LYS G 3 5.57 25.11 -41.35
C LYS G 3 6.76 25.33 -40.38
N SER G 4 6.58 25.22 -39.07
CA SER G 4 7.66 25.55 -38.10
C SER G 4 7.58 24.59 -36.91
N THR G 5 8.64 24.49 -36.13
CA THR G 5 8.70 23.52 -35.02
C THR G 5 7.68 23.96 -33.96
N ASP G 6 7.36 25.27 -33.93
CA ASP G 6 6.33 25.87 -33.05
C ASP G 6 4.98 25.24 -33.38
N ASP G 7 4.62 25.22 -34.68
CA ASP G 7 3.33 24.70 -35.22
C ASP G 7 3.21 23.21 -34.91
N LEU G 8 4.26 22.45 -35.16
CA LEU G 8 4.27 20.99 -34.91
C LEU G 8 4.05 20.73 -33.42
N ASN G 9 4.52 21.60 -32.56
CA ASN G 9 4.38 21.37 -31.09
C ASN G 9 2.95 21.68 -30.63
N LYS G 10 2.33 22.69 -31.26
CA LYS G 10 0.94 23.10 -31.01
C LYS G 10 0.02 21.94 -31.41
N CYS G 11 0.21 21.42 -32.61
CA CYS G 11 -0.56 20.30 -33.21
C CYS G 11 -0.42 19.05 -32.32
N ILE G 12 0.80 18.72 -31.91
CA ILE G 12 1.05 17.59 -30.98
C ILE G 12 0.25 17.80 -29.70
N ASP G 13 0.22 19.02 -29.17
CA ASP G 13 -0.50 19.31 -27.90
C ASP G 13 -1.97 19.01 -28.12
N HIS G 14 -2.52 19.60 -29.19
CA HIS G 14 -3.94 19.47 -29.56
C HIS G 14 -4.35 17.99 -29.55
N ILE G 15 -3.63 17.19 -30.33
CA ILE G 15 -3.95 15.75 -30.50
C ILE G 15 -3.72 15.03 -29.15
N SER G 16 -2.70 15.42 -28.41
CA SER G 16 -2.49 14.86 -27.06
C SER G 16 -3.73 15.10 -26.21
N VAL G 17 -4.37 16.26 -26.32
CA VAL G 17 -5.63 16.58 -25.57
C VAL G 17 -6.71 15.57 -25.96
N LEU G 18 -7.04 15.47 -27.26
CA LEU G 18 -8.09 14.58 -27.85
C LEU G 18 -7.85 13.13 -27.42
N ILE G 19 -6.60 12.64 -27.38
CA ILE G 19 -6.26 11.22 -27.02
C ILE G 19 -6.54 11.01 -25.53
N LYS G 20 -6.25 12.00 -24.69
CA LYS G 20 -6.60 11.88 -23.26
C LYS G 20 -8.12 11.95 -23.10
N ASP G 21 -8.83 12.58 -24.04
CA ASP G 21 -10.31 12.74 -24.01
C ASP G 21 -10.99 11.44 -24.45
N ALA G 22 -10.48 10.79 -25.51
CA ALA G 22 -10.92 9.48 -26.02
C ALA G 22 -10.70 8.41 -24.96
N TYR G 23 -9.52 8.40 -24.35
CA TYR G 23 -9.18 7.39 -23.31
C TYR G 23 -10.13 7.57 -22.14
N LEU G 24 -10.18 8.79 -21.57
CA LEU G 24 -11.13 9.17 -20.50
C LEU G 24 -12.51 8.60 -20.86
N LEU G 25 -13.03 8.89 -22.05
CA LEU G 25 -14.40 8.45 -22.40
C LEU G 25 -14.42 6.93 -22.41
N TYR G 26 -13.41 6.33 -23.02
CA TYR G 26 -13.35 4.87 -23.22
C TYR G 26 -13.36 4.16 -21.87
N THR G 27 -12.73 4.72 -20.85
CA THR G 27 -12.66 4.16 -19.47
C THR G 27 -13.96 4.38 -18.71
N ASN G 28 -14.74 5.41 -19.05
CA ASN G 28 -16.06 5.71 -18.44
C ASN G 28 -17.17 5.03 -19.27
N GLU G 29 -16.78 4.16 -20.20
CA GLU G 29 -17.69 3.20 -20.88
C GLU G 29 -18.53 3.90 -21.95
N SER G 30 -18.21 5.15 -22.33
CA SER G 30 -18.82 5.83 -23.51
C SER G 30 -18.00 5.40 -24.74
N PHE G 31 -18.34 4.24 -25.29
CA PHE G 31 -17.51 3.60 -26.35
C PHE G 31 -17.77 4.36 -27.65
N ALA G 32 -19.03 4.71 -27.87
CA ALA G 32 -19.48 5.41 -29.09
C ALA G 32 -18.83 6.79 -29.17
N THR G 33 -18.84 7.54 -28.07
CA THR G 33 -18.32 8.94 -28.06
C THR G 33 -16.81 8.83 -28.31
N SER G 34 -16.16 7.98 -27.52
CA SER G 34 -14.71 7.65 -27.60
C SER G 34 -14.34 7.44 -29.07
N THR G 35 -15.07 6.55 -29.72
CA THR G 35 -14.84 6.24 -31.16
C THR G 35 -14.92 7.51 -32.01
N PHE G 36 -15.82 8.44 -31.67
CA PHE G 36 -16.02 9.68 -32.45
C PHE G 36 -14.73 10.51 -32.38
N ILE G 37 -14.12 10.52 -31.21
CA ILE G 37 -12.87 11.30 -30.98
C ILE G 37 -11.70 10.52 -31.62
N SER G 38 -11.68 9.19 -31.50
CA SER G 38 -10.61 8.32 -32.06
C SER G 38 -10.50 8.57 -33.56
N ILE G 39 -11.61 8.49 -34.28
CA ILE G 39 -11.67 8.73 -35.77
C ILE G 39 -11.38 10.22 -36.07
N THR G 40 -11.68 11.13 -35.18
CA THR G 40 -11.32 12.55 -35.42
C THR G 40 -9.79 12.73 -35.36
N ILE G 41 -9.11 12.07 -34.43
CA ILE G 41 -7.64 12.09 -34.26
C ILE G 41 -7.04 11.61 -35.57
N ILE G 42 -7.58 10.51 -36.14
CA ILE G 42 -7.04 9.84 -37.36
C ILE G 42 -7.15 10.84 -38.50
N GLU G 43 -8.23 11.62 -38.57
CA GLU G 43 -8.41 12.66 -39.62
C GLU G 43 -7.36 13.76 -39.46
N GLU G 44 -7.13 14.27 -38.24
CA GLU G 44 -6.20 15.41 -37.94
C GLU G 44 -4.77 14.98 -38.33
N VAL G 45 -4.31 13.83 -37.85
CA VAL G 45 -3.00 13.22 -38.21
C VAL G 45 -2.91 13.17 -39.74
N GLY G 46 -3.95 12.66 -40.40
CA GLY G 46 -4.07 12.62 -41.86
C GLY G 46 -3.89 14.01 -42.46
N LYS G 47 -4.59 15.00 -41.91
CA LYS G 47 -4.59 16.39 -42.46
C LYS G 47 -3.11 16.87 -42.56
N THR G 48 -2.24 16.50 -41.61
CA THR G 48 -0.84 16.99 -41.59
C THR G 48 -0.15 16.55 -42.88
N HIS G 49 -0.64 15.47 -43.51
CA HIS G 49 0.04 14.80 -44.65
C HIS G 49 -0.41 15.40 -46.00
N ILE G 50 -1.62 15.93 -46.09
CA ILE G 50 -2.21 16.59 -47.31
C ILE G 50 -1.26 17.66 -47.86
N GLY G 51 -0.89 17.53 -49.15
CA GLY G 51 0.06 18.41 -49.87
C GLY G 51 1.47 17.83 -49.90
N LYS G 64 -17.35 25.70 -43.77
CA LYS G 64 -17.45 26.89 -44.67
C LYS G 64 -16.46 26.82 -45.86
N ASP G 65 -15.61 25.79 -45.96
CA ASP G 65 -14.57 25.62 -47.02
C ASP G 65 -15.10 24.74 -48.15
N PRO G 66 -15.11 25.22 -49.44
CA PRO G 66 -15.48 24.40 -50.61
C PRO G 66 -14.90 22.98 -50.86
N LEU G 67 -13.75 22.65 -50.26
CA LEU G 67 -13.07 21.33 -50.38
C LEU G 67 -13.23 20.52 -49.08
N ARG G 68 -14.29 20.78 -48.30
CA ARG G 68 -14.48 20.25 -46.92
C ARG G 68 -14.28 18.73 -46.92
N ASN G 69 -15.07 18.00 -47.73
CA ASN G 69 -15.15 16.51 -47.70
C ASN G 69 -14.21 15.88 -48.74
N HIS G 70 -13.54 16.68 -49.58
CA HIS G 70 -12.46 16.22 -50.49
C HIS G 70 -11.13 16.10 -49.72
N LYS G 71 -10.81 17.13 -48.94
CA LYS G 71 -9.64 17.20 -48.03
C LYS G 71 -9.86 16.32 -46.80
N SER G 72 -11.09 15.96 -46.46
CA SER G 72 -11.38 14.96 -45.40
C SER G 72 -11.19 13.54 -45.97
N LYS G 73 -11.68 13.28 -47.18
CA LYS G 73 -11.46 12.01 -47.89
C LYS G 73 -9.94 11.82 -48.01
N HIS G 74 -9.28 12.79 -48.63
CA HIS G 74 -7.82 12.77 -48.88
C HIS G 74 -7.06 12.65 -47.56
N ALA G 75 -7.55 13.24 -46.49
CA ALA G 75 -6.90 13.14 -45.16
C ALA G 75 -6.79 11.65 -44.76
N PHE G 76 -7.87 10.86 -44.93
CA PHE G 76 -7.87 9.42 -44.60
C PHE G 76 -7.04 8.62 -45.61
N GLY G 77 -6.86 9.12 -46.84
CA GLY G 77 -6.11 8.42 -47.88
C GLY G 77 -4.61 8.57 -47.72
N SER G 78 -4.14 9.36 -46.78
CA SER G 78 -2.72 9.77 -46.69
C SER G 78 -2.07 9.24 -45.40
N LEU G 79 -2.77 8.34 -44.69
CA LEU G 79 -2.25 7.70 -43.44
C LEU G 79 -1.09 6.76 -43.80
N PRO G 80 0.09 6.98 -43.19
CA PRO G 80 1.24 6.09 -43.40
C PRO G 80 0.97 4.63 -43.02
N THR G 81 1.35 3.71 -43.89
CA THR G 81 1.33 2.26 -43.60
C THR G 81 2.05 2.04 -42.29
N ILE G 82 1.42 1.27 -41.42
CA ILE G 82 2.03 0.82 -40.15
C ILE G 82 2.92 -0.36 -40.49
N LYS G 83 4.14 -0.39 -39.96
CA LYS G 83 5.11 -1.48 -40.19
C LYS G 83 4.70 -2.68 -39.36
N MET G 84 4.94 -3.87 -39.93
CA MET G 84 4.80 -5.20 -39.30
C MET G 84 5.72 -5.28 -38.06
N GLY G 85 5.42 -6.20 -37.12
CA GLY G 85 6.17 -6.46 -35.87
C GLY G 85 6.16 -5.30 -34.85
N GLY G 86 5.30 -4.32 -34.98
CA GLY G 86 5.21 -3.20 -34.01
C GLY G 86 4.30 -3.53 -32.83
N ARG G 87 4.22 -2.61 -31.84
CA ARG G 87 3.37 -2.77 -30.63
C ARG G 87 1.87 -2.77 -31.02
N LEU G 88 1.54 -2.28 -32.23
CA LEU G 88 0.12 -2.27 -32.68
C LEU G 88 -0.31 -3.65 -33.15
N ASN G 89 0.58 -4.31 -33.91
CA ASN G 89 0.36 -5.65 -34.55
C ASN G 89 0.13 -6.66 -33.43
N LYS G 90 0.92 -6.57 -32.35
CA LYS G 90 0.78 -7.43 -31.14
C LYS G 90 -0.55 -7.15 -30.46
N ALA G 91 -0.91 -5.87 -30.30
CA ALA G 91 -2.04 -5.43 -29.43
C ALA G 91 -3.41 -5.71 -30.07
N ILE G 92 -3.57 -5.57 -31.39
CA ILE G 92 -4.91 -5.81 -32.04
C ILE G 92 -4.80 -6.86 -33.16
N GLY G 93 -3.61 -7.13 -33.69
CA GLY G 93 -3.46 -8.14 -34.74
C GLY G 93 -3.51 -7.53 -36.13
N ASP G 94 -2.95 -8.24 -37.11
CA ASP G 94 -2.72 -7.81 -38.52
C ASP G 94 -4.07 -7.73 -39.27
N GLU G 95 -5.05 -8.58 -38.97
CA GLU G 95 -6.34 -8.59 -39.73
C GLU G 95 -7.21 -7.37 -39.36
N MET G 96 -7.20 -6.94 -38.09
CA MET G 96 -7.92 -5.72 -37.62
C MET G 96 -7.32 -4.48 -38.32
N ILE G 97 -6.01 -4.25 -38.21
CA ILE G 97 -5.31 -3.13 -38.92
C ILE G 97 -5.77 -3.10 -40.39
N ASP G 98 -5.77 -4.23 -41.10
CA ASP G 98 -6.14 -4.22 -42.55
C ASP G 98 -7.60 -3.77 -42.72
N LYS G 99 -8.47 -4.04 -41.73
CA LYS G 99 -9.90 -3.67 -41.78
C LYS G 99 -10.01 -2.16 -41.58
N ILE G 100 -9.26 -1.61 -40.60
CA ILE G 100 -9.36 -0.19 -40.24
C ILE G 100 -8.80 0.62 -41.40
N VAL G 101 -7.68 0.19 -41.95
CA VAL G 101 -7.01 0.84 -43.10
C VAL G 101 -7.96 0.75 -44.30
N GLU G 102 -8.53 -0.41 -44.60
CA GLU G 102 -9.40 -0.53 -45.80
C GLU G 102 -10.58 0.40 -45.59
N ASP G 103 -11.13 0.44 -44.36
CA ASP G 103 -12.24 1.34 -43.97
C ASP G 103 -11.84 2.81 -44.18
N ALA G 104 -10.59 3.21 -43.87
CA ALA G 104 -10.12 4.60 -44.04
C ALA G 104 -10.17 4.98 -45.53
N GLU G 105 -9.59 4.14 -46.37
CA GLU G 105 -9.38 4.42 -47.83
C GLU G 105 -10.71 4.39 -48.60
N THR G 106 -11.69 3.62 -48.13
CA THR G 106 -13.03 3.52 -48.78
C THR G 106 -13.92 4.65 -48.25
N GLY G 107 -13.66 5.14 -47.03
CA GLY G 107 -14.47 6.15 -46.33
C GLY G 107 -15.52 5.54 -45.40
N GLU G 108 -15.54 4.23 -45.16
CA GLU G 108 -16.46 3.60 -44.16
C GLU G 108 -16.17 4.21 -42.78
N LEU G 109 -14.96 4.72 -42.57
CA LEU G 109 -14.57 5.40 -41.31
C LEU G 109 -15.49 6.62 -41.12
N ILE G 110 -15.65 7.44 -42.17
CA ILE G 110 -16.58 8.60 -42.13
C ILE G 110 -17.98 8.15 -41.68
N SER G 111 -18.55 7.08 -42.25
CA SER G 111 -19.86 6.50 -41.80
C SER G 111 -19.76 6.11 -40.31
N ILE G 112 -18.80 5.28 -39.94
CA ILE G 112 -18.75 4.77 -38.55
C ILE G 112 -18.76 5.99 -37.63
N ARG G 113 -17.98 7.03 -37.95
CA ARG G 113 -17.87 8.28 -37.13
C ARG G 113 -19.26 8.93 -37.01
N GLU G 114 -20.00 9.07 -38.12
CA GLU G 114 -21.38 9.61 -38.13
C GLU G 114 -22.32 8.74 -37.27
N SER G 115 -22.19 7.43 -37.29
CA SER G 115 -23.07 6.50 -36.53
C SER G 115 -22.62 6.36 -35.07
N SER G 116 -21.50 6.97 -34.69
CA SER G 116 -21.03 6.86 -33.29
C SER G 116 -21.53 8.05 -32.47
N LEU G 117 -22.02 9.13 -33.11
CA LEU G 117 -22.41 10.37 -32.37
C LEU G 117 -23.87 10.76 -32.61
N TYR G 118 -24.40 10.52 -33.82
CA TYR G 118 -25.75 10.94 -34.25
C TYR G 118 -26.66 9.72 -34.27
N ALA G 119 -27.87 9.86 -33.71
CA ALA G 119 -29.01 8.95 -33.95
C ALA G 119 -29.44 9.12 -35.41
N ASP G 120 -29.80 8.03 -36.08
CA ASP G 120 -30.32 8.08 -37.47
C ASP G 120 -31.50 7.11 -37.60
N ILE G 121 -32.34 7.31 -38.62
CA ILE G 121 -33.42 6.35 -38.98
C ILE G 121 -33.05 5.70 -40.33
N ILE G 122 -32.50 4.48 -40.28
CA ILE G 122 -31.99 3.74 -41.48
C ILE G 122 -32.92 2.56 -41.74
N ASP G 123 -33.40 2.43 -42.99
CA ASP G 123 -34.64 1.70 -43.40
C ASP G 123 -35.85 2.54 -42.96
N ASP G 124 -36.50 2.15 -41.87
CA ASP G 124 -37.48 3.03 -41.16
C ASP G 124 -37.43 2.73 -39.66
N ILE G 125 -36.31 2.18 -39.19
CA ILE G 125 -36.05 1.81 -37.77
C ILE G 125 -34.99 2.78 -37.22
N LEU G 126 -35.09 3.17 -35.94
CA LEU G 126 -34.17 4.13 -35.28
C LEU G 126 -32.94 3.40 -34.70
N GLU G 127 -31.77 3.79 -35.18
CA GLU G 127 -30.45 3.31 -34.69
C GLU G 127 -29.82 4.38 -33.80
N VAL G 128 -29.24 3.95 -32.69
CA VAL G 128 -28.63 4.87 -31.69
C VAL G 128 -27.14 4.53 -31.60
N PRO G 129 -26.24 5.51 -31.44
CA PRO G 129 -24.81 5.20 -31.38
C PRO G 129 -24.46 4.03 -30.46
N SER G 130 -25.02 4.01 -29.23
CA SER G 130 -24.78 3.05 -28.12
C SER G 130 -24.80 1.58 -28.59
N GLU G 131 -25.62 1.24 -29.58
CA GLU G 131 -25.82 -0.16 -30.04
C GLU G 131 -25.14 -0.38 -31.41
N LYS G 132 -24.39 0.58 -31.97
CA LYS G 132 -23.64 0.46 -33.28
C LYS G 132 -22.11 0.36 -33.10
N ILE G 133 -21.59 0.73 -31.94
CA ILE G 133 -20.12 0.77 -31.61
C ILE G 133 -19.88 -0.09 -30.36
N SER G 134 -18.98 -1.07 -30.43
CA SER G 134 -18.69 -2.04 -29.34
C SER G 134 -17.38 -1.63 -28.65
N LYS G 135 -17.13 -2.20 -27.48
CA LYS G 135 -15.91 -1.92 -26.69
C LYS G 135 -14.69 -2.30 -27.52
N GLU G 136 -14.69 -3.48 -28.15
CA GLU G 136 -13.50 -4.03 -28.85
C GLU G 136 -13.16 -3.13 -30.06
N GLN G 137 -14.17 -2.57 -30.76
CA GLN G 137 -13.99 -1.64 -31.91
C GLN G 137 -13.53 -0.26 -31.42
N SER G 138 -13.99 0.17 -30.24
CA SER G 138 -13.56 1.45 -29.62
C SER G 138 -12.06 1.38 -29.32
N ARG G 139 -11.65 0.33 -28.63
CA ARG G 139 -10.26 0.09 -28.19
C ARG G 139 -9.38 0.02 -29.42
N ALA G 140 -9.85 -0.67 -30.46
CA ALA G 140 -9.08 -0.86 -31.71
C ALA G 140 -8.81 0.50 -32.34
N LEU G 141 -9.85 1.25 -32.65
CA LEU G 141 -9.71 2.60 -33.23
C LEU G 141 -8.90 3.57 -32.35
N LEU G 142 -8.95 3.48 -31.01
CA LEU G 142 -8.10 4.34 -30.13
C LEU G 142 -6.62 3.96 -30.28
N LEU G 143 -6.28 2.67 -30.19
CA LEU G 143 -4.88 2.17 -30.31
C LEU G 143 -4.29 2.52 -31.66
N TYR G 144 -5.09 2.47 -32.73
CA TYR G 144 -4.62 2.74 -34.11
C TYR G 144 -4.30 4.24 -34.21
N ALA G 145 -5.13 5.05 -33.57
CA ALA G 145 -5.01 6.52 -33.60
C ALA G 145 -3.70 6.86 -32.89
N ILE G 146 -3.52 6.33 -31.69
CA ILE G 146 -2.28 6.58 -30.91
C ILE G 146 -1.09 6.22 -31.82
N GLU G 147 -1.10 5.02 -32.41
CA GLU G 147 0.08 4.50 -33.11
C GLU G 147 0.33 5.34 -34.36
N CYS G 148 -0.68 5.80 -35.11
CA CYS G 148 -0.35 6.56 -36.34
C CYS G 148 -0.01 8.04 -36.03
N PHE G 149 -0.48 8.57 -34.88
CA PHE G 149 0.01 9.82 -34.24
C PHE G 149 1.49 9.71 -33.86
N ASP G 150 1.88 8.67 -33.12
CA ASP G 150 3.29 8.43 -32.68
C ASP G 150 4.17 8.38 -33.93
N ASP G 151 3.77 7.59 -34.92
CA ASP G 151 4.55 7.33 -36.15
C ASP G 151 4.65 8.65 -36.96
N SER G 152 3.70 9.57 -36.87
CA SER G 152 3.59 10.69 -37.86
C SER G 152 4.15 12.01 -37.31
N LEU G 153 4.18 12.22 -35.99
CA LEU G 153 4.37 13.57 -35.39
C LEU G 153 5.31 13.51 -34.20
N VAL G 154 5.44 12.36 -33.52
CA VAL G 154 6.41 12.26 -32.40
C VAL G 154 7.82 11.99 -32.95
N GLY G 155 8.83 12.53 -32.27
CA GLY G 155 10.27 12.23 -32.45
C GLY G 155 11.01 13.33 -33.19
N TYR G 156 10.38 14.39 -33.66
CA TYR G 156 11.04 15.45 -34.47
C TYR G 156 11.38 16.67 -33.59
N THR G 157 10.87 16.69 -32.35
CA THR G 157 11.12 17.78 -31.37
C THR G 157 11.30 17.18 -29.99
N HIS G 158 11.99 17.93 -29.14
CA HIS G 158 12.28 17.57 -27.74
C HIS G 158 10.95 17.55 -26.99
N HIS G 159 10.04 18.49 -27.25
CA HIS G 159 8.72 18.55 -26.58
C HIS G 159 8.00 17.23 -26.82
N SER G 160 8.03 16.75 -28.06
CA SER G 160 7.31 15.53 -28.48
C SER G 160 7.57 14.37 -27.51
N PHE G 161 8.71 14.32 -26.83
CA PHE G 161 9.11 13.13 -26.02
C PHE G 161 8.48 13.19 -24.61
N GLU G 162 8.22 14.38 -24.08
CA GLU G 162 7.42 14.56 -22.83
C GLU G 162 6.02 14.02 -23.11
N VAL G 163 5.43 14.49 -24.20
CA VAL G 163 4.04 14.14 -24.61
C VAL G 163 3.94 12.63 -24.90
N SER G 164 4.87 12.07 -25.65
CA SER G 164 4.78 10.65 -26.08
C SER G 164 5.04 9.73 -24.89
N GLU G 165 5.65 10.22 -23.80
CA GLU G 165 5.84 9.44 -22.55
C GLU G 165 4.44 9.08 -22.03
N THR G 166 3.59 10.10 -21.85
CA THR G 166 2.20 9.95 -21.34
C THR G 166 1.41 9.06 -22.31
N THR G 167 1.45 9.37 -23.61
CA THR G 167 0.76 8.64 -24.70
C THR G 167 1.12 7.14 -24.62
N ASP G 168 2.39 6.83 -24.39
CA ASP G 168 2.94 5.45 -24.39
C ASP G 168 2.31 4.69 -23.22
N GLU G 169 2.17 5.29 -22.05
CA GLU G 169 1.49 4.65 -20.89
C GLU G 169 0.04 4.34 -21.26
N LEU G 170 -0.69 5.30 -21.82
CA LEU G 170 -2.10 5.03 -22.17
C LEU G 170 -2.07 3.80 -23.05
N PHE G 171 -1.19 3.79 -24.06
CA PHE G 171 -1.20 2.75 -25.11
C PHE G 171 -1.13 1.40 -24.42
N GLU G 172 -0.07 1.21 -23.62
CA GLU G 172 0.22 -0.07 -22.93
C GLU G 172 -0.94 -0.40 -21.97
N LYS G 173 -1.46 0.55 -21.18
CA LYS G 173 -2.66 0.31 -20.32
C LYS G 173 -3.81 -0.23 -21.18
N LEU G 174 -3.99 0.28 -22.40
CA LEU G 174 -5.19 0.01 -23.23
C LEU G 174 -5.13 -1.42 -23.75
N ALA G 175 -3.93 -1.96 -24.01
CA ALA G 175 -3.67 -3.40 -24.24
C ALA G 175 -3.44 -4.13 -22.88
N ASN G 176 -2.21 -4.00 -22.33
CA ASN G 176 -1.68 -4.83 -21.21
C ASN G 176 -1.57 -3.99 -19.93
N SER H 4 -43.31 5.95 -32.10
CA SER H 4 -43.45 5.10 -30.87
C SER H 4 -42.82 5.84 -29.69
N THR H 5 -43.23 5.55 -28.46
CA THR H 5 -42.64 6.14 -27.23
C THR H 5 -41.41 5.34 -26.78
N ASP H 6 -41.07 4.24 -27.47
CA ASP H 6 -39.82 3.47 -27.19
C ASP H 6 -38.64 3.96 -28.05
N ASP H 7 -38.96 4.65 -29.16
CA ASP H 7 -38.00 5.36 -30.01
C ASP H 7 -37.70 6.72 -29.42
N LEU H 8 -38.73 7.42 -28.94
CA LEU H 8 -38.55 8.70 -28.23
C LEU H 8 -37.71 8.41 -26.98
N ASN H 9 -37.85 7.24 -26.35
CA ASN H 9 -37.12 6.93 -25.09
C ASN H 9 -35.66 6.61 -25.42
N LYS H 10 -35.38 6.06 -26.60
CA LYS H 10 -34.01 5.73 -27.05
C LYS H 10 -33.26 7.02 -27.37
N CYS H 11 -33.93 7.96 -28.05
CA CYS H 11 -33.41 9.33 -28.35
C CYS H 11 -33.11 10.11 -27.07
N ILE H 12 -33.99 10.03 -26.07
CA ILE H 12 -33.72 10.67 -24.76
C ILE H 12 -32.53 9.98 -24.08
N ASP H 13 -32.36 8.67 -24.22
CA ASP H 13 -31.23 7.93 -23.58
C ASP H 13 -29.93 8.28 -24.30
N HIS H 14 -29.95 8.44 -25.61
CA HIS H 14 -28.80 8.94 -26.41
C HIS H 14 -28.32 10.31 -25.90
N ILE H 15 -29.22 11.30 -25.79
CA ILE H 15 -28.89 12.68 -25.33
C ILE H 15 -28.40 12.65 -23.88
N SER H 16 -28.96 11.79 -23.06
CA SER H 16 -28.51 11.66 -21.65
C SER H 16 -27.02 11.25 -21.63
N VAL H 17 -26.66 10.31 -22.51
CA VAL H 17 -25.26 9.81 -22.71
C VAL H 17 -24.38 10.99 -23.11
N LEU H 18 -24.76 11.76 -24.15
CA LEU H 18 -24.00 12.96 -24.61
C LEU H 18 -23.84 14.00 -23.50
N ILE H 19 -24.90 14.24 -22.73
CA ILE H 19 -24.82 15.18 -21.57
C ILE H 19 -23.82 14.61 -20.54
N LYS H 20 -23.94 13.34 -20.17
CA LYS H 20 -22.98 12.80 -19.18
C LYS H 20 -21.54 12.86 -19.70
N ASP H 21 -21.33 12.90 -21.02
CA ASP H 21 -19.98 12.91 -21.66
C ASP H 21 -19.42 14.33 -21.69
N ALA H 22 -20.19 15.29 -22.19
CA ALA H 22 -19.86 16.72 -22.06
C ALA H 22 -19.46 17.00 -20.61
N TYR H 23 -20.21 16.51 -19.63
CA TYR H 23 -20.01 16.89 -18.20
C TYR H 23 -18.67 16.32 -17.74
N LEU H 24 -18.45 15.02 -18.03
CA LEU H 24 -17.20 14.28 -17.73
C LEU H 24 -16.00 15.05 -18.29
N LEU H 25 -16.07 15.46 -19.56
CA LEU H 25 -15.00 16.25 -20.22
C LEU H 25 -14.85 17.61 -19.54
N TYR H 26 -15.96 18.32 -19.29
CA TYR H 26 -15.93 19.61 -18.56
C TYR H 26 -15.19 19.47 -17.22
N THR H 27 -15.54 18.46 -16.40
CA THR H 27 -14.89 18.21 -15.08
C THR H 27 -13.44 17.71 -15.24
N ASN H 28 -13.00 17.29 -16.43
CA ASN H 28 -11.58 16.90 -16.64
C ASN H 28 -10.87 17.97 -17.48
N GLU H 29 -11.43 19.17 -17.47
CA GLU H 29 -10.85 20.43 -18.00
C GLU H 29 -10.59 20.37 -19.49
N SER H 30 -11.26 19.50 -20.26
CA SER H 30 -11.32 19.56 -21.76
C SER H 30 -12.52 20.43 -22.14
N PHE H 31 -12.33 21.74 -22.07
CA PHE H 31 -13.41 22.74 -22.30
C PHE H 31 -13.81 22.75 -23.77
N ALA H 32 -12.84 22.57 -24.66
CA ALA H 32 -13.03 22.71 -26.12
C ALA H 32 -13.73 21.46 -26.66
N THR H 33 -13.45 20.26 -26.12
CA THR H 33 -14.13 19.01 -26.52
C THR H 33 -15.52 18.94 -25.91
N SER H 34 -15.63 19.26 -24.64
CA SER H 34 -16.94 19.37 -23.93
C SER H 34 -17.86 20.28 -24.76
N THR H 35 -17.35 21.43 -25.21
CA THR H 35 -18.18 22.44 -25.93
C THR H 35 -18.72 21.81 -27.21
N PHE H 36 -17.90 20.99 -27.88
CA PHE H 36 -18.26 20.37 -29.15
C PHE H 36 -19.50 19.48 -28.92
N ILE H 37 -19.41 18.61 -27.89
CA ILE H 37 -20.54 17.72 -27.51
C ILE H 37 -21.76 18.54 -27.05
N SER H 38 -21.54 19.64 -26.30
CA SER H 38 -22.62 20.55 -25.82
C SER H 38 -23.45 21.03 -27.03
N ILE H 39 -22.81 21.63 -28.01
CA ILE H 39 -23.51 22.20 -29.18
C ILE H 39 -24.12 21.03 -29.95
N THR H 40 -23.53 19.83 -29.91
CA THR H 40 -24.07 18.66 -30.66
C THR H 40 -25.39 18.25 -30.02
N ILE H 41 -25.49 18.16 -28.68
CA ILE H 41 -26.79 17.99 -27.96
C ILE H 41 -27.83 19.02 -28.41
N ILE H 42 -27.47 20.29 -28.59
CA ILE H 42 -28.46 21.35 -28.94
C ILE H 42 -28.97 21.04 -30.35
N GLU H 43 -28.13 20.55 -31.27
CA GLU H 43 -28.59 20.24 -32.66
C GLU H 43 -29.43 18.95 -32.67
N GLU H 44 -29.09 17.97 -31.82
CA GLU H 44 -29.81 16.68 -31.73
C GLU H 44 -31.16 16.91 -31.07
N VAL H 45 -31.20 17.64 -29.94
CA VAL H 45 -32.48 17.97 -29.26
C VAL H 45 -33.44 18.63 -30.27
N GLY H 46 -32.99 19.59 -31.06
CA GLY H 46 -33.79 20.33 -32.07
C GLY H 46 -34.21 19.49 -33.26
N LYS H 47 -33.52 18.39 -33.54
CA LYS H 47 -33.85 17.41 -34.61
C LYS H 47 -34.73 16.27 -34.08
N THR H 48 -34.60 15.92 -32.81
CA THR H 48 -35.42 14.88 -32.14
C THR H 48 -36.85 15.41 -32.01
N HIS H 49 -36.96 16.67 -31.57
CA HIS H 49 -38.23 17.35 -31.23
C HIS H 49 -39.11 17.32 -32.49
N ILE H 50 -38.60 17.88 -33.61
CA ILE H 50 -39.31 17.94 -34.92
C ILE H 50 -39.48 16.54 -35.51
N GLY H 51 -38.79 15.52 -34.99
CA GLY H 51 -39.00 14.10 -35.34
C GLY H 51 -40.13 13.45 -34.54
N MET H 52 -41.16 14.23 -34.15
CA MET H 52 -42.43 13.76 -33.52
C MET H 52 -43.62 14.09 -34.45
N HIS H 74 -34.88 27.09 -37.65
CA HIS H 74 -34.07 27.18 -38.89
C HIS H 74 -32.82 26.27 -38.78
N ALA H 75 -31.70 26.71 -38.16
CA ALA H 75 -30.47 25.90 -37.99
C ALA H 75 -30.59 25.02 -36.72
N PHE H 76 -30.96 25.62 -35.59
CA PHE H 76 -31.29 24.95 -34.30
C PHE H 76 -32.79 25.07 -34.05
N GLY H 77 -33.58 24.31 -34.81
CA GLY H 77 -35.05 24.37 -34.74
C GLY H 77 -35.55 23.82 -33.41
N SER H 78 -35.31 24.56 -32.31
CA SER H 78 -35.91 24.32 -30.98
C SER H 78 -35.88 25.62 -30.15
N LEU H 79 -34.73 25.86 -29.50
CA LEU H 79 -34.42 26.95 -28.53
C LEU H 79 -35.43 27.04 -27.38
N PRO H 80 -34.99 26.75 -26.14
CA PRO H 80 -35.84 26.88 -24.97
C PRO H 80 -36.27 28.35 -24.86
N THR H 81 -37.55 28.59 -24.57
CA THR H 81 -38.05 29.90 -24.09
C THR H 81 -37.40 30.15 -22.73
N ILE H 82 -36.76 31.31 -22.61
CA ILE H 82 -36.05 31.76 -21.38
C ILE H 82 -37.02 32.67 -20.61
N LYS H 83 -37.32 32.29 -19.37
CA LYS H 83 -38.17 33.05 -18.42
C LYS H 83 -37.25 33.78 -17.43
N MET H 84 -37.68 34.97 -16.99
CA MET H 84 -36.94 35.84 -16.04
C MET H 84 -36.72 35.05 -14.75
N GLY H 85 -35.53 35.18 -14.14
CA GLY H 85 -35.25 34.72 -12.77
C GLY H 85 -35.26 33.21 -12.61
N GLY H 86 -35.41 32.46 -13.71
CA GLY H 86 -35.30 30.99 -13.73
C GLY H 86 -33.85 30.54 -13.65
N ARG H 87 -33.62 29.39 -13.01
CA ARG H 87 -32.47 28.47 -13.15
C ARG H 87 -31.35 28.94 -14.09
N LEU H 88 -31.65 29.19 -15.39
CA LEU H 88 -30.61 29.50 -16.41
C LEU H 88 -30.10 30.96 -16.32
N ASN H 89 -31.01 31.95 -16.26
CA ASN H 89 -30.65 33.35 -15.90
C ASN H 89 -29.68 33.35 -14.70
N LYS H 90 -30.04 32.72 -13.57
CA LYS H 90 -29.22 32.75 -12.32
C LYS H 90 -27.84 32.15 -12.57
N ALA H 91 -27.74 31.12 -13.40
CA ALA H 91 -26.50 30.34 -13.56
C ALA H 91 -25.57 31.05 -14.53
N ILE H 92 -26.03 31.68 -15.61
CA ILE H 92 -25.08 32.18 -16.67
C ILE H 92 -25.33 33.66 -16.98
N GLY H 93 -26.37 34.23 -16.42
CA GLY H 93 -26.66 35.65 -16.65
C GLY H 93 -27.50 35.84 -17.89
N ASP H 94 -28.29 36.90 -17.90
CA ASP H 94 -29.12 37.36 -19.03
C ASP H 94 -28.23 37.60 -20.25
N GLU H 95 -27.04 38.20 -20.07
CA GLU H 95 -26.11 38.63 -21.16
C GLU H 95 -25.74 37.38 -22.00
N MET H 96 -25.30 36.32 -21.32
CA MET H 96 -24.72 35.13 -21.96
C MET H 96 -25.82 34.37 -22.72
N ILE H 97 -27.04 34.32 -22.19
CA ILE H 97 -28.21 33.71 -22.92
C ILE H 97 -28.48 34.48 -24.23
N ASP H 98 -28.32 35.81 -24.25
CA ASP H 98 -28.61 36.65 -25.44
C ASP H 98 -27.50 36.44 -26.48
N LYS H 99 -26.27 36.26 -26.04
CA LYS H 99 -25.10 35.94 -26.93
C LYS H 99 -25.21 34.53 -27.54
N ILE H 100 -25.63 33.51 -26.78
CA ILE H 100 -25.84 32.12 -27.26
C ILE H 100 -27.04 32.09 -28.23
N VAL H 101 -28.14 32.75 -27.92
CA VAL H 101 -29.33 32.77 -28.82
C VAL H 101 -28.97 33.49 -30.12
N GLU H 102 -28.30 34.65 -30.04
CA GLU H 102 -27.86 35.44 -31.23
C GLU H 102 -26.96 34.53 -32.09
N ASP H 103 -25.99 33.84 -31.48
CA ASP H 103 -25.05 32.90 -32.17
C ASP H 103 -25.84 31.76 -32.83
N ALA H 104 -26.88 31.23 -32.18
CA ALA H 104 -27.73 30.14 -32.72
C ALA H 104 -28.40 30.58 -34.03
N GLU H 105 -29.05 31.76 -34.01
CA GLU H 105 -29.80 32.34 -35.16
C GLU H 105 -28.82 32.79 -36.26
N THR H 106 -27.63 33.27 -35.92
CA THR H 106 -26.62 33.73 -36.91
C THR H 106 -26.06 32.50 -37.63
N GLY H 107 -25.83 31.38 -36.94
CA GLY H 107 -25.04 30.25 -37.47
C GLY H 107 -23.58 30.34 -37.02
N GLU H 108 -23.30 31.17 -36.01
CA GLU H 108 -21.97 31.37 -35.36
C GLU H 108 -21.69 30.16 -34.45
N LEU H 109 -22.75 29.52 -33.96
CA LEU H 109 -22.66 28.29 -33.11
C LEU H 109 -22.03 27.16 -33.93
N ILE H 110 -22.38 27.02 -35.20
CA ILE H 110 -21.81 25.99 -36.12
C ILE H 110 -20.30 26.23 -36.20
N SER H 111 -19.90 27.50 -36.40
CA SER H 111 -18.48 27.96 -36.46
C SER H 111 -17.76 27.71 -35.13
N ILE H 112 -18.43 27.95 -34.00
CA ILE H 112 -17.84 27.73 -32.66
C ILE H 112 -17.63 26.22 -32.45
N ARG H 113 -18.54 25.41 -32.96
CA ARG H 113 -18.37 23.94 -32.91
C ARG H 113 -17.11 23.60 -33.71
N GLU H 114 -17.04 23.92 -34.99
CA GLU H 114 -15.82 23.60 -35.78
C GLU H 114 -14.58 23.95 -34.93
N SER H 115 -14.49 25.20 -34.46
CA SER H 115 -13.25 25.72 -33.84
C SER H 115 -12.94 24.95 -32.55
N SER H 116 -13.89 24.17 -32.03
CA SER H 116 -13.79 23.53 -30.69
C SER H 116 -13.29 22.09 -30.83
N LEU H 117 -13.10 21.62 -32.07
CA LEU H 117 -12.55 20.26 -32.29
C LEU H 117 -11.41 20.22 -33.32
N TYR H 118 -11.46 21.07 -34.35
CA TYR H 118 -10.49 21.02 -35.47
C TYR H 118 -9.50 22.16 -35.31
N ALA H 119 -8.22 21.84 -35.43
CA ALA H 119 -7.17 22.86 -35.62
C ALA H 119 -7.41 23.48 -37.00
N ASP H 120 -7.11 24.77 -37.15
CA ASP H 120 -7.29 25.49 -38.42
C ASP H 120 -6.11 26.45 -38.62
N ILE H 121 -5.75 26.68 -39.88
CA ILE H 121 -4.86 27.78 -40.30
C ILE H 121 -5.77 28.92 -40.76
N ILE H 122 -5.82 29.99 -39.98
CA ILE H 122 -6.71 31.18 -40.18
C ILE H 122 -5.78 32.36 -40.47
N ASP H 123 -5.82 32.86 -41.70
CA ASP H 123 -4.93 33.98 -42.15
C ASP H 123 -3.49 33.62 -41.77
N ASP H 124 -3.08 32.42 -42.16
CA ASP H 124 -1.66 31.97 -42.23
C ASP H 124 -1.11 31.54 -40.85
N ILE H 125 -1.79 31.85 -39.73
CA ILE H 125 -1.37 31.39 -38.38
C ILE H 125 -2.15 30.13 -38.02
N LEU H 126 -1.54 29.15 -37.34
CA LEU H 126 -2.25 27.92 -36.85
C LEU H 126 -3.04 28.23 -35.58
N GLU H 127 -4.34 27.88 -35.56
CA GLU H 127 -5.27 28.04 -34.41
C GLU H 127 -5.78 26.67 -33.95
N VAL H 128 -5.83 26.49 -32.65
CA VAL H 128 -6.07 25.20 -31.94
C VAL H 128 -7.26 25.39 -31.00
N PRO H 129 -8.09 24.36 -30.73
CA PRO H 129 -9.28 24.57 -29.93
C PRO H 129 -9.05 25.22 -28.56
N SER H 130 -8.03 24.82 -27.82
CA SER H 130 -7.73 25.33 -26.45
C SER H 130 -7.49 26.87 -26.43
N GLU H 131 -7.27 27.52 -27.57
CA GLU H 131 -7.09 29.01 -27.66
C GLU H 131 -8.40 29.70 -28.08
N LYS H 132 -9.43 28.94 -28.43
CA LYS H 132 -10.68 29.49 -29.00
C LYS H 132 -11.83 29.39 -28.00
N ILE H 133 -11.72 28.52 -26.99
CA ILE H 133 -12.88 28.17 -26.12
C ILE H 133 -12.46 28.31 -24.66
N SER H 134 -13.17 29.17 -23.91
CA SER H 134 -12.95 29.50 -22.47
C SER H 134 -13.80 28.60 -21.57
N LYS H 135 -13.40 28.42 -20.32
CA LYS H 135 -14.14 27.56 -19.36
C LYS H 135 -15.51 28.19 -19.12
N GLU H 136 -15.59 29.52 -19.18
CA GLU H 136 -16.86 30.25 -18.92
C GLU H 136 -17.87 29.77 -19.96
N GLN H 137 -17.47 29.79 -21.23
CA GLN H 137 -18.28 29.50 -22.44
C GLN H 137 -18.61 28.00 -22.55
N SER H 138 -17.72 27.14 -22.09
CA SER H 138 -17.96 25.69 -21.99
C SER H 138 -19.12 25.46 -21.00
N ARG H 139 -19.01 26.01 -19.80
CA ARG H 139 -20.04 25.88 -18.73
C ARG H 139 -21.39 26.41 -19.25
N ALA H 140 -21.36 27.61 -19.82
CA ALA H 140 -22.59 28.25 -20.30
C ALA H 140 -23.23 27.31 -21.31
N LEU H 141 -22.50 26.85 -22.32
CA LEU H 141 -23.09 26.02 -23.41
C LEU H 141 -23.65 24.69 -22.85
N LEU H 142 -22.98 24.09 -21.86
CA LEU H 142 -23.50 22.81 -21.32
C LEU H 142 -24.82 23.06 -20.55
N LEU H 143 -24.89 24.09 -19.69
CA LEU H 143 -26.13 24.46 -18.92
C LEU H 143 -27.25 24.74 -19.93
N TYR H 144 -26.94 25.47 -21.01
CA TYR H 144 -27.91 25.90 -22.05
C TYR H 144 -28.46 24.68 -22.77
N ALA H 145 -27.62 23.66 -22.91
CA ALA H 145 -27.94 22.41 -23.64
C ALA H 145 -28.85 21.57 -22.73
N ILE H 146 -28.53 21.47 -21.45
CA ILE H 146 -29.39 20.74 -20.47
C ILE H 146 -30.75 21.45 -20.37
N GLU H 147 -30.80 22.78 -20.33
CA GLU H 147 -32.10 23.49 -20.32
C GLU H 147 -32.84 23.25 -21.65
N CYS H 148 -32.18 23.37 -22.77
CA CYS H 148 -32.71 23.00 -24.10
C CYS H 148 -33.42 21.66 -24.05
N PHE H 149 -32.76 20.69 -23.41
CA PHE H 149 -33.20 19.27 -23.32
C PHE H 149 -34.44 19.21 -22.44
N ASP H 150 -34.40 19.86 -21.28
CA ASP H 150 -35.47 19.88 -20.25
C ASP H 150 -36.70 20.67 -20.72
N ASP H 151 -36.54 21.64 -21.62
CA ASP H 151 -37.66 22.47 -22.15
C ASP H 151 -38.32 21.80 -23.38
N SER H 152 -37.67 20.82 -24.03
CA SER H 152 -38.12 20.24 -25.33
C SER H 152 -38.69 18.82 -25.20
N LEU H 153 -38.09 17.92 -24.39
CA LEU H 153 -38.40 16.47 -24.43
C LEU H 153 -38.96 15.98 -23.10
N VAL H 154 -38.55 16.52 -21.95
CA VAL H 154 -39.06 16.07 -20.63
C VAL H 154 -40.59 16.22 -20.65
N GLY H 155 -41.30 15.14 -20.30
CA GLY H 155 -42.76 15.18 -20.08
C GLY H 155 -43.56 14.65 -21.25
N TYR H 156 -42.94 14.04 -22.24
CA TYR H 156 -43.68 13.28 -23.27
C TYR H 156 -43.84 11.84 -22.76
N THR H 157 -42.87 11.31 -22.04
CA THR H 157 -42.87 9.89 -21.59
C THR H 157 -42.60 9.89 -20.10
N HIS H 158 -42.97 8.82 -19.39
CA HIS H 158 -42.70 8.67 -17.93
C HIS H 158 -41.18 8.54 -17.69
N HIS H 159 -40.50 7.85 -18.58
CA HIS H 159 -39.03 7.65 -18.46
C HIS H 159 -38.31 9.00 -18.47
N SER H 160 -38.80 9.94 -19.26
CA SER H 160 -38.19 11.28 -19.44
C SER H 160 -37.99 11.95 -18.07
N PHE H 161 -38.89 11.76 -17.09
CA PHE H 161 -38.76 12.40 -15.76
C PHE H 161 -37.56 11.85 -14.98
N GLU H 162 -37.34 10.52 -14.96
CA GLU H 162 -36.19 9.92 -14.24
C GLU H 162 -34.92 10.52 -14.87
N VAL H 163 -34.83 10.53 -16.20
CA VAL H 163 -33.67 11.07 -16.96
C VAL H 163 -33.47 12.54 -16.58
N SER H 164 -34.56 13.30 -16.46
CA SER H 164 -34.45 14.73 -16.11
C SER H 164 -33.95 14.82 -14.66
N GLU H 165 -34.29 13.85 -13.81
CA GLU H 165 -33.89 13.91 -12.39
C GLU H 165 -32.36 13.91 -12.29
N THR H 166 -31.70 13.03 -13.07
CA THR H 166 -30.24 12.94 -13.32
C THR H 166 -29.73 14.27 -13.86
N THR H 167 -30.30 14.78 -14.97
CA THR H 167 -29.75 15.99 -15.62
C THR H 167 -29.93 17.21 -14.71
N ASP H 168 -30.91 17.19 -13.81
CA ASP H 168 -31.15 18.26 -12.79
C ASP H 168 -29.99 18.28 -11.81
N GLU H 169 -29.46 17.13 -11.34
CA GLU H 169 -28.30 17.16 -10.39
C GLU H 169 -27.02 17.55 -11.15
N LEU H 170 -26.86 17.16 -12.42
CA LEU H 170 -25.70 17.63 -13.22
C LEU H 170 -25.75 19.16 -13.24
N PHE H 171 -26.88 19.72 -13.61
CA PHE H 171 -27.11 21.20 -13.68
C PHE H 171 -26.70 21.88 -12.36
N GLU H 172 -27.18 21.40 -11.22
CA GLU H 172 -26.93 22.07 -9.91
C GLU H 172 -25.44 21.96 -9.56
N LYS H 173 -24.82 20.78 -9.77
CA LYS H 173 -23.36 20.56 -9.56
C LYS H 173 -22.52 21.46 -10.46
N LEU H 174 -23.00 21.79 -11.64
CA LEU H 174 -22.27 22.57 -12.66
C LEU H 174 -22.55 24.07 -12.50
N ALA H 175 -23.71 24.46 -12.00
CA ALA H 175 -24.06 25.90 -11.80
C ALA H 175 -23.21 26.51 -10.66
N ASN H 176 -22.87 25.72 -9.63
CA ASN H 176 -21.98 26.14 -8.51
C ASN H 176 -20.52 25.87 -8.90
N SER I 1 -24.32 49.90 28.93
CA SER I 1 -23.97 49.28 27.58
C SER I 1 -24.48 47.83 27.47
N LEU I 2 -24.69 47.14 28.60
CA LEU I 2 -25.08 45.70 28.71
C LEU I 2 -26.55 45.57 28.41
N LYS I 3 -27.10 44.35 28.50
CA LYS I 3 -28.32 44.02 27.72
C LYS I 3 -29.07 42.79 28.24
N SER I 4 -28.46 41.83 28.94
CA SER I 4 -29.15 40.66 29.55
C SER I 4 -28.31 40.11 30.72
N THR I 5 -28.91 39.29 31.61
CA THR I 5 -28.21 38.81 32.85
C THR I 5 -27.02 37.91 32.45
N ASP I 6 -27.04 37.29 31.26
CA ASP I 6 -25.88 36.51 30.75
C ASP I 6 -24.72 37.48 30.55
N ASP I 7 -24.94 38.58 29.80
CA ASP I 7 -23.92 39.62 29.47
C ASP I 7 -23.36 40.29 30.74
N LEU I 8 -24.19 40.53 31.74
CA LEU I 8 -23.72 41.06 33.05
C LEU I 8 -22.84 40.02 33.74
N ASN I 9 -23.07 38.74 33.56
CA ASN I 9 -22.21 37.72 34.23
C ASN I 9 -20.91 37.53 33.42
N LYS I 10 -20.92 37.84 32.12
CA LYS I 10 -19.70 37.78 31.28
C LYS I 10 -18.80 38.97 31.65
N CYS I 11 -19.39 40.17 31.69
CA CYS I 11 -18.72 41.43 32.09
C CYS I 11 -18.10 41.29 33.50
N ILE I 12 -18.83 40.69 34.43
CA ILE I 12 -18.35 40.43 35.82
C ILE I 12 -17.17 39.45 35.81
N ASP I 13 -17.16 38.42 34.96
CA ASP I 13 -16.04 37.45 34.90
C ASP I 13 -14.80 38.24 34.44
N HIS I 14 -14.95 38.91 33.28
CA HIS I 14 -13.89 39.73 32.64
C HIS I 14 -13.18 40.58 33.69
N ILE I 15 -13.93 41.49 34.33
CA ILE I 15 -13.39 42.38 35.39
C ILE I 15 -12.78 41.54 36.52
N SER I 16 -13.45 40.50 36.97
CA SER I 16 -12.90 39.54 37.93
C SER I 16 -11.52 39.05 37.44
N VAL I 17 -11.35 38.74 36.15
CA VAL I 17 -10.01 38.32 35.62
C VAL I 17 -9.05 39.48 35.80
N LEU I 18 -9.40 40.70 35.38
CA LEU I 18 -8.46 41.87 35.47
C LEU I 18 -8.09 42.18 36.93
N ILE I 19 -9.01 42.00 37.86
CA ILE I 19 -8.72 42.25 39.29
C ILE I 19 -7.69 41.24 39.76
N LYS I 20 -7.84 39.97 39.43
CA LYS I 20 -6.90 38.91 39.85
C LYS I 20 -5.52 39.22 39.27
N ASP I 21 -5.45 39.82 38.08
CA ASP I 21 -4.19 40.08 37.30
C ASP I 21 -3.51 41.30 37.89
N ALA I 22 -4.23 42.38 38.18
CA ALA I 22 -3.70 43.51 38.98
C ALA I 22 -3.17 42.99 40.32
N TYR I 23 -3.87 42.09 41.01
CA TYR I 23 -3.50 41.70 42.40
C TYR I 23 -2.28 40.82 42.33
N LEU I 24 -2.21 39.99 41.29
CA LEU I 24 -1.07 39.08 41.06
C LEU I 24 0.18 39.95 40.88
N LEU I 25 0.08 40.92 39.98
CA LEU I 25 1.19 41.83 39.63
C LEU I 25 1.60 42.63 40.87
N TYR I 26 0.65 43.05 41.69
CA TYR I 26 0.97 43.91 42.87
C TYR I 26 1.76 43.07 43.91
N THR I 27 1.45 41.78 44.06
CA THR I 27 2.14 40.95 45.08
C THR I 27 3.47 40.44 44.51
N ASN I 28 3.72 40.56 43.20
CA ASN I 28 5.06 40.28 42.60
C ASN I 28 5.77 41.61 42.31
N GLU I 29 5.28 42.67 42.94
CA GLU I 29 5.95 44.00 43.08
C GLU I 29 6.06 44.73 41.74
N SER I 30 5.25 44.39 40.72
CA SER I 30 5.15 45.20 39.48
C SER I 30 4.09 46.29 39.65
N PHE I 31 4.36 47.26 40.52
CA PHE I 31 3.38 48.27 40.95
C PHE I 31 2.91 49.03 39.72
N ALA I 32 3.81 49.36 38.81
CA ALA I 32 3.49 50.25 37.68
C ALA I 32 2.50 49.54 36.79
N THR I 33 2.70 48.24 36.54
CA THR I 33 1.83 47.44 35.63
C THR I 33 0.48 47.18 36.31
N SER I 34 0.50 46.91 37.60
CA SER I 34 -0.70 46.67 38.42
C SER I 34 -1.56 47.90 38.26
N THR I 35 -0.95 49.06 38.45
CA THR I 35 -1.64 50.37 38.42
C THR I 35 -2.25 50.61 37.03
N PHE I 36 -1.61 50.16 35.96
CA PHE I 36 -2.18 50.29 34.60
C PHE I 36 -3.44 49.43 34.47
N ILE I 37 -3.45 48.24 35.07
CA ILE I 37 -4.65 47.36 34.99
C ILE I 37 -5.70 47.94 35.93
N SER I 38 -5.31 48.39 37.12
CA SER I 38 -6.23 48.99 38.11
C SER I 38 -7.00 50.10 37.40
N ILE I 39 -6.32 50.97 36.65
CA ILE I 39 -6.99 52.15 36.04
C ILE I 39 -7.88 51.69 34.89
N THR I 40 -7.50 50.62 34.22
CA THR I 40 -8.28 50.04 33.10
C THR I 40 -9.56 49.36 33.61
N ILE I 41 -9.53 48.75 34.81
CA ILE I 41 -10.74 48.24 35.52
C ILE I 41 -11.69 49.41 35.78
N ILE I 42 -11.17 50.57 36.24
CA ILE I 42 -11.99 51.76 36.59
C ILE I 42 -12.61 52.28 35.29
N GLU I 43 -11.92 52.34 34.14
CA GLU I 43 -12.55 52.74 32.85
C GLU I 43 -13.72 51.81 32.54
N GLU I 44 -13.50 50.49 32.61
CA GLU I 44 -14.42 49.47 32.08
C GLU I 44 -15.70 49.49 32.95
N VAL I 45 -15.56 49.61 34.26
CA VAL I 45 -16.73 49.70 35.18
C VAL I 45 -17.49 50.98 34.78
N GLY I 46 -16.79 52.08 34.62
CA GLY I 46 -17.38 53.35 34.20
C GLY I 46 -18.11 53.25 32.87
N LYS I 47 -17.58 52.48 31.90
CA LYS I 47 -18.16 52.30 30.54
C LYS I 47 -19.52 51.60 30.63
N THR I 48 -19.81 50.87 31.69
CA THR I 48 -21.15 50.24 31.87
C THR I 48 -22.16 51.27 32.39
N HIS I 49 -21.81 52.54 32.64
CA HIS I 49 -22.75 53.62 33.09
C HIS I 49 -23.07 54.63 31.95
N ILE I 60 -33.36 45.81 36.02
CA ILE I 60 -32.38 46.16 37.10
C ILE I 60 -32.04 47.66 37.00
N LYS I 61 -32.00 48.37 38.13
CA LYS I 61 -31.87 49.85 38.19
C LYS I 61 -30.91 50.24 39.33
N ARG I 62 -29.87 50.99 38.99
CA ARG I 62 -28.71 51.21 39.88
C ARG I 62 -28.93 52.38 40.82
N GLY I 63 -28.41 52.25 42.06
CA GLY I 63 -28.25 53.37 43.02
C GLY I 63 -27.47 54.51 42.39
N LYS I 64 -27.86 55.75 42.65
CA LYS I 64 -27.09 56.98 42.26
C LYS I 64 -26.83 57.79 43.52
N ASP I 65 -25.75 58.57 43.53
CA ASP I 65 -25.49 59.67 44.50
C ASP I 65 -26.69 60.62 44.47
N PRO I 66 -27.25 60.96 45.64
CA PRO I 66 -28.41 61.84 45.71
C PRO I 66 -28.24 63.17 44.96
N LEU I 67 -26.99 63.63 44.85
CA LEU I 67 -26.69 64.98 44.32
C LEU I 67 -26.34 64.95 42.82
N ARG I 68 -26.42 63.79 42.13
CA ARG I 68 -26.23 63.73 40.65
C ARG I 68 -27.59 63.49 39.97
N ASN I 69 -28.09 64.49 39.24
CA ASN I 69 -29.45 64.52 38.60
C ASN I 69 -29.32 64.44 37.06
N HIS I 70 -28.13 64.16 36.54
CA HIS I 70 -27.92 63.90 35.08
C HIS I 70 -26.72 62.98 34.94
N LYS I 71 -26.73 62.17 33.87
CA LYS I 71 -25.65 61.20 33.54
C LYS I 71 -24.56 61.99 32.82
N SER I 72 -23.31 61.58 33.01
CA SER I 72 -22.13 62.29 32.48
C SER I 72 -21.70 61.69 31.12
N LYS I 73 -20.70 62.32 30.52
CA LYS I 73 -20.26 62.08 29.13
C LYS I 73 -19.21 60.94 29.16
N HIS I 74 -18.10 61.14 29.88
CA HIS I 74 -16.91 60.24 29.87
C HIS I 74 -17.13 59.09 30.85
N ALA I 75 -16.45 57.96 30.61
CA ALA I 75 -16.31 56.80 31.53
C ALA I 75 -15.78 57.25 32.91
N PHE I 76 -14.90 58.24 32.96
CA PHE I 76 -14.30 58.73 34.24
C PHE I 76 -15.21 59.77 34.93
N GLY I 77 -16.25 60.28 34.25
CA GLY I 77 -17.27 61.13 34.89
C GLY I 77 -18.39 60.31 35.54
N SER I 78 -18.39 58.99 35.34
CA SER I 78 -19.57 58.13 35.60
C SER I 78 -19.25 57.06 36.64
N LEU I 79 -18.18 57.28 37.41
CA LEU I 79 -17.84 56.39 38.55
C LEU I 79 -18.78 56.65 39.71
N PRO I 80 -19.40 55.61 40.29
CA PRO I 80 -20.35 55.77 41.40
C PRO I 80 -19.67 56.34 42.65
N THR I 81 -20.26 57.38 43.25
CA THR I 81 -19.81 57.91 44.55
C THR I 81 -19.73 56.82 45.62
N ILE I 82 -18.62 56.75 46.32
CA ILE I 82 -18.42 55.76 47.40
C ILE I 82 -19.03 56.40 48.63
N LYS I 83 -19.78 55.64 49.41
CA LYS I 83 -20.41 56.15 50.65
C LYS I 83 -19.35 56.09 51.75
N MET I 84 -19.35 57.11 52.63
CA MET I 84 -18.60 57.14 53.90
C MET I 84 -18.93 55.90 54.74
N GLY I 85 -18.02 55.57 55.67
CA GLY I 85 -18.11 54.47 56.64
C GLY I 85 -17.91 53.09 56.04
N GLY I 86 -17.72 52.96 54.72
CA GLY I 86 -17.48 51.66 54.07
C GLY I 86 -16.06 51.16 54.28
N ARG I 87 -15.76 49.94 53.82
CA ARG I 87 -14.43 49.27 53.97
C ARG I 87 -13.35 50.05 53.21
N LEU I 88 -13.69 50.79 52.15
CA LEU I 88 -12.67 51.56 51.39
C LEU I 88 -12.24 52.80 52.17
N ASN I 89 -13.14 53.43 52.93
CA ASN I 89 -12.79 54.62 53.76
C ASN I 89 -11.83 54.18 54.89
N LYS I 90 -12.04 53.02 55.47
CA LYS I 90 -11.14 52.51 56.53
C LYS I 90 -9.74 52.25 55.93
N ALA I 91 -9.67 51.72 54.70
CA ALA I 91 -8.44 51.14 54.12
C ALA I 91 -7.52 52.23 53.56
N ILE I 92 -8.05 53.31 52.98
CA ILE I 92 -7.19 54.35 52.36
C ILE I 92 -7.54 55.75 52.85
N GLY I 93 -8.61 55.92 53.64
CA GLY I 93 -9.07 57.22 54.17
C GLY I 93 -9.82 58.04 53.15
N ASP I 94 -10.55 59.07 53.59
CA ASP I 94 -11.44 59.88 52.71
C ASP I 94 -10.58 60.82 51.83
N GLU I 95 -9.39 61.22 52.25
CA GLU I 95 -8.58 62.21 51.47
C GLU I 95 -8.01 61.58 50.20
N MET I 96 -7.59 60.31 50.25
CA MET I 96 -7.16 59.56 49.06
C MET I 96 -8.35 59.30 48.11
N ILE I 97 -9.53 58.94 48.61
CA ILE I 97 -10.76 58.73 47.77
C ILE I 97 -11.05 60.03 47.02
N ASP I 98 -10.90 61.19 47.66
CA ASP I 98 -11.22 62.51 47.05
C ASP I 98 -10.13 62.86 46.02
N LYS I 99 -8.88 62.47 46.25
CA LYS I 99 -7.79 62.70 45.27
C LYS I 99 -8.05 61.84 44.03
N ILE I 100 -8.38 60.56 44.22
CA ILE I 100 -8.58 59.59 43.11
C ILE I 100 -9.74 60.12 42.27
N VAL I 101 -10.80 60.62 42.94
CA VAL I 101 -12.06 61.08 42.29
C VAL I 101 -11.73 62.34 41.49
N GLU I 102 -11.09 63.31 42.14
CA GLU I 102 -10.63 64.54 41.46
C GLU I 102 -9.80 64.15 40.23
N ASP I 103 -8.78 63.31 40.43
CA ASP I 103 -7.86 62.84 39.37
C ASP I 103 -8.65 62.24 38.21
N ALA I 104 -9.76 61.56 38.49
CA ALA I 104 -10.59 60.90 37.47
C ALA I 104 -11.38 61.94 36.68
N GLU I 105 -11.84 63.00 37.33
CA GLU I 105 -12.64 64.06 36.68
C GLU I 105 -11.69 64.98 35.87
N THR I 106 -10.47 65.22 36.37
CA THR I 106 -9.38 66.09 35.80
C THR I 106 -8.69 65.48 34.57
N GLY I 107 -8.70 64.16 34.40
CA GLY I 107 -7.90 63.48 33.37
C GLY I 107 -6.45 63.29 33.80
N GLU I 108 -6.16 63.63 35.06
CA GLU I 108 -4.88 63.20 35.65
C GLU I 108 -4.79 61.68 35.49
N LEU I 109 -5.84 60.94 35.85
CA LEU I 109 -5.83 59.45 35.85
C LEU I 109 -5.34 58.95 34.50
N ILE I 110 -5.77 59.55 33.40
CA ILE I 110 -5.34 59.14 32.05
C ILE I 110 -3.80 59.27 31.97
N SER I 111 -3.22 60.37 32.47
CA SER I 111 -1.74 60.59 32.50
C SER I 111 -1.03 59.49 33.29
N ILE I 112 -1.40 59.31 34.56
CA ILE I 112 -0.83 58.28 35.47
C ILE I 112 -0.88 56.90 34.77
N ARG I 113 -1.98 56.59 34.09
CA ARG I 113 -2.07 55.34 33.30
C ARG I 113 -0.93 55.39 32.30
N GLU I 114 -0.82 56.45 31.52
CA GLU I 114 0.17 56.54 30.42
C GLU I 114 1.56 56.32 31.01
N SER I 115 1.86 56.92 32.16
CA SER I 115 3.20 56.89 32.79
C SER I 115 3.43 55.54 33.51
N SER I 116 2.45 54.67 33.57
CA SER I 116 2.58 53.44 34.39
C SER I 116 3.05 52.27 33.48
N LEU I 117 3.04 52.47 32.16
CA LEU I 117 3.36 51.41 31.17
C LEU I 117 4.40 51.83 30.13
N TYR I 118 4.39 53.09 29.71
CA TYR I 118 5.24 53.63 28.61
C TYR I 118 6.26 54.58 29.24
N ALA I 119 7.55 54.33 28.97
CA ALA I 119 8.67 55.25 29.25
C ALA I 119 8.44 56.54 28.44
N ASP I 120 8.83 57.67 28.99
CA ASP I 120 8.69 58.97 28.29
C ASP I 120 9.91 59.85 28.64
N ILE I 121 10.23 60.74 27.72
CA ILE I 121 11.20 61.85 27.89
C ILE I 121 10.36 63.09 28.18
N ILE I 122 10.30 63.55 29.44
CA ILE I 122 9.62 64.82 29.82
C ILE I 122 10.61 65.74 30.54
N ASP I 123 10.51 67.04 30.26
CA ASP I 123 11.63 68.02 30.31
C ASP I 123 12.63 67.54 29.25
N ASP I 124 13.76 66.97 29.65
CA ASP I 124 14.59 66.18 28.70
C ASP I 124 15.32 65.09 29.49
N ILE I 125 14.75 64.68 30.61
CA ILE I 125 15.16 63.48 31.39
C ILE I 125 14.28 62.32 30.91
N LEU I 126 14.82 61.10 30.89
CA LEU I 126 14.05 59.87 30.59
C LEU I 126 13.35 59.39 31.86
N GLU I 127 12.04 59.25 31.80
CA GLU I 127 11.19 58.76 32.91
C GLU I 127 10.72 57.35 32.59
N VAL I 128 10.72 56.50 33.62
CA VAL I 128 10.40 55.06 33.51
C VAL I 128 9.29 54.70 34.53
N PRO I 129 8.27 53.89 34.15
CA PRO I 129 7.18 53.59 35.07
C PRO I 129 7.65 53.21 36.48
N SER I 130 8.69 52.40 36.54
CA SER I 130 9.25 51.85 37.80
C SER I 130 9.45 52.96 38.84
N GLU I 131 9.80 54.18 38.45
CA GLU I 131 10.15 55.22 39.43
C GLU I 131 9.03 56.25 39.53
N LYS I 132 7.95 56.15 38.76
CA LYS I 132 6.84 57.14 38.76
C LYS I 132 5.65 56.61 39.56
N ILE I 133 5.60 55.32 39.87
CA ILE I 133 4.43 54.71 40.53
C ILE I 133 4.93 53.99 41.77
N SER I 134 4.45 54.46 42.90
CA SER I 134 4.75 53.95 44.24
C SER I 134 3.79 52.85 44.66
N LYS I 135 4.22 52.02 45.61
CA LYS I 135 3.41 50.92 46.19
C LYS I 135 2.10 51.50 46.77
N GLU I 136 2.19 52.67 47.38
CA GLU I 136 1.08 53.24 48.19
C GLU I 136 -0.07 53.54 47.20
N GLN I 137 0.29 54.09 46.05
CA GLN I 137 -0.58 54.56 44.94
C GLN I 137 -1.12 53.35 44.19
N SER I 138 -0.32 52.30 44.08
CA SER I 138 -0.75 51.04 43.41
C SER I 138 -1.83 50.39 44.26
N ARG I 139 -1.57 50.23 45.55
CA ARG I 139 -2.56 49.63 46.49
C ARG I 139 -3.88 50.44 46.46
N ALA I 140 -3.83 51.75 46.70
CA ALA I 140 -5.02 52.61 46.68
C ALA I 140 -5.84 52.39 45.39
N LEU I 141 -5.24 52.45 44.21
CA LEU I 141 -6.02 52.48 42.96
C LEU I 141 -6.68 51.09 42.80
N LEU I 142 -6.02 50.01 43.21
CA LEU I 142 -6.63 48.66 43.11
C LEU I 142 -7.82 48.56 44.09
N LEU I 143 -7.67 48.99 45.34
CA LEU I 143 -8.76 48.94 46.33
C LEU I 143 -9.93 49.75 45.80
N TYR I 144 -9.70 50.99 45.40
CA TYR I 144 -10.79 51.78 44.77
C TYR I 144 -11.41 51.00 43.60
N ALA I 145 -10.60 50.33 42.76
CA ALA I 145 -11.07 49.58 41.56
C ALA I 145 -12.06 48.49 41.99
N ILE I 146 -11.63 47.67 42.96
CA ILE I 146 -12.41 46.53 43.49
C ILE I 146 -13.71 47.08 44.03
N GLU I 147 -13.63 48.16 44.81
CA GLU I 147 -14.79 48.64 45.59
C GLU I 147 -15.82 49.19 44.60
N CYS I 148 -15.40 49.87 43.54
CA CYS I 148 -16.35 50.50 42.59
C CYS I 148 -16.90 49.43 41.61
N PHE I 149 -16.25 48.26 41.46
CA PHE I 149 -16.77 47.01 40.80
C PHE I 149 -17.82 46.24 41.66
N ASP I 150 -17.56 46.06 42.97
CA ASP I 150 -18.52 45.44 43.93
C ASP I 150 -19.74 46.36 44.10
N ASP I 151 -19.54 47.67 44.13
CA ASP I 151 -20.60 48.71 44.29
C ASP I 151 -21.50 48.77 43.05
N SER I 152 -21.00 48.46 41.86
CA SER I 152 -21.68 48.77 40.57
C SER I 152 -22.34 47.54 39.94
N LEU I 153 -21.78 46.33 40.11
CA LEU I 153 -22.10 45.13 39.29
C LEU I 153 -22.36 43.91 40.17
N VAL I 154 -21.77 43.82 41.34
CA VAL I 154 -22.02 42.67 42.25
C VAL I 154 -23.41 42.88 42.88
N GLY I 155 -24.18 41.79 43.04
CA GLY I 155 -25.38 41.72 43.90
C GLY I 155 -26.69 41.64 43.13
N TYR I 156 -26.71 41.86 41.82
CA TYR I 156 -27.93 41.77 40.99
C TYR I 156 -28.12 40.36 40.42
N THR I 157 -27.09 39.51 40.42
CA THR I 157 -27.16 38.11 39.92
C THR I 157 -26.59 37.15 40.96
N HIS I 158 -27.00 35.88 40.86
CA HIS I 158 -26.65 34.78 41.79
C HIS I 158 -25.16 34.49 41.61
N HIS I 159 -24.73 34.43 40.34
CA HIS I 159 -23.31 34.20 39.94
C HIS I 159 -22.40 35.24 40.60
N SER I 160 -22.85 36.47 40.72
CA SER I 160 -22.05 37.58 41.28
C SER I 160 -21.63 37.25 42.72
N PHE I 161 -22.25 36.31 43.42
CA PHE I 161 -21.95 36.08 44.86
C PHE I 161 -20.70 35.24 45.01
N GLU I 162 -20.51 34.30 44.09
CA GLU I 162 -19.33 33.41 44.02
C GLU I 162 -18.13 34.26 43.67
N VAL I 163 -18.28 35.18 42.72
CA VAL I 163 -17.20 36.09 42.25
C VAL I 163 -16.90 37.13 43.34
N SER I 164 -17.88 37.71 44.00
CA SER I 164 -17.65 38.70 45.08
C SER I 164 -16.97 38.04 46.28
N GLU I 165 -17.17 36.75 46.51
CA GLU I 165 -16.53 36.01 47.64
C GLU I 165 -15.01 36.11 47.49
N THR I 166 -14.47 35.82 46.29
CA THR I 166 -13.01 35.77 45.98
C THR I 166 -12.46 37.20 45.89
N THR I 167 -13.22 38.14 45.30
CA THR I 167 -12.94 39.60 45.26
C THR I 167 -12.75 40.14 46.68
N ASP I 168 -13.55 39.68 47.65
CA ASP I 168 -13.59 40.21 49.03
C ASP I 168 -12.34 39.72 49.76
N GLU I 169 -11.96 38.45 49.61
CA GLU I 169 -10.69 37.94 50.18
C GLU I 169 -9.59 38.90 49.70
N LEU I 170 -9.41 39.06 48.38
CA LEU I 170 -8.36 39.94 47.80
C LEU I 170 -8.45 41.29 48.49
N PHE I 171 -9.65 41.87 48.57
CA PHE I 171 -9.83 43.21 49.17
C PHE I 171 -9.20 43.17 50.55
N GLU I 172 -9.50 42.15 51.37
CA GLU I 172 -9.12 42.21 52.80
C GLU I 172 -7.61 41.98 52.94
N LYS I 173 -7.00 41.11 52.14
CA LYS I 173 -5.52 40.88 52.13
C LYS I 173 -4.80 42.20 51.82
N LEU I 174 -5.15 42.83 50.70
CA LEU I 174 -4.57 44.08 50.15
C LEU I 174 -4.76 45.25 51.13
N ALA I 175 -5.89 45.31 51.85
CA ALA I 175 -6.18 46.35 52.88
C ALA I 175 -5.37 46.02 54.12
N ASN I 176 -5.38 44.73 54.49
CA ASN I 176 -4.59 44.10 55.60
C ASN I 176 -5.08 44.67 56.93
N SER J 4 22.91 58.47 25.02
CA SER J 4 23.38 58.04 26.35
C SER J 4 23.27 56.51 26.42
N THR J 5 24.12 55.86 27.24
CA THR J 5 24.08 54.39 27.42
C THR J 5 23.28 54.11 28.71
N ASP J 6 23.29 55.02 29.69
CA ASP J 6 22.49 54.91 30.94
C ASP J 6 20.95 55.02 30.69
N ASP J 7 20.58 55.75 29.63
CA ASP J 7 19.17 55.92 29.19
C ASP J 7 18.75 54.64 28.45
N LEU J 8 19.66 54.00 27.70
CA LEU J 8 19.38 52.76 26.92
C LEU J 8 19.26 51.60 27.92
N ASN J 9 20.06 51.60 28.97
CA ASN J 9 19.98 50.57 30.02
C ASN J 9 18.73 50.73 30.89
N LYS J 10 18.13 51.92 30.97
CA LYS J 10 16.91 52.11 31.79
C LYS J 10 15.70 51.63 30.99
N CYS J 11 15.65 51.95 29.70
CA CYS J 11 14.66 51.43 28.72
C CYS J 11 14.68 49.90 28.69
N ILE J 12 15.87 49.27 28.72
CA ILE J 12 16.06 47.79 28.68
C ILE J 12 15.64 47.21 30.01
N ASP J 13 15.78 47.97 31.09
CA ASP J 13 15.30 47.49 32.42
C ASP J 13 13.77 47.59 32.47
N HIS J 14 13.20 48.62 31.88
CA HIS J 14 11.73 48.76 31.75
C HIS J 14 11.12 47.59 30.97
N ILE J 15 11.69 47.22 29.82
CA ILE J 15 11.19 46.13 28.95
C ILE J 15 11.32 44.78 29.67
N SER J 16 12.43 44.56 30.35
CA SER J 16 12.68 43.38 31.20
C SER J 16 11.54 43.23 32.21
N VAL J 17 11.11 44.32 32.83
CA VAL J 17 9.99 44.25 33.82
C VAL J 17 8.76 43.74 33.08
N LEU J 18 8.40 44.41 31.99
CA LEU J 18 7.20 44.02 31.22
C LEU J 18 7.30 42.56 30.81
N ILE J 19 8.47 42.08 30.39
CA ILE J 19 8.57 40.67 29.94
C ILE J 19 8.25 39.76 31.13
N LYS J 20 8.80 40.05 32.31
CA LYS J 20 8.58 39.19 33.48
C LYS J 20 7.08 39.23 33.80
N ASP J 21 6.41 40.36 33.53
CA ASP J 21 4.95 40.57 33.85
C ASP J 21 4.09 39.79 32.83
N ALA J 22 4.31 39.91 31.52
CA ALA J 22 3.77 39.00 30.47
C ALA J 22 3.93 37.53 30.91
N TYR J 23 5.13 37.13 31.33
CA TYR J 23 5.41 35.71 31.67
C TYR J 23 4.59 35.39 32.90
N LEU J 24 4.60 36.28 33.90
CA LEU J 24 3.90 36.02 35.20
C LEU J 24 2.39 35.82 34.96
N LEU J 25 1.84 36.55 34.01
CA LEU J 25 0.41 36.49 33.68
C LEU J 25 0.13 35.21 32.89
N TYR J 26 1.03 34.81 31.98
CA TYR J 26 0.85 33.62 31.12
C TYR J 26 0.93 32.37 32.00
N THR J 27 1.86 32.32 32.93
CA THR J 27 1.94 31.15 33.82
C THR J 27 0.76 31.12 34.79
N ASN J 28 -0.04 32.19 34.98
CA ASN J 28 -1.24 32.12 35.88
C ASN J 28 -2.52 31.96 35.06
N GLU J 29 -2.42 31.70 33.75
CA GLU J 29 -3.53 31.44 32.80
C GLU J 29 -4.32 32.70 32.39
N SER J 30 -3.83 33.92 32.66
CA SER J 30 -4.40 35.19 32.13
C SER J 30 -3.82 35.44 30.75
N PHE J 31 -4.21 34.63 29.76
CA PHE J 31 -3.64 34.68 28.39
C PHE J 31 -3.99 35.98 27.69
N ALA J 32 -5.21 36.50 27.83
CA ALA J 32 -5.57 37.76 27.13
C ALA J 32 -4.68 38.90 27.70
N THR J 33 -4.57 39.04 29.00
CA THR J 33 -3.85 40.18 29.60
C THR J 33 -2.38 40.06 29.28
N SER J 34 -1.85 38.84 29.33
CA SER J 34 -0.45 38.55 28.93
C SER J 34 -0.24 39.09 27.52
N THR J 35 -1.19 38.83 26.64
CA THR J 35 -1.05 39.16 25.22
C THR J 35 -0.97 40.67 25.07
N PHE J 36 -1.70 41.40 25.91
CA PHE J 36 -1.76 42.88 25.87
C PHE J 36 -0.35 43.40 26.14
N ILE J 37 0.26 42.90 27.22
CA ILE J 37 1.64 43.26 27.64
C ILE J 37 2.58 42.90 26.46
N SER J 38 2.46 41.69 25.89
CA SER J 38 3.39 41.12 24.88
C SER J 38 3.44 42.09 23.68
N ILE J 39 2.28 42.52 23.22
CA ILE J 39 2.19 43.42 22.05
C ILE J 39 2.73 44.79 22.42
N THR J 40 2.51 45.24 23.66
CA THR J 40 3.10 46.49 24.22
C THR J 40 4.61 46.40 24.16
N ILE J 41 5.22 45.33 24.68
CA ILE J 41 6.69 45.10 24.59
C ILE J 41 7.14 45.29 23.13
N ILE J 42 6.41 44.71 22.17
CA ILE J 42 6.75 44.80 20.72
C ILE J 42 6.77 46.27 20.31
N GLU J 43 5.78 47.06 20.72
CA GLU J 43 5.74 48.54 20.54
C GLU J 43 6.95 49.22 21.22
N GLU J 44 7.22 49.00 22.50
CA GLU J 44 8.33 49.67 23.22
C GLU J 44 9.70 49.33 22.60
N VAL J 45 9.93 48.08 22.19
CA VAL J 45 11.21 47.64 21.53
C VAL J 45 11.39 48.42 20.21
N GLY J 46 10.36 48.45 19.36
CA GLY J 46 10.32 49.32 18.16
C GLY J 46 10.72 50.78 18.42
N LYS J 47 10.04 51.42 19.38
CA LYS J 47 10.20 52.85 19.75
C LYS J 47 11.62 53.10 20.28
N THR J 48 12.10 52.23 21.16
CA THR J 48 13.45 52.33 21.75
C THR J 48 14.52 52.22 20.67
N HIS J 49 14.34 51.32 19.71
CA HIS J 49 15.33 51.05 18.64
C HIS J 49 15.44 52.24 17.68
N ILE J 50 14.33 52.88 17.31
CA ILE J 50 14.30 54.12 16.47
C ILE J 50 14.84 55.27 17.31
N GLY J 51 14.66 55.21 18.63
CA GLY J 51 15.17 56.22 19.59
C GLY J 51 16.68 56.21 19.74
N MET J 52 17.42 55.38 19.01
CA MET J 52 18.90 55.49 18.84
C MET J 52 19.27 55.92 17.40
N PHE J 53 18.33 55.90 16.45
CA PHE J 53 18.45 56.34 15.03
C PHE J 53 19.56 55.53 14.34
N HIS J 74 0.03 51.51 11.23
CA HIS J 74 1.30 51.81 10.51
C HIS J 74 2.48 51.74 11.47
N ALA J 75 3.65 51.33 10.95
CA ALA J 75 4.97 51.42 11.61
C ALA J 75 4.87 50.96 13.07
N PHE J 76 4.43 49.73 13.32
CA PHE J 76 4.23 49.18 14.68
C PHE J 76 5.28 48.12 15.02
N GLY J 77 6.31 48.53 15.74
CA GLY J 77 7.38 47.63 16.18
C GLY J 77 8.37 47.39 15.08
N SER J 78 9.60 47.00 15.47
CA SER J 78 10.71 46.55 14.58
C SER J 78 10.56 45.03 14.43
N LEU J 79 10.84 44.49 13.23
CA LEU J 79 10.56 43.08 12.84
C LEU J 79 11.85 42.29 12.76
N PRO J 80 12.03 41.34 13.68
CA PRO J 80 13.23 40.50 13.68
C PRO J 80 13.37 39.61 12.43
N THR J 81 14.63 39.25 12.14
CA THR J 81 15.02 38.22 11.16
C THR J 81 14.54 36.85 11.63
N ILE J 82 13.59 36.25 10.93
CA ILE J 82 13.06 34.89 11.25
C ILE J 82 13.83 33.87 10.40
N LYS J 83 14.78 33.18 11.02
CA LYS J 83 15.75 32.25 10.38
C LYS J 83 15.17 30.84 10.48
N MET J 84 14.81 30.21 9.36
CA MET J 84 14.27 28.81 9.38
C MET J 84 15.30 27.94 10.10
N GLY J 85 14.80 27.07 11.01
CA GLY J 85 15.59 26.24 11.93
C GLY J 85 16.06 27.00 13.17
N GLY J 86 15.68 28.27 13.32
CA GLY J 86 15.99 29.09 14.50
C GLY J 86 15.08 28.87 15.70
N ARG J 87 15.58 29.29 16.86
CA ARG J 87 14.92 29.27 18.20
C ARG J 87 13.41 29.43 18.09
N LEU J 88 12.96 30.47 17.38
CA LEU J 88 11.54 30.86 17.31
C LEU J 88 10.76 29.91 16.38
N ASN J 89 11.29 29.61 15.18
CA ASN J 89 10.64 28.64 14.26
C ASN J 89 10.40 27.31 14.97
N LYS J 90 11.29 26.84 15.84
CA LYS J 90 11.16 25.51 16.49
C LYS J 90 10.10 25.55 17.58
N ALA J 91 9.80 26.71 18.15
CA ALA J 91 8.92 26.86 19.33
C ALA J 91 7.46 27.12 18.93
N ILE J 92 7.19 27.76 17.80
CA ILE J 92 5.77 28.03 17.43
C ILE J 92 5.40 27.37 16.09
N GLY J 93 6.36 27.16 15.18
CA GLY J 93 6.09 26.55 13.87
C GLY J 93 5.87 27.61 12.80
N ASP J 94 6.31 27.33 11.56
CA ASP J 94 6.53 28.36 10.49
C ASP J 94 5.20 29.03 10.13
N GLU J 95 4.06 28.38 10.40
CA GLU J 95 2.69 28.91 10.12
C GLU J 95 2.34 30.13 10.98
N MET J 96 2.43 29.97 12.31
CA MET J 96 2.16 31.03 13.31
C MET J 96 3.18 32.18 13.16
N ILE J 97 4.42 31.99 12.67
CA ILE J 97 5.37 33.12 12.39
C ILE J 97 4.82 33.92 11.22
N ASP J 98 4.21 33.26 10.24
CA ASP J 98 3.73 33.89 8.98
C ASP J 98 2.47 34.71 9.31
N LYS J 99 1.67 34.22 10.27
CA LYS J 99 0.47 34.91 10.82
C LYS J 99 0.92 36.19 11.57
N ILE J 100 1.82 36.08 12.55
CA ILE J 100 2.31 37.21 13.39
C ILE J 100 3.02 38.24 12.50
N VAL J 101 3.84 37.79 11.54
CA VAL J 101 4.55 38.67 10.56
C VAL J 101 3.51 39.42 9.73
N GLU J 102 2.46 38.72 9.25
CA GLU J 102 1.37 39.30 8.43
C GLU J 102 0.62 40.34 9.28
N ASP J 103 0.35 40.00 10.54
CA ASP J 103 -0.40 40.85 11.51
C ASP J 103 0.40 42.14 11.79
N ALA J 104 1.74 42.04 11.87
CA ALA J 104 2.67 43.16 12.16
C ALA J 104 2.69 44.18 11.02
N GLU J 105 2.62 43.73 9.76
CA GLU J 105 2.63 44.59 8.54
C GLU J 105 1.22 45.08 8.16
N THR J 106 0.15 44.41 8.60
CA THR J 106 -1.26 44.87 8.44
C THR J 106 -1.57 45.93 9.51
N GLY J 107 -0.75 45.99 10.57
CA GLY J 107 -1.09 46.72 11.79
C GLY J 107 -2.21 46.04 12.55
N GLU J 108 -2.58 44.80 12.20
CA GLU J 108 -3.65 44.00 12.86
C GLU J 108 -3.25 43.73 14.31
N LEU J 109 -1.96 43.80 14.63
CA LEU J 109 -1.48 43.70 16.03
C LEU J 109 -2.13 44.79 16.91
N ILE J 110 -2.32 46.00 16.39
CA ILE J 110 -3.06 47.08 17.11
C ILE J 110 -4.46 46.59 17.51
N SER J 111 -5.20 46.00 16.57
CA SER J 111 -6.55 45.44 16.79
C SER J 111 -6.49 44.35 17.88
N ILE J 112 -5.55 43.40 17.77
CA ILE J 112 -5.44 42.23 18.71
C ILE J 112 -5.14 42.79 20.11
N ARG J 113 -4.34 43.84 20.20
CA ARG J 113 -4.08 44.45 21.50
C ARG J 113 -5.39 44.96 22.09
N GLU J 114 -6.15 45.74 21.31
CA GLU J 114 -7.42 46.29 21.81
C GLU J 114 -8.22 45.08 22.34
N SER J 115 -8.43 44.05 21.53
CA SER J 115 -9.45 43.02 21.84
C SER J 115 -9.04 42.27 23.13
N SER J 116 -7.77 42.35 23.52
CA SER J 116 -7.16 41.47 24.55
C SER J 116 -7.34 42.08 25.95
N LEU J 117 -7.80 43.32 26.01
CA LEU J 117 -8.00 44.01 27.30
C LEU J 117 -9.42 44.60 27.44
N TYR J 118 -9.98 45.13 26.38
CA TYR J 118 -11.27 45.86 26.44
C TYR J 118 -12.39 44.95 25.91
N ALA J 119 -13.45 44.74 26.70
CA ALA J 119 -14.72 44.17 26.23
C ALA J 119 -15.27 45.11 25.18
N ASP J 120 -15.98 44.59 24.20
CA ASP J 120 -16.54 45.36 23.07
C ASP J 120 -17.91 44.78 22.68
N ILE J 121 -18.77 45.65 22.13
CA ILE J 121 -20.12 45.29 21.61
C ILE J 121 -20.04 45.38 20.08
N ILE J 122 -19.77 44.23 19.45
CA ILE J 122 -19.49 44.05 18.00
C ILE J 122 -20.61 43.22 17.42
N ASP J 123 -21.45 43.85 16.58
CA ASP J 123 -22.71 43.31 15.97
C ASP J 123 -23.84 43.33 17.03
N ASP J 124 -23.71 44.18 18.05
CA ASP J 124 -24.72 44.37 19.13
C ASP J 124 -24.72 43.19 20.13
N ILE J 125 -23.66 42.35 20.13
CA ILE J 125 -23.42 41.26 21.13
C ILE J 125 -22.08 41.51 21.82
N LEU J 126 -21.98 41.14 23.10
CA LEU J 126 -20.79 41.43 23.97
C LEU J 126 -19.71 40.39 23.75
N GLU J 127 -18.55 40.85 23.28
CA GLU J 127 -17.32 40.05 23.13
C GLU J 127 -16.38 40.40 24.29
N VAL J 128 -15.82 39.38 24.93
CA VAL J 128 -14.88 39.53 26.06
C VAL J 128 -13.50 39.05 25.65
N PRO J 129 -12.38 39.60 26.17
CA PRO J 129 -11.03 39.17 25.76
C PRO J 129 -10.70 37.68 25.86
N SER J 130 -11.07 37.02 26.95
CA SER J 130 -10.96 35.54 27.14
C SER J 130 -11.52 34.72 25.95
N GLU J 131 -12.50 35.18 25.16
CA GLU J 131 -13.06 34.43 23.99
C GLU J 131 -12.34 34.77 22.67
N LYS J 132 -11.40 35.71 22.66
CA LYS J 132 -10.72 36.22 21.43
C LYS J 132 -9.25 35.76 21.39
N ILE J 133 -8.65 35.46 22.53
CA ILE J 133 -7.18 35.21 22.59
C ILE J 133 -6.97 33.79 23.13
N SER J 134 -6.32 32.93 22.35
CA SER J 134 -6.02 31.54 22.73
C SER J 134 -4.67 31.42 23.41
N LYS J 135 -4.47 30.35 24.16
CA LYS J 135 -3.20 30.11 24.89
C LYS J 135 -2.05 30.04 23.88
N GLU J 136 -2.26 29.44 22.72
CA GLU J 136 -1.21 29.26 21.68
C GLU J 136 -0.73 30.66 21.24
N GLN J 137 -1.64 31.55 20.95
CA GLN J 137 -1.35 32.92 20.44
C GLN J 137 -0.62 33.72 21.52
N SER J 138 -1.08 33.59 22.75
CA SER J 138 -0.44 34.22 23.92
C SER J 138 1.03 33.80 24.00
N ARG J 139 1.32 32.52 24.05
CA ARG J 139 2.69 31.94 24.11
C ARG J 139 3.58 32.33 22.88
N ALA J 140 3.02 32.36 21.68
CA ALA J 140 3.70 32.83 20.47
C ALA J 140 4.02 34.32 20.57
N LEU J 141 3.07 35.16 21.00
CA LEU J 141 3.29 36.64 20.97
C LEU J 141 4.31 37.05 22.05
N LEU J 142 4.38 36.32 23.14
CA LEU J 142 5.42 36.51 24.16
C LEU J 142 6.79 36.09 23.62
N LEU J 143 6.92 34.88 23.05
CA LEU J 143 8.18 34.37 22.48
C LEU J 143 8.65 35.36 21.41
N TYR J 144 7.76 35.82 20.54
CA TYR J 144 8.15 36.77 19.47
C TYR J 144 8.62 38.08 20.12
N ALA J 145 7.97 38.49 21.18
CA ALA J 145 8.33 39.75 21.84
C ALA J 145 9.77 39.62 22.34
N ILE J 146 10.11 38.54 23.04
CA ILE J 146 11.48 38.32 23.55
C ILE J 146 12.42 38.30 22.36
N GLU J 147 12.12 37.61 21.28
CA GLU J 147 13.06 37.53 20.13
C GLU J 147 13.26 38.93 19.54
N CYS J 148 12.23 39.77 19.48
CA CYS J 148 12.32 41.21 19.05
C CYS J 148 13.31 42.01 19.90
N PHE J 149 13.24 41.78 21.21
CA PHE J 149 14.14 42.36 22.23
C PHE J 149 15.61 41.94 21.97
N ASP J 150 15.90 40.65 22.09
CA ASP J 150 17.20 40.01 21.75
C ASP J 150 17.76 40.56 20.42
N ASP J 151 16.99 40.60 19.34
CA ASP J 151 17.46 41.02 17.99
C ASP J 151 17.66 42.54 17.88
N SER J 152 17.20 43.37 18.80
CA SER J 152 17.15 44.83 18.57
C SER J 152 18.05 45.56 19.57
N LEU J 153 18.11 45.10 20.83
CA LEU J 153 18.65 45.89 21.96
C LEU J 153 19.80 45.19 22.66
N VAL J 154 20.00 43.89 22.44
CA VAL J 154 21.10 43.13 23.11
C VAL J 154 22.34 43.39 22.27
N GLY J 155 23.46 43.72 22.91
CA GLY J 155 24.77 43.81 22.24
C GLY J 155 25.27 45.24 22.11
N TYR J 156 24.47 46.25 22.47
CA TYR J 156 24.90 47.67 22.39
C TYR J 156 25.63 48.00 23.70
N THR J 157 25.13 47.51 24.82
CA THR J 157 25.65 47.85 26.17
C THR J 157 26.06 46.55 26.85
N HIS J 158 26.89 46.65 27.88
CA HIS J 158 27.33 45.47 28.64
C HIS J 158 26.13 44.90 29.40
N HIS J 159 25.35 45.77 30.02
CA HIS J 159 24.20 45.37 30.87
C HIS J 159 23.22 44.54 30.06
N SER J 160 23.06 44.87 28.78
CA SER J 160 22.10 44.23 27.86
C SER J 160 22.26 42.71 27.90
N PHE J 161 23.47 42.15 28.07
CA PHE J 161 23.75 40.69 28.00
C PHE J 161 23.30 40.03 29.29
N GLU J 162 23.46 40.73 30.40
CA GLU J 162 22.93 40.28 31.72
C GLU J 162 21.42 40.05 31.55
N VAL J 163 20.73 41.02 30.97
CA VAL J 163 19.23 41.03 30.83
C VAL J 163 18.83 39.98 29.79
N SER J 164 19.58 39.81 28.71
CA SER J 164 19.28 38.79 27.70
C SER J 164 19.49 37.37 28.27
N GLU J 165 20.40 37.21 29.25
CA GLU J 165 20.62 35.93 29.97
C GLU J 165 19.31 35.53 30.63
N THR J 166 18.74 36.45 31.41
CA THR J 166 17.44 36.29 32.13
C THR J 166 16.36 35.93 31.12
N THR J 167 16.17 36.72 30.05
CA THR J 167 15.07 36.53 29.05
C THR J 167 15.27 35.20 28.31
N ASP J 168 16.50 34.71 28.16
CA ASP J 168 16.83 33.42 27.50
C ASP J 168 16.30 32.22 28.32
N GLU J 169 16.30 32.28 29.65
CA GLU J 169 15.74 31.17 30.49
C GLU J 169 14.21 31.30 30.50
N LEU J 170 13.65 32.51 30.44
CA LEU J 170 12.17 32.69 30.28
C LEU J 170 11.81 32.04 28.95
N PHE J 171 12.46 32.41 27.87
CA PHE J 171 12.22 31.85 26.51
C PHE J 171 12.26 30.31 26.53
N GLU J 172 13.22 29.70 27.23
CA GLU J 172 13.41 28.23 27.28
C GLU J 172 12.21 27.59 27.99
N LYS J 173 11.92 28.05 29.21
CA LYS J 173 10.80 27.55 30.05
C LYS J 173 9.48 27.62 29.26
N LEU J 174 9.22 28.73 28.62
CA LEU J 174 7.96 28.99 27.88
C LEU J 174 7.90 28.18 26.57
N ALA J 175 9.01 27.80 25.98
CA ALA J 175 9.00 27.08 24.69
C ALA J 175 8.75 25.58 24.92
N ASN J 176 9.03 25.03 26.11
CA ASN J 176 8.87 23.57 26.41
C ASN J 176 7.56 23.28 27.15
N SER K 1 8.17 4.16 -59.34
CA SER K 1 9.40 3.29 -59.23
C SER K 1 8.91 1.85 -59.10
N LEU K 2 9.06 1.21 -57.93
CA LEU K 2 8.76 -0.23 -57.70
C LEU K 2 7.25 -0.43 -57.70
N LYS K 3 6.76 -1.48 -58.36
CA LYS K 3 5.30 -1.64 -58.59
C LYS K 3 4.80 -3.03 -58.17
N SER K 4 5.56 -3.80 -57.39
CA SER K 4 5.05 -5.06 -56.78
C SER K 4 5.94 -5.44 -55.60
N THR K 5 5.47 -6.32 -54.70
CA THR K 5 6.22 -6.66 -53.45
C THR K 5 7.43 -7.54 -53.83
N ASP K 6 7.38 -8.25 -54.97
CA ASP K 6 8.55 -9.01 -55.50
C ASP K 6 9.65 -7.98 -55.80
N ASP K 7 9.35 -6.90 -56.53
CA ASP K 7 10.30 -5.79 -56.88
C ASP K 7 10.82 -5.10 -55.61
N LEU K 8 10.02 -4.93 -54.58
CA LEU K 8 10.46 -4.33 -53.30
C LEU K 8 11.44 -5.28 -52.61
N ASN K 9 11.19 -6.59 -52.67
CA ASN K 9 12.10 -7.61 -52.07
C ASN K 9 13.41 -7.73 -52.90
N LYS K 10 13.37 -7.55 -54.22
CA LYS K 10 14.58 -7.51 -55.09
C LYS K 10 15.46 -6.30 -54.75
N CYS K 11 14.83 -5.13 -54.60
CA CYS K 11 15.51 -3.88 -54.20
C CYS K 11 16.13 -4.01 -52.80
N ILE K 12 15.40 -4.60 -51.86
CA ILE K 12 15.92 -4.85 -50.48
C ILE K 12 17.10 -5.86 -50.45
N ASP K 13 17.12 -6.87 -51.31
CA ASP K 13 18.27 -7.79 -51.44
C ASP K 13 19.48 -7.00 -51.98
N HIS K 14 19.29 -6.28 -53.10
CA HIS K 14 20.33 -5.46 -53.75
C HIS K 14 21.05 -4.63 -52.70
N ILE K 15 20.29 -3.87 -51.93
CA ILE K 15 20.84 -2.87 -50.99
C ILE K 15 21.46 -3.62 -49.82
N SER K 16 20.86 -4.73 -49.43
CA SER K 16 21.45 -5.67 -48.47
C SER K 16 22.86 -6.13 -48.94
N VAL K 17 23.04 -6.48 -50.21
CA VAL K 17 24.37 -6.87 -50.76
C VAL K 17 25.31 -5.67 -50.61
N LEU K 18 24.97 -4.50 -51.12
CA LEU K 18 25.89 -3.33 -50.98
C LEU K 18 26.27 -3.07 -49.51
N ILE K 19 25.36 -3.23 -48.57
CA ILE K 19 25.65 -2.97 -47.13
C ILE K 19 26.65 -4.02 -46.60
N LYS K 20 26.47 -5.27 -47.00
CA LYS K 20 27.44 -6.32 -46.64
C LYS K 20 28.81 -6.01 -47.23
N ASP K 21 28.91 -5.33 -48.37
CA ASP K 21 30.18 -5.09 -49.12
C ASP K 21 30.88 -3.87 -48.54
N ALA K 22 30.13 -2.80 -48.25
CA ALA K 22 30.63 -1.63 -47.50
C ALA K 22 31.16 -2.07 -46.14
N TYR K 23 30.52 -3.02 -45.45
CA TYR K 23 30.94 -3.49 -44.10
C TYR K 23 32.22 -4.33 -44.16
N LEU K 24 32.24 -5.25 -45.11
CA LEU K 24 33.37 -6.15 -45.40
C LEU K 24 34.60 -5.29 -45.69
N LEU K 25 34.47 -4.29 -46.56
CA LEU K 25 35.55 -3.35 -46.89
C LEU K 25 35.97 -2.53 -45.67
N TYR K 26 35.00 -2.07 -44.91
CA TYR K 26 35.28 -1.28 -43.69
C TYR K 26 36.06 -2.16 -42.70
N THR K 27 35.75 -3.46 -42.50
CA THR K 27 36.52 -4.28 -41.52
C THR K 27 37.86 -4.72 -42.07
N ASN K 28 38.10 -4.60 -43.38
CA ASN K 28 39.44 -4.87 -43.97
C ASN K 28 40.18 -3.56 -44.20
N GLU K 29 39.67 -2.49 -43.57
CA GLU K 29 40.34 -1.17 -43.41
C GLU K 29 40.46 -0.45 -44.76
N SER K 30 39.64 -0.78 -45.77
CA SER K 30 39.49 0.05 -47.00
C SER K 30 38.41 1.09 -46.71
N PHE K 31 38.70 2.07 -45.88
CA PHE K 31 37.70 3.07 -45.48
C PHE K 31 37.23 3.81 -46.75
N ALA K 32 38.14 4.15 -47.65
CA ALA K 32 37.84 5.06 -48.77
C ALA K 32 36.78 4.41 -49.64
N THR K 33 37.00 3.14 -50.00
CA THR K 33 36.11 2.34 -50.89
C THR K 33 34.76 2.14 -50.18
N SER K 34 34.79 1.76 -48.90
CA SER K 34 33.59 1.50 -48.05
C SER K 34 32.69 2.73 -48.16
N THR K 35 33.31 3.90 -48.03
CA THR K 35 32.62 5.21 -48.05
C THR K 35 32.00 5.45 -49.43
N PHE K 36 32.69 5.09 -50.50
CA PHE K 36 32.10 5.14 -51.87
C PHE K 36 30.83 4.28 -51.95
N ILE K 37 30.86 3.10 -51.34
CA ILE K 37 29.69 2.20 -51.40
C ILE K 37 28.60 2.72 -50.44
N SER K 38 29.01 3.15 -49.24
CA SER K 38 28.09 3.77 -48.24
C SER K 38 27.32 4.89 -48.94
N ILE K 39 28.02 5.80 -49.63
CA ILE K 39 27.35 6.97 -50.29
C ILE K 39 26.47 6.44 -51.43
N THR K 40 26.88 5.40 -52.13
CA THR K 40 26.04 4.76 -53.19
C THR K 40 24.75 4.15 -52.61
N ILE K 41 24.78 3.52 -51.46
CA ILE K 41 23.55 2.97 -50.79
C ILE K 41 22.63 4.17 -50.50
N ILE K 42 23.18 5.33 -50.12
CA ILE K 42 22.38 6.54 -49.76
C ILE K 42 21.70 7.09 -51.02
N GLU K 43 22.35 7.19 -52.19
CA GLU K 43 21.71 7.55 -53.49
C GLU K 43 20.55 6.58 -53.78
N GLU K 44 20.81 5.26 -53.72
CA GLU K 44 19.86 4.18 -54.14
C GLU K 44 18.59 4.26 -53.27
N VAL K 45 18.75 4.35 -51.95
CA VAL K 45 17.60 4.46 -51.01
C VAL K 45 16.81 5.70 -51.42
N GLY K 46 17.47 6.84 -51.53
CA GLY K 46 16.85 8.12 -51.93
C GLY K 46 16.16 8.05 -53.29
N LYS K 47 16.68 7.28 -54.25
CA LYS K 47 16.11 7.18 -55.62
C LYS K 47 14.78 6.40 -55.55
N THR K 48 14.61 5.52 -54.58
CA THR K 48 13.46 4.57 -54.56
C THR K 48 12.17 5.31 -54.23
N HIS K 49 11.19 5.20 -55.11
CA HIS K 49 9.78 5.55 -54.80
C HIS K 49 8.95 4.26 -54.85
N ILE K 50 8.15 4.01 -53.80
CA ILE K 50 7.22 2.84 -53.77
C ILE K 50 6.02 3.25 -54.62
N GLY K 51 5.29 2.28 -55.17
CA GLY K 51 4.12 2.55 -56.00
C GLY K 51 2.90 1.77 -55.53
N MET K 52 1.79 2.03 -56.20
CA MET K 52 0.59 1.20 -56.01
C MET K 52 0.90 -0.19 -56.58
N PHE K 53 0.65 -1.23 -55.77
CA PHE K 53 0.59 -2.64 -56.22
C PHE K 53 -0.88 -2.91 -56.58
N ILE K 54 -1.23 -2.62 -57.83
CA ILE K 54 -2.61 -2.75 -58.40
C ILE K 54 -3.03 -4.22 -58.25
N SER K 55 -2.19 -5.15 -58.72
CA SER K 55 -2.53 -6.59 -58.92
C SER K 55 -2.72 -7.33 -57.58
N GLU K 56 -2.19 -6.82 -56.46
CA GLU K 56 -2.23 -7.53 -55.15
C GLU K 56 -3.11 -6.77 -54.14
N ASN K 57 -3.64 -5.59 -54.49
CA ASN K 57 -4.52 -4.72 -53.65
C ASN K 57 -3.73 -3.99 -52.56
N LYS K 58 -2.41 -3.85 -52.72
CA LYS K 58 -1.55 -3.10 -51.76
C LYS K 58 -1.26 -1.71 -52.31
N ASP K 59 -0.98 -0.83 -51.38
CA ASP K 59 -0.60 0.58 -51.60
C ASP K 59 0.05 1.00 -50.28
N ILE K 60 1.35 0.77 -50.17
CA ILE K 60 2.21 1.06 -48.98
C ILE K 60 2.59 2.55 -49.04
N LYS K 61 2.36 3.29 -47.95
CA LYS K 61 2.58 4.76 -47.85
C LYS K 61 3.51 5.06 -46.66
N ARG K 62 4.64 5.73 -46.94
CA ARG K 62 5.71 5.89 -45.92
C ARG K 62 5.53 7.22 -45.18
N GLY K 63 5.86 7.23 -43.89
CA GLY K 63 5.93 8.46 -43.10
C GLY K 63 6.85 9.43 -43.81
N LYS K 64 6.45 10.70 -43.92
CA LYS K 64 7.36 11.83 -44.26
C LYS K 64 7.56 12.68 -42.98
N ASP K 65 8.67 13.40 -42.94
CA ASP K 65 8.92 14.48 -41.95
C ASP K 65 7.72 15.42 -41.99
N PRO K 66 7.04 15.63 -40.85
CA PRO K 66 5.94 16.60 -40.78
C PRO K 66 6.30 18.01 -41.27
N LEU K 67 7.59 18.35 -41.26
CA LEU K 67 8.08 19.67 -41.72
C LEU K 67 8.62 19.61 -43.15
N ARG K 68 8.01 18.83 -44.06
CA ARG K 68 8.40 18.85 -45.50
C ARG K 68 7.33 18.16 -46.35
N ASN K 69 6.47 18.97 -46.99
CA ASN K 69 5.31 18.60 -47.85
C ASN K 69 5.78 18.12 -49.24
N HIS K 70 6.12 19.07 -50.13
CA HIS K 70 6.44 18.87 -51.57
C HIS K 70 7.59 17.87 -51.73
N LYS K 71 7.65 17.23 -52.90
CA LYS K 71 8.72 16.30 -53.32
C LYS K 71 9.87 17.12 -53.93
N SER K 72 11.08 16.55 -53.96
CA SER K 72 12.30 17.21 -54.49
C SER K 72 12.71 16.59 -55.85
N LYS K 73 13.92 16.91 -56.30
CA LYS K 73 14.50 16.63 -57.64
C LYS K 73 15.76 15.77 -57.45
N HIS K 74 16.63 16.16 -56.52
CA HIS K 74 17.87 15.43 -56.15
C HIS K 74 17.51 14.16 -55.36
N ALA K 75 18.23 13.07 -55.60
CA ALA K 75 18.14 11.79 -54.85
C ALA K 75 18.65 12.02 -53.42
N PHE K 76 19.48 13.03 -53.23
CA PHE K 76 20.00 13.50 -51.93
C PHE K 76 19.15 14.63 -51.30
N GLY K 77 18.12 15.09 -52.01
CA GLY K 77 17.06 15.94 -51.45
C GLY K 77 15.85 15.12 -51.01
N SER K 78 15.94 13.78 -50.99
CA SER K 78 14.79 12.85 -50.78
C SER K 78 15.11 11.77 -49.73
N LEU K 79 16.10 12.02 -48.86
CA LEU K 79 16.40 11.11 -47.73
C LEU K 79 15.41 11.35 -46.60
N PRO K 80 14.88 10.29 -45.95
CA PRO K 80 13.94 10.45 -44.83
C PRO K 80 14.61 10.99 -43.57
N THR K 81 14.05 12.06 -42.98
CA THR K 81 14.53 12.63 -41.69
C THR K 81 14.59 11.54 -40.62
N ILE K 82 15.77 11.36 -40.05
CA ILE K 82 15.98 10.49 -38.86
C ILE K 82 15.30 11.17 -37.67
N LYS K 83 14.53 10.41 -36.88
CA LYS K 83 13.90 10.86 -35.61
C LYS K 83 14.95 10.84 -34.48
N MET K 84 14.86 11.79 -33.56
CA MET K 84 15.63 11.86 -32.29
C MET K 84 15.40 10.59 -31.44
N GLY K 85 16.38 10.31 -30.56
CA GLY K 85 16.39 9.17 -29.62
C GLY K 85 16.69 7.81 -30.25
N GLY K 86 16.72 7.68 -31.58
CA GLY K 86 16.97 6.39 -32.27
C GLY K 86 18.39 5.91 -32.07
N ARG K 87 18.68 4.68 -32.52
CA ARG K 87 20.00 3.99 -32.38
C ARG K 87 21.05 4.79 -33.14
N LEU K 88 20.68 5.50 -34.20
CA LEU K 88 21.68 6.29 -34.96
C LEU K 88 22.16 7.50 -34.14
N ASN K 89 21.25 8.16 -33.44
CA ASN K 89 21.63 9.34 -32.62
C ASN K 89 22.61 8.88 -31.54
N LYS K 90 22.39 7.73 -30.87
CA LYS K 90 23.31 7.21 -29.82
C LYS K 90 24.69 6.85 -30.38
N ALA K 91 24.78 6.35 -31.62
CA ALA K 91 26.03 5.83 -32.22
C ALA K 91 26.93 6.94 -32.78
N ILE K 92 26.38 8.02 -33.35
CA ILE K 92 27.23 9.07 -34.00
C ILE K 92 26.85 10.50 -33.58
N GLY K 93 25.88 10.69 -32.68
CA GLY K 93 25.46 12.01 -32.18
C GLY K 93 24.64 12.80 -33.20
N ASP K 94 23.86 13.76 -32.72
CA ASP K 94 22.91 14.56 -33.54
C ASP K 94 23.65 15.58 -34.43
N GLU K 95 24.88 15.95 -34.10
CA GLU K 95 25.64 16.95 -34.90
C GLU K 95 26.17 16.34 -36.20
N MET K 96 26.58 15.07 -36.19
CA MET K 96 27.10 14.34 -37.37
C MET K 96 25.94 14.05 -38.34
N ILE K 97 24.79 13.62 -37.83
CA ILE K 97 23.57 13.45 -38.67
C ILE K 97 23.31 14.76 -39.43
N ASP K 98 23.38 15.89 -38.73
CA ASP K 98 23.04 17.22 -39.31
C ASP K 98 24.10 17.60 -40.33
N LYS K 99 25.36 17.19 -40.11
CA LYS K 99 26.47 17.45 -41.07
C LYS K 99 26.23 16.60 -42.34
N ILE K 100 25.91 15.33 -42.17
CA ILE K 100 25.72 14.41 -43.32
C ILE K 100 24.56 14.98 -44.15
N VAL K 101 23.44 15.30 -43.49
CA VAL K 101 22.22 15.83 -44.14
C VAL K 101 22.52 17.13 -44.90
N GLU K 102 23.15 18.10 -44.24
CA GLU K 102 23.67 19.32 -44.91
C GLU K 102 24.49 18.89 -46.13
N ASP K 103 25.53 18.08 -45.94
CA ASP K 103 26.45 17.64 -47.02
C ASP K 103 25.64 17.06 -48.18
N ALA K 104 24.51 16.39 -47.91
CA ALA K 104 23.70 15.75 -48.97
C ALA K 104 22.97 16.82 -49.80
N GLU K 105 22.48 17.85 -49.14
CA GLU K 105 21.70 18.95 -49.76
C GLU K 105 22.64 19.97 -50.43
N THR K 106 23.90 20.08 -49.98
CA THR K 106 24.94 20.98 -50.55
C THR K 106 25.57 20.37 -51.81
N GLY K 107 25.64 19.05 -51.91
CA GLY K 107 26.41 18.36 -52.96
C GLY K 107 27.89 18.21 -52.59
N GLU K 108 28.24 18.47 -51.33
CA GLU K 108 29.53 18.03 -50.76
C GLU K 108 29.62 16.51 -50.73
N LEU K 109 28.51 15.79 -50.50
CA LEU K 109 28.48 14.30 -50.50
C LEU K 109 28.94 13.77 -51.86
N ILE K 110 28.52 14.39 -52.95
CA ILE K 110 28.97 14.02 -54.32
C ILE K 110 30.50 14.12 -54.40
N SER K 111 31.08 15.24 -53.92
CA SER K 111 32.56 15.48 -53.90
C SER K 111 33.27 14.41 -53.06
N ILE K 112 32.86 14.20 -51.82
CA ILE K 112 33.46 13.16 -50.93
C ILE K 112 33.45 11.82 -51.66
N ARG K 113 32.34 11.48 -52.34
CA ARG K 113 32.24 10.21 -53.10
C ARG K 113 33.40 10.24 -54.07
N GLU K 114 33.44 11.26 -54.94
CA GLU K 114 34.45 11.39 -56.01
C GLU K 114 35.84 11.15 -55.42
N SER K 115 36.16 11.79 -54.31
CA SER K 115 37.51 11.76 -53.70
C SER K 115 37.77 10.43 -52.98
N SER K 116 36.76 9.57 -52.83
CA SER K 116 36.85 8.29 -52.06
C SER K 116 37.16 7.10 -52.99
N LEU K 117 37.05 7.27 -54.31
CA LEU K 117 37.47 6.22 -55.26
C LEU K 117 38.52 6.70 -56.26
N TYR K 118 38.52 7.98 -56.64
CA TYR K 118 39.39 8.54 -57.70
C TYR K 118 40.51 9.38 -57.06
N ALA K 119 41.77 9.15 -57.48
CA ALA K 119 42.89 10.11 -57.31
C ALA K 119 42.59 11.36 -58.16
N ASP K 120 42.94 12.53 -57.65
CA ASP K 120 42.85 13.77 -58.45
C ASP K 120 44.04 14.67 -58.12
N ILE K 121 44.31 15.62 -59.02
CA ILE K 121 45.34 16.69 -58.89
C ILE K 121 44.61 18.01 -58.64
N ILE K 122 44.43 18.38 -57.37
CA ILE K 122 43.81 19.69 -56.96
C ILE K 122 44.88 20.60 -56.31
N ASP K 123 44.81 21.90 -56.61
CA ASP K 123 45.90 22.90 -56.45
C ASP K 123 46.94 22.55 -57.52
N ASP K 124 48.01 21.82 -57.18
CA ASP K 124 48.74 20.95 -58.15
C ASP K 124 49.46 19.80 -57.42
N ILE K 125 49.01 19.47 -56.21
CA ILE K 125 49.42 18.27 -55.43
C ILE K 125 48.55 17.09 -55.89
N LEU K 126 49.07 15.86 -55.87
CA LEU K 126 48.28 14.63 -56.11
C LEU K 126 47.61 14.18 -54.81
N GLU K 127 46.27 14.12 -54.84
CA GLU K 127 45.39 13.65 -53.74
C GLU K 127 44.93 12.22 -54.05
N VAL K 128 44.89 11.41 -53.00
CA VAL K 128 44.59 9.96 -53.11
C VAL K 128 43.52 9.55 -52.09
N PRO K 129 42.51 8.71 -52.44
CA PRO K 129 41.42 8.40 -51.52
C PRO K 129 41.85 8.00 -50.12
N SER K 130 42.95 7.25 -50.04
CA SER K 130 43.58 6.72 -48.81
C SER K 130 43.86 7.82 -47.77
N GLU K 131 44.12 9.06 -48.19
CA GLU K 131 44.49 10.15 -47.25
C GLU K 131 43.42 11.24 -47.25
N LYS K 132 42.25 11.00 -47.84
CA LYS K 132 41.11 11.97 -47.81
C LYS K 132 39.90 11.42 -47.05
N ILE K 133 39.90 10.15 -46.66
CA ILE K 133 38.70 9.55 -46.01
C ILE K 133 39.15 8.83 -44.74
N SER K 134 38.71 9.32 -43.60
CA SER K 134 39.05 8.77 -42.27
C SER K 134 38.11 7.60 -41.96
N LYS K 135 38.48 6.83 -40.93
CA LYS K 135 37.73 5.71 -40.35
C LYS K 135 36.47 6.24 -39.66
N GLU K 136 36.60 7.36 -38.95
CA GLU K 136 35.49 7.98 -38.19
C GLU K 136 34.37 8.35 -39.18
N GLN K 137 34.74 8.94 -40.33
CA GLN K 137 33.86 9.41 -41.43
C GLN K 137 33.34 8.23 -42.29
N SER K 138 34.09 7.13 -42.35
CA SER K 138 33.65 5.89 -43.04
C SER K 138 32.54 5.25 -42.20
N ARG K 139 32.81 5.01 -40.92
CA ARG K 139 31.87 4.38 -39.95
C ARG K 139 30.54 5.15 -39.92
N ALA K 140 30.58 6.48 -39.83
CA ALA K 140 29.39 7.37 -39.77
C ALA K 140 28.52 7.20 -41.01
N LEU K 141 29.11 7.17 -42.20
CA LEU K 141 28.31 7.21 -43.44
C LEU K 141 27.66 5.84 -43.59
N LEU K 142 28.34 4.76 -43.21
CA LEU K 142 27.76 3.39 -43.27
C LEU K 142 26.59 3.27 -42.28
N LEU K 143 26.72 3.77 -41.05
CA LEU K 143 25.67 3.69 -40.00
C LEU K 143 24.44 4.46 -40.46
N TYR K 144 24.65 5.67 -40.98
CA TYR K 144 23.58 6.49 -41.59
C TYR K 144 22.95 5.69 -42.73
N ALA K 145 23.73 5.01 -43.59
CA ALA K 145 23.24 4.26 -44.77
C ALA K 145 22.25 3.19 -44.28
N ILE K 146 22.73 2.33 -43.38
CA ILE K 146 21.94 1.21 -42.78
C ILE K 146 20.66 1.73 -42.14
N GLU K 147 20.70 2.88 -41.48
CA GLU K 147 19.53 3.41 -40.73
C GLU K 147 18.53 4.04 -41.69
N CYS K 148 18.98 4.66 -42.78
CA CYS K 148 18.02 5.26 -43.73
C CYS K 148 17.51 4.15 -44.66
N PHE K 149 18.17 2.98 -44.71
CA PHE K 149 17.64 1.77 -45.41
C PHE K 149 16.58 1.08 -44.54
N ASP K 150 16.85 0.92 -43.25
CA ASP K 150 15.94 0.23 -42.30
C ASP K 150 14.69 1.09 -42.10
N ASP K 151 14.80 2.42 -42.25
CA ASP K 151 13.74 3.42 -42.00
C ASP K 151 12.85 3.55 -43.24
N SER K 152 13.35 3.24 -44.42
CA SER K 152 12.67 3.52 -45.71
C SER K 152 12.04 2.29 -46.34
N LEU K 153 12.65 1.11 -46.18
CA LEU K 153 12.30 -0.08 -47.00
C LEU K 153 12.03 -1.28 -46.13
N VAL K 154 12.52 -1.31 -44.91
CA VAL K 154 12.32 -2.50 -44.04
C VAL K 154 10.97 -2.34 -43.35
N GLY K 155 10.20 -3.44 -43.31
CA GLY K 155 9.05 -3.58 -42.41
C GLY K 155 7.73 -3.58 -43.17
N TYR K 156 7.74 -3.41 -44.47
CA TYR K 156 6.51 -3.48 -45.29
C TYR K 156 6.34 -4.91 -45.82
N THR K 157 7.38 -5.75 -45.87
CA THR K 157 7.27 -7.15 -46.36
C THR K 157 7.76 -8.11 -45.27
N HIS K 158 7.37 -9.39 -45.41
CA HIS K 158 7.77 -10.49 -44.48
C HIS K 158 9.25 -10.80 -44.73
N HIS K 159 9.65 -10.82 -46.00
CA HIS K 159 11.05 -11.08 -46.41
C HIS K 159 11.97 -10.05 -45.76
N SER K 160 11.52 -8.80 -45.59
CA SER K 160 12.30 -7.67 -45.05
C SER K 160 12.77 -7.95 -43.61
N PHE K 161 12.19 -8.91 -42.88
CA PHE K 161 12.53 -9.17 -41.47
C PHE K 161 13.78 -10.04 -41.37
N GLU K 162 13.91 -11.05 -42.24
CA GLU K 162 15.11 -11.93 -42.33
C GLU K 162 16.33 -11.08 -42.72
N VAL K 163 16.17 -10.18 -43.69
CA VAL K 163 17.22 -9.20 -44.12
C VAL K 163 17.55 -8.27 -42.93
N SER K 164 16.57 -7.56 -42.40
CA SER K 164 16.79 -6.60 -41.30
C SER K 164 17.45 -7.28 -40.10
N GLU K 165 17.20 -8.58 -39.85
CA GLU K 165 17.90 -9.32 -38.76
C GLU K 165 19.41 -9.12 -38.95
N THR K 166 19.94 -9.43 -40.15
CA THR K 166 21.39 -9.44 -40.51
C THR K 166 21.90 -7.99 -40.55
N THR K 167 21.16 -7.05 -41.14
CA THR K 167 21.41 -5.58 -41.12
C THR K 167 21.56 -5.02 -39.68
N ASP K 168 20.84 -5.58 -38.69
CA ASP K 168 20.82 -5.10 -37.29
C ASP K 168 22.10 -5.57 -36.55
N GLU K 169 22.51 -6.82 -36.74
CA GLU K 169 23.80 -7.35 -36.21
C GLU K 169 24.93 -6.44 -36.67
N LEU K 170 24.96 -6.08 -37.97
CA LEU K 170 26.04 -5.26 -38.60
C LEU K 170 26.00 -3.87 -37.99
N PHE K 171 24.83 -3.34 -37.74
CA PHE K 171 24.70 -2.01 -37.12
C PHE K 171 25.33 -2.09 -35.73
N GLU K 172 24.98 -3.11 -34.95
CA GLU K 172 25.40 -3.08 -33.52
C GLU K 172 26.91 -3.34 -33.38
N LYS K 173 27.49 -4.19 -34.24
CA LYS K 173 28.96 -4.42 -34.31
C LYS K 173 29.64 -3.10 -34.67
N LEU K 174 29.26 -2.53 -35.81
CA LEU K 174 29.78 -1.24 -36.35
C LEU K 174 29.62 -0.12 -35.32
N ALA K 175 28.58 -0.13 -34.47
CA ALA K 175 28.33 0.97 -33.50
C ALA K 175 29.36 0.90 -32.36
N ASN K 176 29.61 -0.28 -31.78
CA ASN K 176 30.62 -0.48 -30.69
C ASN K 176 32.06 -0.36 -31.24
N SER L 4 56.96 13.31 -61.06
CA SER L 4 57.81 12.76 -59.98
C SER L 4 57.61 11.24 -59.89
N THR L 5 58.55 10.53 -59.25
CA THR L 5 58.45 9.06 -59.04
C THR L 5 57.60 8.81 -57.78
N ASP L 6 57.60 9.73 -56.82
CA ASP L 6 56.73 9.61 -55.60
C ASP L 6 55.23 9.76 -55.97
N ASP L 7 54.88 10.57 -56.95
CA ASP L 7 53.47 10.70 -57.41
C ASP L 7 53.05 9.40 -58.07
N LEU L 8 53.85 8.92 -59.02
CA LEU L 8 53.59 7.62 -59.68
C LEU L 8 53.43 6.54 -58.60
N ASN L 9 54.33 6.47 -57.61
CA ASN L 9 54.25 5.41 -56.59
C ASN L 9 53.00 5.56 -55.71
N LYS L 10 52.40 6.75 -55.58
CA LYS L 10 51.16 6.96 -54.76
C LYS L 10 49.94 6.52 -55.56
N CYS L 11 49.95 6.76 -56.87
CA CYS L 11 48.94 6.22 -57.82
C CYS L 11 49.00 4.70 -57.84
N ILE L 12 50.19 4.10 -57.91
CA ILE L 12 50.38 2.63 -57.88
C ILE L 12 49.94 2.09 -56.52
N ASP L 13 50.11 2.83 -55.45
CA ASP L 13 49.63 2.34 -54.13
C ASP L 13 48.09 2.37 -54.12
N HIS L 14 47.48 3.40 -54.70
CA HIS L 14 46.01 3.54 -54.75
C HIS L 14 45.39 2.34 -55.51
N ILE L 15 45.89 2.04 -56.71
CA ILE L 15 45.43 0.95 -57.60
C ILE L 15 45.64 -0.38 -56.91
N SER L 16 46.74 -0.57 -56.20
CA SER L 16 46.98 -1.78 -55.38
C SER L 16 45.87 -1.98 -54.32
N VAL L 17 45.37 -0.94 -53.70
CA VAL L 17 44.24 -1.02 -52.72
C VAL L 17 42.98 -1.50 -53.47
N LEU L 18 42.60 -0.80 -54.53
CA LEU L 18 41.44 -1.20 -55.33
C LEU L 18 41.60 -2.67 -55.74
N ILE L 19 42.73 -3.09 -56.28
CA ILE L 19 42.84 -4.53 -56.66
C ILE L 19 42.56 -5.42 -55.43
N LYS L 20 43.18 -5.17 -54.27
CA LYS L 20 42.93 -6.00 -53.09
C LYS L 20 41.46 -5.95 -52.69
N ASP L 21 40.73 -4.87 -53.01
CA ASP L 21 39.26 -4.73 -52.73
C ASP L 21 38.39 -5.52 -53.73
N ALA L 22 38.57 -5.32 -55.04
CA ALA L 22 38.05 -6.22 -56.10
C ALA L 22 38.27 -7.68 -55.68
N TYR L 23 39.48 -8.05 -55.28
CA TYR L 23 39.75 -9.47 -54.92
C TYR L 23 38.93 -9.81 -53.68
N LEU L 24 38.95 -8.96 -52.67
CA LEU L 24 38.23 -9.20 -51.39
C LEU L 24 36.74 -9.42 -51.65
N LEU L 25 36.18 -8.65 -52.55
CA LEU L 25 34.75 -8.71 -52.89
C LEU L 25 34.45 -9.98 -53.68
N TYR L 26 35.35 -10.39 -54.58
CA TYR L 26 35.13 -11.55 -55.47
C TYR L 26 35.17 -12.82 -54.63
N THR L 27 36.06 -12.88 -53.66
CA THR L 27 36.19 -14.11 -52.84
C THR L 27 35.04 -14.18 -51.85
N ASN L 28 34.23 -13.12 -51.69
CA ASN L 28 33.04 -13.10 -50.78
C ASN L 28 31.75 -13.18 -51.61
N GLU L 29 31.87 -13.43 -52.90
CA GLU L 29 30.76 -13.72 -53.84
C GLU L 29 29.94 -12.47 -54.21
N SER L 30 30.43 -11.27 -53.91
CA SER L 30 29.90 -9.99 -54.48
C SER L 30 30.48 -9.79 -55.87
N PHE L 31 30.04 -10.56 -56.87
CA PHE L 31 30.63 -10.53 -58.24
C PHE L 31 30.35 -9.18 -58.94
N ALA L 32 29.15 -8.62 -58.79
CA ALA L 32 28.75 -7.38 -59.49
C ALA L 32 29.50 -6.18 -58.89
N THR L 33 29.73 -6.15 -57.57
CA THR L 33 30.47 -5.03 -56.91
C THR L 33 31.95 -5.17 -57.28
N SER L 34 32.43 -6.39 -57.31
CA SER L 34 33.83 -6.64 -57.69
C SER L 34 34.01 -6.07 -59.09
N THR L 35 33.06 -6.33 -59.96
CA THR L 35 33.19 -5.99 -61.40
C THR L 35 33.13 -4.48 -61.63
N PHE L 36 32.48 -3.74 -60.72
CA PHE L 36 32.48 -2.25 -60.69
C PHE L 36 33.90 -1.72 -60.42
N ILE L 37 34.54 -2.26 -59.36
CA ILE L 37 35.92 -1.90 -58.91
C ILE L 37 36.88 -2.31 -60.03
N SER L 38 36.82 -3.55 -60.56
CA SER L 38 37.67 -4.05 -61.68
C SER L 38 37.61 -3.05 -62.85
N ILE L 39 36.43 -2.61 -63.30
CA ILE L 39 36.38 -1.70 -64.47
C ILE L 39 37.00 -0.37 -64.05
N THR L 40 36.73 0.07 -62.83
CA THR L 40 37.33 1.30 -62.28
C THR L 40 38.84 1.25 -62.45
N ILE L 41 39.49 0.25 -61.88
CA ILE L 41 40.96 -0.04 -62.03
C ILE L 41 41.39 0.11 -63.50
N ILE L 42 40.70 -0.49 -64.46
CA ILE L 42 41.08 -0.39 -65.90
C ILE L 42 41.12 1.10 -66.31
N GLU L 43 40.10 1.90 -65.99
CA GLU L 43 40.06 3.37 -66.18
C GLU L 43 41.22 4.07 -65.45
N GLU L 44 41.48 3.79 -64.16
CA GLU L 44 42.54 4.50 -63.37
C GLU L 44 43.91 4.19 -63.98
N VAL L 45 44.14 2.95 -64.40
CA VAL L 45 45.43 2.55 -65.03
C VAL L 45 45.63 3.36 -66.31
N GLY L 46 44.64 3.38 -67.20
CA GLY L 46 44.69 4.21 -68.42
C GLY L 46 45.03 5.66 -68.13
N LYS L 47 44.37 6.25 -67.11
CA LYS L 47 44.43 7.69 -66.78
C LYS L 47 45.83 8.02 -66.24
N THR L 48 46.32 7.15 -65.34
CA THR L 48 47.69 7.23 -64.77
C THR L 48 48.74 7.15 -65.89
N HIS L 49 48.59 6.24 -66.84
CA HIS L 49 49.55 6.04 -67.96
C HIS L 49 49.61 7.27 -68.89
N ILE L 50 48.49 7.89 -69.20
CA ILE L 50 48.43 9.17 -69.96
C ILE L 50 49.08 10.26 -69.11
N GLY L 51 48.77 10.32 -67.80
CA GLY L 51 49.33 11.30 -66.83
C GLY L 51 50.85 11.21 -66.61
N MET L 52 51.58 10.48 -67.46
CA MET L 52 53.06 10.55 -67.65
C MET L 52 53.30 11.22 -69.01
N HIS L 70 50.42 12.17 -78.46
CA HIS L 70 50.03 12.18 -77.02
C HIS L 70 48.59 12.67 -76.80
N LYS L 71 48.08 13.55 -77.65
CA LYS L 71 46.69 14.09 -77.58
C LYS L 71 45.69 12.98 -77.93
N SER L 72 46.14 11.95 -78.65
CA SER L 72 45.34 10.82 -79.22
C SER L 72 45.13 9.66 -78.24
N LYS L 73 46.04 9.45 -77.29
CA LYS L 73 45.88 8.45 -76.20
C LYS L 73 44.53 8.65 -75.50
N HIS L 74 43.89 7.58 -75.01
CA HIS L 74 42.74 7.63 -74.06
C HIS L 74 42.81 6.45 -73.10
N ALA L 75 41.91 6.43 -72.10
CA ALA L 75 41.95 5.52 -70.94
C ALA L 75 41.76 4.05 -71.36
N PHE L 76 40.82 3.79 -72.27
CA PHE L 76 40.51 2.43 -72.79
C PHE L 76 41.19 2.20 -74.13
N GLY L 77 42.30 2.91 -74.39
CA GLY L 77 43.09 2.82 -75.63
C GLY L 77 44.51 2.35 -75.39
N SER L 78 44.83 2.00 -74.14
CA SER L 78 46.11 1.38 -73.74
C SER L 78 46.06 -0.09 -74.14
N LEU L 79 45.42 -0.89 -73.27
CA LEU L 79 44.87 -2.26 -73.48
C LEU L 79 45.97 -3.30 -73.59
N PRO L 80 46.02 -4.18 -72.56
CA PRO L 80 46.93 -5.31 -72.47
C PRO L 80 47.09 -6.05 -73.80
N THR L 81 48.27 -5.93 -74.38
CA THR L 81 48.71 -6.66 -75.60
C THR L 81 48.56 -8.17 -75.35
N ILE L 82 47.88 -8.88 -76.25
CA ILE L 82 47.41 -10.29 -76.03
C ILE L 82 48.28 -11.27 -76.82
N LYS L 83 49.35 -11.70 -76.14
CA LYS L 83 50.34 -12.69 -76.60
C LYS L 83 49.67 -14.08 -76.61
N MET L 84 49.88 -14.83 -77.71
CA MET L 84 49.53 -16.26 -77.89
C MET L 84 49.90 -17.06 -76.62
N GLY L 85 48.93 -17.71 -75.97
CA GLY L 85 49.17 -18.63 -74.83
C GLY L 85 49.94 -17.97 -73.66
N GLY L 86 49.70 -16.67 -73.46
CA GLY L 86 50.18 -15.90 -72.29
C GLY L 86 49.33 -16.15 -71.05
N ARG L 87 49.82 -15.66 -69.91
CA ARG L 87 49.21 -15.70 -68.55
C ARG L 87 47.69 -15.45 -68.55
N LEU L 88 47.27 -14.47 -69.34
CA LEU L 88 45.85 -14.05 -69.44
C LEU L 88 45.04 -14.96 -70.40
N ASN L 89 45.58 -15.28 -71.58
CA ASN L 89 44.92 -16.21 -72.54
C ASN L 89 44.60 -17.53 -71.83
N LYS L 90 45.53 -18.08 -71.04
CA LYS L 90 45.35 -19.39 -70.35
C LYS L 90 44.20 -19.29 -69.35
N ALA L 91 44.06 -18.17 -68.65
CA ALA L 91 43.20 -18.04 -67.45
C ALA L 91 41.76 -17.76 -67.85
N ILE L 92 41.50 -17.01 -68.93
CA ILE L 92 40.08 -16.65 -69.26
C ILE L 92 39.67 -17.18 -70.64
N GLY L 93 40.62 -17.49 -71.52
CA GLY L 93 40.30 -18.01 -72.85
C GLY L 93 40.09 -16.90 -73.87
N ASP L 94 40.31 -17.24 -75.14
CA ASP L 94 40.53 -16.30 -76.28
C ASP L 94 39.21 -15.62 -76.65
N GLU L 95 38.07 -16.25 -76.39
CA GLU L 95 36.72 -15.70 -76.66
C GLU L 95 36.40 -14.52 -75.72
N MET L 96 36.62 -14.70 -74.42
CA MET L 96 36.37 -13.67 -73.37
C MET L 96 37.32 -12.47 -73.57
N ILE L 97 38.57 -12.65 -74.03
CA ILE L 97 39.52 -11.50 -74.27
C ILE L 97 39.00 -10.69 -75.46
N ASP L 98 38.33 -11.35 -76.40
CA ASP L 98 37.83 -10.71 -77.63
C ASP L 98 36.58 -9.92 -77.27
N LYS L 99 35.80 -10.45 -76.32
CA LYS L 99 34.56 -9.80 -75.83
C LYS L 99 34.93 -8.51 -75.05
N ILE L 100 35.90 -8.57 -74.12
CA ILE L 100 36.41 -7.44 -73.25
C ILE L 100 37.02 -6.35 -74.15
N VAL L 101 37.81 -6.72 -75.17
CA VAL L 101 38.50 -5.78 -76.10
C VAL L 101 37.47 -5.06 -76.98
N GLU L 102 36.51 -5.79 -77.56
CA GLU L 102 35.35 -5.25 -78.33
C GLU L 102 34.62 -4.29 -77.39
N ASP L 103 34.30 -4.74 -76.20
CA ASP L 103 33.50 -3.96 -75.22
C ASP L 103 34.26 -2.67 -74.85
N ALA L 104 35.59 -2.64 -74.91
CA ALA L 104 36.41 -1.45 -74.61
C ALA L 104 36.39 -0.45 -75.76
N GLU L 105 36.33 -0.92 -77.02
CA GLU L 105 36.28 -0.06 -78.23
C GLU L 105 34.84 0.40 -78.51
N THR L 106 33.82 -0.32 -78.00
CA THR L 106 32.37 -0.05 -78.20
C THR L 106 31.91 1.04 -77.22
N GLY L 107 32.53 1.02 -76.03
CA GLY L 107 32.06 1.72 -74.82
C GLY L 107 30.99 0.92 -74.08
N GLU L 108 30.93 -0.38 -74.34
CA GLU L 108 30.02 -1.29 -73.61
C GLU L 108 30.57 -1.55 -72.20
N LEU L 109 31.89 -1.43 -71.99
CA LEU L 109 32.51 -1.54 -70.65
C LEU L 109 31.91 -0.50 -69.69
N ILE L 110 31.71 0.72 -70.14
CA ILE L 110 31.04 1.76 -69.29
C ILE L 110 29.60 1.34 -68.93
N SER L 111 28.82 0.81 -69.88
CA SER L 111 27.47 0.27 -69.61
C SER L 111 27.59 -0.81 -68.52
N ILE L 112 28.47 -1.80 -68.70
CA ILE L 112 28.63 -2.95 -67.78
C ILE L 112 28.89 -2.40 -66.38
N ARG L 113 29.73 -1.38 -66.27
CA ARG L 113 30.04 -0.80 -64.97
C ARG L 113 28.81 -0.12 -64.35
N GLU L 114 28.03 0.62 -65.13
CA GLU L 114 26.74 1.17 -64.62
C GLU L 114 25.91 0.01 -64.05
N SER L 115 25.73 -1.09 -64.79
CA SER L 115 24.72 -2.14 -64.50
C SER L 115 25.19 -3.00 -63.32
N SER L 116 26.44 -2.84 -62.92
CA SER L 116 27.10 -3.69 -61.91
C SER L 116 26.96 -3.04 -60.52
N LEU L 117 26.44 -1.84 -60.45
CA LEU L 117 26.30 -1.20 -59.12
C LEU L 117 24.88 -0.64 -58.88
N TYR L 118 24.24 -0.11 -59.90
CA TYR L 118 22.95 0.58 -59.78
C TYR L 118 21.84 -0.31 -60.34
N ALA L 119 20.75 -0.47 -59.59
CA ALA L 119 19.49 -1.05 -60.11
C ALA L 119 18.85 -0.09 -61.12
N ASP L 120 18.20 -0.62 -62.14
CA ASP L 120 17.55 0.17 -63.20
C ASP L 120 16.18 -0.42 -63.49
N ILE L 121 15.26 0.41 -63.96
CA ILE L 121 13.90 0.00 -64.43
C ILE L 121 13.87 0.16 -65.96
N ILE L 122 14.18 -0.91 -66.69
CA ILE L 122 14.32 -0.95 -68.19
C ILE L 122 13.12 -1.73 -68.76
N ASP L 123 12.27 -1.04 -69.53
CA ASP L 123 10.99 -1.57 -70.06
C ASP L 123 10.02 -1.88 -68.91
N ASP L 124 10.04 -1.07 -67.84
CA ASP L 124 8.97 -1.01 -66.80
C ASP L 124 9.15 -2.12 -65.75
N ILE L 125 10.25 -2.89 -65.84
CA ILE L 125 10.56 -4.04 -64.95
C ILE L 125 11.95 -3.81 -64.30
N LEU L 126 12.11 -4.18 -63.04
CA LEU L 126 13.33 -3.87 -62.23
C LEU L 126 14.45 -4.90 -62.48
N GLU L 127 15.57 -4.43 -63.03
CA GLU L 127 16.82 -5.20 -63.20
C GLU L 127 17.79 -4.87 -62.06
N VAL L 128 18.42 -5.88 -61.50
CA VAL L 128 19.38 -5.72 -60.37
C VAL L 128 20.79 -6.15 -60.84
N PRO L 129 21.91 -5.59 -60.31
CA PRO L 129 23.25 -6.03 -60.70
C PRO L 129 23.56 -7.52 -60.53
N SER L 130 23.09 -8.15 -59.46
CA SER L 130 23.27 -9.62 -59.26
C SER L 130 22.75 -10.48 -60.44
N GLU L 131 21.78 -10.03 -61.25
CA GLU L 131 21.23 -10.76 -62.44
C GLU L 131 21.81 -10.27 -63.79
N LYS L 132 22.87 -9.46 -63.78
CA LYS L 132 23.52 -8.93 -65.01
C LYS L 132 24.97 -9.41 -65.11
N ILE L 133 25.59 -9.78 -63.98
CA ILE L 133 27.05 -9.98 -63.87
C ILE L 133 27.33 -11.38 -63.33
N SER L 134 27.93 -12.21 -64.16
CA SER L 134 28.21 -13.61 -63.84
C SER L 134 29.55 -13.71 -63.17
N LYS L 135 29.78 -14.80 -62.44
CA LYS L 135 31.08 -15.05 -61.77
C LYS L 135 32.18 -15.08 -62.84
N GLU L 136 31.96 -15.74 -63.97
CA GLU L 136 33.00 -15.89 -65.04
C GLU L 136 33.49 -14.48 -65.40
N GLN L 137 32.57 -13.58 -65.71
CA GLN L 137 32.85 -12.19 -66.13
C GLN L 137 33.55 -11.38 -65.02
N SER L 138 33.15 -11.55 -63.78
CA SER L 138 33.85 -10.90 -62.63
C SER L 138 35.32 -11.35 -62.54
N ARG L 139 35.58 -12.63 -62.63
CA ARG L 139 36.95 -13.18 -62.61
C ARG L 139 37.77 -12.67 -63.80
N ALA L 140 37.26 -12.74 -65.01
CA ALA L 140 37.96 -12.23 -66.21
C ALA L 140 38.30 -10.76 -66.06
N LEU L 141 37.37 -9.93 -65.62
CA LEU L 141 37.62 -8.46 -65.61
C LEU L 141 38.62 -8.11 -64.51
N LEU L 142 38.70 -8.88 -63.43
CA LEU L 142 39.76 -8.66 -62.41
C LEU L 142 41.13 -9.09 -62.93
N LEU L 143 41.23 -10.27 -63.54
CA LEU L 143 42.47 -10.78 -64.17
C LEU L 143 42.89 -9.79 -65.23
N TYR L 144 41.99 -9.32 -66.09
CA TYR L 144 42.40 -8.36 -67.15
C TYR L 144 42.91 -7.09 -66.49
N ALA L 145 42.19 -6.63 -65.48
CA ALA L 145 42.55 -5.38 -64.79
C ALA L 145 43.98 -5.52 -64.24
N ILE L 146 44.29 -6.62 -63.53
CA ILE L 146 45.68 -6.85 -63.04
C ILE L 146 46.59 -6.81 -64.27
N GLU L 147 46.26 -7.45 -65.38
CA GLU L 147 47.21 -7.51 -66.54
C GLU L 147 47.42 -6.13 -67.16
N CYS L 148 46.41 -5.27 -67.16
CA CYS L 148 46.53 -3.84 -67.59
C CYS L 148 47.55 -3.05 -66.77
N PHE L 149 47.55 -3.33 -65.46
CA PHE L 149 48.37 -2.67 -64.44
C PHE L 149 49.83 -3.08 -64.62
N ASP L 150 50.08 -4.39 -64.55
CA ASP L 150 51.38 -5.03 -64.91
C ASP L 150 51.92 -4.48 -66.25
N ASP L 151 51.09 -4.34 -67.27
CA ASP L 151 51.55 -3.97 -68.64
C ASP L 151 51.78 -2.45 -68.76
N SER L 152 51.25 -1.63 -67.90
CA SER L 152 51.32 -0.17 -68.10
C SER L 152 52.31 0.47 -67.11
N LEU L 153 52.27 0.06 -65.83
CA LEU L 153 52.82 0.82 -64.68
C LEU L 153 53.98 0.11 -63.99
N VAL L 154 54.16 -1.19 -64.21
CA VAL L 154 55.23 -1.97 -63.53
C VAL L 154 56.57 -1.73 -64.26
N GLY L 155 57.63 -1.45 -63.52
CA GLY L 155 59.00 -1.35 -64.08
C GLY L 155 59.42 0.08 -64.36
N TYR L 156 58.69 1.11 -63.93
CA TYR L 156 59.18 2.50 -64.04
C TYR L 156 59.88 2.88 -62.73
N THR L 157 59.44 2.33 -61.62
CA THR L 157 59.96 2.70 -60.29
C THR L 157 60.43 1.41 -59.63
N HIS L 158 61.24 1.49 -58.61
CA HIS L 158 61.64 0.27 -57.88
C HIS L 158 60.46 -0.28 -57.08
N HIS L 159 59.67 0.57 -56.46
CA HIS L 159 58.51 0.17 -55.62
C HIS L 159 57.52 -0.68 -56.41
N SER L 160 57.30 -0.30 -57.68
CA SER L 160 56.35 -0.96 -58.60
C SER L 160 56.56 -2.48 -58.50
N PHE L 161 57.79 -3.00 -58.51
CA PHE L 161 58.03 -4.47 -58.49
C PHE L 161 57.61 -5.08 -57.15
N GLU L 162 57.80 -4.40 -56.03
CA GLU L 162 57.30 -4.90 -54.73
C GLU L 162 55.80 -5.17 -54.88
N VAL L 163 55.06 -4.21 -55.48
CA VAL L 163 53.57 -4.19 -55.58
C VAL L 163 53.12 -5.24 -56.62
N SER L 164 53.89 -5.41 -57.70
CA SER L 164 53.55 -6.38 -58.76
C SER L 164 53.77 -7.80 -58.24
N GLU L 165 54.64 -7.98 -57.24
CA GLU L 165 54.87 -9.29 -56.58
C GLU L 165 53.53 -9.70 -55.96
N THR L 166 52.98 -8.83 -55.13
CA THR L 166 51.67 -9.00 -54.43
C THR L 166 50.57 -9.31 -55.46
N THR L 167 50.40 -8.49 -56.51
CA THR L 167 49.33 -8.63 -57.54
C THR L 167 49.54 -9.90 -58.37
N ASP L 168 50.78 -10.38 -58.51
CA ASP L 168 51.10 -11.67 -59.19
C ASP L 168 50.52 -12.84 -58.38
N GLU L 169 50.58 -12.83 -57.03
CA GLU L 169 50.01 -13.89 -56.18
C GLU L 169 48.49 -13.86 -56.36
N LEU L 170 47.86 -12.68 -56.30
CA LEU L 170 46.37 -12.54 -56.43
C LEU L 170 45.97 -13.14 -57.76
N PHE L 171 46.67 -12.80 -58.84
CA PHE L 171 46.44 -13.37 -60.19
C PHE L 171 46.50 -14.89 -60.19
N GLU L 172 47.41 -15.50 -59.42
CA GLU L 172 47.65 -16.97 -59.44
C GLU L 172 46.62 -17.68 -58.56
N LYS L 173 46.32 -17.17 -57.37
CA LYS L 173 45.14 -17.65 -56.58
C LYS L 173 43.88 -17.61 -57.43
N LEU L 174 43.55 -16.44 -57.98
CA LEU L 174 42.30 -16.19 -58.72
C LEU L 174 42.28 -16.96 -60.03
N ALA L 175 43.39 -17.29 -60.65
CA ALA L 175 43.35 -17.99 -61.97
C ALA L 175 43.00 -19.49 -61.78
N ASN L 176 43.38 -20.12 -60.66
CA ASN L 176 43.20 -21.58 -60.40
C ASN L 176 42.05 -21.83 -59.43
N SER M 1 -35.60 -13.33 17.51
CA SER M 1 -36.51 -13.91 16.50
C SER M 1 -37.74 -12.98 16.44
N LEU M 2 -37.98 -12.34 15.30
CA LEU M 2 -39.22 -11.57 15.03
C LEU M 2 -40.41 -12.54 14.94
N LYS M 3 -41.53 -12.24 15.60
CA LYS M 3 -42.56 -13.27 15.87
C LYS M 3 -43.91 -12.84 15.32
N SER M 4 -44.01 -11.71 14.62
CA SER M 4 -45.30 -11.27 13.99
C SER M 4 -45.00 -10.29 12.85
N THR M 5 -45.90 -10.18 11.89
CA THR M 5 -45.70 -9.30 10.70
C THR M 5 -45.55 -7.83 11.13
N ASP M 6 -46.20 -7.40 12.23
CA ASP M 6 -46.06 -6.03 12.81
C ASP M 6 -44.59 -5.83 13.25
N ASP M 7 -43.94 -6.83 13.86
CA ASP M 7 -42.53 -6.78 14.34
C ASP M 7 -41.54 -6.82 13.17
N LEU M 8 -41.84 -7.56 12.12
CA LEU M 8 -41.01 -7.55 10.87
C LEU M 8 -41.14 -6.18 10.21
N ASN M 9 -42.32 -5.56 10.23
CA ASN M 9 -42.54 -4.24 9.59
C ASN M 9 -41.81 -3.13 10.41
N LYS M 10 -41.71 -3.27 11.74
CA LYS M 10 -41.07 -2.31 12.66
C LYS M 10 -39.57 -2.32 12.40
N CYS M 11 -39.01 -3.52 12.33
CA CYS M 11 -37.59 -3.81 11.98
C CYS M 11 -37.23 -3.23 10.59
N ILE M 12 -38.10 -3.43 9.59
CA ILE M 12 -37.92 -2.86 8.22
C ILE M 12 -37.94 -1.32 8.28
N ASP M 13 -38.74 -0.72 9.18
CA ASP M 13 -38.89 0.76 9.25
C ASP M 13 -37.56 1.27 9.82
N HIS M 14 -37.16 0.69 10.96
CA HIS M 14 -35.90 0.98 11.66
C HIS M 14 -34.77 1.05 10.65
N ILE M 15 -34.53 -0.06 9.94
CA ILE M 15 -33.39 -0.18 8.99
C ILE M 15 -33.60 0.76 7.82
N SER M 16 -34.84 0.97 7.41
CA SER M 16 -35.19 2.00 6.41
C SER M 16 -34.67 3.37 6.90
N VAL M 17 -34.92 3.70 8.17
CA VAL M 17 -34.45 4.95 8.81
C VAL M 17 -32.93 5.03 8.69
N LEU M 18 -32.20 4.02 9.18
CA LEU M 18 -30.69 3.99 9.08
C LEU M 18 -30.20 4.14 7.62
N ILE M 19 -30.86 3.53 6.64
CA ILE M 19 -30.40 3.64 5.23
C ILE M 19 -30.54 5.09 4.77
N LYS M 20 -31.67 5.72 5.03
CA LYS M 20 -31.88 7.12 4.62
C LYS M 20 -30.83 8.01 5.30
N ASP M 21 -30.44 7.71 6.53
CA ASP M 21 -29.45 8.48 7.36
C ASP M 21 -28.06 8.30 6.75
N ALA M 22 -27.59 7.06 6.57
CA ALA M 22 -26.34 6.75 5.83
C ALA M 22 -26.37 7.43 4.45
N TYR M 23 -27.49 7.50 3.75
CA TYR M 23 -27.51 8.12 2.41
C TYR M 23 -27.42 9.63 2.55
N LEU M 24 -28.07 10.19 3.56
CA LEU M 24 -28.07 11.65 3.84
C LEU M 24 -26.64 12.07 4.19
N LEU M 25 -26.02 11.36 5.11
CA LEU M 25 -24.62 11.66 5.45
C LEU M 25 -23.75 11.57 4.21
N TYR M 26 -23.89 10.52 3.41
CA TYR M 26 -23.04 10.27 2.21
C TYR M 26 -23.17 11.44 1.22
N THR M 27 -24.37 11.96 1.01
CA THR M 27 -24.58 13.09 0.05
C THR M 27 -24.02 14.40 0.58
N ASN M 28 -23.94 14.59 1.90
CA ASN M 28 -23.32 15.79 2.54
C ASN M 28 -21.84 15.53 2.80
N GLU M 29 -21.27 14.49 2.19
CA GLU M 29 -19.81 14.21 2.12
C GLU M 29 -19.24 13.75 3.47
N SER M 30 -20.06 13.31 4.45
CA SER M 30 -19.58 12.66 5.71
C SER M 30 -19.38 11.15 5.49
N PHE M 31 -18.40 10.78 4.65
CA PHE M 31 -18.13 9.39 4.23
C PHE M 31 -17.89 8.50 5.46
N ALA M 32 -17.12 9.00 6.42
CA ALA M 32 -16.72 8.23 7.61
C ALA M 32 -17.97 7.88 8.39
N THR M 33 -18.80 8.86 8.71
CA THR M 33 -19.98 8.62 9.57
C THR M 33 -20.90 7.69 8.77
N SER M 34 -21.14 7.99 7.50
CA SER M 34 -22.05 7.21 6.65
C SER M 34 -21.62 5.75 6.79
N THR M 35 -20.33 5.50 6.65
CA THR M 35 -19.73 4.15 6.68
C THR M 35 -19.97 3.46 8.03
N PHE M 36 -19.93 4.20 9.12
CA PHE M 36 -20.27 3.63 10.44
C PHE M 36 -21.72 3.11 10.46
N ILE M 37 -22.65 3.86 9.88
CA ILE M 37 -24.08 3.47 9.85
C ILE M 37 -24.25 2.32 8.84
N SER M 38 -23.58 2.39 7.69
CA SER M 38 -23.64 1.30 6.69
C SER M 38 -23.28 -0.02 7.39
N ILE M 39 -22.20 -0.04 8.15
CA ILE M 39 -21.69 -1.28 8.81
C ILE M 39 -22.65 -1.67 9.93
N THR M 40 -23.31 -0.69 10.55
CA THR M 40 -24.35 -0.96 11.58
C THR M 40 -25.61 -1.59 10.93
N ILE M 41 -26.02 -1.11 9.76
CA ILE M 41 -27.12 -1.75 8.97
C ILE M 41 -26.75 -3.22 8.69
N ILE M 42 -25.49 -3.52 8.35
CA ILE M 42 -25.07 -4.91 8.00
C ILE M 42 -25.12 -5.76 9.28
N GLU M 43 -24.69 -5.27 10.45
CA GLU M 43 -24.81 -6.04 11.72
C GLU M 43 -26.29 -6.38 11.92
N GLU M 44 -27.18 -5.37 11.91
CA GLU M 44 -28.62 -5.48 12.31
C GLU M 44 -29.34 -6.50 11.39
N VAL M 45 -29.19 -6.41 10.07
CA VAL M 45 -29.77 -7.37 9.09
C VAL M 45 -29.25 -8.77 9.43
N GLY M 46 -27.93 -8.90 9.55
CA GLY M 46 -27.26 -10.14 9.93
C GLY M 46 -27.81 -10.71 11.22
N LYS M 47 -28.11 -9.88 12.22
CA LYS M 47 -28.51 -10.45 13.53
C LYS M 47 -30.01 -10.82 13.48
N THR M 48 -30.76 -10.41 12.47
CA THR M 48 -32.22 -10.69 12.46
C THR M 48 -32.44 -12.14 12.03
N HIS M 49 -33.27 -12.83 12.81
CA HIS M 49 -33.80 -14.17 12.49
C HIS M 49 -35.34 -14.06 12.58
N ILE M 50 -36.01 -14.58 11.55
CA ILE M 50 -37.50 -14.63 11.44
C ILE M 50 -38.00 -15.91 12.11
N GLY M 51 -39.23 -15.91 12.58
CA GLY M 51 -39.83 -17.04 13.31
C GLY M 51 -41.18 -17.40 12.75
N MET M 52 -41.88 -18.29 13.45
CA MET M 52 -43.28 -18.64 13.15
C MET M 52 -44.13 -17.46 13.58
N PHE M 53 -45.00 -16.98 12.69
CA PHE M 53 -46.17 -16.14 13.06
C PHE M 53 -47.32 -17.12 13.33
N ILE M 54 -47.41 -17.61 14.57
CA ILE M 54 -48.33 -18.72 14.99
C ILE M 54 -49.77 -18.23 14.79
N SER M 55 -50.10 -17.06 15.34
CA SER M 55 -51.46 -16.47 15.41
C SER M 55 -51.95 -15.99 14.03
N GLU M 56 -51.05 -15.85 13.06
CA GLU M 56 -51.37 -15.35 11.70
C GLU M 56 -51.33 -16.52 10.71
N ASN M 57 -50.88 -17.70 11.15
CA ASN M 57 -50.74 -18.95 10.35
C ASN M 57 -49.64 -18.79 9.29
N LYS M 58 -48.75 -17.81 9.48
CA LYS M 58 -47.62 -17.55 8.56
C LYS M 58 -46.37 -18.14 9.21
N ASP M 59 -45.40 -18.41 8.37
CA ASP M 59 -44.10 -19.02 8.72
C ASP M 59 -43.24 -18.87 7.47
N ILE M 60 -42.52 -17.77 7.42
CA ILE M 60 -41.74 -17.36 6.22
C ILE M 60 -40.33 -17.96 6.39
N LYS M 61 -39.91 -18.83 5.47
CA LYS M 61 -38.54 -19.37 5.40
C LYS M 61 -37.72 -18.68 4.29
N ARG M 62 -36.52 -18.23 4.64
CA ARG M 62 -35.63 -17.48 3.74
C ARG M 62 -34.72 -18.44 2.98
N GLY M 63 -34.38 -18.04 1.76
CA GLY M 63 -33.32 -18.68 0.96
C GLY M 63 -32.05 -18.75 1.78
N LYS M 64 -31.41 -19.92 1.78
CA LYS M 64 -30.02 -20.14 2.23
C LYS M 64 -29.21 -20.30 0.94
N ASP M 65 -27.90 -19.99 0.97
CA ASP M 65 -26.91 -20.40 -0.08
C ASP M 65 -26.85 -21.94 -0.07
N PRO M 66 -26.98 -22.62 -1.23
CA PRO M 66 -26.89 -24.08 -1.28
C PRO M 66 -25.64 -24.68 -0.61
N LEU M 67 -24.55 -23.94 -0.69
CA LEU M 67 -23.27 -24.26 -0.02
C LEU M 67 -23.35 -23.54 1.34
N HIS M 74 -22.09 -15.60 14.62
CA HIS M 74 -21.73 -14.16 14.48
C HIS M 74 -22.77 -13.47 13.57
N ALA M 75 -23.05 -12.19 13.85
CA ALA M 75 -23.82 -11.26 12.99
C ALA M 75 -23.15 -11.11 11.61
N PHE M 76 -21.82 -11.02 11.56
CA PHE M 76 -21.03 -10.98 10.29
C PHE M 76 -20.58 -12.38 9.78
N GLY M 77 -21.03 -13.45 10.44
CA GLY M 77 -20.96 -14.82 9.89
C GLY M 77 -22.30 -15.30 9.37
N SER M 78 -23.31 -14.40 9.21
CA SER M 78 -24.73 -14.73 8.90
C SER M 78 -25.35 -13.79 7.84
N LEU M 79 -24.52 -13.16 7.02
CA LEU M 79 -25.00 -12.34 5.87
C LEU M 79 -25.35 -13.25 4.70
N PRO M 80 -26.54 -13.08 4.07
CA PRO M 80 -26.91 -13.87 2.91
C PRO M 80 -26.02 -13.63 1.68
N THR M 81 -25.55 -14.71 1.03
CA THR M 81 -24.73 -14.65 -0.19
C THR M 81 -25.45 -13.87 -1.29
N ILE M 82 -24.75 -12.96 -1.94
CA ILE M 82 -25.32 -12.18 -3.06
C ILE M 82 -25.18 -13.04 -4.31
N LYS M 83 -26.27 -13.27 -5.05
CA LYS M 83 -26.21 -14.00 -6.34
C LYS M 83 -25.50 -13.11 -7.37
N MET M 84 -24.74 -13.73 -8.29
CA MET M 84 -24.10 -13.08 -9.48
C MET M 84 -25.19 -12.59 -10.43
N GLY M 85 -24.84 -11.65 -11.32
CA GLY M 85 -25.74 -11.08 -12.33
C GLY M 85 -26.67 -9.99 -11.81
N GLY M 86 -26.80 -9.77 -10.49
CA GLY M 86 -27.71 -8.77 -9.90
C GLY M 86 -27.19 -7.33 -9.99
N ARG M 87 -27.98 -6.37 -9.46
CA ARG M 87 -27.71 -4.92 -9.54
C ARG M 87 -26.47 -4.58 -8.68
N LEU M 88 -26.14 -5.37 -7.65
CA LEU M 88 -24.96 -5.06 -6.79
C LEU M 88 -23.67 -5.44 -7.49
N ASN M 89 -23.68 -6.54 -8.22
CA ASN M 89 -22.56 -6.97 -9.10
C ASN M 89 -22.29 -5.82 -10.08
N LYS M 90 -23.28 -5.35 -10.82
CA LYS M 90 -23.05 -4.33 -11.87
C LYS M 90 -22.45 -3.08 -11.24
N ALA M 91 -22.83 -2.75 -10.00
CA ALA M 91 -22.54 -1.42 -9.41
C ALA M 91 -21.12 -1.35 -8.84
N ILE M 92 -20.60 -2.39 -8.17
CA ILE M 92 -19.29 -2.34 -7.43
C ILE M 92 -18.36 -3.49 -7.84
N GLY M 93 -18.84 -4.43 -8.66
CA GLY M 93 -18.02 -5.54 -9.19
C GLY M 93 -17.91 -6.67 -8.19
N ASP M 94 -17.60 -7.86 -8.71
CA ASP M 94 -17.58 -9.12 -7.91
C ASP M 94 -16.39 -9.06 -6.94
N GLU M 95 -15.31 -8.37 -7.32
CA GLU M 95 -14.09 -8.33 -6.47
C GLU M 95 -14.36 -7.57 -5.14
N MET M 96 -15.04 -6.43 -5.18
CA MET M 96 -15.42 -5.67 -3.97
C MET M 96 -16.39 -6.46 -3.08
N ILE M 97 -17.39 -7.12 -3.65
CA ILE M 97 -18.34 -7.95 -2.87
C ILE M 97 -17.53 -8.96 -2.06
N ASP M 98 -16.63 -9.69 -2.72
CA ASP M 98 -15.79 -10.74 -2.10
C ASP M 98 -14.81 -10.07 -1.12
N LYS M 99 -14.39 -8.82 -1.35
CA LYS M 99 -13.54 -8.11 -0.36
C LYS M 99 -14.38 -7.85 0.91
N ILE M 100 -15.59 -7.31 0.74
CA ILE M 100 -16.48 -6.95 1.87
C ILE M 100 -16.83 -8.24 2.62
N VAL M 101 -17.06 -9.34 1.91
CA VAL M 101 -17.53 -10.59 2.56
C VAL M 101 -16.38 -11.17 3.38
N GLU M 102 -15.20 -11.30 2.78
CA GLU M 102 -13.97 -11.72 3.50
C GLU M 102 -13.80 -10.85 4.75
N ASP M 103 -13.89 -9.50 4.60
CA ASP M 103 -13.68 -8.52 5.69
C ASP M 103 -14.72 -8.73 6.80
N ALA M 104 -15.89 -9.27 6.50
CA ALA M 104 -16.90 -9.53 7.53
C ALA M 104 -16.51 -10.78 8.33
N GLU M 105 -16.01 -11.80 7.64
CA GLU M 105 -15.62 -13.11 8.24
C GLU M 105 -14.31 -12.96 9.02
N THR M 106 -13.41 -12.07 8.58
CA THR M 106 -12.10 -11.78 9.22
C THR M 106 -12.23 -10.92 10.48
N GLY M 107 -13.24 -10.07 10.59
CA GLY M 107 -13.33 -9.05 11.65
C GLY M 107 -12.57 -7.77 11.29
N GLU M 108 -12.20 -7.62 10.02
CA GLU M 108 -11.68 -6.35 9.44
C GLU M 108 -12.82 -5.30 9.35
N LEU M 109 -14.06 -5.74 9.17
CA LEU M 109 -15.22 -4.81 9.13
C LEU M 109 -15.32 -4.14 10.49
N ILE M 110 -15.12 -4.90 11.56
CA ILE M 110 -15.23 -4.36 12.94
C ILE M 110 -14.20 -3.26 13.09
N SER M 111 -12.97 -3.47 12.62
CA SER M 111 -11.91 -2.43 12.63
C SER M 111 -12.37 -1.22 11.82
N ILE M 112 -12.69 -1.38 10.55
CA ILE M 112 -13.09 -0.25 9.68
C ILE M 112 -14.16 0.56 10.42
N ARG M 113 -15.14 -0.13 11.06
CA ARG M 113 -16.25 0.55 11.78
C ARG M 113 -15.64 1.39 12.89
N GLU M 114 -14.82 0.79 13.76
CA GLU M 114 -14.12 1.53 14.83
C GLU M 114 -13.50 2.80 14.22
N SER M 115 -12.73 2.67 13.14
CA SER M 115 -11.87 3.76 12.64
C SER M 115 -12.71 4.78 11.90
N SER M 116 -13.98 4.51 11.67
CA SER M 116 -14.85 5.41 10.87
C SER M 116 -15.58 6.42 11.78
N LEU M 117 -15.55 6.24 13.10
CA LEU M 117 -16.24 7.16 14.04
C LEU M 117 -15.32 7.71 15.13
N TYR M 118 -14.36 6.92 15.61
CA TYR M 118 -13.42 7.26 16.72
C TYR M 118 -12.02 7.57 16.17
N ALA M 119 -11.44 8.69 16.62
CA ALA M 119 -9.98 8.97 16.54
C ALA M 119 -9.22 7.94 17.40
N ASP M 120 -8.03 7.55 16.96
CA ASP M 120 -7.20 6.53 17.66
C ASP M 120 -5.75 6.93 17.42
N ILE M 121 -4.86 6.49 18.32
CA ILE M 121 -3.38 6.60 18.17
C ILE M 121 -2.83 5.19 17.86
N ILE M 122 -2.53 4.91 16.58
CA ILE M 122 -1.94 3.60 16.13
C ILE M 122 -0.57 3.83 15.47
N ASP M 123 0.40 3.00 15.86
CA ASP M 123 1.87 3.26 15.80
C ASP M 123 2.13 4.30 16.90
N ASP M 124 2.33 5.57 16.58
CA ASP M 124 2.05 6.66 17.56
C ASP M 124 1.69 7.96 16.84
N ILE M 125 1.23 7.84 15.60
CA ILE M 125 0.53 8.92 14.85
C ILE M 125 -0.91 8.98 15.37
N LEU M 126 -1.54 10.15 15.37
CA LEU M 126 -2.99 10.25 15.59
C LEU M 126 -3.69 10.06 14.25
N GLU M 127 -4.59 9.07 14.17
CA GLU M 127 -5.41 8.72 12.98
C GLU M 127 -6.83 9.20 13.24
N VAL M 128 -7.50 9.67 12.21
CA VAL M 128 -8.81 10.37 12.32
C VAL M 128 -9.72 9.88 11.21
N PRO M 129 -11.02 9.60 11.48
CA PRO M 129 -11.90 8.94 10.51
C PRO M 129 -11.95 9.58 9.12
N SER M 130 -11.83 10.90 9.07
CA SER M 130 -11.73 11.73 7.84
C SER M 130 -10.70 11.14 6.85
N GLU M 131 -9.55 10.67 7.33
CA GLU M 131 -8.45 10.30 6.41
C GLU M 131 -8.37 8.78 6.23
N LYS M 132 -9.16 7.99 6.95
CA LYS M 132 -9.08 6.50 6.90
C LYS M 132 -10.17 5.90 6.01
N ILE M 133 -11.18 6.68 5.64
CA ILE M 133 -12.40 6.16 4.96
C ILE M 133 -12.64 7.03 3.73
N SER M 134 -12.59 6.42 2.56
CA SER M 134 -12.73 7.05 1.23
C SER M 134 -14.19 7.02 0.80
N LYS M 135 -14.52 7.80 -0.23
CA LYS M 135 -15.85 7.90 -0.87
C LYS M 135 -16.18 6.57 -1.56
N GLU M 136 -15.18 5.95 -2.19
CA GLU M 136 -15.33 4.68 -2.93
C GLU M 136 -15.85 3.60 -1.96
N GLN M 137 -15.18 3.49 -0.81
CA GLN M 137 -15.44 2.54 0.29
C GLN M 137 -16.78 2.83 0.99
N SER M 138 -17.13 4.10 1.09
CA SER M 138 -18.40 4.54 1.71
C SER M 138 -19.58 4.17 0.80
N ARG M 139 -19.43 4.40 -0.50
CA ARG M 139 -20.47 4.06 -1.49
C ARG M 139 -20.64 2.54 -1.50
N ALA M 140 -19.57 1.78 -1.57
CA ALA M 140 -19.64 0.31 -1.70
C ALA M 140 -20.33 -0.29 -0.48
N LEU M 141 -20.03 0.18 0.72
CA LEU M 141 -20.55 -0.48 1.95
C LEU M 141 -22.03 -0.17 2.05
N LEU M 142 -22.47 1.01 1.57
CA LEU M 142 -23.90 1.41 1.62
C LEU M 142 -24.69 0.60 0.57
N LEU M 143 -24.15 0.43 -0.64
CA LEU M 143 -24.81 -0.38 -1.69
C LEU M 143 -24.95 -1.82 -1.23
N TYR M 144 -23.89 -2.44 -0.74
CA TYR M 144 -23.97 -3.79 -0.14
C TYR M 144 -25.00 -3.81 1.01
N ALA M 145 -25.06 -2.76 1.84
CA ALA M 145 -25.98 -2.73 3.00
C ALA M 145 -27.41 -2.83 2.48
N ILE M 146 -27.74 -2.00 1.50
CA ILE M 146 -29.10 -1.87 0.91
C ILE M 146 -29.51 -3.22 0.30
N GLU M 147 -28.58 -3.90 -0.37
CA GLU M 147 -28.86 -5.13 -1.14
C GLU M 147 -29.03 -6.29 -0.16
N CYS M 148 -28.28 -6.32 0.91
CA CYS M 148 -28.45 -7.46 1.82
C CYS M 148 -29.68 -7.21 2.72
N PHE M 149 -30.18 -5.97 2.82
CA PHE M 149 -31.48 -5.61 3.44
C PHE M 149 -32.65 -5.99 2.52
N ASP M 150 -32.51 -5.69 1.23
CA ASP M 150 -33.55 -5.97 0.22
C ASP M 150 -33.65 -7.48 0.05
N ASP M 151 -32.53 -8.20 0.05
CA ASP M 151 -32.52 -9.67 -0.13
C ASP M 151 -33.13 -10.35 1.10
N SER M 152 -32.90 -9.83 2.30
CA SER M 152 -33.16 -10.57 3.57
C SER M 152 -34.53 -10.31 4.16
N LEU M 153 -35.13 -9.11 3.94
CA LEU M 153 -36.31 -8.64 4.69
C LEU M 153 -37.41 -8.07 3.81
N VAL M 154 -37.08 -7.57 2.64
CA VAL M 154 -38.11 -7.03 1.70
C VAL M 154 -38.73 -8.20 0.96
N GLY M 155 -40.05 -8.12 0.73
CA GLY M 155 -40.81 -8.99 -0.19
C GLY M 155 -41.78 -9.91 0.56
N TYR M 156 -41.70 -10.03 1.90
CA TYR M 156 -42.55 -10.98 2.66
C TYR M 156 -43.79 -10.26 3.21
N THR M 157 -43.85 -8.94 3.19
CA THR M 157 -45.03 -8.17 3.69
C THR M 157 -45.45 -7.15 2.63
N HIS M 158 -46.67 -6.58 2.80
CA HIS M 158 -47.25 -5.57 1.85
C HIS M 158 -46.56 -4.25 2.11
N HIS M 159 -46.34 -3.92 3.37
CA HIS M 159 -45.60 -2.70 3.78
C HIS M 159 -44.20 -2.68 3.19
N SER M 160 -43.57 -3.84 3.01
CA SER M 160 -42.16 -3.90 2.57
C SER M 160 -42.01 -3.35 1.15
N PHE M 161 -43.11 -3.12 0.43
CA PHE M 161 -43.06 -2.72 -1.01
C PHE M 161 -42.95 -1.22 -1.11
N GLU M 162 -43.59 -0.48 -0.21
CA GLU M 162 -43.53 1.00 -0.19
C GLU M 162 -42.13 1.38 0.29
N VAL M 163 -41.60 0.62 1.26
CA VAL M 163 -40.24 0.83 1.79
C VAL M 163 -39.24 0.53 0.68
N SER M 164 -39.39 -0.60 0.01
CA SER M 164 -38.42 -1.02 -1.03
C SER M 164 -38.46 -0.04 -2.20
N GLU M 165 -39.61 0.58 -2.48
CA GLU M 165 -39.75 1.64 -3.52
C GLU M 165 -38.64 2.67 -3.26
N THR M 166 -38.62 3.28 -2.06
CA THR M 166 -37.70 4.41 -1.70
C THR M 166 -36.25 3.89 -1.63
N THR M 167 -36.03 2.71 -1.07
CA THR M 167 -34.69 2.06 -0.98
C THR M 167 -34.08 1.78 -2.36
N ASP M 168 -34.89 1.45 -3.37
CA ASP M 168 -34.49 1.19 -4.78
C ASP M 168 -34.17 2.48 -5.56
N GLU M 169 -34.77 3.64 -5.21
CA GLU M 169 -34.38 4.95 -5.77
C GLU M 169 -33.00 5.29 -5.19
N LEU M 170 -32.84 5.16 -3.86
CA LEU M 170 -31.56 5.46 -3.17
C LEU M 170 -30.48 4.59 -3.81
N PHE M 171 -30.79 3.32 -4.06
CA PHE M 171 -29.83 2.37 -4.68
C PHE M 171 -29.44 2.92 -6.04
N GLU M 172 -30.40 3.28 -6.90
CA GLU M 172 -30.05 3.59 -8.32
C GLU M 172 -29.34 4.96 -8.39
N LYS M 173 -29.59 5.89 -7.45
CA LYS M 173 -28.89 7.21 -7.39
C LYS M 173 -27.43 7.01 -7.03
N LEU M 174 -27.17 6.23 -5.97
CA LEU M 174 -25.83 5.91 -5.40
C LEU M 174 -25.01 5.08 -6.40
N ALA M 175 -25.65 4.15 -7.14
CA ALA M 175 -25.00 3.29 -8.15
C ALA M 175 -24.64 4.16 -9.35
N ASN M 176 -25.61 5.02 -9.71
CA ASN M 176 -25.75 5.90 -10.92
C ASN M 176 -27.07 5.57 -11.62
N SER N 4 1.23 17.78 21.23
CA SER N 4 1.25 18.44 19.90
C SER N 4 -0.02 19.29 19.76
N THR N 5 0.08 20.49 19.20
CA THR N 5 -1.09 21.40 19.03
C THR N 5 -1.80 20.97 17.73
N ASP N 6 -1.09 20.34 16.81
CA ASP N 6 -1.66 19.89 15.50
C ASP N 6 -2.46 18.56 15.64
N ASP N 7 -2.19 17.84 16.74
CA ASP N 7 -2.94 16.63 17.17
C ASP N 7 -4.24 17.09 17.83
N LEU N 8 -4.18 18.01 18.79
CA LEU N 8 -5.36 18.67 19.37
C LEU N 8 -6.20 19.27 18.24
N ASN N 9 -5.64 19.97 17.26
CA ASN N 9 -6.46 20.60 16.19
C ASN N 9 -7.17 19.54 15.35
N LYS N 10 -6.63 18.34 15.23
CA LYS N 10 -7.18 17.29 14.33
C LYS N 10 -8.33 16.58 15.06
N CYS N 11 -8.24 16.51 16.38
CA CYS N 11 -9.31 16.03 17.30
C CYS N 11 -10.50 16.97 17.26
N ILE N 12 -10.25 18.27 17.32
CA ILE N 12 -11.27 19.36 17.25
C ILE N 12 -11.90 19.39 15.86
N ASP N 13 -11.14 19.10 14.83
CA ASP N 13 -11.71 19.01 13.46
C ASP N 13 -12.65 17.79 13.38
N HIS N 14 -12.23 16.63 13.90
CA HIS N 14 -13.02 15.37 13.99
C HIS N 14 -14.36 15.60 14.70
N ILE N 15 -14.36 16.25 15.86
CA ILE N 15 -15.57 16.50 16.67
C ILE N 15 -16.41 17.54 15.92
N SER N 16 -15.79 18.53 15.29
CA SER N 16 -16.53 19.53 14.48
C SER N 16 -17.42 18.80 13.45
N VAL N 17 -16.85 17.84 12.72
CA VAL N 17 -17.54 16.99 11.73
C VAL N 17 -18.71 16.27 12.41
N LEU N 18 -18.47 15.58 13.52
CA LEU N 18 -19.56 14.84 14.23
C LEU N 18 -20.69 15.79 14.63
N ILE N 19 -20.39 17.01 15.04
CA ILE N 19 -21.42 17.99 15.45
C ILE N 19 -22.26 18.34 14.23
N LYS N 20 -21.64 18.74 13.12
CA LYS N 20 -22.40 19.05 11.88
C LYS N 20 -23.27 17.86 11.47
N ASP N 21 -22.85 16.60 11.74
CA ASP N 21 -23.59 15.36 11.36
C ASP N 21 -24.79 15.18 12.30
N ALA N 22 -24.56 15.15 13.61
CA ALA N 22 -25.65 15.27 14.59
C ALA N 22 -26.64 16.36 14.17
N TYR N 23 -26.18 17.50 13.72
CA TYR N 23 -27.07 18.63 13.42
C TYR N 23 -27.82 18.30 12.13
N LEU N 24 -27.14 17.77 11.14
CA LEU N 24 -27.77 17.39 9.84
C LEU N 24 -28.85 16.31 10.09
N LEU N 25 -28.57 15.34 10.92
CA LEU N 25 -29.50 14.26 11.22
C LEU N 25 -30.68 14.83 11.99
N TYR N 26 -30.43 15.70 12.97
CA TYR N 26 -31.50 16.35 13.79
C TYR N 26 -32.44 17.23 12.93
N THR N 27 -31.90 17.95 11.95
CA THR N 27 -32.75 18.81 11.09
C THR N 27 -33.58 17.97 10.11
N ASN N 28 -33.14 16.77 9.71
CA ASN N 28 -33.90 15.85 8.82
C ASN N 28 -34.76 14.85 9.62
N GLU N 29 -34.94 15.06 10.92
CA GLU N 29 -35.87 14.34 11.84
C GLU N 29 -35.43 12.90 12.14
N SER N 30 -34.19 12.50 11.89
CA SER N 30 -33.60 11.27 12.51
C SER N 30 -33.12 11.63 13.93
N PHE N 31 -34.02 11.72 14.91
CA PHE N 31 -33.68 12.09 16.32
C PHE N 31 -32.88 10.99 17.03
N ALA N 32 -33.19 9.72 16.80
CA ALA N 32 -32.51 8.59 17.47
C ALA N 32 -31.07 8.49 16.95
N THR N 33 -30.83 8.74 15.67
CA THR N 33 -29.46 8.58 15.11
C THR N 33 -28.65 9.79 15.54
N SER N 34 -29.26 10.96 15.52
CA SER N 34 -28.64 12.24 15.99
C SER N 34 -28.16 12.01 17.42
N THR N 35 -29.01 11.43 18.25
CA THR N 35 -28.72 11.24 19.68
C THR N 35 -27.49 10.36 19.80
N PHE N 36 -27.36 9.37 18.91
CA PHE N 36 -26.24 8.41 19.04
C PHE N 36 -24.93 9.18 18.87
N ILE N 37 -24.87 9.98 17.81
CA ILE N 37 -23.68 10.85 17.50
C ILE N 37 -23.49 11.82 18.67
N SER N 38 -24.56 12.38 19.25
CA SER N 38 -24.49 13.44 20.30
C SER N 38 -23.76 12.86 21.50
N ILE N 39 -24.11 11.67 21.93
CA ILE N 39 -23.55 11.08 23.16
C ILE N 39 -22.15 10.64 22.81
N THR N 40 -21.90 10.34 21.53
CA THR N 40 -20.54 9.99 21.01
C THR N 40 -19.62 11.20 21.17
N ILE N 41 -20.00 12.35 20.64
CA ILE N 41 -19.28 13.64 20.81
C ILE N 41 -18.94 13.86 22.28
N ILE N 42 -19.87 13.61 23.21
CA ILE N 42 -19.66 13.89 24.66
C ILE N 42 -18.48 13.04 25.12
N GLU N 43 -18.49 11.76 24.78
CA GLU N 43 -17.46 10.78 25.18
C GLU N 43 -16.12 11.14 24.54
N GLU N 44 -16.08 11.47 23.24
CA GLU N 44 -14.82 11.79 22.50
C GLU N 44 -14.24 13.07 23.08
N VAL N 45 -15.09 14.05 23.36
CA VAL N 45 -14.64 15.36 23.90
C VAL N 45 -13.91 15.09 25.20
N GLY N 46 -14.51 14.30 26.10
CA GLY N 46 -13.92 13.95 27.41
C GLY N 46 -12.63 13.19 27.26
N LYS N 47 -12.51 12.35 26.24
CA LYS N 47 -11.32 11.52 26.01
C LYS N 47 -10.18 12.42 25.56
N THR N 48 -10.46 13.31 24.61
CA THR N 48 -9.47 14.28 24.08
C THR N 48 -8.91 15.11 25.24
N HIS N 49 -9.76 15.45 26.20
CA HIS N 49 -9.44 16.32 27.36
C HIS N 49 -8.49 15.59 28.31
N ILE N 50 -8.71 14.31 28.56
CA ILE N 50 -7.82 13.41 29.33
C ILE N 50 -6.53 13.16 28.53
N GLY N 51 -6.59 13.16 27.19
CA GLY N 51 -5.42 12.95 26.32
C GLY N 51 -4.57 14.21 26.15
N MET N 52 -4.66 15.21 27.05
CA MET N 52 -3.81 16.43 27.10
C MET N 52 -2.78 16.35 28.25
N LYS N 71 -5.29 11.01 36.17
CA LYS N 71 -5.30 9.55 36.46
C LYS N 71 -6.65 9.10 37.04
N SER N 72 -7.25 9.88 37.94
CA SER N 72 -8.61 9.67 38.50
C SER N 72 -9.70 10.42 37.70
N LYS N 73 -9.38 11.00 36.53
CA LYS N 73 -10.39 11.50 35.56
C LYS N 73 -10.98 10.35 34.73
N HIS N 74 -12.22 10.53 34.24
CA HIS N 74 -12.93 9.66 33.27
C HIS N 74 -13.52 10.56 32.18
N ALA N 75 -14.07 9.97 31.11
CA ALA N 75 -14.65 10.68 29.93
C ALA N 75 -15.89 11.50 30.34
N PHE N 76 -16.76 10.95 31.18
CA PHE N 76 -17.99 11.63 31.67
C PHE N 76 -17.73 12.34 33.00
N GLY N 77 -16.48 12.66 33.31
CA GLY N 77 -16.11 13.53 34.44
C GLY N 77 -15.89 14.96 33.97
N SER N 78 -15.67 15.17 32.66
CA SER N 78 -15.37 16.49 32.06
C SER N 78 -16.67 17.30 31.88
N LEU N 79 -17.57 17.30 32.89
CA LEU N 79 -19.02 17.62 32.71
C LEU N 79 -19.28 19.11 32.83
N PRO N 80 -19.88 19.72 31.78
CA PRO N 80 -19.96 21.16 31.61
C PRO N 80 -20.39 21.93 32.86
N THR N 81 -19.57 22.93 33.18
CA THR N 81 -19.79 23.94 34.25
C THR N 81 -21.18 24.53 34.05
N ILE N 82 -22.10 24.33 35.00
CA ILE N 82 -23.55 24.65 34.83
C ILE N 82 -23.88 25.95 35.57
N LYS N 83 -23.99 27.05 34.80
CA LYS N 83 -24.21 28.43 35.30
C LYS N 83 -25.71 28.75 35.31
N MET N 84 -26.13 29.54 36.31
CA MET N 84 -27.46 30.20 36.42
C MET N 84 -27.77 30.86 35.06
N GLY N 85 -28.93 30.55 34.45
CA GLY N 85 -29.45 31.22 33.25
C GLY N 85 -28.41 31.47 32.15
N GLY N 86 -27.40 30.59 32.05
CA GLY N 86 -26.39 30.61 30.97
C GLY N 86 -26.88 29.82 29.77
N ARG N 87 -26.77 30.41 28.56
CA ARG N 87 -26.86 29.75 27.22
C ARG N 87 -27.64 28.42 27.26
N LEU N 88 -27.05 27.39 27.87
CA LEU N 88 -27.60 26.01 27.92
C LEU N 88 -28.82 25.96 28.83
N ASN N 89 -28.70 26.50 30.04
CA ASN N 89 -29.84 26.57 30.98
C ASN N 89 -31.07 27.15 30.26
N LYS N 90 -30.91 28.26 29.54
CA LYS N 90 -32.02 28.98 28.83
C LYS N 90 -32.64 28.11 27.74
N ALA N 91 -31.84 27.28 27.08
CA ALA N 91 -32.26 26.52 25.89
C ALA N 91 -32.97 25.23 26.29
N ILE N 92 -32.55 24.55 27.38
CA ILE N 92 -33.13 23.20 27.68
C ILE N 92 -33.74 23.15 29.08
N GLY N 93 -33.42 24.11 29.93
CA GLY N 93 -34.07 24.18 31.25
C GLY N 93 -33.32 23.35 32.27
N ASP N 94 -33.32 23.82 33.51
CA ASP N 94 -32.47 23.34 34.64
C ASP N 94 -32.77 21.86 34.91
N GLU N 95 -34.01 21.43 34.69
CA GLU N 95 -34.47 20.05 34.98
C GLU N 95 -33.68 19.05 34.13
N MET N 96 -33.75 19.24 32.81
CA MET N 96 -33.10 18.41 31.74
C MET N 96 -31.56 18.38 31.94
N ILE N 97 -30.92 19.47 32.36
CA ILE N 97 -29.46 19.44 32.67
C ILE N 97 -29.22 18.41 33.79
N ASP N 98 -30.15 18.34 34.76
CA ASP N 98 -29.96 17.54 36.00
C ASP N 98 -30.29 16.08 35.67
N LYS N 99 -31.23 15.87 34.75
CA LYS N 99 -31.53 14.52 34.21
C LYS N 99 -30.30 13.97 33.45
N ILE N 100 -29.63 14.79 32.61
CA ILE N 100 -28.42 14.43 31.78
C ILE N 100 -27.25 14.19 32.73
N VAL N 101 -27.08 15.00 33.77
CA VAL N 101 -25.89 14.90 34.68
C VAL N 101 -26.06 13.64 35.53
N GLU N 102 -27.26 13.38 36.04
CA GLU N 102 -27.57 12.13 36.79
C GLU N 102 -27.31 10.95 35.86
N ASP N 103 -27.75 11.01 34.59
CA ASP N 103 -27.63 9.92 33.59
C ASP N 103 -26.13 9.68 33.31
N ALA N 104 -25.28 10.71 33.34
CA ALA N 104 -23.81 10.54 33.16
C ALA N 104 -23.15 9.83 34.37
N GLU N 105 -23.59 10.09 35.59
CA GLU N 105 -23.04 9.50 36.84
C GLU N 105 -23.61 8.09 37.04
N THR N 106 -24.78 7.76 36.47
CA THR N 106 -25.43 6.42 36.53
C THR N 106 -24.81 5.46 35.50
N GLY N 107 -24.33 6.01 34.38
CA GLY N 107 -24.02 5.25 33.15
C GLY N 107 -25.29 4.96 32.35
N GLU N 108 -26.39 5.64 32.66
CA GLU N 108 -27.65 5.57 31.88
C GLU N 108 -27.39 6.16 30.49
N LEU N 109 -26.48 7.14 30.35
CA LEU N 109 -26.11 7.71 29.03
C LEU N 109 -25.58 6.66 28.06
N ILE N 110 -24.90 5.66 28.56
CA ILE N 110 -24.43 4.55 27.68
C ILE N 110 -25.62 3.70 27.25
N SER N 111 -26.56 3.41 28.15
CA SER N 111 -27.81 2.68 27.78
C SER N 111 -28.55 3.47 26.71
N ILE N 112 -28.69 4.78 26.91
CA ILE N 112 -29.44 5.65 25.98
C ILE N 112 -28.77 5.60 24.62
N ARG N 113 -27.44 5.55 24.57
CA ARG N 113 -26.70 5.47 23.30
C ARG N 113 -26.92 4.12 22.62
N GLU N 114 -26.91 3.02 23.36
CA GLU N 114 -27.27 1.69 22.82
C GLU N 114 -28.68 1.82 22.19
N SER N 115 -29.67 2.26 22.96
CA SER N 115 -31.10 2.15 22.57
C SER N 115 -31.38 3.03 21.35
N SER N 116 -30.46 3.92 20.99
CA SER N 116 -30.68 5.01 20.00
C SER N 116 -30.19 4.59 18.62
N LEU N 117 -29.47 3.47 18.55
CA LEU N 117 -29.08 2.91 17.25
C LEU N 117 -29.56 1.44 17.04
N TYR N 118 -29.57 0.64 18.08
CA TYR N 118 -29.81 -0.81 17.95
C TYR N 118 -31.17 -1.15 18.52
N ALA N 119 -31.97 -1.88 17.74
CA ALA N 119 -33.28 -2.46 18.13
C ALA N 119 -33.00 -3.61 19.10
N ASP N 120 -33.89 -3.90 20.03
CA ASP N 120 -33.68 -4.98 21.02
C ASP N 120 -35.01 -5.72 21.20
N ILE N 121 -34.94 -7.00 21.54
CA ILE N 121 -36.12 -7.79 21.97
C ILE N 121 -36.03 -7.97 23.49
N ILE N 122 -36.71 -7.10 24.24
CA ILE N 122 -36.71 -7.05 25.73
C ILE N 122 -38.07 -7.59 26.22
N ASP N 123 -38.04 -8.73 26.90
CA ASP N 123 -39.23 -9.53 27.31
C ASP N 123 -40.19 -9.66 26.11
N ASP N 124 -39.83 -10.50 25.13
CA ASP N 124 -40.72 -11.05 24.07
C ASP N 124 -40.97 -10.05 22.93
N ILE N 125 -40.89 -8.73 23.21
CA ILE N 125 -41.38 -7.65 22.30
C ILE N 125 -40.18 -6.86 21.73
N LEU N 126 -40.25 -6.56 20.43
CA LEU N 126 -39.28 -5.69 19.74
C LEU N 126 -39.49 -4.22 20.13
N GLU N 127 -38.45 -3.62 20.70
CA GLU N 127 -38.30 -2.16 20.93
C GLU N 127 -37.37 -1.57 19.88
N VAL N 128 -37.73 -0.44 19.31
CA VAL N 128 -36.96 0.19 18.20
C VAL N 128 -36.47 1.57 18.64
N PRO N 129 -35.35 2.11 18.15
CA PRO N 129 -34.88 3.42 18.61
C PRO N 129 -35.87 4.58 18.47
N SER N 130 -36.58 4.69 17.34
CA SER N 130 -37.60 5.74 17.15
C SER N 130 -38.59 5.81 18.33
N GLU N 131 -38.85 4.71 19.06
CA GLU N 131 -39.85 4.66 20.18
C GLU N 131 -39.24 4.92 21.56
N LYS N 132 -37.93 5.13 21.64
CA LYS N 132 -37.17 5.33 22.89
C LYS N 132 -36.66 6.78 22.99
N ILE N 133 -36.47 7.46 21.87
CA ILE N 133 -35.77 8.78 21.87
C ILE N 133 -36.72 9.86 21.34
N SER N 134 -37.10 10.82 22.16
CA SER N 134 -37.93 12.00 21.77
C SER N 134 -37.10 13.14 21.17
N LYS N 135 -37.75 13.99 20.37
CA LYS N 135 -37.10 15.20 19.80
C LYS N 135 -36.47 16.04 20.92
N GLU N 136 -37.17 16.23 22.03
CA GLU N 136 -36.72 17.16 23.11
C GLU N 136 -35.36 16.71 23.64
N GLN N 137 -35.21 15.42 23.87
CA GLN N 137 -33.97 14.76 24.34
C GLN N 137 -32.87 14.80 23.27
N SER N 138 -33.22 14.61 22.01
CA SER N 138 -32.26 14.78 20.91
C SER N 138 -31.71 16.21 20.88
N ARG N 139 -32.55 17.20 21.00
CA ARG N 139 -32.10 18.62 20.94
C ARG N 139 -31.24 19.00 22.17
N ALA N 140 -31.63 18.51 23.35
CA ALA N 140 -30.91 18.74 24.61
C ALA N 140 -29.54 18.11 24.51
N LEU N 141 -29.44 16.89 23.99
CA LEU N 141 -28.12 16.16 24.02
C LEU N 141 -27.18 16.77 22.99
N LEU N 142 -27.65 17.27 21.89
CA LEU N 142 -26.76 17.99 20.96
C LEU N 142 -26.28 19.35 21.51
N LEU N 143 -27.16 20.09 22.19
CA LEU N 143 -26.81 21.41 22.77
C LEU N 143 -25.77 21.12 23.84
N TYR N 144 -26.04 20.17 24.73
CA TYR N 144 -25.10 19.86 25.84
C TYR N 144 -23.76 19.50 25.20
N ALA N 145 -23.82 18.75 24.10
CA ALA N 145 -22.61 18.21 23.46
C ALA N 145 -21.79 19.40 22.97
N ILE N 146 -22.41 20.34 22.27
CA ILE N 146 -21.69 21.56 21.81
C ILE N 146 -21.18 22.31 23.05
N GLU N 147 -21.91 22.35 24.16
CA GLU N 147 -21.46 23.12 25.36
C GLU N 147 -20.27 22.39 26.01
N CYS N 148 -20.22 21.07 25.95
CA CYS N 148 -19.09 20.23 26.47
C CYS N 148 -17.81 20.53 25.71
N PHE N 149 -17.96 20.63 24.40
CA PHE N 149 -16.89 20.95 23.42
C PHE N 149 -16.30 22.32 23.74
N ASP N 150 -17.10 23.39 23.61
CA ASP N 150 -16.76 24.83 23.84
C ASP N 150 -16.15 25.05 25.24
N ASP N 151 -16.49 24.23 26.23
CA ASP N 151 -16.03 24.36 27.63
C ASP N 151 -14.70 23.65 27.83
N SER N 152 -14.38 22.64 27.02
CA SER N 152 -13.23 21.75 27.27
C SER N 152 -12.07 22.05 26.32
N LEU N 153 -12.34 22.30 25.03
CA LEU N 153 -11.32 22.29 23.93
C LEU N 153 -11.15 23.66 23.28
N VAL N 154 -12.05 24.59 23.51
CA VAL N 154 -11.96 25.94 22.92
C VAL N 154 -10.99 26.78 23.76
N GLY N 155 -10.10 27.54 23.08
CA GLY N 155 -9.20 28.51 23.73
C GLY N 155 -7.80 28.00 24.02
N TYR N 156 -7.48 26.72 23.79
CA TYR N 156 -6.09 26.21 23.88
C TYR N 156 -5.32 26.64 22.61
N THR N 157 -5.93 26.54 21.44
CA THR N 157 -5.25 26.75 20.14
C THR N 157 -5.97 27.86 19.39
N HIS N 158 -5.30 28.49 18.45
CA HIS N 158 -5.87 29.56 17.62
C HIS N 158 -7.01 29.02 16.76
N HIS N 159 -6.84 27.84 16.20
CA HIS N 159 -7.81 27.20 15.28
C HIS N 159 -9.16 26.96 15.99
N SER N 160 -9.09 26.52 17.25
CA SER N 160 -10.25 26.15 18.08
C SER N 160 -11.31 27.25 18.00
N PHE N 161 -10.94 28.51 17.81
CA PHE N 161 -11.88 29.67 17.88
C PHE N 161 -12.65 29.73 16.56
N GLU N 162 -11.95 29.56 15.45
CA GLU N 162 -12.58 29.47 14.12
C GLU N 162 -13.72 28.45 14.22
N VAL N 163 -13.39 27.25 14.71
CA VAL N 163 -14.31 26.08 14.76
C VAL N 163 -15.46 26.37 15.73
N SER N 164 -15.18 27.09 16.82
CA SER N 164 -16.18 27.49 17.85
C SER N 164 -17.11 28.56 17.29
N GLU N 165 -16.65 29.38 16.36
CA GLU N 165 -17.50 30.39 15.67
C GLU N 165 -18.65 29.65 14.94
N THR N 166 -18.29 28.61 14.18
CA THR N 166 -19.19 27.68 13.44
C THR N 166 -20.14 26.98 14.40
N THR N 167 -19.65 26.39 15.50
CA THR N 167 -20.47 25.58 16.44
C THR N 167 -21.39 26.50 17.23
N ASP N 168 -21.09 27.79 17.33
CA ASP N 168 -21.94 28.77 18.04
C ASP N 168 -23.17 29.08 17.18
N GLU N 169 -23.04 29.15 15.84
CA GLU N 169 -24.22 29.40 14.96
C GLU N 169 -25.10 28.13 14.94
N LEU N 170 -24.53 26.92 14.97
CA LEU N 170 -25.34 25.67 15.09
C LEU N 170 -26.09 25.71 16.41
N PHE N 171 -25.46 26.09 17.51
CA PHE N 171 -26.12 26.27 18.83
C PHE N 171 -27.23 27.33 18.77
N GLU N 172 -27.06 28.43 18.05
CA GLU N 172 -28.11 29.47 18.04
C GLU N 172 -29.30 28.96 17.21
N LYS N 173 -29.07 28.46 15.99
CA LYS N 173 -30.16 27.89 15.14
C LYS N 173 -30.98 26.84 15.90
N LEU N 174 -30.34 25.92 16.60
CA LEU N 174 -30.95 24.75 17.26
C LEU N 174 -31.61 25.17 18.58
N ALA N 175 -31.19 26.23 19.24
CA ALA N 175 -31.81 26.68 20.51
C ALA N 175 -33.16 27.39 20.28
N ASN N 176 -33.48 27.78 19.03
CA ASN N 176 -34.83 28.33 18.64
C ASN N 176 -35.40 27.57 17.44
N SER O 1 -1.11 -58.03 -70.33
CA SER O 1 -2.33 -58.84 -70.64
C SER O 1 -3.54 -57.93 -70.48
N LEU O 2 -3.88 -57.19 -71.54
CA LEU O 2 -5.16 -56.48 -71.74
C LEU O 2 -6.28 -57.52 -71.83
N LYS O 3 -7.40 -57.29 -71.15
CA LYS O 3 -8.41 -58.37 -70.96
C LYS O 3 -9.76 -57.95 -71.51
N SER O 4 -9.87 -56.84 -72.23
CA SER O 4 -11.16 -56.38 -72.83
C SER O 4 -10.84 -55.42 -73.97
N THR O 5 -11.76 -55.18 -74.89
CA THR O 5 -11.48 -54.36 -76.12
C THR O 5 -11.38 -52.88 -75.68
N ASP O 6 -12.09 -52.48 -74.62
CA ASP O 6 -11.98 -51.12 -74.03
C ASP O 6 -10.51 -50.89 -73.62
N ASP O 7 -9.84 -51.84 -72.91
CA ASP O 7 -8.40 -51.80 -72.54
C ASP O 7 -7.50 -51.73 -73.79
N LEU O 8 -7.77 -52.53 -74.80
CA LEU O 8 -6.92 -52.52 -76.01
C LEU O 8 -7.01 -51.15 -76.68
N ASN O 9 -8.19 -50.53 -76.72
CA ASN O 9 -8.36 -49.16 -77.29
C ASN O 9 -7.64 -48.10 -76.43
N LYS O 10 -7.67 -48.24 -75.10
CA LYS O 10 -6.97 -47.31 -74.16
C LYS O 10 -5.47 -47.37 -74.42
N CYS O 11 -4.93 -48.60 -74.44
CA CYS O 11 -3.51 -48.87 -74.77
C CYS O 11 -3.15 -48.25 -76.14
N ILE O 12 -4.02 -48.41 -77.15
CA ILE O 12 -3.84 -47.83 -78.53
C ILE O 12 -3.84 -46.28 -78.52
N ASP O 13 -4.66 -45.65 -77.67
CA ASP O 13 -4.73 -44.17 -77.52
C ASP O 13 -3.40 -43.71 -76.91
N HIS O 14 -3.01 -44.37 -75.81
CA HIS O 14 -1.76 -44.12 -75.06
C HIS O 14 -0.64 -44.06 -76.07
N ILE O 15 -0.50 -45.09 -76.90
CA ILE O 15 0.67 -45.25 -77.80
C ILE O 15 0.51 -44.27 -78.95
N SER O 16 -0.73 -44.04 -79.35
CA SER O 16 -1.03 -42.98 -80.32
C SER O 16 -0.54 -41.64 -79.76
N VAL O 17 -0.71 -41.38 -78.47
CA VAL O 17 -0.25 -40.08 -77.89
C VAL O 17 1.27 -40.04 -78.00
N LEU O 18 2.00 -41.07 -77.55
CA LEU O 18 3.48 -41.03 -77.62
C LEU O 18 3.97 -40.83 -79.08
N ILE O 19 3.28 -41.35 -80.08
CA ILE O 19 3.74 -41.26 -81.50
C ILE O 19 3.56 -39.82 -81.99
N LYS O 20 2.51 -39.15 -81.59
CA LYS O 20 2.30 -37.74 -81.98
C LYS O 20 3.38 -36.89 -81.31
N ASP O 21 3.84 -37.29 -80.13
CA ASP O 21 4.82 -36.52 -79.29
C ASP O 21 6.22 -36.72 -79.86
N ALA O 22 6.61 -37.97 -80.13
CA ALA O 22 7.85 -38.29 -80.87
C ALA O 22 7.86 -37.55 -82.21
N TYR O 23 6.75 -37.48 -82.94
CA TYR O 23 6.70 -36.83 -84.27
C TYR O 23 6.83 -35.31 -84.12
N LEU O 24 6.13 -34.76 -83.14
CA LEU O 24 6.12 -33.31 -82.86
C LEU O 24 7.54 -32.87 -82.51
N LEU O 25 8.24 -33.64 -81.67
CA LEU O 25 9.64 -33.34 -81.28
C LEU O 25 10.56 -33.46 -82.50
N TYR O 26 10.43 -34.52 -83.27
CA TYR O 26 11.24 -34.71 -84.50
C TYR O 26 11.05 -33.51 -85.44
N THR O 27 9.84 -32.99 -85.67
CA THR O 27 9.69 -31.86 -86.66
C THR O 27 10.16 -30.54 -86.07
N ASN O 28 10.27 -30.43 -84.75
CA ASN O 28 10.83 -29.22 -84.10
C ASN O 28 12.32 -29.44 -83.86
N GLU O 29 12.91 -30.48 -84.45
CA GLU O 29 14.37 -30.78 -84.49
C GLU O 29 14.94 -31.17 -83.11
N SER O 30 14.14 -31.72 -82.18
CA SER O 30 14.68 -32.35 -80.93
C SER O 30 14.81 -33.83 -81.21
N PHE O 31 15.81 -34.21 -82.01
CA PHE O 31 16.03 -35.60 -82.45
C PHE O 31 16.28 -36.48 -81.21
N ALA O 32 17.03 -35.98 -80.25
CA ALA O 32 17.50 -36.79 -79.10
C ALA O 32 16.28 -37.25 -78.30
N THR O 33 15.42 -36.30 -77.95
CA THR O 33 14.20 -36.55 -77.12
C THR O 33 13.26 -37.44 -77.93
N SER O 34 13.03 -37.12 -79.21
CA SER O 34 12.16 -37.89 -80.13
C SER O 34 12.57 -39.35 -80.06
N THR O 35 13.87 -39.61 -80.15
CA THR O 35 14.46 -40.96 -80.11
C THR O 35 14.23 -41.61 -78.73
N PHE O 36 14.25 -40.83 -77.65
CA PHE O 36 13.93 -41.42 -76.33
C PHE O 36 12.51 -41.98 -76.36
N ILE O 37 11.58 -41.24 -76.94
CA ILE O 37 10.13 -41.57 -76.90
C ILE O 37 9.88 -42.73 -77.89
N SER O 38 10.46 -42.63 -79.09
CA SER O 38 10.45 -43.68 -80.11
C SER O 38 10.85 -45.02 -79.47
N ILE O 39 11.93 -45.06 -78.69
CA ILE O 39 12.43 -46.34 -78.11
C ILE O 39 11.40 -46.76 -77.07
N THR O 40 10.91 -45.81 -76.26
CA THR O 40 9.86 -46.06 -75.24
C THR O 40 8.58 -46.65 -75.86
N ILE O 41 8.11 -46.15 -77.01
CA ILE O 41 7.01 -46.79 -77.80
C ILE O 41 7.38 -48.26 -78.10
N ILE O 42 8.61 -48.56 -78.53
CA ILE O 42 9.02 -49.95 -78.93
C ILE O 42 8.97 -50.87 -77.69
N GLU O 43 9.36 -50.45 -76.51
CA GLU O 43 9.22 -51.30 -75.30
C GLU O 43 7.72 -51.46 -74.97
N GLU O 44 6.92 -50.38 -74.99
CA GLU O 44 5.46 -50.41 -74.62
C GLU O 44 4.76 -51.42 -75.54
N VAL O 45 5.02 -51.40 -76.83
CA VAL O 45 4.39 -52.32 -77.83
C VAL O 45 4.83 -53.75 -77.51
N GLY O 46 6.11 -53.98 -77.30
CA GLY O 46 6.69 -55.28 -76.90
C GLY O 46 6.16 -55.79 -75.57
N LYS O 47 6.01 -54.93 -74.56
CA LYS O 47 5.45 -55.33 -73.24
C LYS O 47 4.06 -55.96 -73.47
N THR O 48 3.24 -55.41 -74.36
CA THR O 48 1.79 -55.69 -74.41
C THR O 48 1.55 -57.12 -74.88
N HIS O 49 0.76 -57.87 -74.12
CA HIS O 49 0.23 -59.21 -74.47
C HIS O 49 -1.29 -59.09 -74.40
N ILE O 50 -1.98 -59.67 -75.38
CA ILE O 50 -3.46 -59.54 -75.53
C ILE O 50 -4.08 -60.87 -75.11
N GLY O 51 -4.51 -60.96 -73.87
CA GLY O 51 -5.30 -62.10 -73.35
C GLY O 51 -6.63 -62.25 -74.08
N MET O 52 -7.46 -63.19 -73.66
CA MET O 52 -8.75 -63.44 -74.35
C MET O 52 -9.86 -62.73 -73.57
N PHE O 53 -10.84 -62.22 -74.31
CA PHE O 53 -11.97 -61.41 -73.78
C PHE O 53 -13.13 -62.39 -73.50
N ILE O 54 -13.17 -62.87 -72.25
CA ILE O 54 -14.10 -63.93 -71.74
C ILE O 54 -15.54 -63.44 -71.91
N SER O 55 -15.84 -62.22 -71.43
CA SER O 55 -17.22 -61.68 -71.26
C SER O 55 -17.83 -61.23 -72.59
N GLU O 56 -17.01 -61.04 -73.64
CA GLU O 56 -17.50 -60.55 -74.95
C GLU O 56 -17.60 -61.71 -75.96
N ASN O 57 -16.80 -62.78 -75.78
CA ASN O 57 -16.67 -64.01 -76.64
C ASN O 57 -15.62 -63.79 -77.74
N LYS O 58 -14.67 -62.90 -77.47
CA LYS O 58 -13.52 -62.59 -78.35
C LYS O 58 -12.29 -63.27 -77.75
N ASP O 59 -11.18 -63.14 -78.47
CA ASP O 59 -9.92 -63.91 -78.32
C ASP O 59 -9.14 -63.71 -79.60
N ILE O 60 -8.39 -62.61 -79.70
CA ILE O 60 -7.57 -62.30 -80.91
C ILE O 60 -6.22 -63.03 -80.72
N LYS O 61 -5.78 -63.78 -81.75
CA LYS O 61 -4.43 -64.36 -81.78
C LYS O 61 -3.62 -63.56 -82.81
N ARG O 62 -2.37 -63.22 -82.46
CA ARG O 62 -1.50 -62.35 -83.28
C ARG O 62 -0.59 -63.20 -84.16
N GLY O 63 -0.36 -62.74 -85.41
CA GLY O 63 0.68 -63.26 -86.30
C GLY O 63 2.01 -63.35 -85.58
N LYS O 64 2.55 -64.57 -85.40
CA LYS O 64 3.91 -64.87 -84.88
C LYS O 64 4.80 -65.23 -86.07
N ASP O 65 6.02 -64.70 -86.15
CA ASP O 65 7.05 -65.07 -87.17
C ASP O 65 7.23 -66.59 -87.22
N PRO O 66 7.06 -67.24 -88.39
CA PRO O 66 7.20 -68.69 -88.52
C PRO O 66 8.41 -69.30 -87.78
N LEU O 67 9.52 -68.60 -87.81
CA LEU O 67 10.80 -69.09 -87.25
C LEU O 67 10.75 -68.79 -85.74
N HIS O 74 12.00 -60.64 -72.58
CA HIS O 74 12.39 -59.20 -72.64
C HIS O 74 11.36 -58.42 -73.49
N ALA O 75 11.13 -57.15 -73.17
CA ALA O 75 10.31 -56.21 -73.98
C ALA O 75 10.97 -55.98 -75.34
N PHE O 76 12.30 -56.05 -75.43
CA PHE O 76 13.10 -56.01 -76.68
C PHE O 76 13.55 -57.41 -77.20
N GLY O 77 13.10 -58.50 -76.58
CA GLY O 77 13.13 -59.85 -77.18
C GLY O 77 11.79 -60.25 -77.83
N SER O 78 10.75 -59.41 -77.73
CA SER O 78 9.33 -59.72 -78.06
C SER O 78 8.74 -58.77 -79.13
N LEU O 79 9.58 -58.13 -79.93
CA LEU O 79 9.11 -57.32 -81.06
C LEU O 79 8.73 -58.24 -82.22
N PRO O 80 7.60 -57.96 -82.90
CA PRO O 80 7.19 -58.69 -84.10
C PRO O 80 8.13 -58.47 -85.29
N THR O 81 8.56 -59.56 -85.94
CA THR O 81 9.35 -59.52 -87.18
C THR O 81 8.54 -58.78 -88.24
N ILE O 82 9.14 -57.76 -88.82
CA ILE O 82 8.61 -56.98 -89.98
C ILE O 82 8.81 -57.81 -91.27
N LYS O 83 7.72 -58.06 -92.00
CA LYS O 83 7.77 -58.75 -93.32
C LYS O 83 8.47 -57.84 -94.34
N MET O 84 9.27 -58.44 -95.22
CA MET O 84 9.84 -57.81 -96.45
C MET O 84 8.72 -57.21 -97.31
N GLY O 85 9.07 -56.27 -98.20
CA GLY O 85 8.18 -55.65 -99.21
C GLY O 85 7.23 -54.59 -98.65
N GLY O 86 7.07 -54.48 -97.32
CA GLY O 86 6.19 -53.49 -96.69
C GLY O 86 6.73 -52.07 -96.83
N ARG O 87 5.99 -51.10 -96.27
CA ARG O 87 6.29 -49.63 -96.38
C ARG O 87 7.54 -49.30 -95.55
N LEU O 88 7.79 -50.02 -94.44
CA LEU O 88 9.01 -49.80 -93.63
C LEU O 88 10.23 -50.13 -94.46
N ASN O 89 10.24 -51.28 -95.15
CA ASN O 89 11.39 -51.73 -95.98
C ASN O 89 11.74 -50.66 -97.03
N LYS O 90 10.76 -50.09 -97.73
CA LYS O 90 11.01 -49.04 -98.75
C LYS O 90 11.63 -47.80 -98.11
N ALA O 91 11.18 -47.40 -96.93
CA ALA O 91 11.54 -46.12 -96.27
C ALA O 91 12.97 -46.13 -95.70
N ILE O 92 13.43 -47.19 -95.03
CA ILE O 92 14.74 -47.20 -94.30
C ILE O 92 15.65 -48.35 -94.77
N GLY O 93 15.19 -49.23 -95.65
CA GLY O 93 15.99 -50.36 -96.17
C GLY O 93 16.09 -51.51 -95.18
N ASP O 94 16.43 -52.69 -95.69
CA ASP O 94 16.42 -53.94 -94.89
C ASP O 94 17.54 -53.89 -93.85
N GLU O 95 18.66 -53.24 -94.20
CA GLU O 95 19.90 -53.29 -93.37
C GLU O 95 19.67 -52.56 -92.04
N MET O 96 18.95 -51.43 -92.09
CA MET O 96 18.61 -50.60 -90.91
C MET O 96 17.64 -51.36 -89.96
N ILE O 97 16.64 -52.04 -90.52
CA ILE O 97 15.72 -52.89 -89.72
C ILE O 97 16.54 -53.96 -88.98
N ASP O 98 17.51 -54.59 -89.66
CA ASP O 98 18.34 -55.68 -89.09
C ASP O 98 19.27 -55.08 -88.03
N LYS O 99 19.71 -53.84 -88.21
CA LYS O 99 20.58 -53.14 -87.22
C LYS O 99 19.75 -52.80 -85.98
N ILE O 100 18.52 -52.29 -86.17
CA ILE O 100 17.59 -51.99 -85.05
C ILE O 100 17.23 -53.28 -84.33
N VAL O 101 16.89 -54.34 -85.06
CA VAL O 101 16.51 -55.63 -84.42
C VAL O 101 17.70 -56.18 -83.61
N GLU O 102 18.88 -56.25 -84.20
CA GLU O 102 20.11 -56.70 -83.50
C GLU O 102 20.26 -55.87 -82.19
N ASP O 103 20.28 -54.54 -82.29
CA ASP O 103 20.46 -53.57 -81.17
C ASP O 103 19.43 -53.82 -80.06
N ALA O 104 18.23 -54.30 -80.40
CA ALA O 104 17.18 -54.56 -79.40
C ALA O 104 17.55 -55.83 -78.62
N GLU O 105 18.07 -56.84 -79.30
CA GLU O 105 18.45 -58.18 -78.73
C GLU O 105 19.82 -58.13 -78.02
N THR O 106 20.71 -57.22 -78.40
CA THR O 106 22.02 -56.95 -77.72
C THR O 106 21.79 -56.18 -76.42
N GLY O 107 20.87 -55.22 -76.43
CA GLY O 107 20.69 -54.22 -75.35
C GLY O 107 21.53 -52.99 -75.63
N GLU O 108 21.93 -52.80 -76.89
CA GLU O 108 22.45 -51.50 -77.40
C GLU O 108 21.32 -50.45 -77.42
N LEU O 109 20.06 -50.86 -77.68
CA LEU O 109 18.90 -49.92 -77.72
C LEU O 109 18.71 -49.27 -76.36
N ILE O 110 18.92 -50.01 -75.27
CA ILE O 110 18.82 -49.48 -73.87
C ILE O 110 19.91 -48.44 -73.61
N SER O 111 21.09 -48.59 -74.22
CA SER O 111 22.17 -47.58 -74.14
C SER O 111 21.82 -46.33 -74.97
N ILE O 112 21.47 -46.49 -76.24
CA ILE O 112 21.10 -45.34 -77.12
C ILE O 112 19.97 -44.52 -76.48
N ARG O 113 19.03 -45.19 -75.79
CA ARG O 113 17.95 -44.51 -75.03
C ARG O 113 18.58 -43.68 -73.92
N GLU O 114 19.42 -44.29 -73.07
CA GLU O 114 20.09 -43.63 -71.94
C GLU O 114 20.83 -42.39 -72.44
N SER O 115 21.51 -42.49 -73.57
CA SER O 115 22.37 -41.39 -74.09
C SER O 115 21.55 -40.34 -74.84
N SER O 116 20.26 -40.58 -75.05
CA SER O 116 19.36 -39.69 -75.84
C SER O 116 18.62 -38.70 -74.92
N LEU O 117 18.65 -38.93 -73.61
CA LEU O 117 17.99 -38.03 -72.63
C LEU O 117 18.93 -37.53 -71.55
N TYR O 118 19.94 -38.30 -71.16
CA TYR O 118 20.90 -38.01 -70.05
C TYR O 118 22.26 -37.62 -70.62
N ALA O 119 22.80 -36.48 -70.16
CA ALA O 119 24.24 -36.15 -70.25
C ALA O 119 25.00 -37.18 -69.39
N ASP O 120 26.21 -37.54 -69.81
CA ASP O 120 27.04 -38.51 -69.08
C ASP O 120 28.50 -38.12 -69.32
N ILE O 121 29.36 -38.49 -68.38
CA ILE O 121 30.84 -38.44 -68.50
C ILE O 121 31.30 -39.86 -68.86
N ILE O 122 31.67 -40.09 -70.13
CA ILE O 122 32.30 -41.35 -70.63
C ILE O 122 33.68 -41.08 -71.27
N ASP O 123 34.68 -41.89 -70.90
CA ASP O 123 36.14 -41.60 -70.96
C ASP O 123 36.37 -40.61 -69.82
N ASP O 124 36.63 -39.33 -70.12
CA ASP O 124 36.36 -38.25 -69.15
C ASP O 124 35.96 -36.95 -69.87
N ILE O 125 35.47 -37.09 -71.11
CA ILE O 125 34.78 -36.03 -71.89
C ILE O 125 33.33 -35.98 -71.38
N LEU O 126 32.68 -34.82 -71.43
CA LEU O 126 31.22 -34.72 -71.22
C LEU O 126 30.52 -34.95 -72.55
N GLU O 127 29.62 -35.94 -72.58
CA GLU O 127 28.77 -36.31 -73.74
C GLU O 127 27.32 -35.90 -73.45
N VAL O 128 26.66 -35.37 -74.47
CA VAL O 128 25.36 -34.67 -74.38
C VAL O 128 24.44 -35.19 -75.49
N PRO O 129 23.16 -35.56 -75.20
CA PRO O 129 22.28 -36.19 -76.20
C PRO O 129 22.23 -35.53 -77.58
N SER O 130 22.34 -34.20 -77.61
CA SER O 130 22.43 -33.32 -78.81
C SER O 130 23.47 -33.81 -79.84
N GLU O 131 24.60 -34.33 -79.41
CA GLU O 131 25.73 -34.70 -80.29
C GLU O 131 25.92 -36.23 -80.29
N LYS O 132 24.98 -37.00 -79.75
CA LYS O 132 25.05 -38.49 -79.80
C LYS O 132 23.94 -39.04 -80.70
N ILE O 133 22.94 -38.25 -81.06
CA ILE O 133 21.75 -38.79 -81.77
C ILE O 133 21.52 -37.98 -83.03
N SER O 134 21.66 -38.60 -84.19
CA SER O 134 21.53 -37.95 -85.52
C SER O 134 20.04 -37.90 -85.89
N LYS O 135 19.73 -37.17 -86.95
CA LYS O 135 18.36 -37.05 -87.53
C LYS O 135 18.04 -38.36 -88.27
N GLU O 136 19.04 -38.93 -88.94
CA GLU O 136 18.86 -40.18 -89.75
C GLU O 136 18.36 -41.31 -88.83
N GLN O 137 19.00 -41.48 -87.66
CA GLN O 137 18.75 -42.47 -86.59
C GLN O 137 17.47 -42.15 -85.82
N SER O 138 17.10 -40.87 -85.67
CA SER O 138 15.81 -40.45 -85.04
C SER O 138 14.64 -40.85 -85.95
N ARG O 139 14.71 -40.50 -87.23
CA ARG O 139 13.68 -40.84 -88.22
C ARG O 139 13.50 -42.37 -88.30
N ALA O 140 14.58 -43.13 -88.38
CA ALA O 140 14.52 -44.60 -88.50
C ALA O 140 13.76 -45.19 -87.32
N LEU O 141 14.04 -44.74 -86.10
CA LEU O 141 13.53 -45.40 -84.88
C LEU O 141 12.05 -45.04 -84.76
N LEU O 142 11.67 -43.85 -85.18
CA LEU O 142 10.23 -43.48 -85.16
C LEU O 142 9.44 -44.28 -86.22
N LEU O 143 9.97 -44.44 -87.45
CA LEU O 143 9.31 -45.25 -88.53
C LEU O 143 9.16 -46.69 -88.09
N TYR O 144 10.21 -47.30 -87.57
CA TYR O 144 10.13 -48.65 -86.97
C TYR O 144 9.12 -48.65 -85.82
N ALA O 145 9.06 -47.60 -85.00
CA ALA O 145 8.11 -47.55 -83.85
C ALA O 145 6.69 -47.66 -84.39
N ILE O 146 6.34 -46.78 -85.31
CA ILE O 146 4.99 -46.71 -85.96
C ILE O 146 4.65 -48.05 -86.61
N GLU O 147 5.59 -48.69 -87.29
CA GLU O 147 5.25 -49.92 -88.06
C GLU O 147 5.05 -51.09 -87.10
N CYS O 148 5.81 -51.18 -86.02
CA CYS O 148 5.64 -52.33 -85.10
C CYS O 148 4.43 -52.05 -84.21
N PHE O 149 3.90 -50.81 -84.19
CA PHE O 149 2.60 -50.48 -83.55
C PHE O 149 1.44 -50.90 -84.48
N ASP O 150 1.49 -50.47 -85.74
CA ASP O 150 0.40 -50.75 -86.73
C ASP O 150 0.31 -52.26 -86.97
N ASP O 151 1.42 -53.01 -86.86
CA ASP O 151 1.48 -54.48 -87.09
C ASP O 151 0.97 -55.24 -85.87
N SER O 152 1.12 -54.72 -84.66
CA SER O 152 0.88 -55.49 -83.41
C SER O 152 -0.50 -55.24 -82.83
N LEU O 153 -1.08 -54.04 -83.00
CA LEU O 153 -2.27 -53.59 -82.23
C LEU O 153 -3.39 -53.02 -83.12
N VAL O 154 -3.06 -52.53 -84.31
CA VAL O 154 -4.06 -51.95 -85.23
C VAL O 154 -4.71 -53.09 -86.01
N GLY O 155 -6.03 -53.00 -86.19
CA GLY O 155 -6.81 -53.85 -87.09
C GLY O 155 -7.75 -54.80 -86.36
N TYR O 156 -7.60 -54.98 -85.05
CA TYR O 156 -8.46 -55.91 -84.28
C TYR O 156 -9.69 -55.17 -83.71
N THR O 157 -9.75 -53.83 -83.71
CA THR O 157 -10.92 -53.07 -83.19
C THR O 157 -11.40 -52.06 -84.23
N HIS O 158 -12.62 -51.56 -84.04
CA HIS O 158 -13.21 -50.52 -84.95
C HIS O 158 -12.50 -49.18 -84.67
N HIS O 159 -12.22 -48.92 -83.40
CA HIS O 159 -11.53 -47.69 -82.94
C HIS O 159 -10.13 -47.59 -83.56
N SER O 160 -9.49 -48.73 -83.81
CA SER O 160 -8.09 -48.80 -84.31
C SER O 160 -7.98 -48.22 -85.72
N PHE O 161 -9.08 -48.04 -86.46
CA PHE O 161 -9.04 -47.56 -87.87
C PHE O 161 -8.96 -46.03 -87.96
N GLU O 162 -9.67 -45.31 -87.09
CA GLU O 162 -9.60 -43.82 -87.00
C GLU O 162 -8.21 -43.39 -86.49
N VAL O 163 -7.62 -44.16 -85.57
CA VAL O 163 -6.26 -43.93 -85.03
C VAL O 163 -5.23 -44.23 -86.14
N SER O 164 -5.27 -45.41 -86.76
CA SER O 164 -4.32 -45.81 -87.83
C SER O 164 -4.35 -44.84 -89.02
N GLU O 165 -5.49 -44.23 -89.35
CA GLU O 165 -5.60 -43.19 -90.41
C GLU O 165 -4.57 -42.08 -90.14
N THR O 166 -4.54 -41.52 -88.92
CA THR O 166 -3.65 -40.41 -88.48
C THR O 166 -2.21 -40.92 -88.43
N THR O 167 -1.97 -42.08 -87.81
CA THR O 167 -0.63 -42.75 -87.76
C THR O 167 -0.05 -42.94 -89.16
N ASP O 168 -0.87 -43.22 -90.17
CA ASP O 168 -0.44 -43.47 -91.57
C ASP O 168 -0.07 -42.16 -92.28
N GLU O 169 -0.70 -41.04 -91.92
CA GLU O 169 -0.32 -39.70 -92.46
C GLU O 169 1.07 -39.32 -91.92
N LEU O 170 1.31 -39.48 -90.61
CA LEU O 170 2.63 -39.26 -89.94
C LEU O 170 3.68 -40.15 -90.62
N PHE O 171 3.40 -41.43 -90.79
CA PHE O 171 4.34 -42.33 -91.51
C PHE O 171 4.70 -41.68 -92.86
N GLU O 172 3.73 -41.36 -93.69
CA GLU O 172 4.07 -41.02 -95.10
C GLU O 172 4.83 -39.68 -95.15
N LYS O 173 4.56 -38.76 -94.21
CA LYS O 173 5.25 -37.45 -94.11
C LYS O 173 6.72 -37.73 -93.78
N LEU O 174 6.93 -38.46 -92.68
CA LEU O 174 8.25 -38.81 -92.11
C LEU O 174 9.07 -39.67 -93.11
N ALA O 175 8.46 -40.65 -93.78
CA ALA O 175 9.15 -41.50 -94.77
C ALA O 175 9.68 -40.60 -95.89
N ASN O 176 8.87 -39.60 -96.32
CA ASN O 176 9.11 -38.79 -97.54
C ASN O 176 9.63 -37.40 -97.14
N SER P 4 35.35 -26.99 -65.27
CA SER P 4 35.47 -26.39 -66.64
C SER P 4 34.18 -25.59 -66.93
N THR P 5 34.29 -24.35 -67.41
CA THR P 5 33.10 -23.49 -67.65
C THR P 5 32.43 -23.96 -68.95
N ASP P 6 33.13 -24.70 -69.80
CA ASP P 6 32.60 -25.20 -71.09
C ASP P 6 31.74 -26.47 -70.87
N ASP P 7 32.09 -27.27 -69.87
CA ASP P 7 31.29 -28.45 -69.43
C ASP P 7 29.98 -27.94 -68.84
N LEU P 8 30.02 -27.07 -67.83
CA LEU P 8 28.81 -26.41 -67.27
C LEU P 8 27.97 -25.85 -68.43
N ASN P 9 28.55 -25.13 -69.39
CA ASN P 9 27.74 -24.48 -70.45
C ASN P 9 27.11 -25.53 -71.35
N LYS P 10 27.66 -26.74 -71.45
CA LYS P 10 27.11 -27.80 -72.34
C LYS P 10 25.88 -28.38 -71.66
N CYS P 11 25.99 -28.65 -70.36
CA CYS P 11 24.91 -29.11 -69.46
C CYS P 11 23.76 -28.10 -69.50
N ILE P 12 24.06 -26.81 -69.42
CA ILE P 12 23.03 -25.73 -69.44
C ILE P 12 22.37 -25.72 -70.82
N ASP P 13 23.09 -26.09 -71.87
CA ASP P 13 22.51 -26.11 -73.23
C ASP P 13 21.62 -27.36 -73.38
N HIS P 14 22.02 -28.49 -72.76
CA HIS P 14 21.22 -29.74 -72.67
C HIS P 14 19.88 -29.50 -71.93
N ILE P 15 19.91 -28.94 -70.72
CA ILE P 15 18.68 -28.60 -69.93
C ILE P 15 17.83 -27.55 -70.65
N SER P 16 18.43 -26.58 -71.31
CA SER P 16 17.66 -25.62 -72.13
C SER P 16 16.85 -26.35 -73.21
N VAL P 17 17.42 -27.38 -73.83
CA VAL P 17 16.71 -28.20 -74.86
C VAL P 17 15.49 -28.87 -74.20
N LEU P 18 15.71 -29.63 -73.13
CA LEU P 18 14.63 -30.33 -72.45
C LEU P 18 13.53 -29.32 -72.07
N ILE P 19 13.86 -28.12 -71.63
CA ILE P 19 12.82 -27.17 -71.14
C ILE P 19 11.96 -26.76 -72.34
N LYS P 20 12.59 -26.47 -73.47
CA LYS P 20 11.86 -26.09 -74.70
C LYS P 20 11.04 -27.26 -75.21
N ASP P 21 11.40 -28.51 -74.88
CA ASP P 21 10.63 -29.74 -75.22
C ASP P 21 9.45 -29.92 -74.26
N ALA P 22 9.67 -29.98 -72.95
CA ALA P 22 8.58 -29.85 -71.95
C ALA P 22 7.61 -28.74 -72.39
N TYR P 23 8.10 -27.58 -72.71
CA TYR P 23 7.16 -26.49 -73.12
C TYR P 23 6.43 -26.90 -74.37
N LEU P 24 7.10 -27.48 -75.34
CA LEU P 24 6.51 -27.77 -76.68
C LEU P 24 5.40 -28.84 -76.55
N LEU P 25 5.66 -29.82 -75.71
CA LEU P 25 4.69 -30.87 -75.37
C LEU P 25 3.53 -30.30 -74.55
N TYR P 26 3.78 -29.41 -73.57
CA TYR P 26 2.67 -28.84 -72.76
C TYR P 26 1.76 -27.94 -73.63
N THR P 27 2.30 -27.15 -74.53
CA THR P 27 1.47 -26.31 -75.43
C THR P 27 0.78 -27.15 -76.50
N ASN P 28 1.14 -28.43 -76.74
CA ASN P 28 0.37 -29.33 -77.67
C ASN P 28 -0.53 -30.32 -76.91
N GLU P 29 -0.81 -30.04 -75.65
CA GLU P 29 -1.74 -30.79 -74.76
C GLU P 29 -1.30 -32.23 -74.46
N SER P 30 -0.01 -32.59 -74.65
CA SER P 30 0.65 -33.80 -74.06
C SER P 30 1.08 -33.48 -72.62
N PHE P 31 0.15 -33.41 -71.68
CA PHE P 31 0.49 -33.03 -70.28
C PHE P 31 1.35 -34.11 -69.62
N ALA P 32 1.05 -35.41 -69.81
CA ALA P 32 1.77 -36.49 -69.09
C ALA P 32 3.21 -36.59 -69.62
N THR P 33 3.44 -36.39 -70.92
CA THR P 33 4.83 -36.50 -71.47
C THR P 33 5.63 -35.27 -71.03
N SER P 34 5.00 -34.12 -71.09
CA SER P 34 5.61 -32.89 -70.60
C SER P 34 6.06 -33.16 -69.16
N THR P 35 5.24 -33.79 -68.36
CA THR P 35 5.54 -33.95 -66.92
C THR P 35 6.72 -34.91 -66.71
N PHE P 36 6.87 -35.89 -67.60
CA PHE P 36 8.04 -36.82 -67.63
C PHE P 36 9.33 -36.02 -67.80
N ILE P 37 9.32 -35.10 -68.78
CA ILE P 37 10.51 -34.27 -69.12
C ILE P 37 10.72 -33.26 -67.99
N SER P 38 9.67 -32.62 -67.46
CA SER P 38 9.76 -31.66 -66.32
C SER P 38 10.47 -32.31 -65.14
N ILE P 39 10.11 -33.52 -64.74
CA ILE P 39 10.74 -34.16 -63.56
C ILE P 39 12.16 -34.53 -63.92
N THR P 40 12.41 -34.94 -65.16
CA THR P 40 13.78 -35.22 -65.66
C THR P 40 14.67 -34.00 -65.45
N ILE P 41 14.29 -32.84 -65.98
CA ILE P 41 15.01 -31.54 -65.80
C ILE P 41 15.33 -31.32 -64.31
N ILE P 42 14.37 -31.52 -63.41
CA ILE P 42 14.58 -31.32 -61.94
C ILE P 42 15.73 -32.22 -61.47
N GLU P 43 15.75 -33.47 -61.93
CA GLU P 43 16.80 -34.49 -61.64
C GLU P 43 18.13 -34.03 -62.26
N GLU P 44 18.17 -33.61 -63.53
CA GLU P 44 19.43 -33.23 -64.24
C GLU P 44 20.03 -31.96 -63.63
N VAL P 45 19.19 -31.00 -63.27
CA VAL P 45 19.65 -29.75 -62.60
C VAL P 45 20.34 -30.14 -61.28
N GLY P 46 19.70 -30.95 -60.45
CA GLY P 46 20.30 -31.45 -59.19
C GLY P 46 21.63 -32.13 -59.40
N LYS P 47 21.73 -32.99 -60.41
CA LYS P 47 22.94 -33.79 -60.71
C LYS P 47 24.04 -32.83 -61.13
N THR P 48 23.76 -31.96 -62.11
CA THR P 48 24.73 -30.96 -62.63
C THR P 48 25.35 -30.14 -61.49
N HIS P 49 24.51 -29.73 -60.55
CA HIS P 49 24.84 -28.88 -59.38
C HIS P 49 25.81 -29.62 -58.48
N ILE P 50 25.51 -30.85 -58.10
CA ILE P 50 26.43 -31.75 -57.33
C ILE P 50 27.71 -32.01 -58.13
N GLY P 51 27.65 -32.13 -59.46
CA GLY P 51 28.81 -32.40 -60.33
C GLY P 51 29.69 -31.18 -60.57
N MET P 52 29.70 -30.18 -59.66
CA MET P 52 30.63 -29.01 -59.64
C MET P 52 31.71 -29.23 -58.56
N LYS P 71 29.16 -34.53 -50.21
CA LYS P 71 29.01 -36.01 -50.03
C LYS P 71 27.59 -36.35 -49.60
N SER P 72 26.99 -35.53 -48.75
CA SER P 72 25.56 -35.63 -48.37
C SER P 72 24.72 -34.56 -49.09
N LYS P 73 24.83 -34.46 -50.40
CA LYS P 73 23.82 -33.82 -51.27
C LYS P 73 23.17 -34.94 -52.09
N HIS P 74 21.95 -34.75 -52.58
CA HIS P 74 21.33 -35.62 -53.64
C HIS P 74 20.70 -34.72 -54.70
N ALA P 75 20.21 -35.35 -55.77
CA ALA P 75 19.54 -34.71 -56.91
C ALA P 75 18.27 -33.96 -56.47
N PHE P 76 17.51 -34.48 -55.50
CA PHE P 76 16.25 -33.83 -55.02
C PHE P 76 16.46 -33.08 -53.71
N GLY P 77 17.71 -32.86 -53.32
CA GLY P 77 18.11 -31.97 -52.21
C GLY P 77 18.70 -30.67 -52.72
N SER P 78 18.30 -30.23 -53.92
CA SER P 78 18.78 -28.97 -54.55
C SER P 78 17.62 -27.98 -54.66
N LEU P 79 16.67 -28.01 -53.70
CA LEU P 79 15.26 -27.54 -53.85
C LEU P 79 15.15 -26.02 -53.81
N PRO P 80 14.56 -25.38 -54.86
CA PRO P 80 14.44 -23.92 -54.92
C PRO P 80 13.61 -23.46 -53.73
N THR P 81 14.24 -22.69 -52.85
CA THR P 81 13.61 -22.30 -51.57
C THR P 81 12.45 -21.37 -51.91
N ILE P 82 11.31 -21.63 -51.27
CA ILE P 82 10.02 -20.91 -51.46
C ILE P 82 10.14 -19.53 -50.76
N LYS P 83 9.85 -18.48 -51.51
CA LYS P 83 9.85 -17.08 -51.04
C LYS P 83 8.44 -16.52 -51.23
N MET P 84 7.76 -16.20 -50.11
CA MET P 84 6.42 -15.57 -50.01
C MET P 84 6.24 -14.53 -51.13
N GLY P 85 5.11 -14.62 -51.84
CA GLY P 85 4.76 -13.75 -52.99
C GLY P 85 5.86 -13.70 -54.04
N GLY P 86 6.64 -14.78 -54.21
CA GLY P 86 7.69 -14.91 -55.25
C GLY P 86 7.10 -15.35 -56.59
N ARG P 87 7.84 -15.15 -57.67
CA ARG P 87 7.45 -15.47 -59.07
C ARG P 87 6.69 -16.80 -59.12
N LEU P 88 7.21 -17.81 -58.40
CA LEU P 88 6.68 -19.20 -58.35
C LEU P 88 5.46 -19.33 -57.41
N ASN P 89 5.47 -18.76 -56.20
CA ASN P 89 4.27 -18.73 -55.31
C ASN P 89 3.06 -18.15 -56.05
N LYS P 90 3.27 -17.09 -56.84
CA LYS P 90 2.22 -16.33 -57.56
C LYS P 90 1.70 -17.14 -58.74
N ALA P 91 2.48 -18.08 -59.26
CA ALA P 91 2.12 -18.79 -60.50
C ALA P 91 1.45 -20.13 -60.18
N ILE P 92 1.80 -20.80 -59.10
CA ILE P 92 1.23 -22.16 -58.81
C ILE P 92 0.60 -22.22 -57.43
N GLY P 93 0.79 -21.21 -56.58
CA GLY P 93 0.11 -21.16 -55.28
C GLY P 93 0.81 -22.02 -54.24
N ASP P 94 0.67 -21.62 -52.98
CA ASP P 94 1.45 -22.10 -51.83
C ASP P 94 1.14 -23.58 -51.61
N GLU P 95 -0.08 -24.05 -51.94
CA GLU P 95 -0.51 -25.45 -51.67
C GLU P 95 0.22 -26.44 -52.61
N MET P 96 0.26 -26.15 -53.90
CA MET P 96 0.95 -26.95 -54.94
C MET P 96 2.47 -26.95 -54.65
N ILE P 97 3.08 -25.86 -54.17
CA ILE P 97 4.54 -25.84 -53.87
C ILE P 97 4.80 -26.83 -52.75
N ASP P 98 3.87 -26.95 -51.80
CA ASP P 98 4.05 -27.81 -50.61
C ASP P 98 3.89 -29.26 -51.07
N LYS P 99 3.00 -29.52 -52.02
CA LYS P 99 2.70 -30.88 -52.55
C LYS P 99 3.91 -31.39 -53.35
N ILE P 100 4.61 -30.52 -54.10
CA ILE P 100 5.81 -30.83 -54.94
C ILE P 100 7.01 -31.07 -54.01
N VAL P 101 7.14 -30.30 -52.92
CA VAL P 101 8.30 -30.40 -51.99
C VAL P 101 8.15 -31.69 -51.15
N GLU P 102 6.96 -31.96 -50.61
CA GLU P 102 6.60 -33.21 -49.89
C GLU P 102 6.87 -34.41 -50.81
N ASP P 103 6.43 -34.34 -52.07
CA ASP P 103 6.60 -35.39 -53.09
C ASP P 103 8.11 -35.63 -53.34
N ALA P 104 8.96 -34.61 -53.34
CA ALA P 104 10.42 -34.75 -53.58
C ALA P 104 11.10 -35.48 -52.41
N GLU P 105 10.71 -35.18 -51.16
CA GLU P 105 11.28 -35.78 -49.91
C GLU P 105 10.76 -37.21 -49.74
N THR P 106 9.54 -37.50 -50.21
CA THR P 106 8.84 -38.81 -50.08
C THR P 106 9.40 -39.83 -51.08
N GLY P 107 9.93 -39.31 -52.21
CA GLY P 107 10.24 -40.07 -53.43
C GLY P 107 9.01 -40.26 -54.33
N GLU P 108 7.87 -39.68 -53.96
CA GLU P 108 6.64 -39.76 -54.78
C GLU P 108 6.85 -39.12 -56.17
N LEU P 109 7.73 -38.11 -56.34
CA LEU P 109 8.08 -37.51 -57.66
C LEU P 109 8.65 -38.53 -58.67
N ILE P 110 9.31 -39.57 -58.19
CA ILE P 110 9.84 -40.67 -59.05
C ILE P 110 8.68 -41.57 -59.50
N SER P 111 7.73 -41.87 -58.62
CA SER P 111 6.48 -42.58 -58.95
C SER P 111 5.69 -41.77 -60.00
N ILE P 112 5.56 -40.45 -59.80
CA ILE P 112 4.79 -39.61 -60.74
C ILE P 112 5.48 -39.67 -62.09
N ARG P 113 6.81 -39.65 -62.12
CA ARG P 113 7.55 -39.73 -63.40
C ARG P 113 7.27 -41.06 -64.11
N GLU P 114 7.19 -42.16 -63.37
CA GLU P 114 6.94 -43.51 -63.95
C GLU P 114 5.51 -43.48 -64.53
N SER P 115 4.54 -42.95 -63.77
CA SER P 115 3.11 -43.02 -64.15
C SER P 115 2.84 -42.05 -65.30
N SER P 116 3.78 -41.19 -65.63
CA SER P 116 3.56 -40.12 -66.63
C SER P 116 4.04 -40.55 -68.01
N LEU P 117 4.72 -41.68 -68.13
CA LEU P 117 5.09 -42.22 -69.45
C LEU P 117 4.60 -43.66 -69.71
N TYR P 118 4.55 -44.50 -68.68
CA TYR P 118 4.34 -45.94 -68.85
C TYR P 118 2.98 -46.28 -68.28
N ALA P 119 2.21 -47.04 -69.07
CA ALA P 119 0.91 -47.63 -68.68
C ALA P 119 1.22 -48.78 -67.72
N ASP P 120 0.33 -49.06 -66.78
CA ASP P 120 0.48 -50.20 -65.85
C ASP P 120 -0.86 -50.90 -65.73
N ILE P 121 -0.83 -52.16 -65.33
CA ILE P 121 -2.01 -52.93 -64.84
C ILE P 121 -1.89 -53.09 -63.32
N ILE P 122 -2.58 -52.25 -62.56
CA ILE P 122 -2.54 -52.22 -61.07
C ILE P 122 -3.89 -52.73 -60.56
N ASP P 123 -3.86 -53.90 -59.90
CA ASP P 123 -5.07 -54.65 -59.47
C ASP P 123 -5.99 -54.83 -60.68
N ASP P 124 -5.52 -55.56 -61.70
CA ASP P 124 -6.37 -56.22 -62.75
C ASP P 124 -6.76 -55.23 -63.87
N ILE P 125 -6.73 -53.92 -63.62
CA ILE P 125 -7.30 -52.86 -64.51
C ILE P 125 -6.15 -52.02 -65.10
N LEU P 126 -6.26 -51.66 -66.37
CA LEU P 126 -5.25 -50.82 -67.06
C LEU P 126 -5.41 -49.34 -66.69
N GLU P 127 -4.35 -48.73 -66.15
CA GLU P 127 -4.19 -47.28 -65.90
C GLU P 127 -3.25 -46.68 -66.94
N VAL P 128 -3.56 -45.48 -67.42
CA VAL P 128 -2.79 -44.85 -68.53
C VAL P 128 -2.32 -43.46 -68.07
N PRO P 129 -1.16 -42.94 -68.52
CA PRO P 129 -0.68 -41.66 -68.03
C PRO P 129 -1.71 -40.55 -68.19
N SER P 130 -2.40 -40.47 -69.32
CA SER P 130 -3.42 -39.41 -69.58
C SER P 130 -4.41 -39.28 -68.40
N GLU P 131 -4.66 -40.34 -67.63
CA GLU P 131 -5.67 -40.36 -66.52
C GLU P 131 -5.02 -40.15 -65.14
N LYS P 132 -3.72 -39.88 -65.08
CA LYS P 132 -2.97 -39.76 -63.79
C LYS P 132 -2.40 -38.33 -63.64
N ILE P 133 -2.27 -37.60 -64.75
CA ILE P 133 -1.52 -36.32 -64.81
C ILE P 133 -2.45 -35.22 -65.37
N SER P 134 -2.77 -34.25 -64.51
CA SER P 134 -3.68 -33.14 -64.82
C SER P 134 -2.91 -32.01 -65.46
N LYS P 135 -3.63 -31.14 -66.17
CA LYS P 135 -3.00 -29.96 -66.79
C LYS P 135 -2.35 -29.12 -65.70
N GLU P 136 -3.01 -28.92 -64.56
CA GLU P 136 -2.55 -28.02 -63.46
C GLU P 136 -1.18 -28.51 -62.97
N GLN P 137 -1.03 -29.82 -62.83
CA GLN P 137 0.19 -30.49 -62.32
C GLN P 137 1.31 -30.42 -63.36
N SER P 138 0.98 -30.58 -64.62
CA SER P 138 1.99 -30.43 -65.70
C SER P 138 2.58 -29.02 -65.74
N ARG P 139 1.77 -27.99 -65.53
CA ARG P 139 2.20 -26.57 -65.57
C ARG P 139 3.04 -26.27 -64.31
N ALA P 140 2.60 -26.67 -63.14
CA ALA P 140 3.35 -26.46 -61.88
C ALA P 140 4.73 -27.11 -62.00
N LEU P 141 4.81 -28.37 -62.43
CA LEU P 141 6.09 -29.11 -62.48
C LEU P 141 7.06 -28.54 -63.52
N LEU P 142 6.60 -27.96 -64.61
CA LEU P 142 7.48 -27.26 -65.56
C LEU P 142 7.98 -25.93 -64.94
N LEU P 143 7.06 -25.14 -64.36
CA LEU P 143 7.39 -23.84 -63.74
C LEU P 143 8.40 -24.10 -62.64
N TYR P 144 8.16 -25.09 -61.79
CA TYR P 144 9.11 -25.40 -60.70
C TYR P 144 10.46 -25.75 -61.32
N ALA P 145 10.44 -26.56 -62.38
CA ALA P 145 11.67 -27.03 -63.03
C ALA P 145 12.44 -25.81 -63.52
N ILE P 146 11.79 -24.87 -64.18
CA ILE P 146 12.49 -23.63 -64.63
C ILE P 146 13.05 -22.94 -63.38
N GLU P 147 12.31 -22.88 -62.27
CA GLU P 147 12.79 -22.08 -61.11
C GLU P 147 14.03 -22.75 -60.51
N CYS P 148 14.05 -24.09 -60.46
CA CYS P 148 15.20 -24.93 -60.01
C CYS P 148 16.48 -24.59 -60.77
N PHE P 149 16.31 -24.42 -62.08
CA PHE P 149 17.38 -24.21 -63.07
C PHE P 149 17.95 -22.80 -62.92
N ASP P 150 17.08 -21.81 -62.92
CA ASP P 150 17.41 -20.42 -62.56
C ASP P 150 18.09 -20.35 -61.19
N ASP P 151 17.71 -21.13 -60.17
CA ASP P 151 18.26 -21.01 -58.80
C ASP P 151 19.55 -21.82 -58.62
N SER P 152 19.86 -22.74 -59.50
CA SER P 152 21.04 -23.58 -59.28
C SER P 152 22.19 -23.19 -60.22
N LEU P 153 21.91 -22.91 -61.51
CA LEU P 153 22.88 -22.95 -62.64
C LEU P 153 23.00 -21.62 -63.38
N VAL P 154 22.15 -20.63 -63.09
CA VAL P 154 22.25 -19.30 -63.73
C VAL P 154 23.21 -18.42 -62.91
N GLY P 155 24.10 -17.69 -63.59
CA GLY P 155 24.99 -16.72 -62.94
C GLY P 155 26.35 -17.29 -62.56
N TYR P 156 26.75 -18.47 -63.01
CA TYR P 156 28.16 -18.93 -62.87
C TYR P 156 28.93 -18.57 -64.14
N THR P 157 28.28 -18.62 -65.30
CA THR P 157 28.95 -18.38 -66.60
C THR P 157 28.23 -17.23 -67.27
N HIS P 158 28.87 -16.57 -68.22
CA HIS P 158 28.23 -15.47 -68.99
C HIS P 158 27.13 -15.98 -69.92
N HIS P 159 27.32 -17.15 -70.51
CA HIS P 159 26.31 -17.81 -71.37
C HIS P 159 25.01 -18.08 -70.60
N SER P 160 25.13 -18.53 -69.36
CA SER P 160 23.96 -18.93 -68.52
C SER P 160 22.92 -17.82 -68.61
N PHE P 161 23.27 -16.53 -68.64
CA PHE P 161 22.31 -15.39 -68.66
C PHE P 161 21.62 -15.25 -70.03
N GLU P 162 22.29 -15.61 -71.11
CA GLU P 162 21.63 -15.69 -72.44
C GLU P 162 20.48 -16.71 -72.38
N VAL P 163 20.75 -17.89 -71.83
CA VAL P 163 19.82 -19.06 -71.71
C VAL P 163 18.71 -18.73 -70.70
N SER P 164 19.05 -18.08 -69.59
CA SER P 164 18.02 -17.73 -68.57
C SER P 164 17.09 -16.66 -69.16
N GLU P 165 17.53 -15.89 -70.15
CA GLU P 165 16.67 -14.84 -70.75
C GLU P 165 15.53 -15.58 -71.44
N THR P 166 15.89 -16.52 -72.31
CA THR P 166 14.98 -17.45 -73.05
C THR P 166 14.00 -18.12 -72.08
N THR P 167 14.49 -18.86 -71.05
CA THR P 167 13.66 -19.62 -70.08
C THR P 167 12.76 -18.66 -69.30
N ASP P 168 13.14 -17.39 -69.15
CA ASP P 168 12.32 -16.36 -68.44
C ASP P 168 11.09 -16.04 -69.29
N GLU P 169 11.19 -15.97 -70.63
CA GLU P 169 10.00 -15.66 -71.47
C GLU P 169 9.10 -16.91 -71.53
N LEU P 170 9.64 -18.13 -71.49
CA LEU P 170 8.81 -19.38 -71.39
C LEU P 170 8.04 -19.39 -70.07
N PHE P 171 8.70 -19.13 -68.95
CA PHE P 171 8.05 -19.00 -67.61
C PHE P 171 6.91 -17.98 -67.63
N GLU P 172 7.08 -16.81 -68.25
CA GLU P 172 6.07 -15.73 -68.22
C GLU P 172 4.91 -16.10 -69.17
N LYS P 173 5.17 -16.65 -70.35
CA LYS P 173 4.11 -17.17 -71.27
C LYS P 173 3.25 -18.26 -70.59
N LEU P 174 3.86 -19.19 -69.88
CA LEU P 174 3.24 -20.39 -69.27
C LEU P 174 2.60 -20.04 -67.92
N ALA P 175 3.04 -19.02 -67.20
CA ALA P 175 2.41 -18.60 -65.92
C ALA P 175 1.10 -17.80 -66.18
N ASN P 176 0.92 -17.18 -67.35
CA ASN P 176 -0.33 -16.43 -67.71
C ASN P 176 -1.21 -17.31 -68.63
N SER Q 1 5.60 46.40 90.74
CA SER Q 1 6.19 45.11 90.19
C SER Q 1 7.24 45.38 89.10
N LEU Q 2 7.24 46.57 88.47
CA LEU Q 2 8.28 47.01 87.51
C LEU Q 2 9.47 47.58 88.27
N LYS Q 3 10.68 47.38 87.72
CA LYS Q 3 11.95 47.51 88.44
C LYS Q 3 13.02 48.22 87.61
N SER Q 4 12.86 48.38 86.31
CA SER Q 4 13.87 49.05 85.44
C SER Q 4 13.17 49.73 84.26
N THR Q 5 13.84 50.59 83.50
CA THR Q 5 13.17 51.22 82.33
C THR Q 5 13.04 50.16 81.22
N ASP Q 6 13.86 49.11 81.22
CA ASP Q 6 13.65 48.05 80.20
C ASP Q 6 12.31 47.34 80.48
N ASP Q 7 12.06 46.91 81.71
CA ASP Q 7 10.83 46.21 82.16
C ASP Q 7 9.58 47.06 81.92
N LEU Q 8 9.67 48.39 82.09
CA LEU Q 8 8.55 49.32 81.81
C LEU Q 8 8.27 49.31 80.30
N ASN Q 9 9.30 49.31 79.47
CA ASN Q 9 9.09 49.39 78.00
C ASN Q 9 8.48 48.07 77.49
N LYS Q 10 8.75 46.97 78.19
CA LYS Q 10 8.22 45.65 77.81
C LYS Q 10 6.73 45.62 78.15
N CYS Q 11 6.38 46.08 79.34
CA CYS Q 11 5.01 46.13 79.85
C CYS Q 11 4.17 47.03 78.92
N ILE Q 12 4.72 48.19 78.51
CA ILE Q 12 4.13 49.16 77.54
C ILE Q 12 3.93 48.48 76.18
N ASP Q 13 4.87 47.63 75.72
CA ASP Q 13 4.73 46.99 74.38
C ASP Q 13 3.62 45.95 74.48
N HIS Q 14 3.58 45.28 75.63
CA HIS Q 14 2.61 44.22 75.94
C HIS Q 14 1.21 44.82 75.92
N ILE Q 15 0.98 45.90 76.67
CA ILE Q 15 -0.38 46.53 76.81
C ILE Q 15 -0.73 47.22 75.48
N SER Q 16 0.25 47.77 74.77
CA SER Q 16 0.03 48.38 73.44
C SER Q 16 -0.50 47.32 72.44
N VAL Q 17 -0.07 46.05 72.56
CA VAL Q 17 -0.56 44.89 71.73
C VAL Q 17 -2.04 44.62 72.01
N LEU Q 18 -2.41 44.49 73.30
CA LEU Q 18 -3.79 44.22 73.78
C LEU Q 18 -4.75 45.35 73.34
N ILE Q 19 -4.29 46.62 73.39
CA ILE Q 19 -5.13 47.79 73.05
C ILE Q 19 -5.46 47.69 71.57
N LYS Q 20 -4.48 47.43 70.72
CA LYS Q 20 -4.70 47.25 69.26
C LYS Q 20 -5.62 46.04 69.01
N ASP Q 21 -5.60 45.00 69.85
CA ASP Q 21 -6.40 43.75 69.72
C ASP Q 21 -7.85 43.99 70.15
N ALA Q 22 -8.08 44.72 71.25
CA ALA Q 22 -9.40 45.19 71.73
C ALA Q 22 -10.02 46.18 70.73
N TYR Q 23 -9.21 47.03 70.10
CA TYR Q 23 -9.72 48.01 69.11
C TYR Q 23 -10.15 47.23 67.87
N LEU Q 24 -9.29 46.32 67.41
CA LEU Q 24 -9.48 45.49 66.20
C LEU Q 24 -10.75 44.65 66.32
N LEU Q 25 -11.01 44.05 67.47
CA LEU Q 25 -12.27 43.33 67.74
C LEU Q 25 -13.48 44.29 67.74
N TYR Q 26 -13.38 45.41 68.43
CA TYR Q 26 -14.44 46.43 68.54
C TYR Q 26 -14.88 46.88 67.15
N THR Q 27 -13.94 47.11 66.27
CA THR Q 27 -14.26 47.59 64.91
C THR Q 27 -14.96 46.48 64.11
N ASN Q 28 -14.60 45.21 64.30
CA ASN Q 28 -15.26 44.11 63.58
C ASN Q 28 -16.52 43.68 64.35
N GLU Q 29 -17.02 44.52 65.26
CA GLU Q 29 -18.30 44.31 65.99
C GLU Q 29 -18.29 43.01 66.82
N SER Q 30 -17.13 42.59 67.36
CA SER Q 30 -17.03 41.62 68.49
C SER Q 30 -16.95 42.39 69.81
N PHE Q 31 -17.95 43.20 70.09
CA PHE Q 31 -17.98 44.04 71.31
C PHE Q 31 -17.71 43.17 72.54
N ALA Q 32 -18.27 41.97 72.64
CA ALA Q 32 -18.14 41.11 73.82
C ALA Q 32 -16.67 40.77 74.06
N THR Q 33 -15.96 40.27 73.04
CA THR Q 33 -14.56 39.84 73.19
C THR Q 33 -13.67 41.06 73.46
N SER Q 34 -13.93 42.16 72.75
CA SER Q 34 -13.24 43.48 72.86
C SER Q 34 -13.26 43.94 74.31
N THR Q 35 -14.41 43.79 74.99
CA THR Q 35 -14.61 44.16 76.42
C THR Q 35 -13.85 43.21 77.35
N PHE Q 36 -13.73 41.93 76.98
CA PHE Q 36 -12.92 40.97 77.76
C PHE Q 36 -11.47 41.50 77.82
N ILE Q 37 -11.00 42.02 76.68
CA ILE Q 37 -9.59 42.43 76.56
C ILE Q 37 -9.45 43.77 77.27
N SER Q 38 -10.40 44.67 77.08
CA SER Q 38 -10.43 46.01 77.75
C SER Q 38 -10.33 45.85 79.27
N ILE Q 39 -11.14 45.01 79.88
CA ILE Q 39 -11.03 44.78 81.35
C ILE Q 39 -9.69 44.10 81.71
N THR Q 40 -9.14 43.29 80.82
CA THR Q 40 -7.86 42.60 81.08
C THR Q 40 -6.75 43.64 81.11
N ILE Q 41 -6.76 44.59 80.16
CA ILE Q 41 -5.83 45.76 80.12
C ILE Q 41 -5.88 46.46 81.48
N ILE Q 42 -7.10 46.79 81.95
CA ILE Q 42 -7.33 47.53 83.22
C ILE Q 42 -6.65 46.77 84.36
N GLU Q 43 -6.83 45.44 84.49
CA GLU Q 43 -6.11 44.61 85.50
C GLU Q 43 -4.61 44.89 85.37
N GLU Q 44 -3.99 44.58 84.22
CA GLU Q 44 -2.51 44.61 83.99
C GLU Q 44 -1.96 45.96 84.48
N VAL Q 45 -2.55 47.07 84.03
CA VAL Q 45 -2.14 48.43 84.46
C VAL Q 45 -2.25 48.52 85.99
N GLY Q 46 -3.33 47.99 86.55
CA GLY Q 46 -3.56 47.94 88.01
C GLY Q 46 -2.50 47.09 88.72
N LYS Q 47 -2.04 46.00 88.10
CA LYS Q 47 -1.01 45.12 88.70
C LYS Q 47 0.25 45.96 89.02
N THR Q 48 0.60 46.93 88.16
CA THR Q 48 1.86 47.69 88.31
C THR Q 48 1.80 48.50 89.61
N HIS Q 49 0.61 48.75 90.18
CA HIS Q 49 0.37 49.68 91.32
C HIS Q 49 0.16 48.93 92.63
N ILE Q 50 0.26 47.61 92.65
CA ILE Q 50 -0.21 46.79 93.79
C ILE Q 50 0.76 46.91 94.97
N GLY Q 51 2.07 46.86 94.74
CA GLY Q 51 3.09 46.91 95.82
C GLY Q 51 3.06 48.23 96.59
N MET Q 52 2.56 49.28 95.92
CA MET Q 52 2.47 50.70 96.40
C MET Q 52 1.20 50.91 97.24
N PHE Q 53 0.07 50.40 96.76
CA PHE Q 53 -1.22 50.34 97.49
C PHE Q 53 -1.07 49.48 98.76
N ILE Q 54 -0.20 48.46 98.74
CA ILE Q 54 0.16 47.48 99.82
C ILE Q 54 0.98 48.14 100.94
N SER Q 55 1.69 49.24 100.65
CA SER Q 55 2.64 49.94 101.56
C SER Q 55 2.03 51.28 102.06
N GLU Q 56 0.79 51.20 102.60
CA GLU Q 56 0.07 52.32 103.27
C GLU Q 56 -0.04 51.99 104.78
N SER Q 72 -8.02 38.61 92.75
CA SER Q 72 -7.36 39.66 91.93
C SER Q 72 -8.13 40.98 92.06
N LYS Q 73 -8.57 41.28 93.28
CA LYS Q 73 -9.40 42.47 93.61
C LYS Q 73 -8.48 43.70 93.73
N HIS Q 74 -7.25 43.56 94.25
CA HIS Q 74 -6.36 44.71 94.59
C HIS Q 74 -5.86 45.43 93.35
N ALA Q 75 -5.69 44.70 92.26
CA ALA Q 75 -5.32 45.25 90.95
C ALA Q 75 -6.36 46.28 90.47
N PHE Q 76 -7.66 46.06 90.70
CA PHE Q 76 -8.75 47.03 90.38
C PHE Q 76 -8.87 48.14 91.43
N GLY Q 77 -8.53 47.87 92.71
CA GLY Q 77 -8.67 48.83 93.81
C GLY Q 77 -7.58 49.88 93.76
N SER Q 78 -6.48 49.55 93.09
CA SER Q 78 -5.23 50.34 93.08
C SER Q 78 -5.17 51.27 91.86
N LEU Q 79 -6.23 51.34 91.05
CA LEU Q 79 -6.23 52.19 89.83
C LEU Q 79 -6.28 53.65 90.25
N PRO Q 80 -5.35 54.48 89.75
CA PRO Q 80 -5.41 55.92 89.99
C PRO Q 80 -6.71 56.59 89.50
N THR Q 81 -7.25 57.46 90.35
CA THR Q 81 -8.35 58.38 90.00
C THR Q 81 -7.99 59.13 88.73
N ILE Q 82 -8.94 59.14 87.80
CA ILE Q 82 -8.93 60.01 86.59
C ILE Q 82 -9.20 61.43 87.08
N LYS Q 83 -8.43 62.41 86.60
CA LYS Q 83 -8.68 63.84 86.89
C LYS Q 83 -9.80 64.35 86.00
N MET Q 84 -10.58 65.31 86.48
CA MET Q 84 -11.61 66.02 85.69
C MET Q 84 -10.97 66.79 84.52
N GLY Q 85 -11.79 67.19 83.53
CA GLY Q 85 -11.40 68.06 82.40
C GLY Q 85 -10.47 67.40 81.38
N GLY Q 86 -10.12 66.11 81.55
CA GLY Q 86 -9.35 65.30 80.57
C GLY Q 86 -10.20 64.86 79.38
N ARG Q 87 -9.55 64.29 78.35
CA ARG Q 87 -10.18 63.81 77.09
C ARG Q 87 -11.18 62.67 77.34
N LEU Q 88 -11.04 61.96 78.47
CA LEU Q 88 -11.93 60.82 78.82
C LEU Q 88 -13.28 61.36 79.30
N ASN Q 89 -13.28 62.47 80.04
CA ASN Q 89 -14.49 63.16 80.59
C ASN Q 89 -15.31 63.77 79.43
N LYS Q 90 -14.65 64.31 78.41
CA LYS Q 90 -15.33 64.79 77.18
C LYS Q 90 -15.95 63.63 76.39
N ALA Q 91 -15.32 62.44 76.37
CA ALA Q 91 -15.68 61.32 75.46
C ALA Q 91 -16.80 60.43 76.02
N ILE Q 92 -16.91 60.23 77.33
CA ILE Q 92 -17.93 59.30 77.94
C ILE Q 92 -18.73 60.00 79.07
N GLY Q 93 -18.22 61.10 79.62
CA GLY Q 93 -18.93 61.86 80.67
C GLY Q 93 -18.67 61.29 82.04
N ASP Q 94 -18.69 62.19 83.04
CA ASP Q 94 -18.25 61.93 84.43
C ASP Q 94 -19.10 60.82 85.06
N GLU Q 95 -20.37 60.64 84.67
CA GLU Q 95 -21.22 59.63 85.36
C GLU Q 95 -20.84 58.21 84.92
N MET Q 96 -20.46 58.02 83.66
CA MET Q 96 -19.93 56.73 83.15
C MET Q 96 -18.62 56.40 83.88
N ILE Q 97 -17.69 57.36 83.97
CA ILE Q 97 -16.42 57.13 84.69
C ILE Q 97 -16.74 56.63 86.09
N ASP Q 98 -17.69 57.24 86.79
CA ASP Q 98 -17.97 56.93 88.21
C ASP Q 98 -18.61 55.54 88.26
N LYS Q 99 -19.36 55.16 87.23
CA LYS Q 99 -19.99 53.80 87.19
C LYS Q 99 -18.91 52.72 87.01
N ILE Q 100 -17.98 52.92 86.08
CA ILE Q 100 -16.85 51.98 85.83
C ILE Q 100 -15.98 51.88 87.09
N VAL Q 101 -15.70 53.00 87.73
CA VAL Q 101 -14.86 53.03 88.96
C VAL Q 101 -15.60 52.28 90.07
N GLU Q 102 -16.87 52.52 90.29
CA GLU Q 102 -17.62 51.84 91.37
C GLU Q 102 -17.62 50.34 91.10
N ASP Q 103 -17.82 49.95 89.84
CA ASP Q 103 -17.86 48.53 89.38
C ASP Q 103 -16.50 47.89 89.62
N ALA Q 104 -15.42 48.65 89.48
CA ALA Q 104 -14.02 48.19 89.69
C ALA Q 104 -13.72 47.93 91.18
N GLU Q 105 -14.37 48.67 92.09
CA GLU Q 105 -14.22 48.54 93.55
C GLU Q 105 -15.25 47.55 94.12
N THR Q 106 -16.40 47.33 93.45
CA THR Q 106 -17.47 46.34 93.81
C THR Q 106 -17.12 44.92 93.35
N GLY Q 107 -16.21 44.76 92.37
CA GLY Q 107 -15.96 43.50 91.66
C GLY Q 107 -17.07 43.15 90.65
N GLU Q 108 -17.90 44.13 90.26
CA GLU Q 108 -18.89 43.97 89.16
C GLU Q 108 -18.13 43.85 87.84
N LEU Q 109 -16.93 44.43 87.74
CA LEU Q 109 -16.06 44.35 86.52
C LEU Q 109 -15.62 42.89 86.29
N ILE Q 110 -15.29 42.19 87.36
CA ILE Q 110 -14.92 40.74 87.31
C ILE Q 110 -16.11 39.90 86.85
N SER Q 111 -17.33 40.30 87.18
CA SER Q 111 -18.56 39.66 86.66
C SER Q 111 -18.66 40.02 85.18
N ILE Q 112 -18.50 41.29 84.83
CA ILE Q 112 -18.76 41.75 83.44
C ILE Q 112 -17.76 41.06 82.54
N ARG Q 113 -16.54 40.84 83.05
CA ARG Q 113 -15.47 40.16 82.26
C ARG Q 113 -15.92 38.73 82.03
N GLU Q 114 -16.46 38.07 83.05
CA GLU Q 114 -16.83 36.64 82.97
C GLU Q 114 -17.92 36.51 81.91
N SER Q 115 -18.89 37.41 81.91
CA SER Q 115 -20.11 37.33 81.07
C SER Q 115 -19.82 37.81 79.64
N SER Q 116 -18.63 38.32 79.37
CA SER Q 116 -18.22 38.80 78.03
C SER Q 116 -17.47 37.72 77.24
N LEU Q 117 -17.14 36.56 77.84
CA LEU Q 117 -16.41 35.47 77.13
C LEU Q 117 -17.00 34.07 77.32
N TYR Q 118 -17.61 33.80 78.47
CA TYR Q 118 -18.22 32.49 78.80
C TYR Q 118 -19.74 32.67 78.82
N ALA Q 119 -20.45 31.84 78.04
CA ALA Q 119 -21.89 31.54 78.21
C ALA Q 119 -22.12 31.11 79.66
N ASP Q 120 -23.30 31.35 80.20
CA ASP Q 120 -23.63 30.91 81.57
C ASP Q 120 -25.13 30.55 81.62
N ILE Q 121 -25.50 29.81 82.66
CA ILE Q 121 -26.91 29.50 83.03
C ILE Q 121 -27.20 30.25 84.34
N ILE Q 122 -27.92 31.36 84.21
CA ILE Q 122 -28.19 32.39 85.27
C ILE Q 122 -29.71 32.43 85.48
N ASP Q 123 -30.14 32.14 86.71
CA ASP Q 123 -31.55 31.79 87.08
C ASP Q 123 -31.83 30.37 86.53
N ASP Q 124 -32.37 30.27 85.32
CA ASP Q 124 -32.52 28.95 84.64
C ASP Q 124 -32.53 29.13 83.11
N ILE Q 125 -31.99 30.27 82.66
CA ILE Q 125 -31.97 30.72 81.23
C ILE Q 125 -30.50 30.79 80.78
N LEU Q 126 -30.22 30.37 79.56
CA LEU Q 126 -28.86 30.47 78.97
C LEU Q 126 -28.61 31.92 78.58
N GLU Q 127 -27.51 32.49 79.09
CA GLU Q 127 -27.05 33.85 78.73
C GLU Q 127 -25.74 33.78 77.95
N VAL Q 128 -25.70 34.47 76.81
CA VAL Q 128 -24.54 34.40 75.86
C VAL Q 128 -23.86 35.77 75.83
N PRO Q 129 -22.52 35.87 75.79
CA PRO Q 129 -21.90 37.19 75.83
C PRO Q 129 -22.48 38.14 74.80
N SER Q 130 -22.70 37.66 73.59
CA SER Q 130 -23.17 38.46 72.43
C SER Q 130 -24.31 39.39 72.84
N GLU Q 131 -25.16 39.02 73.79
CA GLU Q 131 -26.44 39.71 74.15
C GLU Q 131 -26.30 40.39 75.52
N LYS Q 132 -25.20 40.23 76.25
CA LYS Q 132 -24.99 40.87 77.59
C LYS Q 132 -24.03 42.07 77.52
N ILE Q 133 -23.31 42.25 76.41
CA ILE Q 133 -22.33 43.35 76.23
C ILE Q 133 -22.78 44.13 75.00
N SER Q 134 -23.03 45.44 75.20
CA SER Q 134 -23.50 46.46 74.20
C SER Q 134 -22.29 47.19 73.64
N LYS Q 135 -22.37 47.65 72.41
CA LYS Q 135 -21.38 48.56 71.76
C LYS Q 135 -21.00 49.70 72.72
N GLU Q 136 -21.96 50.31 73.39
CA GLU Q 136 -21.76 51.58 74.16
C GLU Q 136 -20.80 51.32 75.32
N GLN Q 137 -20.95 50.15 75.97
CA GLN Q 137 -20.16 49.72 77.16
C GLN Q 137 -18.81 49.12 76.71
N SER Q 138 -18.75 48.52 75.52
CA SER Q 138 -17.48 48.10 74.88
C SER Q 138 -16.59 49.33 74.63
N ARG Q 139 -17.13 50.33 73.94
CA ARG Q 139 -16.43 51.61 73.66
C ARG Q 139 -15.94 52.21 74.98
N ALA Q 140 -16.82 52.38 75.95
CA ALA Q 140 -16.50 53.13 77.19
C ALA Q 140 -15.31 52.45 77.86
N LEU Q 141 -15.38 51.15 78.05
CA LEU Q 141 -14.34 50.39 78.79
C LEU Q 141 -13.04 50.45 78.01
N LEU Q 142 -13.04 50.40 76.68
CA LEU Q 142 -11.80 50.53 75.89
C LEU Q 142 -11.20 51.93 76.12
N LEU Q 143 -12.00 52.98 75.98
CA LEU Q 143 -11.48 54.36 76.22
C LEU Q 143 -10.93 54.43 77.64
N TYR Q 144 -11.61 53.88 78.63
CA TYR Q 144 -11.13 53.98 80.04
C TYR Q 144 -9.82 53.21 80.17
N ALA Q 145 -9.73 52.01 79.57
CA ALA Q 145 -8.51 51.18 79.48
C ALA Q 145 -7.38 51.99 78.87
N ILE Q 146 -7.57 52.59 77.71
CA ILE Q 146 -6.53 53.44 77.08
C ILE Q 146 -6.11 54.54 78.07
N GLU Q 147 -7.05 55.27 78.62
CA GLU Q 147 -6.70 56.46 79.45
C GLU Q 147 -5.93 56.02 80.70
N CYS Q 148 -6.33 54.92 81.31
CA CYS Q 148 -5.73 54.40 82.56
C CYS Q 148 -4.28 53.94 82.28
N PHE Q 149 -4.00 53.36 81.10
CA PHE Q 149 -2.64 53.03 80.58
C PHE Q 149 -1.82 54.27 80.31
N ASP Q 150 -2.34 55.23 79.54
CA ASP Q 150 -1.62 56.47 79.20
C ASP Q 150 -1.22 57.12 80.52
N ASP Q 151 -2.17 57.32 81.43
CA ASP Q 151 -1.94 58.01 82.73
C ASP Q 151 -0.89 57.26 83.56
N SER Q 152 -0.83 55.93 83.54
CA SER Q 152 -0.02 55.17 84.53
C SER Q 152 1.43 54.93 84.06
N LEU Q 153 1.67 54.76 82.75
CA LEU Q 153 2.90 54.11 82.17
C LEU Q 153 3.55 54.96 81.07
N VAL Q 154 2.77 55.75 80.34
CA VAL Q 154 3.31 56.66 79.29
C VAL Q 154 3.89 57.94 79.90
N GLY Q 155 5.08 58.31 79.42
CA GLY Q 155 5.70 59.64 79.65
C GLY Q 155 7.03 59.56 80.37
N TYR Q 156 7.44 58.39 80.82
CA TYR Q 156 8.63 58.20 81.70
C TYR Q 156 9.83 57.65 80.90
N THR Q 157 9.60 57.30 79.63
CA THR Q 157 10.62 56.82 78.66
C THR Q 157 10.38 57.52 77.33
N HIS Q 158 11.38 57.54 76.46
CA HIS Q 158 11.35 58.06 75.06
C HIS Q 158 10.58 57.10 74.15
N HIS Q 159 10.63 55.80 74.44
CA HIS Q 159 9.92 54.73 73.70
C HIS Q 159 8.42 54.98 73.85
N SER Q 160 8.01 55.31 75.07
CA SER Q 160 6.60 55.50 75.45
C SER Q 160 5.95 56.53 74.53
N PHE Q 161 6.70 57.45 73.93
CA PHE Q 161 6.11 58.51 73.08
C PHE Q 161 5.75 57.92 71.71
N GLU Q 162 6.63 57.11 71.13
CA GLU Q 162 6.32 56.48 69.82
C GLU Q 162 5.03 55.64 69.98
N VAL Q 163 4.96 54.83 71.02
CA VAL Q 163 3.75 54.02 71.34
C VAL Q 163 2.56 54.97 71.55
N SER Q 164 2.68 55.99 72.40
CA SER Q 164 1.52 56.85 72.80
C SER Q 164 1.00 57.62 71.59
N GLU Q 165 1.85 57.99 70.62
CA GLU Q 165 1.40 58.65 69.38
C GLU Q 165 0.23 57.84 68.82
N THR Q 166 0.42 56.51 68.63
CA THR Q 166 -0.54 55.58 67.99
C THR Q 166 -1.69 55.21 68.95
N THR Q 167 -1.46 55.18 70.25
CA THR Q 167 -2.51 55.02 71.30
C THR Q 167 -3.43 56.25 71.24
N ASP Q 168 -2.90 57.42 70.91
CA ASP Q 168 -3.65 58.72 70.94
C ASP Q 168 -4.52 58.83 69.69
N GLU Q 169 -4.12 58.24 68.57
CA GLU Q 169 -4.95 58.15 67.33
C GLU Q 169 -6.12 57.19 67.54
N LEU Q 170 -5.89 56.03 68.17
CA LEU Q 170 -6.95 55.06 68.52
C LEU Q 170 -7.94 55.77 69.42
N PHE Q 171 -7.47 56.47 70.45
CA PHE Q 171 -8.40 57.12 71.41
C PHE Q 171 -9.33 58.07 70.64
N GLU Q 172 -8.77 58.99 69.85
CA GLU Q 172 -9.54 59.99 69.08
C GLU Q 172 -10.52 59.30 68.13
N LYS Q 173 -10.07 58.26 67.40
CA LYS Q 173 -10.92 57.54 66.40
C LYS Q 173 -12.14 56.95 67.12
N LEU Q 174 -12.00 56.63 68.41
CA LEU Q 174 -13.02 55.92 69.23
C LEU Q 174 -13.99 56.90 69.85
N ALA Q 175 -13.57 58.15 70.12
CA ALA Q 175 -14.46 59.21 70.65
C ALA Q 175 -15.10 60.03 69.50
N ASN Q 176 -15.56 59.36 68.42
CA ASN Q 176 -15.99 59.94 67.12
C ASN Q 176 -14.84 60.77 66.56
N LYS R 3 -36.65 25.57 71.01
CA LYS R 3 -36.80 24.51 72.08
C LYS R 3 -35.51 24.38 72.93
N SER R 4 -35.04 23.16 73.17
CA SER R 4 -33.73 22.92 73.84
C SER R 4 -32.59 22.95 72.78
N THR R 5 -32.98 23.01 71.52
CA THR R 5 -32.07 23.16 70.35
C THR R 5 -31.80 24.65 70.16
N ASP R 6 -32.66 25.50 70.70
CA ASP R 6 -32.52 26.98 70.67
C ASP R 6 -31.31 27.35 71.51
N ASP R 7 -31.11 26.64 72.62
CA ASP R 7 -30.03 26.90 73.60
C ASP R 7 -28.70 26.38 73.06
N LEU R 8 -28.69 25.14 72.61
CA LEU R 8 -27.53 24.49 71.93
C LEU R 8 -27.15 25.31 70.72
N ASN R 9 -28.12 25.82 69.96
CA ASN R 9 -27.83 26.67 68.77
C ASN R 9 -27.17 27.99 69.19
N LYS R 10 -27.57 28.58 70.33
CA LYS R 10 -27.01 29.86 70.83
C LYS R 10 -25.59 29.67 71.35
N CYS R 11 -25.30 28.54 71.98
CA CYS R 11 -23.92 28.08 72.34
C CYS R 11 -23.04 27.87 71.10
N ILE R 12 -23.56 27.25 70.05
CA ILE R 12 -22.81 27.05 68.77
C ILE R 12 -22.59 28.41 68.12
N ASP R 13 -23.47 29.38 68.29
CA ASP R 13 -23.28 30.72 67.68
C ASP R 13 -22.18 31.47 68.44
N HIS R 14 -22.18 31.40 69.75
CA HIS R 14 -21.11 31.95 70.62
C HIS R 14 -19.75 31.43 70.11
N ILE R 15 -19.55 30.10 70.05
CA ILE R 15 -18.25 29.47 69.69
C ILE R 15 -17.86 29.86 68.28
N SER R 16 -18.81 29.93 67.36
CA SER R 16 -18.58 30.52 66.02
C SER R 16 -18.02 31.95 66.15
N VAL R 17 -18.53 32.78 67.07
CA VAL R 17 -18.05 34.19 67.20
C VAL R 17 -16.57 34.16 67.58
N LEU R 18 -16.21 33.43 68.67
CA LEU R 18 -14.82 33.27 69.18
C LEU R 18 -13.88 32.78 68.08
N ILE R 19 -14.28 31.83 67.27
CA ILE R 19 -13.38 31.25 66.25
C ILE R 19 -13.05 32.33 65.21
N LYS R 20 -14.07 33.14 64.86
CA LYS R 20 -13.91 34.21 63.87
C LYS R 20 -12.98 35.26 64.46
N ASP R 21 -12.99 35.40 65.81
CA ASP R 21 -12.19 36.41 66.57
C ASP R 21 -10.76 35.89 66.64
N ALA R 22 -10.54 34.64 67.07
CA ALA R 22 -9.21 34.01 67.10
C ALA R 22 -8.59 34.08 65.71
N TYR R 23 -9.38 33.87 64.66
CA TYR R 23 -8.87 33.95 63.27
C TYR R 23 -8.50 35.40 62.98
N LEU R 24 -9.39 36.34 63.32
CA LEU R 24 -9.18 37.77 63.05
C LEU R 24 -7.87 38.20 63.72
N LEU R 25 -7.72 37.87 64.99
CA LEU R 25 -6.47 38.18 65.72
C LEU R 25 -5.29 37.50 65.02
N TYR R 26 -5.40 36.21 64.65
CA TYR R 26 -4.27 35.46 64.06
C TYR R 26 -3.83 36.18 62.79
N THR R 27 -4.76 36.56 61.92
CA THR R 27 -4.44 37.19 60.61
C THR R 27 -3.86 38.59 60.82
N ASN R 28 -4.03 39.23 61.98
CA ASN R 28 -3.40 40.54 62.33
C ASN R 28 -2.11 40.35 63.14
N GLU R 29 -1.65 39.11 63.31
CA GLU R 29 -0.35 38.78 63.95
C GLU R 29 -0.38 38.98 65.47
N SER R 30 -1.54 39.05 66.10
CA SER R 30 -1.64 38.91 67.57
C SER R 30 -1.68 37.41 67.92
N PHE R 31 -0.53 36.74 67.88
CA PHE R 31 -0.49 35.26 67.96
C PHE R 31 -0.86 34.82 69.38
N ALA R 32 -0.31 35.54 70.36
CA ALA R 32 -0.51 35.25 71.80
C ALA R 32 -1.98 35.50 72.17
N THR R 33 -2.63 36.55 71.66
CA THR R 33 -4.05 36.82 72.02
C THR R 33 -4.91 35.76 71.33
N SER R 34 -4.68 35.56 70.04
CA SER R 34 -5.34 34.48 69.27
C SER R 34 -5.33 33.20 70.11
N THR R 35 -4.16 32.79 70.58
CA THR R 35 -3.97 31.49 71.26
C THR R 35 -4.87 31.40 72.49
N PHE R 36 -5.00 32.50 73.24
CA PHE R 36 -5.86 32.63 74.46
C PHE R 36 -7.33 32.28 74.14
N ILE R 37 -7.88 32.95 73.12
CA ILE R 37 -9.20 32.61 72.54
C ILE R 37 -9.22 31.16 72.04
N SER R 38 -8.21 30.69 71.27
CA SER R 38 -8.18 29.29 70.76
C SER R 38 -8.36 28.28 71.90
N ILE R 39 -7.57 28.41 72.98
CA ILE R 39 -7.63 27.46 74.14
C ILE R 39 -8.98 27.62 74.83
N THR R 40 -9.55 28.82 74.84
CA THR R 40 -10.87 29.10 75.48
C THR R 40 -11.96 28.34 74.71
N ILE R 41 -11.91 28.34 73.37
CA ILE R 41 -12.87 27.62 72.47
C ILE R 41 -12.86 26.12 72.78
N ILE R 42 -11.70 25.55 73.08
CA ILE R 42 -11.53 24.12 73.47
C ILE R 42 -12.21 23.88 74.82
N GLU R 43 -12.07 24.77 75.79
CA GLU R 43 -12.75 24.63 77.09
C GLU R 43 -14.28 24.71 76.87
N GLU R 44 -14.75 25.74 76.16
CA GLU R 44 -16.18 26.03 75.94
C GLU R 44 -16.84 24.93 75.10
N VAL R 45 -16.09 24.29 74.18
CA VAL R 45 -16.64 23.17 73.38
C VAL R 45 -16.86 21.94 74.27
N GLY R 46 -15.91 21.62 75.15
CA GLY R 46 -16.01 20.58 76.18
C GLY R 46 -17.11 20.85 77.21
N LYS R 47 -17.31 22.09 77.63
CA LYS R 47 -18.36 22.47 78.62
C LYS R 47 -19.74 22.37 77.98
N THR R 48 -19.95 22.96 76.81
CA THR R 48 -21.23 22.91 76.06
C THR R 48 -21.68 21.46 75.86
N HIS R 49 -20.77 20.61 75.42
CA HIS R 49 -21.02 19.19 75.02
C HIS R 49 -21.48 18.39 76.24
N ILE R 50 -20.74 18.47 77.35
CA ILE R 50 -21.12 17.86 78.67
C ILE R 50 -22.45 18.47 79.15
N GLY R 51 -22.72 19.76 78.88
CA GLY R 51 -23.97 20.46 79.25
C GLY R 51 -25.17 20.03 78.42
N MET R 52 -25.08 18.86 77.75
CA MET R 52 -26.24 18.09 77.20
C MET R 52 -26.48 16.84 78.06
N ALA R 75 -10.22 18.91 82.77
CA ALA R 75 -10.42 20.34 82.44
C ALA R 75 -10.83 20.51 80.95
N PHE R 76 -10.27 19.69 80.06
CA PHE R 76 -10.74 19.52 78.66
C PHE R 76 -11.28 18.11 78.50
N GLY R 77 -12.60 17.96 78.43
CA GLY R 77 -13.27 16.66 78.56
C GLY R 77 -13.67 16.08 77.22
N SER R 78 -13.57 16.87 76.15
CA SER R 78 -14.03 16.45 74.81
C SER R 78 -12.84 15.84 74.07
N LEU R 79 -12.09 16.67 73.35
CA LEU R 79 -10.85 16.34 72.60
C LEU R 79 -11.20 15.42 71.43
N PRO R 80 -10.99 15.87 70.17
CA PRO R 80 -11.38 15.10 68.99
C PRO R 80 -10.54 13.83 68.83
N THR R 81 -11.17 12.65 68.70
CA THR R 81 -10.53 11.42 68.18
C THR R 81 -9.88 11.82 66.84
N ILE R 82 -8.63 11.45 66.63
CA ILE R 82 -7.84 11.92 65.45
C ILE R 82 -7.75 10.78 64.45
N LYS R 83 -8.34 10.95 63.27
CA LYS R 83 -8.31 9.94 62.19
C LYS R 83 -7.12 10.25 61.25
N MET R 84 -6.33 9.22 60.93
CA MET R 84 -5.05 9.30 60.18
C MET R 84 -5.24 9.93 58.80
N GLY R 85 -4.26 10.76 58.41
CA GLY R 85 -4.24 11.54 57.17
C GLY R 85 -5.62 12.08 56.89
N GLY R 86 -6.20 12.77 57.86
CA GLY R 86 -7.39 13.62 57.66
C GLY R 86 -7.08 15.06 58.05
N ARG R 87 -7.30 16.01 57.15
CA ARG R 87 -7.51 17.47 57.39
C ARG R 87 -6.54 18.06 58.43
N LEU R 88 -6.66 17.67 59.71
CA LEU R 88 -5.86 18.23 60.83
C LEU R 88 -4.42 17.68 60.81
N ASN R 89 -4.25 16.38 60.59
CA ASN R 89 -2.92 15.73 60.45
C ASN R 89 -2.18 16.45 59.34
N LYS R 90 -2.83 16.63 58.19
CA LYS R 90 -2.21 17.26 57.00
C LYS R 90 -1.87 18.74 57.24
N ALA R 91 -2.54 19.40 58.17
CA ALA R 91 -2.36 20.84 58.41
C ALA R 91 -1.27 21.11 59.48
N ILE R 92 -1.16 20.29 60.52
CA ILE R 92 -0.26 20.63 61.66
C ILE R 92 0.66 19.46 61.98
N GLY R 93 0.37 18.27 61.46
CA GLY R 93 1.26 17.10 61.66
C GLY R 93 0.91 16.31 62.90
N ASP R 94 1.10 15.00 62.81
CA ASP R 94 0.84 13.97 63.85
C ASP R 94 1.48 14.41 65.18
N GLU R 95 2.73 14.86 65.14
CA GLU R 95 3.56 15.10 66.36
C GLU R 95 3.08 16.28 67.22
N MET R 96 2.48 17.28 66.54
CA MET R 96 1.88 18.48 67.17
C MET R 96 0.56 18.11 67.83
N ILE R 97 -0.25 17.23 67.23
CA ILE R 97 -1.50 16.68 67.84
C ILE R 97 -1.15 15.96 69.15
N ASP R 98 -0.09 15.17 69.16
CA ASP R 98 0.27 14.40 70.38
C ASP R 98 0.70 15.40 71.47
N LYS R 99 1.41 16.47 71.08
CA LYS R 99 1.91 17.54 71.99
C LYS R 99 0.71 18.32 72.58
N ILE R 100 -0.29 18.68 71.78
CA ILE R 100 -1.50 19.43 72.22
C ILE R 100 -2.36 18.54 73.14
N VAL R 101 -2.57 17.29 72.74
CA VAL R 101 -3.35 16.29 73.54
C VAL R 101 -2.63 16.05 74.86
N GLU R 102 -1.29 15.89 74.84
CA GLU R 102 -0.49 15.63 76.06
C GLU R 102 -0.52 16.86 76.96
N ASP R 103 -0.49 18.07 76.37
CA ASP R 103 -0.58 19.34 77.13
C ASP R 103 -1.95 19.46 77.80
N ALA R 104 -3.02 19.03 77.12
CA ALA R 104 -4.43 19.03 77.61
C ALA R 104 -4.62 18.07 78.81
N GLU R 105 -3.95 16.92 78.85
CA GLU R 105 -4.09 15.90 79.92
C GLU R 105 -3.13 16.21 81.09
N THR R 106 -2.00 16.86 80.82
CA THR R 106 -1.00 17.30 81.85
C THR R 106 -1.57 18.47 82.68
N GLY R 107 -2.34 19.35 82.03
CA GLY R 107 -2.74 20.68 82.53
C GLY R 107 -1.74 21.75 82.12
N GLU R 108 -0.87 21.45 81.16
CA GLU R 108 0.08 22.44 80.56
C GLU R 108 -0.70 23.42 79.69
N LEU R 109 -1.88 23.04 79.17
CA LEU R 109 -2.70 23.91 78.28
C LEU R 109 -3.31 25.06 79.08
N ILE R 110 -3.56 24.88 80.37
CA ILE R 110 -4.08 25.96 81.23
C ILE R 110 -2.96 26.95 81.52
N SER R 111 -1.73 26.46 81.67
CA SER R 111 -0.50 27.26 81.85
C SER R 111 -0.22 28.08 80.57
N ILE R 112 -0.33 27.45 79.41
CA ILE R 112 -0.06 28.14 78.11
C ILE R 112 -1.10 29.25 77.92
N ARG R 113 -2.35 29.00 78.30
CA ARG R 113 -3.40 30.03 78.27
C ARG R 113 -2.97 31.21 79.16
N GLU R 114 -2.63 30.97 80.43
CA GLU R 114 -2.17 32.07 81.33
C GLU R 114 -1.04 32.85 80.65
N SER R 115 0.01 32.16 80.17
CA SER R 115 1.21 32.84 79.62
C SER R 115 0.87 33.61 78.35
N SER R 116 -0.27 33.33 77.71
CA SER R 116 -0.62 33.94 76.41
C SER R 116 -1.36 35.27 76.58
N LEU R 117 -1.77 35.63 77.79
CA LEU R 117 -2.48 36.91 77.97
C LEU R 117 -1.78 37.81 79.01
N TYR R 118 -1.29 37.20 80.09
CA TYR R 118 -0.79 37.90 81.28
C TYR R 118 0.74 37.81 81.32
N ALA R 119 1.39 38.99 81.40
CA ALA R 119 2.81 39.13 81.79
C ALA R 119 3.02 38.43 83.14
N ASP R 120 4.23 37.95 83.43
CA ASP R 120 4.56 37.29 84.72
C ASP R 120 6.02 37.59 85.01
N ILE R 121 6.33 37.80 86.28
CA ILE R 121 7.73 37.85 86.79
C ILE R 121 8.07 36.39 87.12
N ILE R 122 8.98 35.78 86.35
CA ILE R 122 9.42 34.37 86.52
C ILE R 122 10.96 34.38 86.67
N ASP R 123 11.43 33.91 87.83
CA ASP R 123 12.82 34.05 88.37
C ASP R 123 13.28 35.50 88.16
N ASP R 124 12.54 36.44 88.76
CA ASP R 124 12.92 37.88 88.95
C ASP R 124 12.92 38.66 87.63
N ILE R 125 12.75 38.03 86.46
CA ILE R 125 12.73 38.71 85.14
C ILE R 125 11.32 38.71 84.56
N LEU R 126 10.86 39.87 84.09
CA LEU R 126 9.53 40.07 83.46
C LEU R 126 9.49 39.33 82.14
N GLU R 127 8.48 38.49 81.96
CA GLU R 127 8.18 37.71 80.74
C GLU R 127 6.82 38.19 80.23
N VAL R 128 6.64 38.15 78.94
CA VAL R 128 5.50 38.80 78.26
C VAL R 128 4.95 37.79 77.24
N PRO R 129 3.65 37.77 76.92
CA PRO R 129 3.14 36.77 75.99
C PRO R 129 3.86 36.73 74.63
N SER R 130 4.31 37.83 74.04
CA SER R 130 4.88 37.75 72.66
C SER R 130 6.16 36.90 72.63
N GLU R 131 6.72 36.54 73.78
CA GLU R 131 8.00 35.79 73.88
C GLU R 131 7.74 34.33 74.25
N LYS R 132 6.50 33.94 74.54
CA LYS R 132 6.12 32.58 75.00
C LYS R 132 5.39 31.79 73.89
N ILE R 133 4.76 32.50 72.96
CA ILE R 133 3.76 31.91 72.04
C ILE R 133 4.19 32.21 70.62
N SER R 134 4.39 31.17 69.81
CA SER R 134 4.93 31.28 68.43
C SER R 134 3.77 31.24 67.46
N LYS R 135 3.95 31.79 66.26
CA LYS R 135 2.96 31.70 65.16
C LYS R 135 2.61 30.23 64.90
N GLU R 136 3.60 29.34 64.84
CA GLU R 136 3.38 27.89 64.59
C GLU R 136 2.35 27.34 65.59
N GLN R 137 2.52 27.64 66.88
CA GLN R 137 1.66 27.12 67.97
C GLN R 137 0.30 27.83 67.91
N SER R 138 0.26 29.11 67.61
CA SER R 138 -0.99 29.87 67.40
C SER R 138 -1.88 29.26 66.29
N ARG R 139 -1.28 28.97 65.15
CA ARG R 139 -1.96 28.32 63.99
C ARG R 139 -2.54 26.97 64.44
N ALA R 140 -1.71 26.11 65.01
CA ALA R 140 -2.04 24.73 65.45
C ALA R 140 -3.20 24.74 66.43
N LEU R 141 -3.10 25.51 67.50
CA LEU R 141 -4.19 25.59 68.50
C LEU R 141 -5.49 26.09 67.84
N LEU R 142 -5.44 27.03 66.91
CA LEU R 142 -6.69 27.44 66.23
C LEU R 142 -7.22 26.28 65.36
N LEU R 143 -6.37 25.62 64.60
CA LEU R 143 -6.85 24.48 63.78
C LEU R 143 -7.41 23.42 64.72
N TYR R 144 -6.78 23.17 65.85
CA TYR R 144 -7.22 22.05 66.71
C TYR R 144 -8.55 22.42 67.34
N ALA R 145 -8.74 23.72 67.56
CA ALA R 145 -9.94 24.25 68.24
C ALA R 145 -11.08 24.23 67.24
N ILE R 146 -10.82 24.38 65.93
CA ILE R 146 -11.89 24.28 64.89
C ILE R 146 -12.32 22.82 64.72
N GLU R 147 -11.38 21.89 64.77
CA GLU R 147 -11.63 20.43 64.67
C GLU R 147 -12.38 19.95 65.90
N CYS R 148 -12.05 20.44 67.09
CA CYS R 148 -12.78 20.12 68.35
C CYS R 148 -14.26 20.45 68.19
N PHE R 149 -14.51 21.62 67.65
CA PHE R 149 -15.86 22.15 67.42
C PHE R 149 -16.56 21.23 66.42
N ASP R 150 -15.94 20.97 65.26
CA ASP R 150 -16.47 20.16 64.12
C ASP R 150 -16.72 18.71 64.54
N ASP R 151 -15.91 18.16 65.45
CA ASP R 151 -16.02 16.76 65.95
C ASP R 151 -17.15 16.65 66.98
N SER R 152 -17.30 17.65 67.88
CA SER R 152 -18.11 17.54 69.12
C SER R 152 -19.57 17.99 68.91
N LEU R 153 -19.85 19.07 68.15
CA LEU R 153 -21.14 19.80 68.16
C LEU R 153 -21.73 19.91 66.76
N VAL R 154 -20.98 19.63 65.69
CA VAL R 154 -21.62 19.59 64.35
C VAL R 154 -22.50 18.34 64.24
N GLY R 155 -23.74 18.50 63.75
CA GLY R 155 -24.67 17.42 63.40
C GLY R 155 -25.76 17.22 64.44
N TYR R 156 -25.71 17.90 65.59
CA TYR R 156 -26.75 17.80 66.66
C TYR R 156 -28.00 18.52 66.19
N THR R 157 -27.84 19.62 65.47
CA THR R 157 -28.92 20.50 65.00
C THR R 157 -28.72 20.77 63.51
N HIS R 158 -29.78 21.19 62.83
CA HIS R 158 -29.67 21.58 61.41
C HIS R 158 -28.73 22.79 61.29
N HIS R 159 -28.79 23.73 62.22
CA HIS R 159 -28.04 25.01 62.13
C HIS R 159 -26.55 24.74 62.28
N SER R 160 -26.20 23.71 63.03
CA SER R 160 -24.79 23.31 63.22
C SER R 160 -24.13 23.03 61.86
N PHE R 161 -24.87 22.61 60.84
CA PHE R 161 -24.27 22.35 59.51
C PHE R 161 -23.98 23.69 58.84
N GLU R 162 -24.86 24.68 58.93
CA GLU R 162 -24.58 26.01 58.31
C GLU R 162 -23.26 26.51 58.89
N VAL R 163 -23.15 26.45 60.22
CA VAL R 163 -22.02 27.05 60.97
C VAL R 163 -20.77 26.30 60.59
N SER R 164 -20.85 25.00 60.35
CA SER R 164 -19.64 24.21 60.03
C SER R 164 -19.12 24.59 58.65
N GLU R 165 -20.00 25.05 57.75
CA GLU R 165 -19.66 25.46 56.35
C GLU R 165 -18.74 26.69 56.38
N THR R 166 -19.06 27.63 57.26
CA THR R 166 -18.27 28.85 57.57
C THR R 166 -16.91 28.44 58.13
N THR R 167 -16.90 27.66 59.22
CA THR R 167 -15.67 27.22 59.92
C THR R 167 -14.80 26.43 58.97
N ASP R 168 -15.35 25.72 57.98
CA ASP R 168 -14.61 24.90 56.98
C ASP R 168 -13.76 25.80 56.07
N GLU R 169 -14.31 26.97 55.67
CA GLU R 169 -13.58 27.98 54.88
C GLU R 169 -12.41 28.53 55.74
N LEU R 170 -12.68 28.97 56.96
CA LEU R 170 -11.60 29.51 57.85
C LEU R 170 -10.52 28.44 58.05
N PHE R 171 -10.89 27.16 58.18
CA PHE R 171 -9.92 26.04 58.35
C PHE R 171 -9.06 25.94 57.09
N GLU R 172 -9.65 26.02 55.92
CA GLU R 172 -8.87 25.86 54.67
C GLU R 172 -7.99 27.10 54.47
N LYS R 173 -8.50 28.31 54.74
CA LYS R 173 -7.74 29.60 54.65
C LYS R 173 -6.56 29.65 55.62
N LEU R 174 -6.71 29.01 56.78
CA LEU R 174 -5.70 29.02 57.85
C LEU R 174 -4.72 27.88 57.66
N ALA R 175 -5.12 26.73 57.09
CA ALA R 175 -4.23 25.56 56.89
C ALA R 175 -3.25 25.80 55.73
N ASN R 176 -3.49 26.79 54.86
CA ASN R 176 -2.49 27.30 53.87
C ASN R 176 -1.96 28.64 54.37
N SER S 1 -16.01 7.65 40.39
CA SER S 1 -16.56 8.94 40.95
C SER S 1 -15.58 9.60 41.94
N LEU S 2 -14.65 8.83 42.52
CA LEU S 2 -13.66 9.29 43.53
C LEU S 2 -12.45 9.88 42.81
N LYS S 3 -11.89 10.95 43.39
CA LYS S 3 -10.98 11.90 42.71
C LYS S 3 -9.78 12.27 43.56
N SER S 4 -9.75 11.95 44.86
CA SER S 4 -8.64 12.33 45.78
C SER S 4 -8.61 11.35 46.95
N THR S 5 -7.63 11.42 47.84
CA THR S 5 -7.60 10.49 49.00
C THR S 5 -8.56 11.00 50.10
N ASP S 6 -8.91 12.29 50.10
CA ASP S 6 -9.94 12.82 51.04
C ASP S 6 -11.28 12.20 50.66
N ASP S 7 -11.61 12.16 49.37
CA ASP S 7 -12.92 11.70 48.84
C ASP S 7 -13.04 10.20 49.11
N LEU S 8 -12.01 9.43 48.79
CA LEU S 8 -11.95 7.99 49.13
C LEU S 8 -12.19 7.77 50.63
N ASN S 9 -11.60 8.55 51.52
CA ASN S 9 -11.76 8.32 52.98
C ASN S 9 -13.16 8.67 53.49
N LYS S 10 -13.83 9.61 52.83
CA LYS S 10 -15.25 9.92 53.12
C LYS S 10 -16.08 8.72 52.71
N CYS S 11 -15.93 8.23 51.49
CA CYS S 11 -16.72 7.12 50.94
C CYS S 11 -16.56 5.88 51.86
N ILE S 12 -15.34 5.64 52.37
CA ILE S 12 -15.02 4.52 53.31
C ILE S 12 -15.76 4.77 54.63
N ASP S 13 -15.85 6.01 55.09
CA ASP S 13 -16.51 6.31 56.39
C ASP S 13 -18.01 6.04 56.24
N HIS S 14 -18.58 6.44 55.12
CA HIS S 14 -20.00 6.32 54.77
C HIS S 14 -20.36 4.84 54.76
N ILE S 15 -19.58 4.05 54.03
CA ILE S 15 -19.88 2.61 53.81
C ILE S 15 -19.57 1.88 55.10
N SER S 16 -18.60 2.34 55.87
CA SER S 16 -18.35 1.74 57.20
C SER S 16 -19.58 1.94 58.11
N VAL S 17 -20.27 3.09 57.98
CA VAL S 17 -21.49 3.42 58.78
C VAL S 17 -22.58 2.41 58.42
N LEU S 18 -22.87 2.26 57.12
CA LEU S 18 -23.94 1.36 56.59
C LEU S 18 -23.65 -0.08 57.02
N ILE S 19 -22.38 -0.48 57.11
CA ILE S 19 -21.98 -1.89 57.44
C ILE S 19 -22.31 -2.16 58.90
N LYS S 20 -22.02 -1.23 59.78
CA LYS S 20 -22.36 -1.34 61.22
C LYS S 20 -23.88 -1.31 61.42
N ASP S 21 -24.62 -0.59 60.58
CA ASP S 21 -26.11 -0.49 60.57
C ASP S 21 -26.73 -1.81 60.07
N ALA S 22 -26.29 -2.36 58.94
CA ALA S 22 -26.63 -3.71 58.45
C ALA S 22 -26.34 -4.80 59.51
N TYR S 23 -25.24 -4.72 60.22
CA TYR S 23 -24.87 -5.75 61.20
C TYR S 23 -25.77 -5.56 62.42
N LEU S 24 -26.02 -4.33 62.80
CA LEU S 24 -26.84 -4.03 64.00
C LEU S 24 -28.25 -4.62 63.78
N LEU S 25 -28.88 -4.31 62.66
CA LEU S 25 -30.21 -4.86 62.30
C LEU S 25 -30.14 -6.38 62.29
N TYR S 26 -29.10 -6.93 61.67
CA TYR S 26 -28.99 -8.39 61.46
C TYR S 26 -29.01 -9.09 62.80
N THR S 27 -28.34 -8.56 63.79
CA THR S 27 -28.34 -9.17 65.15
C THR S 27 -29.68 -8.94 65.86
N ASN S 28 -30.39 -7.83 65.60
CA ASN S 28 -31.71 -7.61 66.24
C ASN S 28 -32.80 -8.39 65.46
N GLU S 29 -32.39 -9.23 64.50
CA GLU S 29 -33.25 -10.17 63.73
C GLU S 29 -34.19 -9.42 62.77
N SER S 30 -33.91 -8.16 62.43
CA SER S 30 -34.52 -7.49 61.26
C SER S 30 -33.72 -7.90 60.01
N PHE S 31 -33.75 -9.17 59.66
CA PHE S 31 -32.99 -9.69 58.50
C PHE S 31 -33.40 -8.94 57.24
N ALA S 32 -34.68 -8.61 57.11
CA ALA S 32 -35.23 -8.00 55.89
C ALA S 32 -34.57 -6.64 55.70
N THR S 33 -34.63 -5.77 56.72
CA THR S 33 -34.07 -4.40 56.62
C THR S 33 -32.56 -4.49 56.38
N SER S 34 -31.85 -5.33 57.15
CA SER S 34 -30.39 -5.64 57.05
C SER S 34 -30.04 -5.85 55.57
N THR S 35 -30.78 -6.74 54.93
CA THR S 35 -30.57 -7.10 53.50
C THR S 35 -30.72 -5.85 52.63
N PHE S 36 -31.67 -4.98 52.97
CA PHE S 36 -31.91 -3.73 52.20
C PHE S 36 -30.62 -2.91 52.20
N ILE S 37 -29.98 -2.82 53.36
CA ILE S 37 -28.77 -1.98 53.52
C ILE S 37 -27.61 -2.69 52.83
N SER S 38 -27.45 -4.00 53.04
CA SER S 38 -26.44 -4.88 52.37
C SER S 38 -26.44 -4.67 50.85
N ILE S 39 -27.60 -4.75 50.20
CA ILE S 39 -27.69 -4.54 48.72
C ILE S 39 -27.40 -3.06 48.36
N THR S 40 -27.70 -2.14 49.23
CA THR S 40 -27.38 -0.71 49.03
C THR S 40 -25.86 -0.52 49.06
N ILE S 41 -25.17 -1.13 50.01
CA ILE S 41 -23.67 -1.13 50.13
C ILE S 41 -23.08 -1.57 48.78
N ILE S 42 -23.58 -2.68 48.24
CA ILE S 42 -23.09 -3.30 46.97
C ILE S 42 -23.24 -2.26 45.84
N GLU S 43 -24.40 -1.57 45.73
CA GLU S 43 -24.60 -0.41 44.81
C GLU S 43 -23.48 0.60 45.04
N GLU S 44 -23.38 1.20 46.23
CA GLU S 44 -22.40 2.30 46.53
C GLU S 44 -20.97 1.90 46.10
N VAL S 45 -20.50 0.71 46.44
CA VAL S 45 -19.15 0.21 46.02
C VAL S 45 -19.08 0.09 44.49
N GLY S 46 -20.11 -0.47 43.88
CA GLY S 46 -20.26 -0.55 42.41
C GLY S 46 -20.29 0.83 41.78
N LYS S 47 -20.89 1.82 42.41
CA LYS S 47 -20.92 3.20 41.84
C LYS S 47 -19.48 3.67 41.56
N THR S 48 -18.51 3.29 42.38
CA THR S 48 -17.12 3.83 42.33
C THR S 48 -16.43 3.23 41.11
N HIS S 49 -17.02 2.18 40.53
CA HIS S 49 -16.42 1.43 39.40
C HIS S 49 -16.99 1.84 38.04
N ILE S 50 -18.07 2.62 37.99
CA ILE S 50 -18.85 2.88 36.74
C ILE S 50 -18.01 3.59 35.67
N GLY S 51 -17.33 4.69 35.99
CA GLY S 51 -16.63 5.53 34.99
C GLY S 51 -15.52 4.80 34.25
N MET S 52 -15.00 3.75 34.90
CA MET S 52 -13.87 2.88 34.47
C MET S 52 -14.39 1.80 33.54
N PHE S 53 -15.55 1.25 33.89
CA PHE S 53 -16.37 0.28 33.13
C PHE S 53 -16.87 0.86 31.80
N ILE S 54 -17.08 2.18 31.75
CA ILE S 54 -17.51 2.99 30.57
C ILE S 54 -16.34 3.32 29.63
N SER S 55 -15.09 3.19 30.10
CA SER S 55 -13.84 3.50 29.35
C SER S 55 -13.17 2.21 28.82
N GLU S 56 -13.73 1.02 29.13
CA GLU S 56 -13.23 -0.30 28.67
C GLU S 56 -12.73 -0.18 27.22
N SER S 72 -28.35 2.71 38.34
CA SER S 72 -28.67 1.62 39.32
C SER S 72 -28.33 0.23 38.75
N LYS S 73 -28.34 0.06 37.42
CA LYS S 73 -28.05 -1.20 36.68
C LYS S 73 -26.54 -1.43 36.57
N HIS S 74 -25.77 -0.48 35.99
CA HIS S 74 -24.30 -0.59 35.72
C HIS S 74 -23.49 -0.70 37.03
N ALA S 75 -23.97 -0.07 38.08
CA ALA S 75 -23.38 -0.18 39.43
C ALA S 75 -23.17 -1.66 39.79
N PHE S 76 -24.15 -2.52 39.52
CA PHE S 76 -24.06 -3.98 39.82
C PHE S 76 -23.20 -4.67 38.76
N GLY S 77 -23.29 -4.24 37.49
CA GLY S 77 -22.57 -4.88 36.39
C GLY S 77 -21.07 -4.67 36.50
N SER S 78 -20.63 -3.63 37.23
CA SER S 78 -19.21 -3.17 37.33
C SER S 78 -18.46 -3.75 38.54
N LEU S 79 -19.10 -4.64 39.31
CA LEU S 79 -18.52 -5.24 40.54
C LEU S 79 -17.38 -6.14 40.14
N PRO S 80 -16.18 -6.01 40.76
CA PRO S 80 -15.10 -6.99 40.57
C PRO S 80 -15.48 -8.42 40.96
N THR S 81 -15.03 -9.39 40.17
CA THR S 81 -15.07 -10.84 40.49
C THR S 81 -14.32 -11.08 41.79
N ILE S 82 -14.94 -11.85 42.68
CA ILE S 82 -14.34 -12.36 43.94
C ILE S 82 -13.40 -13.49 43.55
N LYS S 83 -12.14 -13.42 43.96
CA LYS S 83 -11.17 -14.51 43.74
C LYS S 83 -11.58 -15.72 44.59
N MET S 84 -11.26 -16.92 44.12
CA MET S 84 -11.35 -18.19 44.89
C MET S 84 -10.39 -18.19 46.09
N GLY S 85 -10.63 -19.08 47.05
CA GLY S 85 -9.75 -19.36 48.22
C GLY S 85 -9.74 -18.28 49.30
N GLY S 86 -10.45 -17.16 49.08
CA GLY S 86 -10.60 -16.07 50.06
C GLY S 86 -11.56 -16.44 51.17
N ARG S 87 -11.62 -15.60 52.23
CA ARG S 87 -12.44 -15.80 53.45
C ARG S 87 -13.94 -15.91 53.11
N LEU S 88 -14.37 -15.37 51.95
CA LEU S 88 -15.81 -15.35 51.54
C LEU S 88 -16.22 -16.74 51.07
N ASN S 89 -15.36 -17.36 50.26
CA ASN S 89 -15.56 -18.69 49.63
C ASN S 89 -15.65 -19.73 50.74
N LYS S 90 -14.83 -19.60 51.80
CA LYS S 90 -14.90 -20.43 53.02
C LYS S 90 -16.12 -20.09 53.89
N ALA S 91 -16.75 -18.92 53.75
CA ALA S 91 -17.86 -18.50 54.66
C ALA S 91 -19.24 -18.81 54.09
N ILE S 92 -19.44 -18.81 52.78
CA ILE S 92 -20.79 -19.04 52.17
C ILE S 92 -20.69 -20.06 51.02
N GLY S 93 -19.48 -20.38 50.58
CA GLY S 93 -19.24 -21.35 49.50
C GLY S 93 -19.37 -20.72 48.13
N ASP S 94 -18.71 -21.32 47.15
CA ASP S 94 -18.62 -20.85 45.74
C ASP S 94 -20.04 -20.71 45.16
N GLU S 95 -20.96 -21.65 45.42
CA GLU S 95 -22.25 -21.68 44.68
C GLU S 95 -23.16 -20.54 45.14
N MET S 96 -23.05 -20.08 46.41
CA MET S 96 -23.81 -18.91 46.90
C MET S 96 -23.27 -17.62 46.26
N ILE S 97 -21.94 -17.51 46.13
CA ILE S 97 -21.28 -16.38 45.42
C ILE S 97 -21.79 -16.34 43.98
N ASP S 98 -21.84 -17.48 43.29
CA ASP S 98 -22.25 -17.50 41.87
C ASP S 98 -23.72 -17.10 41.79
N LYS S 99 -24.54 -17.46 42.77
CA LYS S 99 -25.98 -17.08 42.77
C LYS S 99 -26.12 -15.57 42.98
N ILE S 100 -25.42 -15.02 43.97
CA ILE S 100 -25.46 -13.56 44.21
C ILE S 100 -24.97 -12.82 42.96
N VAL S 101 -23.90 -13.29 42.32
CA VAL S 101 -23.27 -12.62 41.15
C VAL S 101 -24.23 -12.72 39.98
N GLU S 102 -24.85 -13.87 39.74
CA GLU S 102 -25.81 -14.01 38.61
C GLU S 102 -27.00 -13.09 38.88
N ASP S 103 -27.44 -13.02 40.15
CA ASP S 103 -28.60 -12.20 40.59
C ASP S 103 -28.25 -10.74 40.40
N ALA S 104 -26.99 -10.35 40.56
CA ALA S 104 -26.51 -8.96 40.34
C ALA S 104 -26.53 -8.58 38.85
N GLU S 105 -26.30 -9.54 37.95
CA GLU S 105 -26.22 -9.28 36.49
C GLU S 105 -27.59 -9.46 35.82
N THR S 106 -28.52 -10.20 36.46
CA THR S 106 -29.95 -10.35 36.04
C THR S 106 -30.80 -9.15 36.48
N GLY S 107 -30.42 -8.47 37.55
CA GLY S 107 -31.28 -7.50 38.26
C GLY S 107 -32.29 -8.17 39.20
N GLU S 108 -32.07 -9.44 39.56
CA GLU S 108 -32.87 -10.10 40.63
C GLU S 108 -32.57 -9.42 41.97
N LEU S 109 -31.35 -8.87 42.13
CA LEU S 109 -30.90 -8.16 43.37
C LEU S 109 -31.81 -6.94 43.58
N ILE S 110 -32.01 -6.13 42.54
CA ILE S 110 -32.96 -4.99 42.62
C ILE S 110 -34.36 -5.49 43.04
N SER S 111 -34.83 -6.64 42.55
CA SER S 111 -36.10 -7.23 43.04
C SER S 111 -35.96 -7.54 44.53
N ILE S 112 -34.89 -8.23 44.92
CA ILE S 112 -34.73 -8.72 46.33
C ILE S 112 -34.70 -7.50 47.24
N ARG S 113 -34.06 -6.42 46.78
CA ARG S 113 -33.94 -5.17 47.57
C ARG S 113 -35.36 -4.66 47.79
N GLU S 114 -36.15 -4.57 46.70
CA GLU S 114 -37.51 -4.03 46.73
C GLU S 114 -38.35 -4.86 47.71
N SER S 115 -38.24 -6.18 47.69
CA SER S 115 -39.12 -7.07 48.51
C SER S 115 -38.69 -7.07 49.98
N SER S 116 -37.52 -6.54 50.31
CA SER S 116 -36.93 -6.55 51.68
C SER S 116 -37.30 -5.27 52.46
N LEU S 117 -38.02 -4.32 51.87
CA LEU S 117 -38.45 -3.08 52.58
C LEU S 117 -39.94 -2.71 52.32
N TYR S 118 -40.44 -3.02 51.13
CA TYR S 118 -41.84 -2.72 50.70
C TYR S 118 -42.66 -4.01 50.66
N ALA S 119 -43.82 -4.01 51.34
CA ALA S 119 -44.93 -4.93 51.07
C ALA S 119 -45.32 -4.78 49.60
N ASP S 120 -45.74 -5.87 48.95
CA ASP S 120 -46.29 -5.83 47.58
C ASP S 120 -47.47 -6.82 47.47
N ILE S 121 -48.36 -6.61 46.50
CA ILE S 121 -49.41 -7.58 46.06
C ILE S 121 -48.93 -8.22 44.75
N ILE S 122 -48.44 -9.45 44.84
CA ILE S 122 -47.91 -10.27 43.71
C ILE S 122 -48.80 -11.50 43.56
N ASP S 123 -49.33 -11.70 42.35
CA ASP S 123 -50.55 -12.48 42.03
C ASP S 123 -51.73 -11.65 42.54
N ASP S 124 -52.36 -12.06 43.64
CA ASP S 124 -53.32 -11.19 44.36
C ASP S 124 -53.24 -11.45 45.87
N ILE S 125 -52.08 -11.95 46.30
CA ILE S 125 -51.72 -12.24 47.72
C ILE S 125 -50.76 -11.14 48.20
N LEU S 126 -50.85 -10.77 49.46
CA LEU S 126 -49.95 -9.76 50.08
C LEU S 126 -48.68 -10.47 50.51
N GLU S 127 -47.54 -9.95 50.03
CA GLU S 127 -46.18 -10.38 50.43
C GLU S 127 -45.58 -9.30 51.32
N VAL S 128 -44.99 -9.71 52.44
CA VAL S 128 -44.37 -8.78 53.41
C VAL S 128 -42.89 -9.14 53.50
N PRO S 129 -41.97 -8.18 53.66
CA PRO S 129 -40.54 -8.48 53.72
C PRO S 129 -40.19 -9.58 54.73
N SER S 130 -40.73 -9.47 55.94
CA SER S 130 -40.49 -10.40 57.08
C SER S 130 -40.55 -11.87 56.64
N GLU S 131 -41.33 -12.24 55.63
CA GLU S 131 -41.52 -13.65 55.20
C GLU S 131 -40.90 -13.91 53.82
N LYS S 132 -40.24 -12.93 53.19
CA LYS S 132 -39.55 -13.13 51.87
C LYS S 132 -38.03 -13.17 52.00
N ILE S 133 -37.50 -12.72 53.14
CA ILE S 133 -36.04 -12.67 53.41
C ILE S 133 -35.75 -13.53 54.63
N SER S 134 -34.87 -14.53 54.47
CA SER S 134 -34.41 -15.52 55.48
C SER S 134 -33.10 -15.07 56.11
N LYS S 135 -32.86 -15.46 57.34
CA LYS S 135 -31.58 -15.29 58.06
C LYS S 135 -30.41 -15.65 57.13
N GLU S 136 -30.47 -16.79 56.47
CA GLU S 136 -29.38 -17.41 55.66
C GLU S 136 -28.96 -16.40 54.59
N GLN S 137 -29.94 -15.82 53.89
CA GLN S 137 -29.77 -14.91 52.72
C GLN S 137 -29.31 -13.52 53.18
N SER S 138 -29.76 -13.08 54.36
CA SER S 138 -29.35 -11.82 55.02
C SER S 138 -27.85 -11.87 55.35
N ARG S 139 -27.40 -12.96 55.96
CA ARG S 139 -25.99 -13.19 56.39
C ARG S 139 -25.11 -13.20 55.13
N ALA S 140 -25.47 -14.00 54.14
CA ALA S 140 -24.71 -14.17 52.89
C ALA S 140 -24.51 -12.83 52.21
N LEU S 141 -25.56 -12.07 52.02
CA LEU S 141 -25.47 -10.76 51.33
C LEU S 141 -24.62 -9.80 52.18
N LEU S 142 -24.67 -9.88 53.52
CA LEU S 142 -23.87 -8.93 54.34
C LEU S 142 -22.38 -9.29 54.24
N LEU S 143 -22.01 -10.57 54.31
CA LEU S 143 -20.62 -11.05 54.07
C LEU S 143 -20.17 -10.64 52.68
N TYR S 144 -20.89 -10.99 51.63
CA TYR S 144 -20.53 -10.52 50.26
C TYR S 144 -20.24 -9.02 50.27
N ALA S 145 -21.16 -8.20 50.84
CA ALA S 145 -21.13 -6.71 50.84
C ALA S 145 -19.85 -6.22 51.51
N ILE S 146 -19.53 -6.76 52.69
CA ILE S 146 -18.25 -6.48 53.40
C ILE S 146 -17.08 -6.87 52.50
N GLU S 147 -17.14 -8.02 51.85
CA GLU S 147 -15.96 -8.54 51.11
C GLU S 147 -15.77 -7.76 49.82
N CYS S 148 -16.82 -7.26 49.19
CA CYS S 148 -16.66 -6.49 47.94
C CYS S 148 -16.27 -5.02 48.23
N PHE S 149 -16.60 -4.47 49.42
CA PHE S 149 -16.09 -3.19 50.02
C PHE S 149 -14.61 -3.31 50.36
N ASP S 150 -14.22 -4.31 51.14
CA ASP S 150 -12.80 -4.53 51.54
C ASP S 150 -11.93 -4.64 50.28
N ASP S 151 -12.35 -5.44 49.31
CA ASP S 151 -11.58 -5.72 48.08
C ASP S 151 -11.46 -4.42 47.26
N SER S 152 -12.46 -3.53 47.30
CA SER S 152 -12.54 -2.41 46.33
C SER S 152 -11.87 -1.15 46.88
N LEU S 153 -12.07 -0.83 48.18
CA LEU S 153 -11.79 0.51 48.78
C LEU S 153 -10.77 0.48 49.93
N VAL S 154 -10.60 -0.67 50.60
CA VAL S 154 -9.60 -0.81 51.69
C VAL S 154 -8.22 -1.15 51.13
N GLY S 155 -7.20 -0.52 51.70
CA GLY S 155 -5.78 -0.85 51.50
C GLY S 155 -4.96 0.30 50.99
N TYR S 156 -5.58 1.34 50.45
CA TYR S 156 -4.95 2.41 49.63
C TYR S 156 -4.64 3.65 50.49
N THR S 157 -5.26 3.73 51.67
CA THR S 157 -5.07 4.82 52.66
C THR S 157 -4.78 4.22 54.04
N HIS S 158 -4.02 4.94 54.87
CA HIS S 158 -3.72 4.63 56.29
C HIS S 158 -5.04 4.56 57.09
N HIS S 159 -5.97 5.46 56.80
CA HIS S 159 -7.28 5.54 57.50
C HIS S 159 -7.96 4.20 57.27
N SER S 160 -7.93 3.71 56.06
CA SER S 160 -8.64 2.47 55.67
C SER S 160 -8.25 1.32 56.61
N PHE S 161 -7.09 1.32 57.24
CA PHE S 161 -6.70 0.18 58.10
C PHE S 161 -7.43 0.24 59.43
N GLU S 162 -7.61 1.44 59.97
CA GLU S 162 -8.39 1.64 61.23
C GLU S 162 -9.81 1.08 61.03
N VAL S 163 -10.50 1.59 60.03
CA VAL S 163 -11.83 1.09 59.61
C VAL S 163 -11.75 -0.43 59.43
N SER S 164 -10.81 -0.95 58.63
CA SER S 164 -10.84 -2.38 58.21
C SER S 164 -10.54 -3.29 59.41
N GLU S 165 -9.91 -2.81 60.48
CA GLU S 165 -9.67 -3.67 61.66
C GLU S 165 -11.03 -4.08 62.25
N THR S 166 -11.97 -3.12 62.37
CA THR S 166 -13.34 -3.29 62.93
C THR S 166 -14.23 -4.05 61.93
N THR S 167 -14.19 -3.72 60.64
CA THR S 167 -14.85 -4.46 59.53
C THR S 167 -14.47 -5.94 59.59
N ASP S 168 -13.22 -6.27 59.91
CA ASP S 168 -12.72 -7.67 59.92
C ASP S 168 -13.36 -8.42 61.11
N GLU S 169 -13.49 -7.77 62.27
CA GLU S 169 -14.14 -8.37 63.46
C GLU S 169 -15.59 -8.73 63.15
N LEU S 170 -16.34 -7.80 62.55
CA LEU S 170 -17.73 -8.05 62.09
C LEU S 170 -17.70 -9.25 61.16
N PHE S 171 -16.80 -9.29 60.17
CA PHE S 171 -16.81 -10.38 59.16
C PHE S 171 -16.59 -11.74 59.84
N GLU S 172 -15.62 -11.85 60.74
CA GLU S 172 -15.36 -13.14 61.43
C GLU S 172 -16.53 -13.44 62.40
N LYS S 173 -17.14 -12.45 63.08
CA LYS S 173 -18.28 -12.73 64.02
C LYS S 173 -19.45 -13.31 63.23
N LEU S 174 -19.57 -12.95 61.97
CA LEU S 174 -20.75 -13.27 61.12
C LEU S 174 -20.57 -14.64 60.50
N ALA S 175 -19.34 -15.16 60.38
CA ALA S 175 -19.08 -16.57 59.96
C ALA S 175 -18.79 -17.46 61.18
N ASN S 176 -19.85 -17.93 61.87
CA ASN S 176 -19.81 -18.86 63.03
C ASN S 176 -18.49 -19.64 63.02
N LYS T 3 -58.98 -12.66 57.77
CA LYS T 3 -59.83 -12.47 56.53
C LYS T 3 -59.18 -11.41 55.62
N SER T 4 -59.71 -10.17 55.60
CA SER T 4 -59.07 -8.99 54.92
C SER T 4 -58.48 -8.07 56.00
N THR T 5 -58.76 -8.40 57.25
CA THR T 5 -58.16 -7.74 58.43
C THR T 5 -56.80 -8.44 58.65
N ASP T 6 -56.64 -9.65 58.10
CA ASP T 6 -55.37 -10.42 58.15
C ASP T 6 -54.32 -9.77 57.25
N ASP T 7 -54.74 -9.16 56.13
CA ASP T 7 -53.88 -8.35 55.25
C ASP T 7 -53.50 -7.04 55.93
N LEU T 8 -54.49 -6.28 56.39
CA LEU T 8 -54.23 -5.01 57.11
C LEU T 8 -53.32 -5.34 58.29
N ASN T 9 -53.54 -6.44 58.97
CA ASN T 9 -52.77 -6.72 60.20
C ASN T 9 -51.32 -6.98 59.82
N LYS T 10 -51.07 -7.59 58.67
CA LYS T 10 -49.70 -7.96 58.21
C LYS T 10 -48.93 -6.73 57.73
N CYS T 11 -49.63 -5.77 57.10
CA CYS T 11 -49.11 -4.39 56.83
C CYS T 11 -48.77 -3.65 58.12
N ILE T 12 -49.64 -3.66 59.12
CA ILE T 12 -49.38 -3.02 60.43
C ILE T 12 -48.21 -3.74 61.09
N ASP T 13 -48.07 -5.04 60.95
CA ASP T 13 -46.91 -5.70 61.61
C ASP T 13 -45.63 -5.24 60.89
N HIS T 14 -45.67 -5.07 59.58
CA HIS T 14 -44.49 -4.64 58.78
C HIS T 14 -44.05 -3.25 59.28
N ILE T 15 -44.98 -2.30 59.36
CA ILE T 15 -44.66 -0.91 59.76
C ILE T 15 -44.14 -0.90 61.17
N SER T 16 -44.66 -1.72 62.06
CA SER T 16 -44.15 -1.89 63.45
C SER T 16 -42.69 -2.36 63.38
N VAL T 17 -42.34 -3.26 62.47
CA VAL T 17 -40.92 -3.74 62.34
C VAL T 17 -40.02 -2.56 61.99
N LEU T 18 -40.35 -1.80 60.92
CA LEU T 18 -39.57 -0.63 60.45
C LEU T 18 -39.43 0.38 61.57
N ILE T 19 -40.47 0.70 62.33
CA ILE T 19 -40.39 1.72 63.42
C ILE T 19 -39.38 1.23 64.46
N LYS T 20 -39.44 -0.04 64.82
CA LYS T 20 -38.49 -0.60 65.82
C LYS T 20 -37.08 -0.48 65.26
N ASP T 21 -36.90 -0.51 63.93
CA ASP T 21 -35.57 -0.50 63.25
C ASP T 21 -35.04 0.93 63.17
N ALA T 22 -35.85 1.89 62.78
CA ALA T 22 -35.53 3.33 62.83
C ALA T 22 -35.13 3.69 64.25
N TYR T 23 -35.86 3.20 65.25
CA TYR T 23 -35.59 3.51 66.68
C TYR T 23 -34.23 2.93 67.06
N LEU T 24 -34.01 1.66 66.73
CA LEU T 24 -32.74 0.94 67.00
C LEU T 24 -31.58 1.70 66.34
N LEU T 25 -31.68 2.02 65.07
CA LEU T 25 -30.67 2.86 64.38
C LEU T 25 -30.50 4.21 65.09
N TYR T 26 -31.57 4.95 65.34
CA TYR T 26 -31.46 6.27 66.03
C TYR T 26 -30.73 6.10 67.36
N THR T 27 -31.06 5.10 68.18
CA THR T 27 -30.42 4.97 69.51
C THR T 27 -28.93 4.63 69.31
N ASN T 28 -28.53 4.01 68.20
CA ASN T 28 -27.08 3.71 67.91
C ASN T 28 -26.44 4.80 67.03
N GLU T 29 -27.03 5.99 67.00
CA GLU T 29 -26.45 7.23 66.41
C GLU T 29 -26.23 7.14 64.89
N SER T 30 -26.91 6.23 64.19
CA SER T 30 -27.00 6.23 62.70
C SER T 30 -28.22 7.07 62.29
N PHE T 31 -28.08 8.39 62.35
CA PHE T 31 -29.20 9.35 62.30
C PHE T 31 -29.68 9.42 60.86
N ALA T 32 -28.72 9.44 59.93
CA ALA T 32 -29.01 9.46 58.49
C ALA T 32 -29.78 8.18 58.11
N THR T 33 -29.40 7.00 58.60
CA THR T 33 -30.02 5.73 58.13
C THR T 33 -31.39 5.61 58.77
N SER T 34 -31.46 5.99 60.03
CA SER T 34 -32.74 6.07 60.76
C SER T 34 -33.69 6.91 59.92
N THR T 35 -33.25 8.07 59.46
CA THR T 35 -34.14 9.04 58.78
C THR T 35 -34.69 8.47 57.47
N PHE T 36 -33.87 7.68 56.76
CA PHE T 36 -34.25 6.98 55.50
C PHE T 36 -35.47 6.06 55.76
N ILE T 37 -35.35 5.17 56.75
CA ILE T 37 -36.47 4.34 57.27
C ILE T 37 -37.65 5.22 57.69
N SER T 38 -37.43 6.23 58.52
CA SER T 38 -38.52 7.08 59.05
C SER T 38 -39.39 7.58 57.88
N ILE T 39 -38.78 8.18 56.85
CA ILE T 39 -39.50 8.73 55.67
C ILE T 39 -40.15 7.55 54.93
N THR T 40 -39.52 6.38 54.96
CA THR T 40 -40.09 5.19 54.30
C THR T 40 -41.39 4.82 55.03
N ILE T 41 -41.41 4.84 56.36
CA ILE T 41 -42.63 4.56 57.19
C ILE T 41 -43.78 5.50 56.82
N ILE T 42 -43.50 6.76 56.58
CA ILE T 42 -44.51 7.77 56.18
C ILE T 42 -45.10 7.41 54.80
N GLU T 43 -44.30 6.91 53.87
CA GLU T 43 -44.78 6.53 52.50
C GLU T 43 -45.65 5.25 52.59
N GLU T 44 -45.21 4.28 53.39
CA GLU T 44 -45.83 2.94 53.54
C GLU T 44 -47.13 3.09 54.34
N VAL T 45 -47.13 3.97 55.34
CA VAL T 45 -48.40 4.30 56.04
C VAL T 45 -49.40 4.90 55.04
N GLY T 46 -48.97 5.80 54.16
CA GLY T 46 -49.84 6.46 53.16
C GLY T 46 -50.32 5.50 52.09
N LYS T 47 -49.45 4.63 51.60
CA LYS T 47 -49.82 3.55 50.64
C LYS T 47 -50.81 2.57 51.29
N THR T 48 -50.51 2.01 52.46
CA THR T 48 -51.35 1.00 53.15
C THR T 48 -52.78 1.50 53.32
N HIS T 49 -52.94 2.74 53.76
CA HIS T 49 -54.22 3.38 54.15
C HIS T 49 -55.08 3.51 52.88
N ILE T 50 -54.58 4.20 51.85
CA ILE T 50 -55.23 4.34 50.50
C ILE T 50 -55.54 2.93 49.93
N GLY T 51 -54.70 1.92 50.20
CA GLY T 51 -54.96 0.52 49.84
C GLY T 51 -55.96 -0.15 50.79
N MET T 52 -57.08 0.53 51.08
CA MET T 52 -58.32 -0.06 51.67
C MET T 52 -59.54 0.34 50.81
N ALA T 75 -46.50 12.64 47.11
CA ALA T 75 -46.30 11.16 47.16
C ALA T 75 -46.76 10.57 48.50
N PHE T 76 -47.06 11.42 49.51
CA PHE T 76 -47.45 11.02 50.89
C PHE T 76 -48.96 11.28 51.09
N GLY T 77 -49.77 10.22 51.11
CA GLY T 77 -51.22 10.33 50.90
C GLY T 77 -52.02 10.61 52.17
N SER T 78 -51.41 10.38 53.34
CA SER T 78 -52.12 10.46 54.64
C SER T 78 -51.84 11.83 55.25
N LEU T 79 -50.76 11.92 56.04
CA LEU T 79 -50.28 13.07 56.86
C LEU T 79 -51.26 13.36 58.00
N PRO T 80 -50.82 13.25 59.28
CA PRO T 80 -51.69 13.48 60.43
C PRO T 80 -52.17 14.93 60.55
N THR T 81 -53.51 15.13 60.55
CA THR T 81 -54.14 16.38 61.02
C THR T 81 -53.56 16.68 62.40
N ILE T 82 -52.98 17.87 62.58
CA ILE T 82 -52.20 18.20 63.79
C ILE T 82 -53.15 18.86 64.80
N LYS T 83 -53.18 18.35 66.03
CA LYS T 83 -53.98 18.93 67.15
C LYS T 83 -53.04 19.63 68.12
N MET T 84 -53.33 20.91 68.40
CA MET T 84 -52.56 21.80 69.30
C MET T 84 -52.35 21.15 70.67
N GLY T 85 -51.16 21.32 71.22
CA GLY T 85 -50.87 20.96 72.63
C GLY T 85 -50.69 19.47 72.78
N GLY T 86 -50.87 18.71 71.69
CA GLY T 86 -50.73 17.24 71.66
C GLY T 86 -49.28 16.75 71.79
N ARG T 87 -49.17 15.50 72.22
CA ARG T 87 -47.98 14.61 72.11
C ARG T 87 -46.91 15.11 71.12
N LEU T 88 -47.26 15.37 69.86
CA LEU T 88 -46.26 15.64 68.79
C LEU T 88 -45.75 17.07 68.84
N ASN T 89 -46.64 18.03 69.09
CA ASN T 89 -46.31 19.48 69.29
C ASN T 89 -45.37 19.62 70.48
N LYS T 90 -45.57 18.85 71.55
CA LYS T 90 -44.76 18.97 72.79
C LYS T 90 -43.41 18.26 72.65
N ALA T 91 -43.23 17.42 71.63
CA ALA T 91 -41.97 16.68 71.44
C ALA T 91 -41.05 17.38 70.42
N ILE T 92 -41.59 17.99 69.37
CA ILE T 92 -40.75 18.51 68.25
C ILE T 92 -41.09 19.97 67.96
N GLY T 93 -42.25 20.44 68.41
CA GLY T 93 -42.64 21.86 68.26
C GLY T 93 -43.45 22.12 67.00
N ASP T 94 -44.32 23.11 67.06
CA ASP T 94 -45.22 23.59 65.98
C ASP T 94 -44.41 23.91 64.71
N GLU T 95 -43.24 24.52 64.81
CA GLU T 95 -42.49 25.01 63.64
C GLU T 95 -41.89 23.84 62.84
N MET T 96 -41.45 22.79 63.53
CA MET T 96 -40.85 21.58 62.92
C MET T 96 -41.92 20.80 62.16
N ILE T 97 -43.11 20.65 62.75
CA ILE T 97 -44.28 20.04 62.08
C ILE T 97 -44.59 20.79 60.77
N ASP T 98 -44.59 22.12 60.80
CA ASP T 98 -44.94 22.95 59.61
C ASP T 98 -43.81 22.82 58.58
N LYS T 99 -42.56 22.59 59.03
CA LYS T 99 -41.39 22.38 58.13
C LYS T 99 -41.49 20.98 57.49
N ILE T 100 -41.79 19.95 58.29
CA ILE T 100 -41.96 18.55 57.81
C ILE T 100 -43.12 18.49 56.81
N VAL T 101 -44.25 19.16 57.09
CA VAL T 101 -45.51 19.10 56.28
C VAL T 101 -45.27 19.82 54.95
N GLU T 102 -44.62 21.00 54.99
CA GLU T 102 -44.19 21.80 53.79
C GLU T 102 -43.24 20.96 52.93
N ASP T 103 -42.20 20.33 53.54
CA ASP T 103 -41.20 19.46 52.87
C ASP T 103 -41.90 18.28 52.17
N ALA T 104 -42.97 17.73 52.76
CA ALA T 104 -43.81 16.63 52.21
C ALA T 104 -44.58 17.07 50.95
N GLU T 105 -45.14 18.28 50.93
CA GLU T 105 -45.98 18.80 49.81
C GLU T 105 -45.08 19.39 48.70
N THR T 106 -43.86 19.80 49.02
CA THR T 106 -42.83 20.30 48.05
C THR T 106 -42.20 19.11 47.31
N GLY T 107 -42.19 17.94 47.94
CA GLY T 107 -41.35 16.79 47.52
C GLY T 107 -39.92 17.00 47.93
N GLU T 108 -39.66 17.83 48.94
CA GLU T 108 -38.30 18.02 49.50
C GLU T 108 -37.98 16.83 50.41
N LEU T 109 -39.02 16.10 50.88
CA LEU T 109 -38.90 14.88 51.72
C LEU T 109 -38.37 13.71 50.90
N ILE T 110 -38.63 13.68 49.60
CA ILE T 110 -38.09 12.61 48.72
C ILE T 110 -36.61 12.91 48.48
N SER T 111 -36.24 14.18 48.39
CA SER T 111 -34.83 14.63 48.23
C SER T 111 -34.05 14.33 49.52
N ILE T 112 -34.63 14.59 50.68
CA ILE T 112 -34.01 14.31 52.01
C ILE T 112 -33.77 12.81 52.10
N ARG T 113 -34.73 11.98 51.71
CA ARG T 113 -34.58 10.51 51.77
C ARG T 113 -33.37 10.11 50.91
N GLU T 114 -33.29 10.55 49.66
CA GLU T 114 -32.10 10.28 48.81
C GLU T 114 -30.83 10.69 49.58
N SER T 115 -30.77 11.91 50.11
CA SER T 115 -29.52 12.43 50.71
C SER T 115 -29.20 11.69 52.01
N SER T 116 -30.08 10.82 52.50
CA SER T 116 -29.95 10.22 53.84
C SER T 116 -29.29 8.84 53.75
N LEU T 117 -29.19 8.28 52.53
CA LEU T 117 -28.63 6.90 52.30
C LEU T 117 -27.49 6.91 51.29
N TYR T 118 -27.64 7.69 50.20
CA TYR T 118 -26.68 7.68 49.06
C TYR T 118 -25.80 8.93 49.14
N ALA T 119 -24.49 8.72 49.03
CA ALA T 119 -23.46 9.75 48.75
C ALA T 119 -23.80 10.40 47.40
N ASP T 120 -23.54 11.70 47.23
CA ASP T 120 -23.80 12.42 45.96
C ASP T 120 -22.63 13.38 45.70
N ILE T 121 -22.29 13.54 44.43
CA ILE T 121 -21.35 14.59 43.95
C ILE T 121 -22.22 15.73 43.47
N ILE T 122 -22.20 16.84 44.20
CA ILE T 122 -22.97 18.07 43.93
C ILE T 122 -21.95 19.22 43.80
N ASP T 123 -21.78 19.75 42.58
CA ASP T 123 -20.83 20.86 42.30
C ASP T 123 -19.43 20.35 42.63
N ASP T 124 -19.07 19.20 42.06
CA ASP T 124 -17.67 18.69 41.96
C ASP T 124 -17.16 18.17 43.32
N ILE T 125 -17.86 18.40 44.43
CA ILE T 125 -17.43 17.93 45.77
C ILE T 125 -18.34 16.77 46.23
N LEU T 126 -17.73 15.71 46.79
CA LEU T 126 -18.45 14.54 47.35
C LEU T 126 -19.12 14.92 48.68
N GLU T 127 -20.43 14.68 48.80
CA GLU T 127 -21.25 14.88 50.02
C GLU T 127 -21.71 13.52 50.52
N VAL T 128 -21.79 13.35 51.81
CA VAL T 128 -22.13 12.05 52.42
C VAL T 128 -23.32 12.22 53.37
N PRO T 129 -24.17 11.20 53.58
CA PRO T 129 -25.34 11.36 54.45
C PRO T 129 -25.04 11.96 55.82
N SER T 130 -23.97 11.55 56.51
CA SER T 130 -23.69 12.04 57.90
C SER T 130 -23.52 13.59 57.97
N GLU T 131 -23.41 14.27 56.84
CA GLU T 131 -23.21 15.74 56.80
C GLU T 131 -24.48 16.45 56.33
N LYS T 132 -25.52 15.71 55.96
CA LYS T 132 -26.79 16.26 55.45
C LYS T 132 -27.88 16.20 56.54
N ILE T 133 -27.84 15.20 57.41
CA ILE T 133 -28.98 14.85 58.30
C ILE T 133 -28.54 15.06 59.75
N SER T 134 -29.31 15.85 60.52
CA SER T 134 -29.00 16.19 61.93
C SER T 134 -29.79 15.33 62.88
N LYS T 135 -29.29 15.11 64.09
CA LYS T 135 -29.97 14.30 65.13
C LYS T 135 -31.34 14.93 65.35
N GLU T 136 -31.43 16.25 65.32
CA GLU T 136 -32.71 16.97 65.57
C GLU T 136 -33.73 16.53 64.51
N GLN T 137 -33.33 16.51 63.26
CA GLN T 137 -34.17 16.13 62.11
C GLN T 137 -34.46 14.62 62.13
N SER T 138 -33.52 13.81 62.58
CA SER T 138 -33.74 12.36 62.74
C SER T 138 -34.86 12.09 63.75
N ARG T 139 -34.76 12.70 64.92
CA ARG T 139 -35.74 12.52 66.03
C ARG T 139 -37.14 12.99 65.58
N ALA T 140 -37.23 14.18 65.02
CA ALA T 140 -38.51 14.76 64.54
C ALA T 140 -39.17 13.83 63.52
N LEU T 141 -38.44 13.40 62.48
CA LEU T 141 -38.99 12.55 61.40
C LEU T 141 -39.44 11.18 61.93
N LEU T 142 -38.75 10.59 62.91
CA LEU T 142 -39.24 9.35 63.58
C LEU T 142 -40.51 9.60 64.41
N LEU T 143 -40.53 10.61 65.27
CA LEU T 143 -41.77 10.94 66.05
C LEU T 143 -42.89 11.18 65.04
N TYR T 144 -42.63 11.91 63.96
CA TYR T 144 -43.69 12.30 63.01
C TYR T 144 -44.22 11.02 62.39
N ALA T 145 -43.34 10.04 62.19
CA ALA T 145 -43.67 8.79 61.45
C ALA T 145 -44.46 7.92 62.43
N ILE T 146 -44.19 7.99 63.73
CA ILE T 146 -45.03 7.22 64.70
C ILE T 146 -46.42 7.87 64.81
N GLU T 147 -46.54 9.20 64.81
CA GLU T 147 -47.84 9.91 64.86
C GLU T 147 -48.64 9.64 63.57
N CYS T 148 -48.05 9.67 62.38
CA CYS T 148 -48.67 9.20 61.12
C CYS T 148 -49.32 7.81 61.28
N PHE T 149 -48.53 6.90 61.82
CA PHE T 149 -48.95 5.50 61.98
C PHE T 149 -50.14 5.48 62.93
N ASP T 150 -50.02 6.11 64.11
CA ASP T 150 -51.06 6.17 65.18
C ASP T 150 -52.33 6.89 64.69
N ASP T 151 -52.21 7.88 63.82
CA ASP T 151 -53.37 8.67 63.32
C ASP T 151 -54.14 7.92 62.22
N SER T 152 -53.47 7.12 61.39
CA SER T 152 -53.99 6.55 60.12
C SER T 152 -54.50 5.09 60.23
N LEU T 153 -53.87 4.22 61.04
CA LEU T 153 -54.10 2.74 61.05
C LEU T 153 -54.49 2.20 62.42
N VAL T 154 -54.20 2.89 63.53
CA VAL T 154 -54.75 2.42 64.83
C VAL T 154 -56.27 2.50 64.79
N GLY T 155 -56.95 1.48 65.31
CA GLY T 155 -58.41 1.44 65.50
C GLY T 155 -59.14 0.80 64.34
N TYR T 156 -58.45 0.27 63.31
CA TYR T 156 -59.12 -0.43 62.18
C TYR T 156 -59.34 -1.87 62.59
N THR T 157 -58.48 -2.36 63.44
CA THR T 157 -58.49 -3.77 63.86
C THR T 157 -58.13 -3.83 65.35
N HIS T 158 -58.42 -4.97 65.96
CA HIS T 158 -58.22 -5.19 67.41
C HIS T 158 -56.73 -5.28 67.67
N HIS T 159 -55.97 -5.85 66.76
CA HIS T 159 -54.50 -6.04 66.92
C HIS T 159 -53.83 -4.66 66.88
N SER T 160 -54.34 -3.76 66.05
CA SER T 160 -53.77 -2.41 65.87
C SER T 160 -53.57 -1.76 67.25
N PHE T 161 -54.46 -1.97 68.22
CA PHE T 161 -54.34 -1.35 69.56
C PHE T 161 -53.14 -1.93 70.31
N GLU T 162 -52.93 -3.27 70.31
CA GLU T 162 -51.72 -3.88 70.92
C GLU T 162 -50.48 -3.21 70.29
N VAL T 163 -50.48 -3.08 68.97
CA VAL T 163 -49.27 -2.58 68.25
C VAL T 163 -49.07 -1.11 68.69
N SER T 164 -50.14 -0.35 68.89
CA SER T 164 -50.03 1.09 69.21
C SER T 164 -49.51 1.23 70.65
N GLU T 165 -49.83 0.29 71.54
CA GLU T 165 -49.32 0.26 72.94
C GLU T 165 -47.78 0.25 72.91
N THR T 166 -47.19 -0.62 72.08
CA THR T 166 -45.73 -0.76 71.82
C THR T 166 -45.15 0.54 71.26
N THR T 167 -45.67 1.03 70.14
CA THR T 167 -45.20 2.29 69.53
C THR T 167 -45.36 3.43 70.53
N ASP T 168 -46.35 3.41 71.45
CA ASP T 168 -46.59 4.49 72.45
C ASP T 168 -45.41 4.61 73.43
N GLU T 169 -44.81 3.48 73.85
CA GLU T 169 -43.63 3.53 74.75
C GLU T 169 -42.41 3.99 73.92
N LEU T 170 -42.23 3.55 72.67
CA LEU T 170 -41.11 4.06 71.83
C LEU T 170 -41.25 5.57 71.66
N PHE T 171 -42.46 6.07 71.44
CA PHE T 171 -42.74 7.53 71.33
C PHE T 171 -42.36 8.25 72.63
N GLU T 172 -42.61 7.64 73.80
CA GLU T 172 -42.30 8.30 75.10
C GLU T 172 -40.79 8.22 75.37
N LYS T 173 -40.14 7.09 75.16
CA LYS T 173 -38.66 6.98 75.29
C LYS T 173 -37.93 7.94 74.34
N LEU T 174 -38.46 8.16 73.16
CA LEU T 174 -37.77 8.97 72.11
C LEU T 174 -38.10 10.45 72.27
N ALA T 175 -39.24 10.81 72.86
CA ALA T 175 -39.59 12.22 73.14
C ALA T 175 -38.70 12.76 74.28
N ASN T 176 -38.42 11.95 75.32
CA ASN T 176 -37.55 12.35 76.47
C ASN T 176 -36.20 11.65 76.32
N SER U 1 -5.54 -8.71 27.03
CA SER U 1 -5.34 -9.18 25.59
C SER U 1 -6.08 -10.51 25.31
N LEU U 2 -6.43 -11.27 26.36
CA LEU U 2 -6.84 -12.72 26.37
C LEU U 2 -8.33 -12.81 26.08
N LYS U 3 -8.85 -14.02 25.85
CA LYS U 3 -10.27 -14.15 25.44
C LYS U 3 -10.92 -15.44 25.94
N SER U 4 -10.23 -16.31 26.68
CA SER U 4 -10.78 -17.62 27.10
C SER U 4 -10.13 -18.07 28.40
N THR U 5 -10.77 -18.94 29.19
CA THR U 5 -10.22 -19.47 30.46
C THR U 5 -9.02 -20.42 30.16
N ASP U 6 -8.94 -20.99 28.95
CA ASP U 6 -7.78 -21.81 28.51
C ASP U 6 -6.58 -20.87 28.30
N ASP U 7 -6.77 -19.80 27.52
CA ASP U 7 -5.76 -18.74 27.20
C ASP U 7 -5.24 -18.06 28.47
N LEU U 8 -6.08 -17.84 29.49
CA LEU U 8 -5.64 -17.30 30.81
C LEU U 8 -4.71 -18.32 31.46
N ASN U 9 -4.99 -19.61 31.34
CA ASN U 9 -4.18 -20.65 32.01
C ASN U 9 -2.87 -20.89 31.25
N LYS U 10 -2.82 -20.56 29.95
CA LYS U 10 -1.58 -20.67 29.15
C LYS U 10 -0.65 -19.52 29.55
N CYS U 11 -1.20 -18.30 29.61
CA CYS U 11 -0.49 -17.06 30.02
C CYS U 11 0.10 -17.19 31.44
N ILE U 12 -0.64 -17.79 32.35
CA ILE U 12 -0.19 -18.06 33.76
C ILE U 12 1.00 -19.04 33.72
N ASP U 13 0.98 -20.08 32.87
CA ASP U 13 2.05 -21.10 32.75
C ASP U 13 3.31 -20.41 32.23
N HIS U 14 3.20 -19.76 31.05
CA HIS U 14 4.25 -18.87 30.50
C HIS U 14 4.94 -18.09 31.63
N ILE U 15 4.21 -17.16 32.26
CA ILE U 15 4.77 -16.23 33.27
C ILE U 15 5.36 -17.05 34.44
N SER U 16 4.65 -18.10 34.87
CA SER U 16 5.19 -19.07 35.85
C SER U 16 6.56 -19.54 35.36
N VAL U 17 6.73 -19.86 34.07
CA VAL U 17 8.06 -20.28 33.54
C VAL U 17 9.05 -19.16 33.81
N LEU U 18 8.81 -17.94 33.31
CA LEU U 18 9.70 -16.74 33.46
C LEU U 18 10.05 -16.43 34.92
N ILE U 19 9.10 -16.50 35.86
CA ILE U 19 9.41 -16.32 37.31
C ILE U 19 10.42 -17.35 37.80
N LYS U 20 10.18 -18.64 37.58
CA LYS U 20 11.14 -19.71 37.95
C LYS U 20 12.52 -19.43 37.36
N ASP U 21 12.62 -18.85 36.16
CA ASP U 21 13.90 -18.61 35.43
C ASP U 21 14.59 -17.42 36.07
N ALA U 22 13.86 -16.34 36.33
CA ALA U 22 14.40 -15.17 37.05
C ALA U 22 14.88 -15.63 38.43
N TYR U 23 14.15 -16.52 39.10
CA TYR U 23 14.55 -16.96 40.45
C TYR U 23 15.79 -17.83 40.38
N LEU U 24 15.82 -18.74 39.41
CA LEU U 24 16.97 -19.62 39.15
C LEU U 24 18.22 -18.75 39.01
N LEU U 25 18.19 -17.81 38.06
CA LEU U 25 19.34 -16.92 37.76
C LEU U 25 19.71 -16.15 39.02
N TYR U 26 18.74 -15.70 39.82
CA TYR U 26 19.01 -14.86 41.00
C TYR U 26 19.80 -15.74 42.00
N THR U 27 19.41 -16.99 42.14
CA THR U 27 20.04 -17.87 43.14
C THR U 27 21.46 -18.28 42.69
N ASN U 28 21.75 -18.26 41.38
CA ASN U 28 23.09 -18.56 40.79
C ASN U 28 23.86 -17.25 40.52
N GLU U 29 23.41 -16.15 41.11
CA GLU U 29 24.13 -14.84 41.26
C GLU U 29 24.22 -14.07 39.94
N SER U 30 23.39 -14.38 38.93
CA SER U 30 23.28 -13.58 37.67
C SER U 30 22.21 -12.51 37.85
N PHE U 31 22.50 -11.51 38.70
CA PHE U 31 21.55 -10.45 39.10
C PHE U 31 21.11 -9.65 37.85
N ALA U 32 22.02 -9.40 36.93
CA ALA U 32 21.74 -8.50 35.79
C ALA U 32 20.74 -9.22 34.91
N THR U 33 20.95 -10.51 34.61
CA THR U 33 20.07 -11.30 33.71
C THR U 33 18.72 -11.52 34.40
N SER U 34 18.72 -11.82 35.69
CA SER U 34 17.49 -12.06 36.49
C SER U 34 16.61 -10.82 36.33
N THR U 35 17.25 -9.64 36.48
CA THR U 35 16.55 -8.34 36.50
C THR U 35 15.89 -8.13 35.14
N PHE U 36 16.59 -8.48 34.07
CA PHE U 36 16.07 -8.39 32.68
C PHE U 36 14.78 -9.23 32.53
N ILE U 37 14.75 -10.41 33.16
CA ILE U 37 13.56 -11.29 33.07
C ILE U 37 12.51 -10.72 34.01
N SER U 38 12.91 -10.23 35.19
CA SER U 38 11.98 -9.63 36.17
C SER U 38 11.17 -8.56 35.45
N ILE U 39 11.85 -7.65 34.74
CA ILE U 39 11.22 -6.48 34.10
C ILE U 39 10.37 -6.94 32.94
N THR U 40 10.77 -8.01 32.26
CA THR U 40 9.98 -8.64 31.17
C THR U 40 8.68 -9.20 31.75
N ILE U 41 8.70 -9.85 32.90
CA ILE U 41 7.48 -10.35 33.59
C ILE U 41 6.52 -9.18 33.88
N ILE U 42 7.03 -8.02 34.26
CA ILE U 42 6.21 -6.80 34.55
C ILE U 42 5.65 -6.26 33.22
N GLU U 43 6.36 -6.26 32.09
CA GLU U 43 5.73 -5.89 30.79
C GLU U 43 4.52 -6.79 30.53
N GLU U 44 4.72 -8.10 30.58
CA GLU U 44 3.80 -9.16 30.07
C GLU U 44 2.53 -9.23 30.92
N VAL U 45 2.62 -8.95 32.22
CA VAL U 45 1.45 -8.82 33.13
C VAL U 45 0.72 -7.53 32.72
N GLY U 46 1.46 -6.45 32.53
CA GLY U 46 0.88 -5.19 32.09
C GLY U 46 0.20 -5.33 30.75
N LYS U 47 0.72 -6.20 29.87
CA LYS U 47 0.19 -6.38 28.49
C LYS U 47 -1.18 -7.02 28.54
N THR U 48 -1.51 -7.75 29.61
CA THR U 48 -2.88 -8.29 29.81
C THR U 48 -3.86 -7.18 30.23
N HIS U 49 -3.40 -5.98 30.64
CA HIS U 49 -4.24 -4.79 30.94
C HIS U 49 -4.26 -3.78 29.76
N ILE U 60 -15.52 -12.16 33.91
CA ILE U 60 -14.41 -12.05 34.91
C ILE U 60 -13.88 -10.60 34.92
N LYS U 61 -14.12 -9.81 35.97
CA LYS U 61 -13.63 -8.40 36.08
C LYS U 61 -12.59 -8.25 37.19
N ARG U 62 -11.49 -7.57 36.85
CA ARG U 62 -10.39 -7.29 37.81
C ARG U 62 -10.72 -6.09 38.69
N GLY U 63 -10.20 -6.11 39.93
CA GLY U 63 -10.22 -4.98 40.88
C GLY U 63 -9.36 -3.88 40.31
N LYS U 64 -9.72 -2.61 40.55
CA LYS U 64 -8.93 -1.43 40.16
C LYS U 64 -8.58 -0.65 41.43
N ASP U 65 -7.58 0.24 41.36
CA ASP U 65 -7.33 1.31 42.38
C ASP U 65 -8.57 2.22 42.36
N PRO U 66 -9.14 2.60 43.52
CA PRO U 66 -10.30 3.50 43.53
C PRO U 66 -10.10 4.84 42.81
N LEU U 67 -8.85 5.32 42.69
CA LEU U 67 -8.53 6.66 42.16
C LEU U 67 -8.02 6.54 40.72
N ARG U 68 -8.24 5.37 40.11
CA ARG U 68 -7.96 5.12 38.67
C ARG U 68 -9.27 4.95 37.89
N ASN U 69 -9.67 5.96 37.11
CA ASN U 69 -11.02 6.06 36.48
C ASN U 69 -10.93 5.95 34.96
N HIS U 70 -9.76 5.63 34.42
CA HIS U 70 -9.54 5.39 32.97
C HIS U 70 -8.33 4.48 32.79
N LYS U 71 -8.40 3.63 31.76
CA LYS U 71 -7.31 2.69 31.37
C LYS U 71 -6.19 3.49 30.69
N SER U 72 -4.96 3.00 30.80
CA SER U 72 -3.72 3.71 30.39
C SER U 72 -3.26 3.31 28.98
N LYS U 73 -2.23 4.01 28.49
CA LYS U 73 -1.56 3.85 27.18
C LYS U 73 -0.67 2.57 27.17
N HIS U 74 0.37 2.54 28.01
CA HIS U 74 1.49 1.56 28.02
C HIS U 74 1.19 0.39 28.97
N ALA U 75 1.80 -0.77 28.70
CA ALA U 75 2.06 -1.89 29.64
C ALA U 75 2.60 -1.41 31.00
N PHE U 76 3.48 -0.41 31.06
CA PHE U 76 4.07 0.09 32.33
C PHE U 76 3.18 1.18 32.99
N GLY U 77 2.17 1.69 32.28
CA GLY U 77 1.16 2.61 32.87
C GLY U 77 -0.10 1.88 33.31
N SER U 78 -0.11 0.54 33.25
CA SER U 78 -1.29 -0.31 33.50
C SER U 78 -0.97 -1.41 34.53
N LEU U 79 0.06 -1.22 35.34
CA LEU U 79 0.34 -2.15 36.47
C LEU U 79 -0.64 -1.86 37.61
N PRO U 80 -1.29 -2.88 38.21
CA PRO U 80 -2.21 -2.68 39.33
C PRO U 80 -1.54 -2.13 40.59
N THR U 81 -2.13 -1.09 41.19
CA THR U 81 -1.64 -0.46 42.44
C THR U 81 -1.62 -1.49 43.55
N ILE U 82 -0.49 -1.61 44.24
CA ILE U 82 -0.26 -2.59 45.32
C ILE U 82 -0.88 -1.96 46.56
N LYS U 83 -1.58 -2.75 47.35
CA LYS U 83 -2.25 -2.25 48.58
C LYS U 83 -1.20 -2.27 49.69
N MET U 84 -1.20 -1.25 50.55
CA MET U 84 -0.40 -1.19 51.79
C MET U 84 -0.70 -2.41 52.67
N GLY U 85 0.18 -2.76 53.60
CA GLY U 85 -0.05 -3.84 54.57
C GLY U 85 0.21 -5.24 54.01
N GLY U 86 0.38 -5.43 52.70
CA GLY U 86 0.64 -6.76 52.08
C GLY U 86 2.03 -7.36 52.41
N ARG U 87 2.32 -8.55 51.85
CA ARG U 87 3.63 -9.25 51.97
C ARG U 87 4.73 -8.52 51.18
N LEU U 88 4.39 -7.73 50.15
CA LEU U 88 5.42 -6.98 49.38
C LEU U 88 5.89 -5.75 50.14
N ASN U 89 4.99 -5.08 50.87
CA ASN U 89 5.37 -3.90 51.72
C ASN U 89 6.29 -4.39 52.84
N LYS U 90 5.97 -5.51 53.47
CA LYS U 90 6.86 -6.06 54.51
C LYS U 90 8.24 -6.31 53.90
N ALA U 91 8.30 -6.92 52.72
CA ALA U 91 9.56 -7.46 52.14
C ALA U 91 10.53 -6.36 51.68
N ILE U 92 10.05 -5.29 51.02
CA ILE U 92 10.96 -4.29 50.38
C ILE U 92 10.64 -2.86 50.81
N GLY U 93 9.61 -2.65 51.65
CA GLY U 93 9.19 -1.33 52.12
C GLY U 93 8.37 -0.56 51.08
N ASP U 94 7.70 0.51 51.52
CA ASP U 94 6.78 1.32 50.67
C ASP U 94 7.62 2.27 49.80
N GLU U 95 8.83 2.63 50.21
CA GLU U 95 9.69 3.59 49.45
C GLU U 95 10.21 2.92 48.18
N MET U 96 10.55 1.63 48.25
CA MET U 96 11.05 0.88 47.07
C MET U 96 9.90 0.60 46.10
N ILE U 97 8.69 0.29 46.59
CA ILE U 97 7.49 0.09 45.72
C ILE U 97 7.23 1.38 44.94
N ASP U 98 7.30 2.53 45.61
CA ASP U 98 6.94 3.83 45.01
C ASP U 98 8.04 4.20 44.01
N LYS U 99 9.29 3.77 44.22
CA LYS U 99 10.41 4.08 43.27
C LYS U 99 10.22 3.27 42.00
N ILE U 100 9.85 2.00 42.16
CA ILE U 100 9.68 1.02 41.05
C ILE U 100 8.52 1.54 40.20
N VAL U 101 7.48 2.07 40.87
CA VAL U 101 6.21 2.54 40.25
C VAL U 101 6.49 3.86 39.51
N GLU U 102 7.25 4.74 40.13
CA GLU U 102 7.71 6.00 39.51
C GLU U 102 8.56 5.65 38.28
N ASP U 103 9.49 4.70 38.45
CA ASP U 103 10.46 4.21 37.43
C ASP U 103 9.71 3.53 36.27
N ALA U 104 8.54 2.94 36.52
CA ALA U 104 7.68 2.36 35.46
C ALA U 104 6.96 3.44 34.66
N GLU U 105 6.50 4.51 35.32
CA GLU U 105 5.75 5.62 34.67
C GLU U 105 6.73 6.52 33.89
N THR U 106 7.95 6.72 34.39
CA THR U 106 9.05 7.55 33.80
C THR U 106 9.73 6.90 32.57
N GLY U 107 9.64 5.58 32.43
CA GLY U 107 10.40 4.80 31.43
C GLY U 107 11.82 4.49 31.86
N GLU U 108 12.17 4.85 33.10
CA GLU U 108 13.46 4.45 33.72
C GLU U 108 13.57 2.93 33.66
N LEU U 109 12.47 2.20 33.88
CA LEU U 109 12.45 0.72 33.89
C LEU U 109 12.94 0.24 32.53
N ILE U 110 12.49 0.86 31.45
CA ILE U 110 12.96 0.50 30.09
C ILE U 110 14.48 0.67 30.01
N SER U 111 15.07 1.72 30.59
CA SER U 111 16.54 1.94 30.62
C SER U 111 17.23 0.86 31.46
N ILE U 112 16.76 0.62 32.68
CA ILE U 112 17.36 -0.41 33.58
C ILE U 112 17.37 -1.75 32.84
N ARG U 113 16.28 -2.11 32.15
CA ARG U 113 16.22 -3.38 31.38
C ARG U 113 17.33 -3.36 30.36
N GLU U 114 17.45 -2.28 29.58
CA GLU U 114 18.46 -2.19 28.51
C GLU U 114 19.82 -2.44 29.14
N SER U 115 20.14 -1.77 30.24
CA SER U 115 21.49 -1.79 30.85
C SER U 115 21.77 -3.14 31.51
N SER U 116 20.75 -3.99 31.71
CA SER U 116 20.86 -5.25 32.50
C SER U 116 21.31 -6.43 31.62
N LEU U 117 21.32 -6.25 30.29
CA LEU U 117 21.61 -7.35 29.32
C LEU U 117 22.66 -6.96 28.29
N TYR U 118 22.68 -5.73 27.80
CA TYR U 118 23.58 -5.27 26.72
C TYR U 118 24.63 -4.35 27.35
N ALA U 119 25.90 -4.54 27.00
CA ALA U 119 26.98 -3.56 27.28
C ALA U 119 26.65 -2.23 26.59
N ASP U 120 27.23 -1.13 27.07
CA ASP U 120 27.05 0.21 26.46
C ASP U 120 28.23 1.12 26.81
N ILE U 121 28.54 2.06 25.91
CA ILE U 121 29.55 3.14 26.11
C ILE U 121 28.77 4.43 26.39
N ILE U 122 28.62 4.82 27.66
CA ILE U 122 27.94 6.09 28.05
C ILE U 122 28.94 6.99 28.79
N ASP U 123 28.84 8.30 28.52
CA ASP U 123 29.95 9.29 28.58
C ASP U 123 30.94 8.79 27.51
N ASP U 124 32.09 8.24 27.89
CA ASP U 124 32.91 7.45 26.93
C ASP U 124 33.65 6.33 27.68
N ILE U 125 33.08 5.89 28.82
CA ILE U 125 33.49 4.71 29.61
C ILE U 125 32.59 3.53 29.18
N LEU U 126 33.17 2.32 29.06
CA LEU U 126 32.42 1.09 28.73
C LEU U 126 31.74 0.56 29.99
N GLU U 127 30.41 0.47 29.96
CA GLU U 127 29.59 -0.04 31.07
C GLU U 127 29.11 -1.44 30.72
N VAL U 128 29.06 -2.30 31.73
CA VAL U 128 28.68 -3.74 31.62
C VAL U 128 27.57 -4.05 32.63
N PRO U 129 26.54 -4.83 32.25
CA PRO U 129 25.43 -5.11 33.14
C PRO U 129 25.84 -5.47 34.57
N SER U 130 26.86 -6.32 34.68
CA SER U 130 27.41 -6.88 35.94
C SER U 130 27.58 -5.77 37.01
N GLU U 131 27.99 -4.56 36.63
CA GLU U 131 28.35 -3.47 37.58
C GLU U 131 27.18 -2.47 37.72
N LYS U 132 26.20 -2.48 36.83
CA LYS U 132 25.06 -1.52 36.88
C LYS U 132 23.91 -2.03 37.74
N ILE U 133 23.81 -3.33 37.99
CA ILE U 133 22.64 -3.96 38.65
C ILE U 133 23.15 -4.61 39.93
N SER U 134 22.56 -4.22 41.07
CA SER U 134 22.87 -4.72 42.43
C SER U 134 21.94 -5.88 42.80
N LYS U 135 22.33 -6.67 43.77
CA LYS U 135 21.55 -7.80 44.30
C LYS U 135 20.24 -7.25 44.90
N GLU U 136 20.32 -6.05 45.49
CA GLU U 136 19.22 -5.47 46.28
C GLU U 136 18.11 -5.12 45.29
N GLN U 137 18.50 -4.59 44.14
CA GLN U 137 17.61 -4.15 43.04
C GLN U 137 17.01 -5.35 42.31
N SER U 138 17.78 -6.41 42.18
CA SER U 138 17.35 -7.66 41.50
C SER U 138 16.29 -8.34 42.37
N ARG U 139 16.52 -8.42 43.67
CA ARG U 139 15.57 -9.08 44.59
C ARG U 139 14.26 -8.27 44.58
N ALA U 140 14.31 -6.98 44.82
CA ALA U 140 13.11 -6.10 44.71
C ALA U 140 12.37 -6.36 43.40
N LEU U 141 13.00 -6.27 42.24
CA LEU U 141 12.20 -6.23 40.99
C LEU U 141 11.49 -7.57 40.86
N LEU U 142 12.11 -8.66 41.27
CA LEU U 142 11.52 -10.01 41.12
C LEU U 142 10.31 -10.07 42.05
N LEU U 143 10.45 -9.56 43.27
CA LEU U 143 9.37 -9.68 44.29
C LEU U 143 8.20 -8.90 43.76
N TYR U 144 8.42 -7.66 43.34
CA TYR U 144 7.36 -6.81 42.70
C TYR U 144 6.74 -7.54 41.51
N ALA U 145 7.53 -8.21 40.65
CA ALA U 145 7.06 -8.95 39.46
C ALA U 145 6.10 -10.07 39.88
N ILE U 146 6.51 -10.91 40.82
CA ILE U 146 5.73 -12.03 41.41
C ILE U 146 4.43 -11.49 41.98
N GLU U 147 4.47 -10.39 42.74
CA GLU U 147 3.30 -9.86 43.49
C GLU U 147 2.32 -9.25 42.50
N CYS U 148 2.78 -8.55 41.46
CA CYS U 148 1.83 -7.97 40.49
C CYS U 148 1.23 -9.10 39.60
N PHE U 149 1.95 -10.21 39.33
CA PHE U 149 1.41 -11.47 38.71
C PHE U 149 0.37 -12.27 39.56
N ASP U 150 0.58 -12.40 40.88
CA ASP U 150 -0.39 -13.06 41.82
C ASP U 150 -1.62 -12.17 41.98
N ASP U 151 -1.44 -10.85 42.05
CA ASP U 151 -2.51 -9.82 42.17
C ASP U 151 -3.36 -9.82 40.89
N SER U 152 -2.78 -9.96 39.69
CA SER U 152 -3.46 -9.68 38.39
C SER U 152 -4.13 -10.91 37.80
N LEU U 153 -3.56 -12.12 37.95
CA LEU U 153 -3.90 -13.32 37.13
C LEU U 153 -4.20 -14.55 37.97
N VAL U 154 -3.60 -14.67 39.15
CA VAL U 154 -3.94 -15.77 40.08
C VAL U 154 -5.27 -15.49 40.78
N GLY U 155 -6.16 -16.50 40.82
CA GLY U 155 -7.35 -16.59 41.68
C GLY U 155 -8.66 -16.64 40.89
N TYR U 156 -8.62 -16.60 39.57
CA TYR U 156 -9.83 -16.65 38.71
C TYR U 156 -10.04 -18.08 38.19
N THR U 157 -9.02 -18.95 38.27
CA THR U 157 -9.07 -20.34 37.73
C THR U 157 -8.47 -21.33 38.73
N HIS U 158 -8.90 -22.60 38.64
CA HIS U 158 -8.56 -23.69 39.61
C HIS U 158 -7.09 -24.03 39.40
N HIS U 159 -6.63 -23.94 38.14
CA HIS U 159 -5.21 -24.17 37.76
C HIS U 159 -4.31 -23.15 38.48
N SER U 160 -4.76 -21.91 38.54
CA SER U 160 -3.97 -20.78 39.10
C SER U 160 -3.53 -21.12 40.54
N PHE U 161 -4.19 -22.03 41.25
CA PHE U 161 -3.94 -22.24 42.69
C PHE U 161 -2.78 -23.18 42.89
N GLU U 162 -2.53 -24.05 41.91
CA GLU U 162 -1.34 -24.94 41.91
C GLU U 162 -0.11 -24.09 41.56
N VAL U 163 -0.22 -23.24 40.54
CA VAL U 163 0.87 -22.32 40.12
C VAL U 163 1.16 -21.30 41.24
N SER U 164 0.13 -20.76 41.87
CA SER U 164 0.35 -19.76 42.95
C SER U 164 0.99 -20.44 44.17
N GLU U 165 0.78 -21.75 44.35
CA GLU U 165 1.41 -22.51 45.47
C GLU U 165 2.93 -22.33 45.31
N THR U 166 3.47 -22.63 44.13
CA THR U 166 4.94 -22.69 43.84
C THR U 166 5.49 -21.26 43.85
N THR U 167 4.78 -20.33 43.23
CA THR U 167 5.07 -18.85 43.20
C THR U 167 5.23 -18.31 44.63
N ASP U 168 4.40 -18.72 45.58
CA ASP U 168 4.35 -18.24 46.99
C ASP U 168 5.54 -18.79 47.80
N GLU U 169 6.01 -20.01 47.51
CA GLU U 169 7.26 -20.55 48.10
C GLU U 169 8.38 -19.62 47.66
N LEU U 170 8.53 -19.42 46.34
CA LEU U 170 9.60 -18.58 45.73
C LEU U 170 9.58 -17.19 46.38
N PHE U 171 8.39 -16.64 46.54
CA PHE U 171 8.22 -15.32 47.18
C PHE U 171 8.84 -15.41 48.57
N GLU U 172 8.39 -16.36 49.41
CA GLU U 172 8.77 -16.35 50.85
C GLU U 172 10.26 -16.71 51.02
N LYS U 173 10.88 -17.53 50.15
CA LYS U 173 12.35 -17.79 50.16
C LYS U 173 13.11 -16.48 49.87
N LEU U 174 12.75 -15.79 48.79
CA LEU U 174 13.37 -14.53 48.29
C LEU U 174 13.22 -13.39 49.30
N ALA U 175 12.28 -13.45 50.25
CA ALA U 175 12.23 -12.54 51.43
C ALA U 175 12.77 -13.30 52.66
N ASN U 176 11.91 -14.14 53.25
CA ASN U 176 12.07 -14.72 54.62
C ASN U 176 12.02 -16.26 54.53
N SER V 4 40.73 -0.10 23.65
CA SER V 4 41.58 -0.66 24.73
C SER V 4 41.49 -2.20 24.70
N THR V 5 42.38 -2.90 25.39
CA THR V 5 42.27 -4.38 25.53
C THR V 5 41.48 -4.70 26.81
N ASP V 6 41.36 -3.73 27.73
CA ASP V 6 40.59 -3.86 29.00
C ASP V 6 39.06 -3.77 28.76
N ASP V 7 38.70 -3.01 27.70
CA ASP V 7 37.31 -2.87 27.21
C ASP V 7 36.90 -4.16 26.47
N LEU V 8 37.81 -4.74 25.69
CA LEU V 8 37.59 -6.03 24.99
C LEU V 8 37.46 -7.13 26.04
N ASN V 9 38.28 -7.08 27.09
CA ASN V 9 38.24 -8.08 28.19
C ASN V 9 36.93 -7.98 28.98
N LYS V 10 36.31 -6.81 29.07
CA LYS V 10 35.09 -6.64 29.91
C LYS V 10 33.89 -7.13 29.12
N CYS V 11 33.88 -6.90 27.80
CA CYS V 11 32.87 -7.43 26.86
C CYS V 11 32.93 -8.95 26.87
N ILE V 12 34.13 -9.54 26.88
CA ILE V 12 34.31 -11.02 26.88
C ILE V 12 33.76 -11.60 28.19
N ASP V 13 33.98 -10.90 29.30
CA ASP V 13 33.46 -11.30 30.64
C ASP V 13 31.93 -11.26 30.66
N HIS V 14 31.36 -10.18 30.15
CA HIS V 14 29.92 -10.01 29.98
C HIS V 14 29.34 -11.20 29.19
N ILE V 15 29.96 -11.59 28.08
CA ILE V 15 29.44 -12.66 27.18
C ILE V 15 29.61 -14.01 27.84
N SER V 16 30.74 -14.21 28.53
CA SER V 16 30.99 -15.39 29.41
C SER V 16 29.82 -15.61 30.37
N VAL V 17 29.39 -14.55 31.07
CA VAL V 17 28.26 -14.63 32.03
C VAL V 17 27.03 -15.12 31.25
N LEU V 18 26.65 -14.44 30.18
CA LEU V 18 25.43 -14.83 29.44
C LEU V 18 25.52 -16.31 29.08
N ILE V 19 26.68 -16.77 28.59
CA ILE V 19 26.86 -18.18 28.12
C ILE V 19 26.55 -19.12 29.29
N LYS V 20 27.16 -18.94 30.46
CA LYS V 20 26.84 -19.73 31.67
C LYS V 20 25.33 -19.67 31.99
N ASP V 21 24.66 -18.54 31.69
CA ASP V 21 23.21 -18.30 32.03
C ASP V 21 22.37 -19.08 31.03
N ALA V 22 22.64 -18.95 29.74
CA ALA V 22 22.02 -19.79 28.70
C ALA V 22 22.15 -21.25 29.10
N TYR V 23 23.32 -21.65 29.59
CA TYR V 23 23.61 -23.08 29.88
C TYR V 23 22.80 -23.45 31.11
N LEU V 24 22.88 -22.63 32.15
CA LEU V 24 22.09 -22.83 33.39
C LEU V 24 20.60 -23.01 33.05
N LEU V 25 20.06 -22.24 32.11
CA LEU V 25 18.62 -22.25 31.80
C LEU V 25 18.29 -23.47 30.96
N TYR V 26 19.20 -23.86 30.06
CA TYR V 26 19.08 -25.10 29.24
C TYR V 26 19.12 -26.33 30.14
N THR V 27 20.02 -26.42 31.11
CA THR V 27 20.09 -27.60 32.00
C THR V 27 18.83 -27.69 32.88
N ASN V 28 18.10 -26.60 33.15
CA ASN V 28 16.87 -26.61 34.02
C ASN V 28 15.59 -26.64 33.17
N GLU V 29 15.71 -26.92 31.88
CA GLU V 29 14.61 -27.23 30.93
C GLU V 29 13.83 -25.98 30.49
N SER V 30 14.33 -24.76 30.73
CA SER V 30 13.72 -23.51 30.17
C SER V 30 14.31 -23.28 28.77
N PHE V 31 13.98 -24.16 27.83
CA PHE V 31 14.54 -24.14 26.44
C PHE V 31 14.27 -22.80 25.76
N ALA V 32 13.08 -22.20 25.94
CA ALA V 32 12.69 -20.96 25.24
C ALA V 32 13.51 -19.78 25.79
N THR V 33 13.62 -19.64 27.12
CA THR V 33 14.37 -18.52 27.73
C THR V 33 15.84 -18.66 27.36
N SER V 34 16.40 -19.85 27.53
CA SER V 34 17.77 -20.21 27.06
C SER V 34 18.01 -19.74 25.63
N THR V 35 17.08 -20.00 24.74
CA THR V 35 17.21 -19.60 23.32
C THR V 35 17.29 -18.07 23.21
N PHE V 36 16.48 -17.35 24.00
CA PHE V 36 16.47 -15.87 23.97
C PHE V 36 17.91 -15.38 24.16
N ILE V 37 18.51 -15.76 25.32
CA ILE V 37 19.91 -15.43 25.75
C ILE V 37 20.86 -15.87 24.61
N SER V 38 20.64 -17.05 24.00
CA SER V 38 21.61 -17.68 23.07
C SER V 38 21.75 -16.73 21.91
N ILE V 39 20.62 -16.32 21.33
CA ILE V 39 20.56 -15.40 20.17
C ILE V 39 21.02 -14.01 20.60
N THR V 40 20.81 -13.61 21.87
CA THR V 40 21.41 -12.38 22.44
C THR V 40 22.94 -12.49 22.39
N ILE V 41 23.53 -13.58 22.85
CA ILE V 41 25.02 -13.80 22.82
C ILE V 41 25.49 -13.60 21.38
N ILE V 42 24.72 -14.11 20.41
CA ILE V 42 25.08 -14.02 18.97
C ILE V 42 25.12 -12.54 18.56
N GLU V 43 24.11 -11.75 18.95
CA GLU V 43 24.07 -10.29 18.67
C GLU V 43 25.26 -9.57 19.30
N GLU V 44 25.56 -9.82 20.57
CA GLU V 44 26.61 -9.08 21.33
C GLU V 44 27.98 -9.46 20.75
N VAL V 45 28.15 -10.69 20.24
CA VAL V 45 29.46 -11.16 19.71
C VAL V 45 29.72 -10.43 18.39
N GLY V 46 28.68 -10.32 17.56
CA GLY V 46 28.70 -9.48 16.33
C GLY V 46 28.93 -8.01 16.61
N LYS V 47 28.32 -7.45 17.68
CA LYS V 47 28.42 -6.02 18.10
C LYS V 47 29.85 -5.74 18.59
N THR V 48 30.37 -6.56 19.51
CA THR V 48 31.74 -6.46 20.07
C THR V 48 32.80 -6.58 18.97
N HIS V 49 32.54 -7.38 17.94
CA HIS V 49 33.56 -7.75 16.92
C HIS V 49 33.76 -6.64 15.89
N ILE V 50 32.74 -5.83 15.59
CA ILE V 50 32.89 -4.67 14.66
C ILE V 50 33.27 -3.43 15.48
N GLY V 51 33.06 -3.48 16.80
CA GLY V 51 33.53 -2.45 17.75
C GLY V 51 35.04 -2.59 17.96
N MET V 52 35.66 -3.50 17.22
CA MET V 52 37.13 -3.73 17.12
C MET V 52 37.65 -3.22 15.75
N PHE V 53 36.87 -3.43 14.68
CA PHE V 53 37.11 -3.10 13.24
C PHE V 53 38.27 -3.96 12.73
N ALA V 75 23.75 -7.10 9.12
CA ALA V 75 22.32 -7.03 9.51
C ALA V 75 22.14 -7.48 10.96
N PHE V 76 22.83 -8.55 11.42
CA PHE V 76 22.66 -9.21 12.75
C PHE V 76 23.71 -10.29 13.04
N GLY V 77 24.58 -10.04 14.02
CA GLY V 77 25.59 -11.00 14.49
C GLY V 77 26.59 -11.35 13.40
N SER V 78 27.80 -11.78 13.79
CA SER V 78 28.88 -12.25 12.88
C SER V 78 28.76 -13.76 12.73
N LEU V 79 28.78 -14.27 11.49
CA LEU V 79 28.53 -15.70 11.13
C LEU V 79 29.85 -16.44 10.99
N PRO V 80 30.17 -17.41 11.89
CA PRO V 80 31.48 -18.04 11.95
C PRO V 80 31.72 -19.00 10.77
N THR V 81 33.01 -19.25 10.48
CA THR V 81 33.50 -20.15 9.41
C THR V 81 33.38 -21.61 9.89
N ILE V 82 32.37 -22.34 9.39
CA ILE V 82 32.01 -23.74 9.79
C ILE V 82 32.87 -24.72 8.98
N LYS V 83 33.82 -25.42 9.61
CA LYS V 83 34.77 -26.33 8.90
C LYS V 83 34.17 -27.75 8.86
N MET V 84 34.06 -28.33 7.65
CA MET V 84 33.50 -29.68 7.38
C MET V 84 34.02 -30.66 8.44
N GLY V 85 33.10 -31.43 9.05
CA GLY V 85 33.41 -32.40 10.13
C GLY V 85 34.19 -31.77 11.29
N GLY V 86 33.93 -30.50 11.61
CA GLY V 86 34.42 -29.81 12.82
C GLY V 86 33.48 -30.02 14.01
N ARG V 87 33.88 -29.61 15.21
CA ARG V 87 33.15 -29.94 16.47
C ARG V 87 31.67 -29.57 16.39
N LEU V 88 31.31 -28.46 15.71
CA LEU V 88 29.90 -28.02 15.62
C LEU V 88 29.13 -28.99 14.71
N ASN V 89 29.63 -29.27 13.52
CA ASN V 89 28.99 -30.25 12.57
C ASN V 89 28.71 -31.56 13.31
N LYS V 90 29.61 -32.02 14.17
CA LYS V 90 29.50 -33.36 14.81
C LYS V 90 28.37 -33.37 15.86
N ALA V 91 28.06 -32.22 16.44
CA ALA V 91 27.09 -32.10 17.55
C ALA V 91 25.66 -31.87 17.04
N ILE V 92 25.42 -31.19 15.91
CA ILE V 92 24.01 -30.83 15.55
C ILE V 92 23.58 -31.39 14.18
N GLY V 93 24.50 -31.65 13.26
CA GLY V 93 24.18 -32.17 11.92
C GLY V 93 24.22 -31.05 10.89
N ASP V 94 24.73 -31.33 9.67
CA ASP V 94 25.14 -30.31 8.65
C ASP V 94 23.91 -29.61 8.04
N GLU V 95 22.71 -30.19 8.21
CA GLU V 95 21.42 -29.58 7.77
C GLU V 95 20.99 -28.47 8.74
N MET V 96 20.97 -28.80 10.04
CA MET V 96 20.60 -27.86 11.14
C MET V 96 21.61 -26.70 11.17
N ILE V 97 22.88 -26.87 10.78
CA ILE V 97 23.83 -25.72 10.62
C ILE V 97 23.33 -24.82 9.50
N ASP V 98 22.86 -25.43 8.39
CA ASP V 98 22.43 -24.71 7.16
C ASP V 98 21.09 -24.00 7.41
N LYS V 99 20.20 -24.59 8.20
CA LYS V 99 18.95 -23.94 8.68
C LYS V 99 19.28 -22.72 9.56
N ILE V 100 20.17 -22.86 10.56
CA ILE V 100 20.66 -21.76 11.45
C ILE V 100 21.34 -20.68 10.60
N VAL V 101 22.29 -21.06 9.74
CA VAL V 101 23.00 -20.15 8.79
C VAL V 101 21.98 -19.42 7.92
N GLU V 102 20.97 -20.17 7.42
CA GLU V 102 19.83 -19.66 6.60
C GLU V 102 19.02 -18.64 7.41
N ASP V 103 18.71 -18.98 8.66
CA ASP V 103 17.98 -18.09 9.60
C ASP V 103 18.85 -16.86 9.86
N ALA V 104 20.15 -17.06 10.11
CA ALA V 104 21.12 -16.00 10.47
C ALA V 104 21.15 -14.89 9.40
N GLU V 105 21.34 -15.22 8.12
CA GLU V 105 21.45 -14.23 7.00
C GLU V 105 20.06 -13.75 6.52
N THR V 106 18.98 -14.45 6.86
CA THR V 106 17.59 -14.00 6.59
C THR V 106 17.22 -12.92 7.62
N GLY V 107 17.83 -12.96 8.81
CA GLY V 107 17.45 -12.15 9.98
C GLY V 107 16.44 -12.88 10.84
N GLU V 108 16.05 -14.10 10.44
CA GLU V 108 14.96 -14.91 11.08
C GLU V 108 15.29 -15.15 12.55
N LEU V 109 16.56 -15.05 12.94
CA LEU V 109 16.94 -15.16 14.36
C LEU V 109 16.21 -14.08 15.17
N ILE V 110 16.15 -12.86 14.64
CA ILE V 110 15.41 -11.74 15.32
C ILE V 110 14.02 -12.25 15.75
N SER V 111 13.25 -12.74 14.78
CA SER V 111 11.83 -13.18 14.92
C SER V 111 11.75 -14.37 15.90
N ILE V 112 12.71 -15.28 15.83
CA ILE V 112 12.81 -16.47 16.74
C ILE V 112 13.09 -15.96 18.15
N ARG V 113 13.96 -14.97 18.27
CA ARG V 113 14.29 -14.39 19.58
C ARG V 113 13.00 -13.82 20.20
N GLU V 114 12.29 -13.01 19.44
CA GLU V 114 10.99 -12.45 19.88
C GLU V 114 10.11 -13.59 20.39
N SER V 115 9.85 -14.61 19.57
CA SER V 115 8.82 -15.63 19.89
C SER V 115 9.21 -16.42 21.14
N SER V 116 10.50 -16.37 21.54
CA SER V 116 11.12 -17.23 22.58
C SER V 116 10.96 -16.62 23.97
N LEU V 117 10.50 -15.38 24.04
CA LEU V 117 10.31 -14.65 25.32
C LEU V 117 8.89 -14.08 25.46
N TYR V 118 8.33 -13.48 24.43
CA TYR V 118 7.02 -12.78 24.46
C TYR V 118 5.89 -13.68 23.90
N ALA V 119 4.84 -13.88 24.70
CA ALA V 119 3.54 -14.35 24.20
C ALA V 119 3.10 -13.43 23.06
N ASP V 120 2.31 -13.96 22.13
CA ASP V 120 1.87 -13.23 20.91
C ASP V 120 0.52 -13.79 20.44
N ILE V 121 -0.39 -12.90 20.03
CA ILE V 121 -1.71 -13.24 19.42
C ILE V 121 -1.55 -13.18 17.89
N ILE V 122 -1.41 -14.35 17.26
CA ILE V 122 -1.12 -14.51 15.80
C ILE V 122 -2.30 -15.22 15.15
N ASP V 123 -3.03 -14.49 14.31
CA ASP V 123 -4.33 -14.85 13.70
C ASP V 123 -5.33 -15.19 14.81
N ASP V 124 -5.45 -14.30 15.81
CA ASP V 124 -6.55 -14.25 16.80
C ASP V 124 -6.32 -15.24 17.95
N ILE V 125 -5.35 -16.16 17.85
CA ILE V 125 -5.08 -17.24 18.88
C ILE V 125 -3.77 -16.94 19.61
N LEU V 126 -3.71 -17.29 20.90
CA LEU V 126 -2.56 -17.00 21.79
C LEU V 126 -1.47 -18.05 21.59
N GLU V 127 -0.28 -17.58 21.18
CA GLU V 127 0.95 -18.39 20.99
C GLU V 127 1.96 -18.09 22.09
N VAL V 128 2.40 -19.13 22.79
CA VAL V 128 3.31 -19.00 23.97
C VAL V 128 4.72 -19.51 23.64
N PRO V 129 5.81 -18.94 24.18
CA PRO V 129 7.16 -19.39 23.81
C PRO V 129 7.49 -20.88 23.97
N SER V 130 7.02 -21.55 25.03
CA SER V 130 7.23 -23.01 25.23
C SER V 130 6.65 -23.87 24.07
N GLU V 131 5.69 -23.41 23.25
CA GLU V 131 5.12 -24.17 22.10
C GLU V 131 5.87 -23.88 20.76
N LYS V 132 6.78 -22.90 20.73
CA LYS V 132 7.46 -22.43 19.48
C LYS V 132 8.90 -22.97 19.43
N ILE V 133 9.51 -23.31 20.57
CA ILE V 133 10.98 -23.55 20.67
C ILE V 133 11.23 -24.97 21.23
N SER V 134 11.91 -25.80 20.46
CA SER V 134 12.23 -27.20 20.82
C SER V 134 13.61 -27.32 21.46
N LYS V 135 13.80 -28.34 22.31
CA LYS V 135 15.07 -28.58 23.02
C LYS V 135 16.21 -28.70 22.01
N GLU V 136 15.95 -29.35 20.87
CA GLU V 136 16.94 -29.56 19.79
C GLU V 136 17.43 -28.17 19.34
N GLN V 137 16.52 -27.25 19.04
CA GLN V 137 16.84 -25.86 18.58
C GLN V 137 17.55 -25.03 19.67
N SER V 138 17.12 -25.12 20.92
CA SER V 138 17.80 -24.49 22.05
C SER V 138 19.26 -24.98 22.11
N ARG V 139 19.49 -26.28 22.15
CA ARG V 139 20.87 -26.86 22.24
C ARG V 139 21.77 -26.42 21.05
N ALA V 140 21.23 -26.47 19.83
CA ALA V 140 21.92 -26.00 18.61
C ALA V 140 22.27 -24.51 18.73
N LEU V 141 21.33 -23.65 19.16
CA LEU V 141 21.61 -22.18 19.16
C LEU V 141 22.65 -21.82 20.22
N LEU V 142 22.69 -22.52 21.34
CA LEU V 142 23.73 -22.29 22.36
C LEU V 142 25.12 -22.75 21.88
N LEU V 143 25.22 -23.90 21.22
CA LEU V 143 26.49 -24.43 20.67
C LEU V 143 26.96 -23.45 19.60
N TYR V 144 26.05 -22.97 18.75
CA TYR V 144 26.42 -22.10 17.62
C TYR V 144 26.93 -20.79 18.20
N ALA V 145 26.34 -20.34 19.31
CA ALA V 145 26.65 -19.06 19.99
C ALA V 145 28.06 -19.15 20.62
N ILE V 146 28.41 -20.27 21.26
CA ILE V 146 29.76 -20.48 21.85
C ILE V 146 30.76 -20.52 20.69
N GLU V 147 30.48 -21.25 19.62
CA GLU V 147 31.39 -21.36 18.44
C GLU V 147 31.59 -19.96 17.86
N CYS V 148 30.56 -19.12 17.80
CA CYS V 148 30.61 -17.70 17.32
C CYS V 148 31.59 -16.89 18.16
N PHE V 149 31.54 -17.14 19.46
CA PHE V 149 32.38 -16.46 20.47
C PHE V 149 33.86 -16.83 20.29
N ASP V 150 34.17 -18.13 20.25
CA ASP V 150 35.51 -18.75 20.10
C ASP V 150 36.18 -18.35 18.77
N ASP V 151 35.39 -18.23 17.69
CA ASP V 151 35.83 -17.84 16.33
C ASP V 151 36.04 -16.31 16.23
N SER V 152 35.44 -15.49 17.11
CA SER V 152 35.45 -14.03 16.91
C SER V 152 36.32 -13.33 17.97
N LEU V 153 36.38 -13.81 19.20
CA LEU V 153 36.98 -12.99 20.28
C LEU V 153 38.16 -13.68 20.91
N VAL V 154 38.31 -14.99 20.75
CA VAL V 154 39.40 -15.74 21.42
C VAL V 154 40.68 -15.50 20.62
N GLY V 155 41.82 -15.32 21.30
CA GLY V 155 43.13 -15.10 20.65
C GLY V 155 43.58 -13.64 20.52
N TYR V 156 42.73 -12.65 20.77
CA TYR V 156 43.17 -11.22 20.72
C TYR V 156 43.93 -10.92 22.03
N THR V 157 43.32 -11.29 23.16
CA THR V 157 43.85 -10.99 24.51
C THR V 157 44.26 -12.31 25.17
N HIS V 158 45.04 -12.22 26.23
CA HIS V 158 45.56 -13.38 26.99
C HIS V 158 44.41 -13.99 27.79
N HIS V 159 43.60 -13.11 28.37
CA HIS V 159 42.46 -13.48 29.23
C HIS V 159 41.47 -14.33 28.43
N SER V 160 41.31 -14.06 27.14
CA SER V 160 40.31 -14.69 26.25
C SER V 160 40.47 -16.21 26.28
N PHE V 161 41.69 -16.72 26.50
CA PHE V 161 42.03 -18.18 26.45
C PHE V 161 41.61 -18.85 27.75
N GLU V 162 41.91 -18.24 28.89
CA GLU V 162 41.29 -18.61 30.19
C GLU V 162 39.79 -18.84 29.92
N VAL V 163 39.06 -17.83 29.39
CA VAL V 163 37.57 -17.82 29.27
C VAL V 163 37.13 -18.92 28.29
N SER V 164 37.84 -19.04 27.18
CA SER V 164 37.54 -20.05 26.13
C SER V 164 37.72 -21.48 26.63
N GLU V 165 38.58 -21.67 27.65
CA GLU V 165 38.83 -22.96 28.36
C GLU V 165 37.54 -23.41 29.06
N THR V 166 36.94 -22.50 29.82
CA THR V 166 35.62 -22.62 30.51
C THR V 166 34.56 -22.96 29.47
N THR V 167 34.42 -22.13 28.42
CA THR V 167 33.33 -22.24 27.41
C THR V 167 33.48 -23.51 26.59
N ASP V 168 34.68 -24.10 26.55
CA ASP V 168 34.98 -25.36 25.81
C ASP V 168 34.46 -26.55 26.63
N GLU V 169 34.56 -26.56 27.97
CA GLU V 169 33.93 -27.63 28.81
C GLU V 169 32.41 -27.44 28.80
N LEU V 170 31.86 -26.22 28.69
CA LEU V 170 30.39 -26.06 28.55
C LEU V 170 29.96 -26.69 27.23
N PHE V 171 30.71 -26.45 26.17
CA PHE V 171 30.43 -27.02 24.82
C PHE V 171 30.46 -28.56 24.89
N GLU V 172 31.49 -29.13 25.50
CA GLU V 172 31.62 -30.59 25.58
C GLU V 172 30.41 -31.20 26.32
N LYS V 173 30.07 -30.67 27.51
CA LYS V 173 28.96 -31.19 28.35
C LYS V 173 27.64 -31.18 27.56
N LEU V 174 27.36 -30.06 26.90
CA LEU V 174 26.14 -29.82 26.11
C LEU V 174 26.14 -30.66 24.82
N ALA V 175 27.28 -30.95 24.22
CA ALA V 175 27.33 -31.71 22.94
C ALA V 175 27.02 -33.21 23.14
N ASN V 176 27.16 -33.78 24.36
CA ASN V 176 26.73 -35.19 24.71
C ASN V 176 25.59 -35.21 25.72
N SER W 1 -16.17 -72.37 13.69
CA SER W 1 -16.52 -71.81 15.06
C SER W 1 -18.03 -71.48 15.17
N LEU W 2 -18.67 -71.17 14.03
CA LEU W 2 -20.05 -70.61 13.83
C LEU W 2 -21.09 -71.73 13.98
N LYS W 3 -22.37 -71.34 14.02
CA LYS W 3 -23.43 -72.12 14.69
C LYS W 3 -24.81 -71.94 14.03
N SER W 4 -25.07 -70.88 13.29
CA SER W 4 -26.39 -70.63 12.66
C SER W 4 -26.25 -69.60 11.53
N THR W 5 -27.22 -69.52 10.62
CA THR W 5 -27.15 -68.66 9.39
C THR W 5 -27.14 -67.16 9.78
N ASP W 6 -27.62 -66.80 10.99
CA ASP W 6 -27.55 -65.40 11.50
C ASP W 6 -26.10 -65.08 11.86
N ASP W 7 -25.45 -65.97 12.62
CA ASP W 7 -24.01 -65.86 13.01
C ASP W 7 -23.09 -65.82 11.79
N LEU W 8 -23.34 -66.62 10.77
CA LEU W 8 -22.57 -66.57 9.50
C LEU W 8 -22.75 -65.18 8.90
N ASN W 9 -23.96 -64.60 8.97
CA ASN W 9 -24.25 -63.31 8.31
C ASN W 9 -23.58 -62.16 9.09
N LYS W 10 -23.31 -62.34 10.39
CA LYS W 10 -22.71 -61.30 11.25
C LYS W 10 -21.21 -61.30 10.98
N CYS W 11 -20.65 -62.51 10.89
CA CYS W 11 -19.22 -62.77 10.58
C CYS W 11 -18.87 -62.19 9.19
N ILE W 12 -19.74 -62.40 8.21
CA ILE W 12 -19.63 -61.82 6.84
C ILE W 12 -19.65 -60.28 6.92
N ASP W 13 -20.51 -59.70 7.75
CA ASP W 13 -20.69 -58.22 7.84
C ASP W 13 -19.42 -57.64 8.46
N HIS W 14 -18.97 -58.25 9.55
CA HIS W 14 -17.69 -57.92 10.25
C HIS W 14 -16.54 -57.83 9.24
N ILE W 15 -16.25 -58.93 8.55
CA ILE W 15 -15.11 -59.05 7.58
C ILE W 15 -15.34 -58.12 6.40
N SER W 16 -16.59 -57.94 5.98
CA SER W 16 -16.97 -56.95 4.95
C SER W 16 -16.56 -55.56 5.42
N VAL W 17 -16.75 -55.25 6.70
CA VAL W 17 -16.19 -54.03 7.34
C VAL W 17 -14.68 -53.95 7.12
N LEU W 18 -13.90 -54.95 7.57
CA LEU W 18 -12.40 -54.91 7.52
C LEU W 18 -11.91 -54.75 6.07
N ILE W 19 -12.51 -55.43 5.11
CA ILE W 19 -12.12 -55.30 3.67
C ILE W 19 -12.32 -53.85 3.17
N LYS W 20 -13.44 -53.23 3.43
CA LYS W 20 -13.65 -51.80 3.08
C LYS W 20 -12.60 -50.91 3.75
N ASP W 21 -12.17 -51.23 4.99
CA ASP W 21 -11.21 -50.42 5.78
C ASP W 21 -9.79 -50.60 5.19
N ALA W 22 -9.37 -51.84 4.95
CA ALA W 22 -8.12 -52.15 4.24
C ALA W 22 -8.12 -51.51 2.85
N TYR W 23 -9.25 -51.51 2.13
CA TYR W 23 -9.31 -50.82 0.81
C TYR W 23 -9.21 -49.32 1.00
N LEU W 24 -9.85 -48.79 2.03
CA LEU W 24 -9.90 -47.34 2.28
C LEU W 24 -8.48 -46.86 2.59
N LEU W 25 -7.79 -47.55 3.47
CA LEU W 25 -6.39 -47.19 3.81
C LEU W 25 -5.51 -47.33 2.59
N TYR W 26 -5.64 -48.40 1.80
CA TYR W 26 -4.83 -48.66 0.58
C TYR W 26 -4.98 -47.48 -0.40
N THR W 27 -6.19 -47.00 -0.63
CA THR W 27 -6.45 -45.86 -1.56
C THR W 27 -5.93 -44.52 -1.03
N ASN W 28 -5.78 -44.35 0.30
CA ASN W 28 -5.20 -43.13 0.91
C ASN W 28 -3.71 -43.35 1.21
N GLU W 29 -3.12 -44.38 0.61
CA GLU W 29 -1.65 -44.64 0.54
C GLU W 29 -1.07 -45.10 1.88
N SER W 30 -1.88 -45.60 2.81
CA SER W 30 -1.41 -46.22 4.09
C SER W 30 -1.20 -47.73 3.88
N PHE W 31 -0.26 -48.09 3.02
CA PHE W 31 0.02 -49.49 2.59
C PHE W 31 0.33 -50.35 3.83
N ALA W 32 0.99 -49.80 4.82
CA ALA W 32 1.48 -50.60 5.97
C ALA W 32 0.27 -50.97 6.82
N THR W 33 -0.61 -50.02 7.08
CA THR W 33 -1.81 -50.24 7.92
C THR W 33 -2.76 -51.16 7.15
N SER W 34 -3.00 -50.84 5.89
CA SER W 34 -3.85 -51.65 4.99
C SER W 34 -3.43 -53.13 5.10
N THR W 35 -2.11 -53.39 5.10
CA THR W 35 -1.52 -54.74 5.05
C THR W 35 -1.71 -55.41 6.41
N PHE W 36 -1.66 -54.64 7.48
CA PHE W 36 -1.97 -55.15 8.83
C PHE W 36 -3.42 -55.69 8.85
N ILE W 37 -4.37 -55.01 8.20
CA ILE W 37 -5.80 -55.38 8.27
C ILE W 37 -6.02 -56.54 7.31
N SER W 38 -5.39 -56.50 6.14
CA SER W 38 -5.43 -57.57 5.12
C SER W 38 -5.08 -58.85 5.87
N ILE W 39 -3.97 -58.88 6.63
CA ILE W 39 -3.44 -60.13 7.23
C ILE W 39 -4.36 -60.55 8.37
N THR W 40 -5.02 -59.57 9.00
CA THR W 40 -6.02 -59.80 10.07
C THR W 40 -7.24 -60.48 9.45
N ILE W 41 -7.75 -59.96 8.32
CA ILE W 41 -8.83 -60.63 7.54
C ILE W 41 -8.42 -62.09 7.35
N ILE W 42 -7.19 -62.37 6.88
CA ILE W 42 -6.74 -63.75 6.56
C ILE W 42 -6.71 -64.60 7.84
N GLU W 43 -6.29 -64.09 9.00
CA GLU W 43 -6.45 -64.84 10.27
C GLU W 43 -7.93 -65.22 10.43
N GLU W 44 -8.81 -64.21 10.47
CA GLU W 44 -10.23 -64.31 10.89
C GLU W 44 -10.95 -65.36 10.02
N VAL W 45 -10.82 -65.30 8.70
CA VAL W 45 -11.38 -66.32 7.75
C VAL W 45 -10.81 -67.70 8.13
N GLY W 46 -9.51 -67.79 8.38
CA GLY W 46 -8.86 -69.01 8.85
C GLY W 46 -9.49 -69.54 10.13
N LYS W 47 -9.84 -68.64 11.05
CA LYS W 47 -10.41 -69.01 12.37
C LYS W 47 -11.74 -69.73 12.19
N THR W 48 -12.53 -69.41 11.17
CA THR W 48 -13.82 -70.12 10.89
C THR W 48 -13.54 -71.58 10.43
N HIS W 49 -12.32 -71.95 10.03
CA HIS W 49 -11.89 -73.36 9.73
C HIS W 49 -11.13 -73.97 10.95
N ASN W 57 -32.34 -77.16 9.95
CA ASN W 57 -32.08 -78.24 8.94
C ASN W 57 -31.09 -77.74 7.90
N LYS W 58 -30.19 -76.85 8.31
CA LYS W 58 -29.22 -76.14 7.43
C LYS W 58 -28.05 -77.12 7.18
N ASP W 59 -26.96 -76.97 7.95
CA ASP W 59 -25.72 -77.80 7.94
C ASP W 59 -25.12 -77.86 6.53
N ILE W 60 -24.44 -76.76 6.17
CA ILE W 60 -23.71 -76.56 4.89
C ILE W 60 -22.27 -77.06 5.05
N LYS W 61 -21.75 -77.79 4.08
CA LYS W 61 -20.40 -78.38 4.12
C LYS W 61 -19.54 -77.64 3.10
N ARG W 62 -18.33 -77.25 3.53
CA ARG W 62 -17.37 -76.51 2.66
C ARG W 62 -16.57 -77.49 1.81
N GLY W 63 -16.16 -77.00 0.64
CA GLY W 63 -15.30 -77.72 -0.31
C GLY W 63 -13.86 -77.57 0.10
N LYS W 64 -13.11 -78.67 0.09
CA LYS W 64 -11.68 -78.71 0.50
C LYS W 64 -10.85 -79.13 -0.72
N ASP W 65 -9.54 -78.85 -0.68
CA ASP W 65 -8.52 -79.34 -1.65
C ASP W 65 -8.54 -80.87 -1.63
N PRO W 66 -8.66 -81.58 -2.78
CA PRO W 66 -8.69 -83.04 -2.79
C PRO W 66 -7.48 -83.73 -2.14
N LEU W 67 -6.34 -83.03 -2.03
CA LEU W 67 -5.08 -83.59 -1.50
C LEU W 67 -4.89 -83.21 -0.03
N ARG W 68 -5.84 -82.52 0.59
CA ARG W 68 -5.87 -82.31 2.06
C ARG W 68 -6.98 -83.21 2.65
N ASN W 69 -6.61 -84.26 3.42
CA ASN W 69 -7.53 -85.29 4.01
C ASN W 69 -7.58 -85.20 5.56
N HIS W 70 -7.06 -84.12 6.15
CA HIS W 70 -7.25 -83.81 7.60
C HIS W 70 -7.09 -82.30 7.83
N LYS W 71 -7.81 -81.77 8.84
CA LYS W 71 -7.83 -80.35 9.27
C LYS W 71 -6.56 -80.05 10.08
N SER W 72 -6.11 -78.80 10.06
CA SER W 72 -4.78 -78.35 10.57
C SER W 72 -4.95 -77.71 11.96
N LYS W 73 -3.81 -77.34 12.57
CA LYS W 73 -3.69 -76.68 13.90
C LYS W 73 -4.01 -75.18 13.80
N HIS W 74 -3.18 -74.39 13.11
CA HIS W 74 -3.23 -72.90 13.13
C HIS W 74 -4.30 -72.38 12.15
N ALA W 75 -4.77 -71.15 12.40
CA ALA W 75 -5.56 -70.31 11.48
C ALA W 75 -4.86 -70.14 10.11
N PHE W 76 -3.53 -70.07 10.07
CA PHE W 76 -2.73 -69.87 8.82
C PHE W 76 -2.43 -71.23 8.13
N GLY W 77 -2.66 -72.34 8.83
CA GLY W 77 -2.62 -73.68 8.20
C GLY W 77 -3.98 -74.13 7.67
N SER W 78 -5.00 -73.28 7.72
CA SER W 78 -6.40 -73.70 7.43
C SER W 78 -7.04 -72.81 6.36
N LEU W 79 -6.23 -72.10 5.60
CA LEU W 79 -6.70 -71.29 4.44
C LEU W 79 -7.05 -72.23 3.28
N PRO W 80 -8.23 -72.08 2.65
CA PRO W 80 -8.61 -72.94 1.53
C PRO W 80 -7.82 -72.68 0.24
N THR W 81 -7.29 -73.75 -0.35
CA THR W 81 -6.47 -73.67 -1.58
C THR W 81 -7.20 -72.98 -2.71
N ILE W 82 -6.56 -71.99 -3.31
CA ILE W 82 -7.12 -71.21 -4.45
C ILE W 82 -6.88 -72.04 -5.70
N LYS W 83 -7.94 -72.31 -6.45
CA LYS W 83 -7.90 -73.02 -7.75
C LYS W 83 -7.25 -72.12 -8.80
N MET W 84 -6.39 -72.67 -9.65
CA MET W 84 -5.77 -72.01 -10.83
C MET W 84 -6.89 -71.49 -11.73
N GLY W 85 -6.59 -70.56 -12.63
CA GLY W 85 -7.49 -70.08 -13.68
C GLY W 85 -8.37 -68.93 -13.20
N GLY W 86 -8.61 -68.78 -11.88
CA GLY W 86 -9.55 -67.77 -11.31
C GLY W 86 -9.14 -66.31 -11.51
N ARG W 87 -9.84 -65.37 -10.85
CA ARG W 87 -9.56 -63.90 -10.95
C ARG W 87 -8.32 -63.47 -10.12
N LEU W 88 -7.93 -64.26 -9.09
CA LEU W 88 -6.74 -64.00 -8.23
C LEU W 88 -5.45 -64.39 -8.94
N ASN W 89 -5.46 -65.48 -9.72
CA ASN W 89 -4.29 -65.96 -10.53
C ASN W 89 -4.02 -64.97 -11.66
N LYS W 90 -5.07 -64.48 -12.33
CA LYS W 90 -4.95 -63.40 -13.34
C LYS W 90 -4.37 -62.12 -12.72
N ALA W 91 -4.75 -61.74 -11.49
CA ALA W 91 -4.43 -60.41 -10.93
C ALA W 91 -2.99 -60.31 -10.38
N ILE W 92 -2.45 -61.36 -9.75
CA ILE W 92 -1.13 -61.28 -9.03
C ILE W 92 -0.17 -62.37 -9.50
N GLY W 93 -0.65 -63.40 -10.22
CA GLY W 93 0.18 -64.50 -10.75
C GLY W 93 0.29 -65.63 -9.75
N ASP W 94 0.67 -66.82 -10.22
CA ASP W 94 0.64 -68.05 -9.39
C ASP W 94 1.82 -67.95 -8.41
N GLU W 95 2.90 -67.29 -8.83
CA GLU W 95 4.15 -67.21 -8.03
C GLU W 95 3.91 -66.40 -6.76
N MET W 96 3.15 -65.32 -6.84
CA MET W 96 2.80 -64.52 -5.65
C MET W 96 1.87 -65.31 -4.72
N ILE W 97 0.85 -66.01 -5.26
CA ILE W 97 -0.09 -66.82 -4.44
C ILE W 97 0.71 -67.86 -3.65
N ASP W 98 1.64 -68.54 -4.32
CA ASP W 98 2.47 -69.59 -3.69
C ASP W 98 3.37 -68.92 -2.63
N LYS W 99 3.85 -67.70 -2.84
CA LYS W 99 4.69 -67.01 -1.83
C LYS W 99 3.84 -66.72 -0.58
N ILE W 100 2.62 -66.23 -0.76
CA ILE W 100 1.74 -65.81 0.35
C ILE W 100 1.38 -67.06 1.16
N VAL W 101 1.14 -68.17 0.46
CA VAL W 101 0.74 -69.46 1.09
C VAL W 101 1.93 -70.01 1.87
N GLU W 102 3.08 -70.16 1.24
CA GLU W 102 4.34 -70.55 1.93
C GLU W 102 4.48 -69.66 3.18
N ASP W 103 4.48 -68.32 3.01
CA ASP W 103 4.64 -67.30 4.10
C ASP W 103 3.60 -67.53 5.21
N ALA W 104 2.41 -68.02 4.90
CA ALA W 104 1.37 -68.31 5.92
C ALA W 104 1.74 -69.57 6.71
N GLU W 105 2.29 -70.61 6.04
CA GLU W 105 2.68 -71.90 6.67
C GLU W 105 4.00 -71.74 7.45
N THR W 106 4.86 -70.80 7.06
CA THR W 106 6.20 -70.51 7.66
C THR W 106 6.09 -69.65 8.91
N GLY W 107 5.02 -68.87 9.06
CA GLY W 107 4.89 -67.88 10.14
C GLY W 107 5.63 -66.60 9.81
N GLU W 108 6.03 -66.44 8.54
CA GLU W 108 6.50 -65.16 7.95
C GLU W 108 5.38 -64.12 7.99
N LEU W 109 4.13 -64.53 7.72
CA LEU W 109 2.97 -63.60 7.66
C LEU W 109 2.83 -62.95 9.04
N ILE W 110 3.00 -63.73 10.09
CA ILE W 110 2.95 -63.19 11.47
C ILE W 110 4.03 -62.12 11.61
N SER W 111 5.24 -62.34 11.10
CA SER W 111 6.32 -61.32 11.18
C SER W 111 5.96 -60.07 10.36
N ILE W 112 5.45 -60.24 9.13
CA ILE W 112 5.10 -59.14 8.20
C ILE W 112 4.06 -58.26 8.89
N ARG W 113 3.04 -58.89 9.51
CA ARG W 113 1.96 -58.18 10.26
C ARG W 113 2.60 -57.35 11.39
N GLU W 114 3.50 -57.94 12.17
CA GLU W 114 4.18 -57.23 13.29
C GLU W 114 4.88 -56.00 12.73
N SER W 115 5.57 -56.13 11.61
CA SER W 115 6.40 -55.06 11.01
C SER W 115 5.54 -54.08 10.23
N SER W 116 4.25 -54.30 10.09
CA SER W 116 3.39 -53.39 9.31
C SER W 116 2.73 -52.33 10.24
N LEU W 117 2.82 -52.51 11.56
CA LEU W 117 2.14 -51.60 12.51
C LEU W 117 3.07 -51.08 13.62
N TYR W 118 4.06 -51.84 14.03
CA TYR W 118 4.95 -51.49 15.18
C TYR W 118 6.37 -51.25 14.66
N ALA W 119 6.94 -50.09 14.95
CA ALA W 119 8.38 -49.82 14.81
C ALA W 119 9.18 -50.87 15.60
N ASP W 120 10.41 -51.12 15.18
CA ASP W 120 11.27 -52.16 15.77
C ASP W 120 12.72 -51.75 15.48
N ILE W 121 13.61 -52.12 16.37
CA ILE W 121 15.08 -52.00 16.20
C ILE W 121 15.60 -53.41 15.90
N ILE W 122 15.80 -53.74 14.61
CA ILE W 122 16.39 -55.04 14.17
C ILE W 122 17.72 -54.78 13.43
N ASP W 123 18.72 -55.60 13.75
CA ASP W 123 20.17 -55.30 13.65
C ASP W 123 20.46 -54.33 14.81
N ASP W 124 20.64 -53.04 14.52
CA ASP W 124 20.50 -51.98 15.55
C ASP W 124 20.23 -50.67 14.81
N ILE W 125 19.50 -50.81 13.70
CA ILE W 125 18.87 -49.73 12.90
C ILE W 125 17.38 -49.70 13.28
N LEU W 126 16.78 -48.49 13.37
CA LEU W 126 15.33 -48.35 13.65
C LEU W 126 14.55 -48.59 12.36
N GLU W 127 13.72 -49.63 12.35
CA GLU W 127 12.86 -49.97 11.19
C GLU W 127 11.45 -49.49 11.49
N VAL W 128 10.78 -48.96 10.47
CA VAL W 128 9.46 -48.29 10.57
C VAL W 128 8.53 -48.88 9.49
N PRO W 129 7.25 -49.15 9.83
CA PRO W 129 6.33 -49.81 8.88
C PRO W 129 6.26 -49.20 7.49
N SER W 130 6.42 -47.88 7.40
CA SER W 130 6.37 -47.10 6.15
C SER W 130 7.31 -47.73 5.12
N GLU W 131 8.54 -48.07 5.52
CA GLU W 131 9.61 -48.45 4.56
C GLU W 131 9.59 -49.97 4.30
N LYS W 132 9.07 -50.78 5.23
CA LYS W 132 9.13 -52.27 5.18
C LYS W 132 7.97 -52.91 4.40
N ILE W 133 6.95 -52.14 4.02
CA ILE W 133 5.75 -52.66 3.29
C ILE W 133 5.61 -51.81 2.03
N SER W 134 5.63 -52.46 0.87
CA SER W 134 5.50 -51.88 -0.47
C SER W 134 4.04 -51.91 -0.95
N LYS W 135 3.72 -51.05 -1.88
CA LYS W 135 2.37 -50.96 -2.50
C LYS W 135 2.04 -52.32 -3.14
N GLU W 136 3.02 -52.93 -3.77
CA GLU W 136 2.80 -54.16 -4.56
C GLU W 136 2.33 -55.26 -3.60
N GLN W 137 2.99 -55.35 -2.45
CA GLN W 137 2.71 -56.33 -1.37
C GLN W 137 1.35 -56.03 -0.73
N SER W 138 1.04 -54.77 -0.56
CA SER W 138 -0.22 -54.36 0.12
C SER W 138 -1.40 -54.78 -0.77
N ARG W 139 -1.30 -54.53 -2.07
CA ARG W 139 -2.36 -54.83 -3.06
C ARG W 139 -2.54 -56.36 -3.12
N ALA W 140 -1.46 -57.10 -3.26
CA ALA W 140 -1.50 -58.58 -3.25
C ALA W 140 -2.22 -59.09 -1.99
N LEU W 141 -1.89 -58.61 -0.80
CA LEU W 141 -2.39 -59.34 0.39
C LEU W 141 -3.88 -59.04 0.52
N LEU W 142 -4.30 -57.88 0.04
CA LEU W 142 -5.75 -57.50 0.09
C LEU W 142 -6.53 -58.34 -0.93
N LEU W 143 -6.01 -58.52 -2.14
CA LEU W 143 -6.69 -59.34 -3.17
C LEU W 143 -6.81 -60.74 -2.62
N TYR W 144 -5.69 -61.40 -2.26
CA TYR W 144 -5.69 -62.73 -1.58
C TYR W 144 -6.71 -62.76 -0.44
N ALA W 145 -6.76 -61.72 0.43
CA ALA W 145 -7.71 -61.64 1.56
C ALA W 145 -9.17 -61.70 1.07
N ILE W 146 -9.52 -60.87 0.09
CA ILE W 146 -10.87 -60.77 -0.51
C ILE W 146 -11.22 -62.12 -1.10
N GLU W 147 -10.31 -62.74 -1.84
CA GLU W 147 -10.63 -63.98 -2.58
C GLU W 147 -10.89 -65.09 -1.57
N CYS W 148 -10.05 -65.25 -0.54
CA CYS W 148 -10.21 -66.38 0.39
C CYS W 148 -11.49 -66.16 1.23
N PHE W 149 -11.93 -64.93 1.49
CA PHE W 149 -13.28 -64.57 2.07
C PHE W 149 -14.49 -64.91 1.16
N ASP W 150 -14.36 -64.65 -0.17
CA ASP W 150 -15.40 -64.95 -1.18
C ASP W 150 -15.45 -66.47 -1.46
N ASP W 151 -14.35 -67.19 -1.33
CA ASP W 151 -14.30 -68.66 -1.51
C ASP W 151 -14.85 -69.40 -0.27
N SER W 152 -14.74 -68.83 0.92
CA SER W 152 -14.95 -69.54 2.21
C SER W 152 -16.35 -69.32 2.78
N LEU W 153 -16.97 -68.14 2.58
CA LEU W 153 -18.11 -67.60 3.38
C LEU W 153 -19.23 -67.04 2.49
N VAL W 154 -18.88 -66.45 1.36
CA VAL W 154 -19.90 -66.03 0.37
C VAL W 154 -20.49 -67.25 -0.33
N GLY W 155 -21.83 -67.28 -0.47
CA GLY W 155 -22.60 -68.19 -1.35
C GLY W 155 -23.47 -69.21 -0.61
N TYR W 156 -23.46 -69.22 0.73
CA TYR W 156 -24.30 -70.13 1.54
C TYR W 156 -25.54 -69.40 2.08
N THR W 157 -25.64 -68.07 1.96
CA THR W 157 -26.82 -67.30 2.45
C THR W 157 -27.24 -66.27 1.40
N HIS W 158 -28.47 -65.74 1.49
CA HIS W 158 -29.01 -64.75 0.54
C HIS W 158 -28.33 -63.41 0.83
N HIS W 159 -28.12 -63.10 2.09
CA HIS W 159 -27.45 -61.85 2.52
C HIS W 159 -26.08 -61.74 1.85
N SER W 160 -25.34 -62.86 1.80
CA SER W 160 -23.95 -62.95 1.28
C SER W 160 -23.87 -62.39 -0.15
N PHE W 161 -24.97 -62.32 -0.89
CA PHE W 161 -24.90 -61.91 -2.31
C PHE W 161 -24.82 -60.39 -2.38
N GLU W 162 -25.45 -59.70 -1.44
CA GLU W 162 -25.41 -58.20 -1.44
C GLU W 162 -23.98 -57.77 -1.06
N VAL W 163 -23.40 -58.49 -0.10
CA VAL W 163 -22.04 -58.21 0.44
C VAL W 163 -20.98 -58.63 -0.56
N SER W 164 -21.21 -59.66 -1.36
CA SER W 164 -20.22 -60.12 -2.37
C SER W 164 -20.26 -59.18 -3.58
N GLU W 165 -21.43 -58.61 -3.90
CA GLU W 165 -21.52 -57.55 -4.92
C GLU W 165 -20.43 -56.52 -4.61
N THR W 166 -20.50 -55.87 -3.46
CA THR W 166 -19.65 -54.69 -3.10
C THR W 166 -18.19 -55.14 -3.11
N THR W 167 -17.90 -56.32 -2.54
CA THR W 167 -16.57 -56.95 -2.43
C THR W 167 -16.00 -57.23 -3.83
N ASP W 168 -16.86 -57.54 -4.81
CA ASP W 168 -16.49 -57.88 -6.21
C ASP W 168 -16.15 -56.61 -7.02
N GLU W 169 -16.71 -55.45 -6.69
CA GLU W 169 -16.33 -54.11 -7.27
C GLU W 169 -14.97 -53.71 -6.72
N LEU W 170 -14.73 -53.86 -5.40
CA LEU W 170 -13.44 -53.52 -4.73
C LEU W 170 -12.38 -54.35 -5.41
N PHE W 171 -12.63 -55.64 -5.59
CA PHE W 171 -11.67 -56.56 -6.21
C PHE W 171 -11.32 -55.97 -7.56
N GLU W 172 -12.30 -55.79 -8.44
CA GLU W 172 -11.99 -55.45 -9.85
C GLU W 172 -11.32 -54.08 -9.93
N LYS W 173 -11.62 -53.12 -9.04
CA LYS W 173 -10.97 -51.78 -8.98
C LYS W 173 -9.49 -51.94 -8.64
N LEU W 174 -9.18 -52.70 -7.59
CA LEU W 174 -7.80 -53.01 -7.08
C LEU W 174 -7.01 -53.83 -8.11
N ALA W 175 -7.59 -54.87 -8.70
CA ALA W 175 -6.92 -55.69 -9.75
C ALA W 175 -6.65 -54.81 -10.97
N ASN W 176 -7.58 -53.89 -11.28
CA ASN W 176 -7.65 -53.05 -12.52
C ASN W 176 -7.25 -53.88 -13.75
N SER X 4 19.29 -41.06 19.28
CA SER X 4 19.40 -40.12 18.13
C SER X 4 18.14 -39.27 18.04
N THR X 5 18.22 -38.09 17.42
CA THR X 5 17.04 -37.19 17.22
C THR X 5 16.33 -37.58 15.90
N ASP X 6 17.01 -38.33 15.02
CA ASP X 6 16.41 -38.78 13.72
C ASP X 6 15.69 -40.15 13.85
N ASP X 7 16.04 -40.90 14.90
CA ASP X 7 15.28 -42.08 15.40
C ASP X 7 13.97 -41.60 16.05
N LEU X 8 14.01 -40.54 16.88
CA LEU X 8 12.81 -39.96 17.53
C LEU X 8 11.94 -39.31 16.44
N ASN X 9 12.53 -38.74 15.40
CA ASN X 9 11.73 -38.17 14.29
C ASN X 9 11.05 -39.24 13.44
N LYS X 10 11.57 -40.46 13.35
CA LYS X 10 10.97 -41.47 12.44
C LYS X 10 9.91 -42.28 13.20
N CYS X 11 9.99 -42.30 14.54
CA CYS X 11 8.92 -42.77 15.44
C CYS X 11 7.74 -41.79 15.42
N ILE X 12 8.02 -40.49 15.36
CA ILE X 12 6.98 -39.41 15.33
C ILE X 12 6.33 -39.40 13.96
N ASP X 13 7.03 -39.85 12.93
CA ASP X 13 6.45 -39.89 11.55
C ASP X 13 5.52 -41.11 11.46
N HIS X 14 5.99 -42.24 11.97
CA HIS X 14 5.19 -43.47 12.12
C HIS X 14 3.87 -43.19 12.87
N ILE X 15 3.89 -42.45 14.00
CA ILE X 15 2.72 -42.21 14.88
C ILE X 15 1.75 -41.24 14.20
N SER X 16 2.29 -40.22 13.55
CA SER X 16 1.57 -39.24 12.68
C SER X 16 0.73 -39.96 11.59
N VAL X 17 1.32 -40.95 10.91
CA VAL X 17 0.64 -41.82 9.89
C VAL X 17 -0.55 -42.47 10.59
N LEU X 18 -0.30 -43.28 11.61
CA LEU X 18 -1.37 -43.98 12.36
C LEU X 18 -2.50 -42.99 12.72
N ILE X 19 -2.19 -41.81 13.26
CA ILE X 19 -3.22 -40.82 13.66
C ILE X 19 -4.08 -40.47 12.44
N LYS X 20 -3.47 -40.16 11.31
CA LYS X 20 -4.26 -39.80 10.10
C LYS X 20 -5.15 -40.98 9.70
N ASP X 21 -4.69 -42.22 9.92
CA ASP X 21 -5.40 -43.48 9.56
C ASP X 21 -6.56 -43.66 10.54
N ALA X 22 -6.33 -43.57 11.85
CA ALA X 22 -7.40 -43.53 12.88
C ALA X 22 -8.44 -42.49 12.46
N TYR X 23 -8.00 -41.31 12.05
CA TYR X 23 -8.92 -40.20 11.72
C TYR X 23 -9.69 -40.61 10.46
N LEU X 24 -8.95 -41.05 9.45
CA LEU X 24 -9.56 -41.52 8.18
C LEU X 24 -10.65 -42.54 8.49
N LEU X 25 -10.39 -43.50 9.37
CA LEU X 25 -11.30 -44.63 9.64
C LEU X 25 -12.48 -44.11 10.46
N TYR X 26 -12.21 -43.19 11.40
CA TYR X 26 -13.29 -42.53 12.18
C TYR X 26 -14.21 -41.67 11.28
N THR X 27 -13.68 -40.95 10.29
CA THR X 27 -14.55 -40.15 9.39
C THR X 27 -15.33 -41.02 8.40
N ASN X 28 -14.92 -42.25 8.05
CA ASN X 28 -15.71 -43.17 7.16
C ASN X 28 -16.56 -44.15 7.96
N GLU X 29 -16.73 -43.92 9.25
CA GLU X 29 -17.67 -44.60 10.19
C GLU X 29 -17.20 -46.02 10.61
N SER X 30 -15.94 -46.40 10.37
CA SER X 30 -15.36 -47.66 10.91
C SER X 30 -14.89 -47.42 12.35
N PHE X 31 -15.80 -47.29 13.30
CA PHE X 31 -15.48 -46.83 14.68
C PHE X 31 -14.68 -47.88 15.43
N ALA X 32 -14.95 -49.16 15.17
CA ALA X 32 -14.28 -50.28 15.85
C ALA X 32 -12.80 -50.31 15.40
N THR X 33 -12.55 -50.28 14.10
CA THR X 33 -11.18 -50.35 13.55
C THR X 33 -10.40 -49.12 13.98
N SER X 34 -10.98 -47.92 13.86
CA SER X 34 -10.35 -46.64 14.34
C SER X 34 -9.88 -46.88 15.79
N THR X 35 -10.75 -47.38 16.64
CA THR X 35 -10.42 -47.53 18.07
C THR X 35 -9.19 -48.44 18.18
N PHE X 36 -9.09 -49.48 17.34
CA PHE X 36 -7.97 -50.45 17.40
C PHE X 36 -6.65 -49.73 17.19
N ILE X 37 -6.61 -48.82 16.19
CA ILE X 37 -5.43 -47.95 15.85
C ILE X 37 -5.20 -46.95 17.00
N SER X 38 -6.27 -46.41 17.60
CA SER X 38 -6.20 -45.31 18.59
C SER X 38 -5.44 -45.85 19.78
N ILE X 39 -5.88 -46.98 20.29
CA ILE X 39 -5.24 -47.66 21.44
C ILE X 39 -3.85 -48.11 21.03
N THR X 40 -3.63 -48.48 19.76
CA THR X 40 -2.27 -48.81 19.26
C THR X 40 -1.37 -47.57 19.38
N ILE X 41 -1.85 -46.39 18.98
CA ILE X 41 -1.10 -45.10 19.09
C ILE X 41 -0.72 -44.84 20.56
N ILE X 42 -1.59 -45.19 21.50
CA ILE X 42 -1.37 -45.00 22.96
C ILE X 42 -0.18 -45.88 23.38
N GLU X 43 -0.18 -47.15 22.95
CA GLU X 43 0.91 -48.13 23.24
C GLU X 43 2.24 -47.64 22.67
N GLU X 44 2.27 -47.22 21.40
CA GLU X 44 3.52 -46.82 20.69
C GLU X 44 4.07 -45.53 21.32
N VAL X 45 3.22 -44.56 21.65
CA VAL X 45 3.65 -43.29 22.31
C VAL X 45 4.29 -43.65 23.67
N GLY X 46 3.60 -44.44 24.50
CA GLY X 46 4.15 -45.06 25.72
C GLY X 46 5.49 -45.77 25.54
N LYS X 47 5.65 -46.53 24.44
CA LYS X 47 6.89 -47.30 24.08
C LYS X 47 8.02 -46.36 23.67
N THR X 48 7.77 -45.45 22.73
CA THR X 48 8.74 -44.43 22.25
C THR X 48 9.25 -43.54 23.40
N HIS X 49 8.43 -43.31 24.43
CA HIS X 49 8.70 -42.32 25.50
C HIS X 49 9.58 -42.97 26.56
N ILE X 50 9.37 -44.27 26.81
CA ILE X 50 10.26 -45.15 27.60
C ILE X 50 11.60 -45.33 26.86
N GLY X 51 11.57 -45.37 25.53
CA GLY X 51 12.79 -45.50 24.69
C GLY X 51 13.49 -44.17 24.47
N MET X 52 13.41 -43.26 25.46
CA MET X 52 14.26 -42.04 25.58
C MET X 52 14.98 -42.02 26.95
N PHE X 53 14.38 -42.60 28.00
CA PHE X 53 14.92 -42.66 29.38
C PHE X 53 14.97 -44.12 29.87
N GLY X 77 0.10 -47.94 28.59
CA GLY X 77 0.80 -46.81 27.96
C GLY X 77 1.19 -45.69 28.94
N SER X 78 1.41 -44.48 28.37
CA SER X 78 1.72 -43.20 29.09
C SER X 78 0.43 -42.45 29.48
N LEU X 79 0.46 -41.67 30.58
CA LEU X 79 -0.76 -41.08 31.19
C LEU X 79 -0.70 -39.56 31.14
N PRO X 80 -1.31 -38.97 30.09
CA PRO X 80 -1.20 -37.55 29.78
C PRO X 80 -1.72 -36.76 30.98
N THR X 81 -0.98 -35.72 31.38
CA THR X 81 -1.36 -34.76 32.44
C THR X 81 -2.69 -34.08 32.05
N ILE X 82 -3.75 -34.18 32.87
CA ILE X 82 -5.11 -33.72 32.43
C ILE X 82 -5.42 -32.31 32.97
N GLY X 85 -8.72 -27.54 33.55
CA GLY X 85 -9.57 -28.45 32.74
C GLY X 85 -9.77 -27.93 31.32
N GLY X 86 -8.91 -28.32 30.36
CA GLY X 86 -8.85 -27.70 29.02
C GLY X 86 -9.12 -28.66 27.86
N ARG X 87 -8.58 -28.30 26.68
CA ARG X 87 -8.69 -28.99 25.37
C ARG X 87 -9.52 -30.29 25.45
N LEU X 88 -9.06 -31.29 26.20
CA LEU X 88 -9.61 -32.67 26.21
C LEU X 88 -10.85 -32.74 27.10
N ASN X 89 -10.83 -32.11 28.27
CA ASN X 89 -12.05 -32.02 29.13
C ASN X 89 -13.19 -31.50 28.24
N LYS X 90 -12.98 -30.34 27.61
CA LYS X 90 -14.00 -29.58 26.83
C LYS X 90 -14.60 -30.44 25.71
N ALA X 91 -13.83 -31.41 25.19
CA ALA X 91 -14.20 -32.19 23.99
C ALA X 91 -14.88 -33.50 24.36
N ILE X 92 -14.67 -34.10 25.53
CA ILE X 92 -15.34 -35.41 25.81
C ILE X 92 -16.15 -35.30 27.11
N GLY X 93 -15.67 -34.54 28.09
CA GLY X 93 -16.33 -34.44 29.41
C GLY X 93 -15.54 -35.19 30.46
N ASP X 94 -15.44 -34.59 31.65
CA ASP X 94 -14.52 -34.96 32.76
C ASP X 94 -14.72 -36.43 33.19
N GLU X 95 -15.92 -37.00 33.00
CA GLU X 95 -16.25 -38.41 33.35
C GLU X 95 -15.46 -39.37 32.45
N MET X 96 -15.54 -39.14 31.13
CA MET X 96 -14.95 -39.99 30.08
C MET X 96 -13.41 -39.93 30.15
N ILE X 97 -12.79 -38.88 30.69
CA ILE X 97 -11.32 -38.90 30.98
C ILE X 97 -11.04 -39.91 32.10
N ASP X 98 -11.92 -40.01 33.09
CA ASP X 98 -11.70 -40.84 34.30
C ASP X 98 -12.04 -42.29 33.97
N LYS X 99 -13.00 -42.52 33.06
CA LYS X 99 -13.30 -43.87 32.51
C LYS X 99 -12.08 -44.40 31.74
N ILE X 100 -11.55 -43.62 30.79
CA ILE X 100 -10.36 -43.96 29.97
C ILE X 100 -9.16 -44.19 30.91
N VAL X 101 -8.94 -43.30 31.90
CA VAL X 101 -7.77 -43.39 32.83
C VAL X 101 -7.91 -44.66 33.68
N GLU X 102 -9.14 -44.99 34.13
CA GLU X 102 -9.41 -46.22 34.92
C GLU X 102 -9.22 -47.46 34.04
N ASP X 103 -9.59 -47.35 32.76
CA ASP X 103 -9.44 -48.42 31.72
C ASP X 103 -7.94 -48.64 31.41
N ALA X 104 -7.10 -47.59 31.51
CA ALA X 104 -5.63 -47.67 31.31
C ALA X 104 -5.00 -48.50 32.43
N GLU X 105 -5.28 -48.16 33.69
CA GLU X 105 -4.66 -48.73 34.91
C GLU X 105 -5.20 -50.15 35.19
N THR X 106 -6.43 -50.47 34.79
CA THR X 106 -7.00 -51.85 34.80
C THR X 106 -6.29 -52.69 33.74
N GLY X 107 -5.78 -52.06 32.68
CA GLY X 107 -5.36 -52.75 31.45
C GLY X 107 -6.54 -53.06 30.56
N GLU X 108 -7.77 -52.66 30.95
CA GLU X 108 -9.07 -52.86 30.21
C GLU X 108 -8.96 -52.20 28.82
N LEU X 109 -7.93 -51.38 28.58
CA LEU X 109 -7.60 -50.86 27.23
C LEU X 109 -7.15 -52.01 26.30
N ILE X 110 -6.27 -52.90 26.77
CA ILE X 110 -5.88 -54.15 26.05
C ILE X 110 -7.14 -54.92 25.61
N SER X 111 -8.10 -55.20 26.51
CA SER X 111 -9.39 -55.90 26.25
C SER X 111 -10.22 -55.19 25.17
N ILE X 112 -10.29 -53.85 25.27
CA ILE X 112 -11.09 -53.00 24.34
C ILE X 112 -10.41 -53.05 22.98
N ARG X 113 -9.08 -53.11 22.97
CA ARG X 113 -8.35 -53.23 21.68
C ARG X 113 -8.69 -54.58 21.04
N GLU X 114 -8.56 -55.67 21.79
CA GLU X 114 -8.88 -57.04 21.32
C GLU X 114 -10.32 -57.06 20.76
N SER X 115 -11.30 -56.54 21.50
CA SER X 115 -12.73 -56.66 21.12
C SER X 115 -13.04 -55.78 19.91
N SER X 116 -12.15 -54.84 19.58
CA SER X 116 -12.38 -53.81 18.52
C SER X 116 -11.88 -54.30 17.16
N LEU X 117 -11.14 -55.40 17.12
CA LEU X 117 -10.69 -55.99 15.84
C LEU X 117 -11.17 -57.44 15.63
N TYR X 118 -11.13 -58.27 16.68
CA TYR X 118 -11.40 -59.73 16.59
C TYR X 118 -12.83 -60.03 17.09
N ALA X 119 -13.60 -60.78 16.30
CA ALA X 119 -14.83 -61.48 16.74
C ALA X 119 -14.45 -62.45 17.86
N ASP X 120 -15.38 -62.74 18.77
CA ASP X 120 -15.16 -63.66 19.92
C ASP X 120 -16.46 -64.39 20.25
N ILE X 121 -16.36 -65.68 20.59
CA ILE X 121 -17.46 -66.50 21.15
C ILE X 121 -17.34 -66.41 22.69
N ILE X 122 -18.23 -65.63 23.31
CA ILE X 122 -18.29 -65.35 24.77
C ILE X 122 -19.67 -65.82 25.27
N ASP X 123 -19.68 -66.85 26.13
CA ASP X 123 -20.87 -67.53 26.73
C ASP X 123 -21.59 -68.42 25.70
N ASP X 124 -20.95 -68.73 24.56
CA ASP X 124 -21.52 -69.62 23.51
C ASP X 124 -22.25 -68.80 22.43
N ILE X 125 -22.14 -67.46 22.42
CA ILE X 125 -22.74 -66.56 21.38
C ILE X 125 -21.64 -65.70 20.73
N LEU X 126 -21.77 -65.44 19.44
CA LEU X 126 -20.79 -64.67 18.64
C LEU X 126 -20.94 -63.19 18.96
N GLU X 127 -19.84 -62.55 19.38
CA GLU X 127 -19.74 -61.08 19.58
C GLU X 127 -18.84 -60.48 18.51
N VAL X 128 -19.30 -59.41 17.86
CA VAL X 128 -18.62 -58.77 16.71
C VAL X 128 -18.17 -57.36 17.10
N PRO X 129 -17.02 -56.85 16.62
CA PRO X 129 -16.56 -55.50 17.01
C PRO X 129 -17.55 -54.33 16.86
N SER X 130 -18.34 -54.28 15.78
CA SER X 130 -19.33 -53.20 15.56
C SER X 130 -20.32 -53.11 16.73
N GLU X 131 -20.58 -54.18 17.50
CA GLU X 131 -21.58 -54.16 18.62
C GLU X 131 -20.94 -53.81 19.97
N LYS X 132 -19.61 -53.63 20.03
CA LYS X 132 -18.85 -53.48 21.30
C LYS X 132 -18.33 -52.04 21.45
N ILE X 133 -18.16 -51.32 20.35
CA ILE X 133 -17.43 -50.03 20.33
C ILE X 133 -18.39 -48.97 19.78
N SER X 134 -18.74 -47.96 20.59
CA SER X 134 -19.62 -46.83 20.20
C SER X 134 -18.83 -45.65 19.61
N LYS X 135 -19.50 -44.86 18.77
CA LYS X 135 -18.89 -43.69 18.10
C LYS X 135 -18.30 -42.77 19.16
N GLU X 136 -18.97 -42.66 20.31
CA GLU X 136 -18.58 -41.71 21.40
C GLU X 136 -17.24 -42.15 21.97
N GLN X 137 -17.04 -43.45 22.18
CA GLN X 137 -15.77 -44.05 22.70
C GLN X 137 -14.65 -43.96 21.64
N SER X 138 -14.98 -44.22 20.39
CA SER X 138 -14.03 -44.07 19.29
C SER X 138 -13.48 -42.64 19.30
N ARG X 139 -14.33 -41.64 19.26
CA ARG X 139 -13.91 -40.21 19.20
C ARG X 139 -13.06 -39.86 20.44
N ALA X 140 -13.46 -40.33 21.62
CA ALA X 140 -12.75 -40.04 22.89
C ALA X 140 -11.35 -40.66 22.86
N LEU X 141 -11.20 -41.88 22.34
CA LEU X 141 -9.91 -42.63 22.36
C LEU X 141 -8.94 -42.10 21.30
N LEU X 142 -9.45 -41.60 20.19
CA LEU X 142 -8.62 -40.83 19.24
C LEU X 142 -8.10 -39.50 19.85
N LEU X 143 -8.95 -38.77 20.57
CA LEU X 143 -8.59 -37.43 21.07
C LEU X 143 -7.56 -37.64 22.16
N TYR X 144 -7.79 -38.61 23.02
CA TYR X 144 -6.88 -38.91 24.15
C TYR X 144 -5.53 -39.35 23.59
N ALA X 145 -5.57 -40.12 22.52
CA ALA X 145 -4.36 -40.63 21.84
C ALA X 145 -3.56 -39.43 21.29
N ILE X 146 -4.17 -38.45 20.60
CA ILE X 146 -3.44 -37.27 20.07
C ILE X 146 -2.95 -36.44 21.27
N GLU X 147 -3.71 -36.32 22.34
CA GLU X 147 -3.30 -35.53 23.54
C GLU X 147 -2.10 -36.25 24.17
N CYS X 148 -2.08 -37.59 24.22
CA CYS X 148 -0.95 -38.42 24.71
C CYS X 148 0.32 -38.14 23.90
N PHE X 149 0.15 -37.95 22.59
CA PHE X 149 1.22 -37.64 21.63
C PHE X 149 1.77 -36.22 21.84
N ASP X 150 0.93 -35.19 21.89
CA ASP X 150 1.36 -33.77 22.15
C ASP X 150 2.04 -33.60 23.53
N ASP X 151 1.57 -34.33 24.53
CA ASP X 151 1.99 -34.30 25.96
C ASP X 151 3.30 -35.08 26.14
N SER X 152 3.68 -35.99 25.24
CA SER X 152 4.86 -36.87 25.43
C SER X 152 5.99 -36.53 24.45
N LEU X 153 5.72 -36.24 23.17
CA LEU X 153 6.77 -36.27 22.12
C LEU X 153 6.96 -34.90 21.46
N VAL X 154 6.01 -33.99 21.61
CA VAL X 154 6.17 -32.63 21.06
C VAL X 154 7.13 -31.84 21.95
N GLY X 155 8.08 -31.10 21.35
CA GLY X 155 8.98 -30.18 22.06
C GLY X 155 10.41 -30.67 22.18
N TYR X 156 10.70 -31.96 21.95
CA TYR X 156 12.07 -32.49 22.04
C TYR X 156 12.84 -32.16 20.75
N THR X 157 12.17 -32.17 19.60
CA THR X 157 12.82 -31.97 18.28
C THR X 157 12.06 -30.90 17.51
N HIS X 158 12.72 -30.31 16.52
CA HIS X 158 12.18 -29.15 15.79
C HIS X 158 11.02 -29.64 14.94
N HIS X 159 11.20 -30.83 14.39
CA HIS X 159 10.25 -31.48 13.46
C HIS X 159 8.92 -31.77 14.18
N SER X 160 8.98 -32.08 15.48
CA SER X 160 7.82 -32.50 16.30
C SER X 160 6.73 -31.41 16.30
N PHE X 161 7.09 -30.13 16.08
CA PHE X 161 6.15 -28.96 16.09
C PHE X 161 5.41 -28.88 14.75
N GLU X 162 6.13 -29.12 13.67
CA GLU X 162 5.54 -29.23 12.32
C GLU X 162 4.40 -30.25 12.38
N VAL X 163 4.70 -31.43 12.94
CA VAL X 163 3.80 -32.63 12.99
C VAL X 163 2.66 -32.34 13.96
N SER X 164 2.94 -31.65 15.07
CA SER X 164 1.91 -31.28 16.07
C SER X 164 0.96 -30.22 15.49
N GLU X 165 1.44 -29.32 14.65
CA GLU X 165 0.60 -28.38 13.87
C GLU X 165 -0.53 -29.14 13.12
N THR X 166 -0.16 -30.20 12.39
CA THR X 166 -1.06 -31.13 11.64
C THR X 166 -2.02 -31.79 12.62
N THR X 167 -1.50 -32.42 13.69
CA THR X 167 -2.31 -33.22 14.64
C THR X 167 -3.26 -32.30 15.41
N ASP X 168 -2.97 -31.00 15.49
CA ASP X 168 -3.79 -29.99 16.24
C ASP X 168 -5.05 -29.68 15.42
N GLU X 169 -4.96 -29.61 14.07
CA GLU X 169 -6.15 -29.38 13.18
C GLU X 169 -6.99 -30.67 13.12
N LEU X 170 -6.40 -31.87 13.21
CA LEU X 170 -7.19 -33.13 13.29
C LEU X 170 -7.96 -33.13 14.60
N PHE X 171 -7.36 -32.64 15.67
CA PHE X 171 -7.97 -32.56 17.03
C PHE X 171 -9.12 -31.54 17.03
N GLU X 172 -9.01 -30.43 16.29
CA GLU X 172 -10.07 -29.40 16.26
C GLU X 172 -11.22 -29.88 15.37
N LYS X 173 -10.95 -30.38 14.16
CA LYS X 173 -12.02 -30.99 13.30
C LYS X 173 -12.79 -32.04 14.09
N LEU X 174 -12.11 -32.96 14.76
CA LEU X 174 -12.73 -34.11 15.46
C LEU X 174 -13.49 -33.66 16.70
N ALA X 175 -13.05 -32.61 17.40
CA ALA X 175 -13.67 -32.16 18.66
C ALA X 175 -15.04 -31.48 18.43
N ASN X 176 -15.38 -31.02 17.21
CA ASN X 176 -16.79 -30.76 16.78
C ASN X 176 -17.19 -31.69 15.62
S SO4 Y . 48.16 10.44 -10.50
O1 SO4 Y . 47.78 11.59 -9.62
O2 SO4 Y . 48.66 9.33 -9.65
O3 SO4 Y . 47.03 9.93 -11.33
O4 SO4 Y . 49.22 10.93 -11.41
S SO4 Z . 29.33 69.30 -9.25
O1 SO4 Z . 28.02 69.49 -9.89
O2 SO4 Z . 30.38 69.54 -10.24
O3 SO4 Z . 29.53 70.24 -8.09
O4 SO4 Z . 29.40 67.89 -8.79
S SO4 AA . 29.98 -36.80 -31.92
O1 SO4 AA . 29.08 -37.67 -31.12
O2 SO4 AA . 30.93 -36.15 -31.00
O3 SO4 AA . 30.79 -37.58 -32.92
O4 SO4 AA . 29.15 -35.78 -32.61
S SO4 BA . 11.53 21.56 -29.13
O1 SO4 BA . 10.42 22.31 -29.76
O2 SO4 BA . 12.26 22.43 -28.22
O3 SO4 BA . 10.93 20.45 -28.37
O4 SO4 BA . 12.50 21.08 -30.17
S SO4 CA . -4.15 -11.87 -37.00
O1 SO4 CA . -5.48 -11.90 -36.36
O2 SO4 CA . -3.35 -10.75 -36.45
O3 SO4 CA . -3.44 -13.13 -36.71
O4 SO4 CA . -4.30 -11.73 -38.47
S SO4 DA . 14.31 55.11 76.97
O1 SO4 DA . 13.10 54.79 76.17
O2 SO4 DA . 14.06 56.17 78.00
O3 SO4 DA . 14.80 53.88 77.65
O4 SO4 DA . 15.36 55.59 76.04
S SO4 EA . -4.60 8.61 54.87
O1 SO4 EA . -5.96 8.92 54.46
O2 SO4 EA . -4.05 9.76 55.58
O3 SO4 EA . -4.65 7.46 55.82
O4 SO4 EA . -3.74 8.30 53.66
#